data_9FNO
#
_entry.id   9FNO
#
_cell.length_a   1.00
_cell.length_b   1.00
_cell.length_c   1.00
_cell.angle_alpha   90.00
_cell.angle_beta   90.00
_cell.angle_gamma   90.00
#
_symmetry.space_group_name_H-M   'P 1'
#
loop_
_entity.id
_entity.type
_entity.pdbx_description
1 polymer Hemopressin
2 polymer Spinorphin
3 polymer 'Isoform 2 of Haptoglobin alpha chain'
4 polymer 'Haptoglobin beta chain'
5 polymer 'Scavenger receptor cysteine-rich type 1 protein M130'
6 non-polymer 'PROTOPORPHYRIN IX CONTAINING FE'
7 non-polymer 2-acetamido-2-deoxy-beta-D-glucopyranose
8 non-polymer 'CALCIUM ION'
#
loop_
_entity_poly.entity_id
_entity_poly.type
_entity_poly.pdbx_seq_one_letter_code
_entity_poly.pdbx_strand_id
1 'polypeptide(L)'
;MVLSPADKTNVKAAWGKVGAHAGEYGAEALERMFLSFPTTKTYFPHFDLSHGSAQVKGHGKKVADALTNAVAHVDDMPNA
LSALSDLHAHKLRVDPVNFKLLSHCLLVTLAAHLPAEFTPAVHASLDKFLASVSTVLTSKYR
;
A
2 'polypeptide(L)'
;MVHLTPEEKSAVTALWGKVNVDEVGGEALGRLLVVYPWTQRFFESFGDLSTPDAVMGNPKVKAHGKKVLGAFSDGLAHLD
NLKGTFATLSELHCDKLHVDPENFRLLGNVLVCVLAHHFGKEFTPPVQAAYQKVVAGVANALAHKYH
;
B
3 'polypeptide(L)'
;VDSGNDVTDIADDGCPKPPEIAHGYVEHSVRYQCKNYYKLRTEGDGVYTLNNEKQWINKAVGDKLPECEAVCGKPKNPAN
PVQ
;
C
4 'polypeptide(L)'
;ILGGHLDAKGSFPWQAKMVSHHNLTTGATLINEQWLLTTAKNLFLNHSENATAKDIAPTLTLYVGKKQLVEIEKVVLHPN
YSQVDIGLIKLKQKVSVNERVMPICLPSKDYAEVGRVGYVSGWGRNANFKFTDHLKYVMLPVADQDQCIRHYEGSTVPEK
KTPKSPVGVQPILNEHTFCAGMSKYQEDTCYGDAGSAFAVHDLEEDTWYATGILSFDKSCAVAEYGVYVKVTSIQDWVQK
TIAEN
;
D
5 'polypeptide(L)'
;MSKLRMVLLEDSGSADFRRHFVNLSPFTITVVLLLSACFVTSSLGGTDKELRLVDGENKCSGRVEVKVQEEWGTVCNNGW
SMEAVSVICNQLGCPTAIKAPGWANSSAGSGRIWMDHVSCRGNESALWDCKHDGWGKHSNCTHQQDAGVTCSDGSNLEMR
LTRGGNMCSGRIEIKFQGRWGTVCDDNFNIDHASVICRQLECGSAVSFSGSSNFGEGSGPIWFDDLICNGNESALWNCKH
QGWGKHNCDHAEDAGVICSKGADLSLRLVDGVTECSGRLEVRFQGEWGTICDDGWDSYDAAVACKQLGCPTAVTAIGRVN
ASKGFGHIWLDSVSCQGHEPAIWQCKHHEWGKHYCNHNEDAGVTCSDGSDLELRLRGGGSRCAGTVEVEIQRLLGKVCDR
GWGLKEADVVCRQLGCGSALKTSYQVYSKIQATNTWLFLSSCNGNETSLWDCKNWQWGGLTCDHYEEAKITCSAHREPRL
VGGDIPCSGRVEVKHGDTWGSICDSDFSLEAASVLCRELQCGTVVSILGGAHFGEGNGQIWAEEFQCEGHESHLSLCPVA
PRPEGTCSHSRDVGVVCSRYTEIRLVNGKTPCEGRVELKTLGAWGSLCNSHWDIEDAHVLCQQLKCGVALSTPGGARFGK
GNGQIWRHMFHCTGTEQHMGDCPVTALGASLCPSEQVASVICSGNQSQTLSSCNSSSLGPTRPTIPEESAVACIESGQLR
LVNGGGRCAGRVEIYHEGSWGTICDDSWDLSDAHVVCRQLGCGEAINATGSAHFGEGTGPIWLDEMKCNGKESRIWQCHS
HGWGQQNCRHKEDAGVICSEFMSLRLTSEASREACAGRLEVFYNGAWGTVGKSSMSETTVGVVCRQLGCADKGKINPASL
DKAMSIPMWVDNVQCPKGPDTLWQCPSSPWEKRLASPSEETWITCDNKIRLQEGPTSCSGRVEIWHGGSWGTVCDDSWDL
DDAQVVCQQLGCGPALKAFKEAEFGQGTGPIWLNEVKCKGNESSLWDCPARRWGHSECGHKEDAAVNCTDISVQKTPQKA
TTGRSSRQSSFIAVGILGVVLLAIFVALFFLTKKRRQRQRLAVSSRGENLVHQIQYREMNSCLNADDLDLMNSSENSHES
ADFSAAELISVSKFLPISGMEKEAILSHTEKENGNL
;
E,F,G
#
# COMPACT_ATOMS: atom_id res chain seq x y z
N VAL A 2 -11.85 -43.38 -3.54
CA VAL A 2 -12.56 -44.44 -4.23
C VAL A 2 -13.98 -43.96 -4.51
N LEU A 3 -14.35 -42.86 -3.87
CA LEU A 3 -15.52 -42.07 -4.25
C LEU A 3 -16.78 -42.92 -4.28
N SER A 4 -17.30 -43.26 -3.11
CA SER A 4 -18.57 -43.97 -3.03
C SER A 4 -19.69 -43.05 -3.51
N PRO A 5 -20.90 -43.59 -3.71
CA PRO A 5 -22.05 -42.70 -3.95
C PRO A 5 -22.17 -41.60 -2.92
N ALA A 6 -22.02 -41.93 -1.64
CA ALA A 6 -22.10 -40.94 -0.58
C ALA A 6 -21.14 -39.79 -0.83
N ASP A 7 -19.85 -40.11 -0.99
CA ASP A 7 -18.87 -39.08 -1.31
C ASP A 7 -19.31 -38.23 -2.49
N LYS A 8 -19.67 -38.87 -3.60
CA LYS A 8 -19.96 -38.11 -4.81
C LYS A 8 -21.08 -37.12 -4.55
N THR A 9 -22.17 -37.60 -3.94
CA THR A 9 -23.28 -36.74 -3.57
C THR A 9 -22.77 -35.55 -2.75
N ASN A 10 -22.04 -35.85 -1.68
CA ASN A 10 -21.50 -34.80 -0.81
C ASN A 10 -20.69 -33.77 -1.58
N VAL A 11 -19.79 -34.23 -2.44
CA VAL A 11 -18.93 -33.31 -3.18
C VAL A 11 -19.76 -32.43 -4.08
N LYS A 12 -20.77 -33.00 -4.74
CA LYS A 12 -21.64 -32.19 -5.59
C LYS A 12 -22.37 -31.15 -4.76
N ALA A 13 -22.99 -31.57 -3.67
CA ALA A 13 -23.78 -30.65 -2.85
C ALA A 13 -22.92 -29.54 -2.29
N ALA A 14 -21.67 -29.85 -1.95
CA ALA A 14 -20.80 -28.83 -1.37
C ALA A 14 -20.25 -27.89 -2.44
N TRP A 15 -19.97 -28.41 -3.63
CA TRP A 15 -19.33 -27.60 -4.65
C TRP A 15 -20.35 -26.73 -5.36
N GLY A 16 -21.63 -27.10 -5.28
CA GLY A 16 -22.71 -26.27 -5.75
C GLY A 16 -22.78 -25.00 -4.93
N LYS A 17 -22.89 -25.14 -3.60
CA LYS A 17 -22.95 -23.98 -2.71
C LYS A 17 -21.77 -23.02 -2.91
N VAL A 18 -20.76 -23.42 -3.69
CA VAL A 18 -19.67 -22.50 -4.01
C VAL A 18 -20.08 -21.59 -5.17
N GLY A 19 -20.70 -22.17 -6.20
CA GLY A 19 -21.26 -21.39 -7.30
C GLY A 19 -20.25 -20.51 -7.99
N ALA A 20 -20.71 -19.32 -8.38
CA ALA A 20 -19.90 -18.37 -9.13
C ALA A 20 -18.65 -17.92 -8.38
N HIS A 21 -18.55 -18.20 -7.08
CA HIS A 21 -17.35 -17.81 -6.36
C HIS A 21 -16.19 -18.76 -6.62
N ALA A 22 -16.47 -19.89 -7.28
CA ALA A 22 -15.45 -20.86 -7.66
C ALA A 22 -14.22 -20.24 -8.29
N GLY A 23 -14.40 -19.26 -9.17
CA GLY A 23 -13.25 -18.62 -9.77
C GLY A 23 -12.35 -17.92 -8.79
N GLU A 24 -12.91 -17.07 -7.91
CA GLU A 24 -11.97 -16.23 -7.15
C GLU A 24 -11.23 -17.07 -6.12
N TYR A 25 -11.85 -18.15 -5.65
CA TYR A 25 -11.14 -19.01 -4.73
C TYR A 25 -10.01 -19.68 -5.48
N GLY A 26 -10.29 -20.15 -6.69
CA GLY A 26 -9.25 -20.76 -7.50
C GLY A 26 -8.03 -19.86 -7.56
N ALA A 27 -8.25 -18.55 -7.64
CA ALA A 27 -7.14 -17.61 -7.71
C ALA A 27 -6.51 -17.40 -6.35
N GLU A 28 -7.33 -17.25 -5.30
CA GLU A 28 -6.79 -17.05 -3.97
C GLU A 28 -5.89 -18.21 -3.60
N ALA A 29 -6.31 -19.42 -3.95
CA ALA A 29 -5.51 -20.60 -3.69
C ALA A 29 -4.15 -20.45 -4.34
N LEU A 30 -4.13 -20.11 -5.63
CA LEU A 30 -2.87 -19.93 -6.33
C LEU A 30 -1.99 -18.95 -5.58
N GLU A 31 -2.57 -17.85 -5.08
CA GLU A 31 -1.75 -16.86 -4.43
C GLU A 31 -1.00 -17.49 -3.27
N ARG A 32 -1.73 -18.25 -2.43
CA ARG A 32 -1.12 -18.92 -1.31
C ARG A 32 0.10 -19.75 -1.70
N MET A 33 0.03 -20.51 -2.80
CA MET A 33 1.16 -21.37 -3.09
C MET A 33 2.43 -20.55 -3.32
N PHE A 34 2.31 -19.45 -4.08
CA PHE A 34 3.52 -18.67 -4.32
C PHE A 34 4.00 -18.04 -3.04
N LEU A 35 3.08 -17.74 -2.13
CA LEU A 35 3.51 -17.18 -0.87
C LEU A 35 3.96 -18.28 0.06
N SER A 36 3.22 -19.40 0.10
CA SER A 36 3.58 -20.50 0.99
C SER A 36 4.78 -21.31 0.49
N PHE A 37 4.75 -21.74 -0.77
CA PHE A 37 5.76 -22.64 -1.32
C PHE A 37 6.46 -22.05 -2.54
N PRO A 38 7.43 -21.17 -2.33
CA PRO A 38 8.01 -20.40 -3.45
C PRO A 38 8.54 -21.24 -4.60
N THR A 39 8.74 -22.55 -4.37
CA THR A 39 9.31 -23.37 -5.44
C THR A 39 8.31 -23.54 -6.57
N THR A 40 7.01 -23.44 -6.29
CA THR A 40 6.06 -23.61 -7.37
C THR A 40 6.14 -22.43 -8.33
N LYS A 41 6.80 -21.36 -7.91
CA LYS A 41 6.92 -20.20 -8.77
C LYS A 41 7.82 -20.53 -9.94
N THR A 42 8.64 -21.57 -9.81
CA THR A 42 9.56 -21.89 -10.88
C THR A 42 8.82 -22.47 -12.09
N TYR A 43 7.51 -22.72 -11.95
CA TYR A 43 6.72 -23.14 -13.08
C TYR A 43 6.04 -21.98 -13.80
N PHE A 44 6.04 -20.79 -13.20
CA PHE A 44 5.32 -19.63 -13.74
C PHE A 44 6.27 -18.45 -13.89
N PRO A 45 7.31 -18.56 -14.74
CA PRO A 45 8.34 -17.52 -14.75
C PRO A 45 7.78 -16.16 -15.13
N HIS A 46 7.03 -16.10 -16.22
CA HIS A 46 6.65 -14.84 -16.84
C HIS A 46 5.35 -14.26 -16.27
N PHE A 47 4.67 -15.02 -15.41
CA PHE A 47 3.46 -14.55 -14.77
C PHE A 47 3.75 -13.44 -13.78
N ASP A 48 2.86 -12.45 -13.73
CA ASP A 48 2.84 -11.52 -12.62
C ASP A 48 2.25 -12.21 -11.40
N LEU A 49 3.06 -12.34 -10.36
CA LEU A 49 2.74 -13.12 -9.17
C LEU A 49 2.22 -12.27 -8.03
N SER A 50 2.06 -10.96 -8.23
CA SER A 50 1.73 -10.07 -7.14
C SER A 50 0.29 -10.33 -6.65
N HIS A 51 -0.12 -9.53 -5.68
CA HIS A 51 -1.40 -9.75 -5.02
C HIS A 51 -2.54 -9.46 -5.99
N GLY A 52 -3.47 -10.41 -6.10
CA GLY A 52 -4.65 -10.21 -6.94
C GLY A 52 -4.37 -9.88 -8.39
N SER A 53 -3.20 -10.28 -8.90
CA SER A 53 -2.86 -10.04 -10.30
C SER A 53 -3.95 -10.58 -11.23
N ALA A 54 -4.33 -9.75 -12.21
CA ALA A 54 -5.33 -10.16 -13.20
C ALA A 54 -4.95 -11.47 -13.87
N GLN A 55 -3.66 -11.66 -14.14
CA GLN A 55 -3.20 -12.90 -14.76
C GLN A 55 -3.47 -14.08 -13.85
N VAL A 56 -3.11 -13.95 -12.57
CA VAL A 56 -3.47 -14.93 -11.55
C VAL A 56 -4.98 -15.11 -11.51
N LYS A 57 -5.73 -14.01 -11.53
CA LYS A 57 -7.18 -14.13 -11.32
C LYS A 57 -7.80 -14.93 -12.45
N GLY A 58 -7.32 -14.72 -13.68
CA GLY A 58 -7.88 -15.42 -14.81
C GLY A 58 -7.44 -16.87 -14.84
N HIS A 59 -6.15 -17.14 -14.65
CA HIS A 59 -5.73 -18.54 -14.57
C HIS A 59 -6.55 -19.28 -13.52
N GLY A 60 -6.82 -18.63 -12.38
CA GLY A 60 -7.67 -19.22 -11.36
C GLY A 60 -9.08 -19.45 -11.86
N LYS A 61 -9.56 -18.57 -12.75
CA LYS A 61 -10.91 -18.78 -13.29
C LYS A 61 -10.91 -19.98 -14.21
N LYS A 62 -9.77 -20.23 -14.85
CA LYS A 62 -9.65 -21.37 -15.74
C LYS A 62 -9.65 -22.66 -14.94
N VAL A 63 -8.75 -22.76 -13.95
CA VAL A 63 -8.70 -23.97 -13.12
C VAL A 63 -10.03 -24.21 -12.44
N ALA A 64 -10.67 -23.14 -11.96
CA ALA A 64 -12.01 -23.25 -11.39
C ALA A 64 -12.98 -23.89 -12.38
N ASP A 65 -12.93 -23.45 -13.63
CA ASP A 65 -13.97 -23.87 -14.55
C ASP A 65 -13.73 -25.32 -14.97
N ALA A 66 -12.46 -25.65 -15.18
CA ALA A 66 -12.06 -27.05 -15.34
C ALA A 66 -12.63 -27.94 -14.24
N LEU A 67 -12.46 -27.52 -12.98
CA LEU A 67 -12.98 -28.31 -11.88
C LEU A 67 -14.50 -28.43 -11.95
N THR A 68 -15.18 -27.32 -12.22
CA THR A 68 -16.64 -27.40 -12.29
C THR A 68 -17.06 -28.35 -13.40
N ASN A 69 -16.33 -28.33 -14.52
CA ASN A 69 -16.64 -29.25 -15.61
C ASN A 69 -16.52 -30.68 -15.12
N ALA A 70 -15.40 -30.96 -14.43
CA ALA A 70 -15.14 -32.31 -13.94
C ALA A 70 -16.27 -32.78 -13.03
N VAL A 71 -16.73 -31.91 -12.14
CA VAL A 71 -17.77 -32.33 -11.19
C VAL A 71 -19.15 -32.37 -11.83
N ALA A 72 -19.35 -31.62 -12.91
CA ALA A 72 -20.64 -31.64 -13.61
C ALA A 72 -20.99 -33.02 -14.14
N HIS A 73 -20.06 -33.64 -14.87
CA HIS A 73 -20.08 -35.08 -15.14
C HIS A 73 -18.83 -35.69 -14.49
N VAL A 74 -19.03 -36.17 -13.27
CA VAL A 74 -17.95 -36.71 -12.44
C VAL A 74 -17.72 -38.21 -12.59
N ASP A 75 -18.67 -38.97 -13.15
CA ASP A 75 -18.50 -40.41 -13.15
C ASP A 75 -17.52 -40.90 -14.20
N ASP A 76 -17.22 -40.10 -15.22
CA ASP A 76 -16.01 -40.30 -16.01
C ASP A 76 -15.38 -38.93 -16.14
N MET A 77 -14.44 -38.66 -15.26
CA MET A 77 -13.56 -37.50 -15.23
C MET A 77 -12.36 -37.57 -16.18
N PRO A 78 -11.69 -38.73 -16.31
CA PRO A 78 -10.42 -38.75 -17.07
C PRO A 78 -10.57 -38.49 -18.55
N ASN A 79 -11.67 -38.93 -19.18
CA ASN A 79 -11.92 -38.53 -20.56
C ASN A 79 -12.04 -37.01 -20.66
N ALA A 80 -12.88 -36.40 -19.81
CA ALA A 80 -13.05 -34.96 -19.80
C ALA A 80 -11.71 -34.24 -19.63
N LEU A 81 -10.88 -34.71 -18.71
CA LEU A 81 -9.64 -34.01 -18.35
C LEU A 81 -8.43 -34.50 -19.15
N SER A 82 -8.64 -35.39 -20.12
CA SER A 82 -7.55 -35.99 -20.87
C SER A 82 -6.57 -34.97 -21.43
N ALA A 83 -7.08 -33.94 -22.11
CA ALA A 83 -6.18 -32.95 -22.70
C ALA A 83 -5.40 -32.20 -21.62
N LEU A 84 -5.95 -32.09 -20.41
CA LEU A 84 -5.13 -31.47 -19.39
C LEU A 84 -4.17 -32.48 -18.80
N SER A 85 -4.54 -33.77 -18.85
CA SER A 85 -3.61 -34.82 -18.48
C SER A 85 -2.35 -34.60 -19.27
N ASP A 86 -2.50 -34.52 -20.59
CA ASP A 86 -1.34 -34.50 -21.47
C ASP A 86 -0.65 -33.15 -21.35
N LEU A 87 -1.43 -32.11 -21.04
CA LEU A 87 -0.88 -30.76 -21.03
C LEU A 87 0.08 -30.59 -19.86
N HIS A 88 -0.33 -31.02 -18.67
CA HIS A 88 0.52 -30.89 -17.49
C HIS A 88 1.57 -31.98 -17.42
N ALA A 89 1.20 -33.22 -17.74
CA ALA A 89 2.12 -34.36 -17.62
C ALA A 89 3.36 -34.15 -18.50
N HIS A 90 3.15 -34.00 -19.81
CA HIS A 90 4.23 -34.06 -20.79
C HIS A 90 4.81 -32.68 -21.05
N LYS A 91 3.99 -31.76 -21.57
CA LYS A 91 4.50 -30.45 -21.96
C LYS A 91 5.08 -29.72 -20.76
N LEU A 92 4.28 -29.52 -19.72
CA LEU A 92 4.73 -28.74 -18.58
C LEU A 92 5.62 -29.53 -17.62
N ARG A 93 5.56 -30.87 -17.68
CA ARG A 93 6.27 -31.75 -16.75
C ARG A 93 6.23 -31.22 -15.33
N VAL A 94 5.06 -31.29 -14.71
CA VAL A 94 4.84 -30.81 -13.34
C VAL A 94 5.04 -31.95 -12.35
N ASP A 95 5.96 -31.75 -11.41
CA ASP A 95 6.33 -32.75 -10.41
C ASP A 95 5.15 -33.08 -9.51
N PRO A 96 4.68 -34.34 -9.50
CA PRO A 96 3.44 -34.72 -8.81
C PRO A 96 3.19 -34.24 -7.37
N VAL A 97 4.20 -33.81 -6.62
CA VAL A 97 3.92 -33.27 -5.30
C VAL A 97 3.09 -31.98 -5.40
N ASN A 98 3.21 -31.28 -6.52
CA ASN A 98 2.62 -29.96 -6.58
C ASN A 98 1.11 -30.04 -6.64
N PHE A 99 0.57 -31.05 -7.31
CA PHE A 99 -0.89 -31.17 -7.31
C PHE A 99 -1.40 -31.35 -5.89
N LYS A 100 -0.67 -32.06 -5.04
CA LYS A 100 -1.14 -32.29 -3.68
C LYS A 100 -0.99 -31.02 -2.86
N LEU A 101 0.00 -30.21 -3.22
CA LEU A 101 0.13 -28.88 -2.66
C LEU A 101 -1.10 -28.04 -2.98
N LEU A 102 -1.36 -27.84 -4.27
CA LEU A 102 -2.49 -27.00 -4.67
C LEU A 102 -3.81 -27.57 -4.15
N SER A 103 -3.93 -28.90 -4.09
CA SER A 103 -5.10 -29.54 -3.50
C SER A 103 -5.32 -29.04 -2.09
N HIS A 104 -4.25 -28.95 -1.32
CA HIS A 104 -4.38 -28.63 0.09
C HIS A 104 -4.64 -27.13 0.27
N CYS A 105 -3.90 -26.31 -0.44
CA CYS A 105 -4.25 -24.89 -0.50
C CYS A 105 -5.72 -24.66 -0.88
N LEU A 106 -6.23 -25.40 -1.88
CA LEU A 106 -7.65 -25.29 -2.21
C LEU A 106 -8.57 -25.77 -1.11
N LEU A 107 -8.11 -26.66 -0.25
CA LEU A 107 -9.02 -27.07 0.81
C LEU A 107 -9.01 -26.09 1.96
N VAL A 108 -7.83 -25.60 2.36
CA VAL A 108 -7.80 -24.56 3.39
C VAL A 108 -8.59 -23.33 2.95
N THR A 109 -8.33 -22.84 1.73
CA THR A 109 -9.03 -21.65 1.25
C THR A 109 -10.55 -21.86 1.23
N LEU A 110 -11.01 -22.96 0.62
CA LEU A 110 -12.45 -23.20 0.59
C LEU A 110 -13.00 -23.35 1.99
N ALA A 111 -12.21 -23.91 2.91
CA ALA A 111 -12.64 -24.07 4.29
C ALA A 111 -12.91 -22.70 4.88
N ALA A 112 -11.91 -21.83 4.80
CA ALA A 112 -11.98 -20.50 5.36
C ALA A 112 -13.23 -19.79 4.88
N HIS A 113 -13.51 -19.86 3.58
CA HIS A 113 -14.62 -19.04 3.08
C HIS A 113 -16.01 -19.63 3.28
N LEU A 114 -16.16 -20.93 3.56
CA LEU A 114 -17.48 -21.57 3.59
C LEU A 114 -17.66 -22.44 4.84
N PRO A 115 -17.48 -21.85 6.02
CA PRO A 115 -17.49 -22.61 7.29
C PRO A 115 -18.62 -23.62 7.52
N ALA A 116 -19.86 -23.29 7.14
CA ALA A 116 -21.01 -24.10 7.55
C ALA A 116 -21.11 -25.47 6.88
N GLU A 117 -20.56 -25.66 5.69
CA GLU A 117 -20.75 -26.94 5.01
C GLU A 117 -19.65 -27.98 5.25
N PHE A 118 -18.56 -27.63 5.93
CA PHE A 118 -17.34 -28.44 6.03
C PHE A 118 -17.36 -29.49 7.13
N THR A 119 -18.53 -29.95 7.57
CA THR A 119 -18.58 -31.09 8.48
C THR A 119 -17.60 -32.15 7.95
N PRO A 120 -16.98 -32.95 8.84
CA PRO A 120 -15.93 -33.88 8.40
C PRO A 120 -16.22 -34.74 7.17
N ALA A 121 -17.39 -35.35 7.06
CA ALA A 121 -17.70 -36.15 5.88
C ALA A 121 -17.37 -35.40 4.60
N VAL A 122 -17.63 -34.09 4.58
CA VAL A 122 -17.37 -33.35 3.34
C VAL A 122 -15.88 -33.11 3.20
N HIS A 123 -15.17 -32.80 4.28
CA HIS A 123 -13.74 -32.57 4.17
C HIS A 123 -13.07 -33.80 3.57
N ALA A 124 -13.58 -34.98 3.98
CA ALA A 124 -13.18 -36.29 3.50
C ALA A 124 -13.40 -36.41 2.01
N SER A 125 -14.65 -36.37 1.59
CA SER A 125 -14.91 -36.61 0.18
C SER A 125 -14.35 -35.51 -0.71
N LEU A 126 -14.10 -34.32 -0.16
CA LEU A 126 -13.47 -33.27 -0.95
C LEU A 126 -12.01 -33.61 -1.18
N ASP A 127 -11.36 -34.18 -0.15
CA ASP A 127 -9.95 -34.49 -0.28
C ASP A 127 -9.80 -35.67 -1.24
N LYS A 128 -10.71 -36.65 -1.13
CA LYS A 128 -10.72 -37.75 -2.08
C LYS A 128 -10.90 -37.25 -3.51
N PHE A 129 -11.88 -36.36 -3.72
CA PHE A 129 -12.16 -35.84 -5.06
C PHE A 129 -10.93 -35.18 -5.68
N LEU A 130 -10.30 -34.27 -4.93
CA LEU A 130 -9.09 -33.65 -5.47
C LEU A 130 -7.93 -34.63 -5.57
N ALA A 131 -7.91 -35.68 -4.75
CA ALA A 131 -6.93 -36.74 -4.95
C ALA A 131 -7.13 -37.36 -6.33
N SER A 132 -8.29 -37.99 -6.52
CA SER A 132 -8.63 -38.67 -7.77
C SER A 132 -8.31 -37.82 -9.00
N VAL A 133 -8.61 -36.51 -8.94
CA VAL A 133 -8.29 -35.70 -10.10
C VAL A 133 -6.77 -35.55 -10.23
N SER A 134 -6.09 -35.17 -9.14
CA SER A 134 -4.68 -34.85 -9.30
C SER A 134 -3.93 -36.09 -9.76
N THR A 135 -4.46 -37.26 -9.42
CA THR A 135 -3.90 -38.49 -9.93
C THR A 135 -4.09 -38.54 -11.43
N VAL A 136 -5.32 -38.37 -11.88
CA VAL A 136 -5.60 -38.59 -13.30
C VAL A 136 -4.73 -37.66 -14.12
N LEU A 137 -4.45 -36.47 -13.61
CA LEU A 137 -3.53 -35.59 -14.35
C LEU A 137 -2.11 -36.13 -14.28
N THR A 138 -1.74 -36.71 -13.14
CA THR A 138 -0.39 -37.21 -12.95
C THR A 138 -0.20 -38.57 -13.60
N SER A 139 -1.27 -39.35 -13.74
CA SER A 139 -1.19 -40.76 -14.06
C SER A 139 -0.59 -41.07 -15.43
N LYS A 140 -0.38 -40.10 -16.30
CA LYS A 140 0.31 -40.38 -17.55
C LYS A 140 1.79 -40.04 -17.48
N TYR A 141 2.29 -39.70 -16.28
CA TYR A 141 3.71 -39.51 -16.07
C TYR A 141 4.50 -40.78 -16.38
N ARG A 142 5.75 -40.58 -16.78
CA ARG A 142 6.69 -41.68 -17.01
C ARG A 142 8.09 -41.08 -17.12
N VAL B 2 13.52 -23.35 12.29
CA VAL B 2 14.19 -22.46 11.35
C VAL B 2 14.07 -21.03 11.89
N HIS B 3 14.84 -20.11 11.32
CA HIS B 3 14.75 -18.72 11.74
C HIS B 3 13.38 -18.16 11.35
N LEU B 4 12.86 -17.26 12.18
CA LEU B 4 11.58 -16.63 11.91
C LEU B 4 11.60 -15.15 12.26
N THR B 5 11.21 -14.33 11.29
CA THR B 5 11.08 -12.89 11.48
C THR B 5 10.09 -12.56 12.59
N PRO B 6 10.35 -11.52 13.38
CA PRO B 6 9.46 -11.16 14.50
C PRO B 6 7.95 -10.99 14.23
N GLU B 7 7.48 -10.43 13.11
CA GLU B 7 6.02 -10.29 13.01
C GLU B 7 5.25 -11.56 12.65
N GLU B 8 5.90 -12.60 12.11
CA GLU B 8 5.18 -13.87 12.03
C GLU B 8 5.01 -14.44 13.42
N LYS B 9 6.09 -14.57 14.18
CA LYS B 9 5.97 -15.11 15.53
C LYS B 9 5.00 -14.29 16.37
N SER B 10 4.93 -12.98 16.13
CA SER B 10 4.03 -12.16 16.92
C SER B 10 2.57 -12.43 16.56
N ALA B 11 2.29 -12.54 15.25
CA ALA B 11 0.95 -12.88 14.82
C ALA B 11 0.57 -14.30 15.26
N VAL B 12 1.55 -15.20 15.28
CA VAL B 12 1.32 -16.57 15.72
C VAL B 12 0.94 -16.58 17.20
N THR B 13 1.77 -16.00 18.06
CA THR B 13 1.49 -16.12 19.48
C THR B 13 0.19 -15.39 19.81
N ALA B 14 -0.01 -14.19 19.25
CA ALA B 14 -1.21 -13.43 19.52
C ALA B 14 -2.44 -14.21 19.09
N LEU B 15 -2.33 -14.97 18.00
CA LEU B 15 -3.45 -15.77 17.54
C LEU B 15 -3.64 -16.98 18.45
N TRP B 16 -2.51 -17.59 18.84
CA TRP B 16 -2.53 -18.79 19.65
C TRP B 16 -3.15 -18.55 21.02
N GLY B 17 -3.06 -17.32 21.52
CA GLY B 17 -3.74 -17.00 22.77
C GLY B 17 -5.23 -17.26 22.74
N LYS B 18 -5.91 -16.86 21.66
CA LYS B 18 -7.35 -16.99 21.59
C LYS B 18 -7.81 -18.41 21.26
N VAL B 19 -6.90 -19.33 20.97
CA VAL B 19 -7.28 -20.67 20.56
C VAL B 19 -7.77 -21.45 21.77
N ASN B 20 -8.99 -21.98 21.68
CA ASN B 20 -9.56 -22.75 22.77
C ASN B 20 -8.80 -24.06 22.91
N VAL B 21 -8.18 -24.28 24.07
CA VAL B 21 -7.28 -25.41 24.26
C VAL B 21 -7.97 -26.69 24.74
N ASP B 22 -9.27 -26.66 25.01
CA ASP B 22 -9.97 -27.89 25.41
C ASP B 22 -10.72 -28.57 24.28
N GLU B 23 -10.78 -27.96 23.09
CA GLU B 23 -11.56 -28.51 21.99
C GLU B 23 -10.73 -28.69 20.72
N VAL B 24 -10.13 -27.60 20.24
CA VAL B 24 -9.45 -27.55 18.94
C VAL B 24 -8.56 -28.77 18.72
N GLY B 25 -7.66 -29.07 19.68
CA GLY B 25 -6.75 -30.19 19.47
C GLY B 25 -7.49 -31.49 19.23
N GLY B 26 -8.57 -31.72 19.97
CA GLY B 26 -9.29 -32.97 19.86
C GLY B 26 -10.06 -33.02 18.56
N GLU B 27 -10.45 -31.85 18.05
CA GLU B 27 -11.18 -31.82 16.80
C GLU B 27 -10.23 -32.08 15.63
N ALA B 28 -9.01 -31.55 15.72
CA ALA B 28 -8.02 -31.85 14.68
C ALA B 28 -7.70 -33.34 14.69
N LEU B 29 -7.59 -33.93 15.87
CA LEU B 29 -7.20 -35.33 15.93
C LEU B 29 -8.33 -36.18 15.36
N GLY B 30 -9.55 -35.99 15.85
CA GLY B 30 -10.63 -36.82 15.35
C GLY B 30 -10.92 -36.57 13.90
N ARG B 31 -10.45 -35.44 13.37
CA ARG B 31 -10.69 -35.20 11.96
C ARG B 31 -9.68 -35.97 11.13
N LEU B 32 -8.40 -35.92 11.52
CA LEU B 32 -7.43 -36.82 10.93
C LEU B 32 -7.93 -38.27 10.93
N LEU B 33 -8.42 -38.74 12.08
CA LEU B 33 -9.03 -40.07 12.16
C LEU B 33 -10.16 -40.25 11.14
N VAL B 34 -10.95 -39.22 10.88
CA VAL B 34 -12.12 -39.41 10.03
C VAL B 34 -11.74 -39.37 8.56
N VAL B 35 -10.89 -38.42 8.17
CA VAL B 35 -10.51 -38.26 6.76
C VAL B 35 -9.57 -39.38 6.30
N TYR B 36 -8.64 -39.80 7.14
CA TYR B 36 -7.71 -40.88 6.79
C TYR B 36 -7.88 -42.04 7.76
N PRO B 37 -8.97 -42.80 7.61
CA PRO B 37 -9.38 -43.77 8.65
C PRO B 37 -8.33 -44.80 9.06
N TRP B 38 -7.23 -44.94 8.31
CA TRP B 38 -6.29 -46.00 8.66
C TRP B 38 -5.51 -45.66 9.92
N THR B 39 -5.55 -44.40 10.34
CA THR B 39 -4.88 -44.08 11.59
C THR B 39 -5.67 -44.64 12.75
N GLN B 40 -6.95 -44.94 12.52
CA GLN B 40 -7.76 -45.57 13.58
C GLN B 40 -7.01 -46.79 14.10
N ARG B 41 -6.18 -47.40 13.25
CA ARG B 41 -5.45 -48.61 13.61
C ARG B 41 -4.66 -48.40 14.89
N PHE B 42 -4.13 -47.19 15.08
CA PHE B 42 -3.33 -46.90 16.26
C PHE B 42 -4.18 -46.59 17.49
N PHE B 43 -5.38 -46.05 17.30
CA PHE B 43 -6.21 -45.58 18.40
C PHE B 43 -7.40 -46.47 18.72
N GLU B 44 -7.57 -47.60 18.04
CA GLU B 44 -8.81 -48.36 18.14
C GLU B 44 -9.10 -48.89 19.53
N SER B 45 -8.15 -48.78 20.47
CA SER B 45 -8.47 -49.10 21.86
C SER B 45 -9.56 -48.21 22.43
N PHE B 46 -9.85 -47.09 21.77
CA PHE B 46 -10.83 -46.13 22.29
C PHE B 46 -12.24 -46.70 22.28
N GLY B 47 -12.62 -47.33 21.18
CA GLY B 47 -13.99 -47.79 20.98
C GLY B 47 -14.32 -47.76 19.50
N ASP B 48 -15.61 -47.60 19.19
CA ASP B 48 -16.02 -47.48 17.80
C ASP B 48 -15.50 -46.18 17.21
N LEU B 49 -14.64 -46.28 16.20
CA LEU B 49 -14.19 -45.14 15.42
C LEU B 49 -14.78 -45.11 14.01
N SER B 50 -15.79 -45.94 13.73
CA SER B 50 -16.22 -46.15 12.36
C SER B 50 -16.96 -44.94 11.80
N THR B 51 -18.08 -44.57 12.42
CA THR B 51 -18.82 -43.40 12.00
C THR B 51 -18.15 -42.13 12.54
N PRO B 52 -18.43 -40.96 11.93
CA PRO B 52 -17.89 -39.73 12.50
C PRO B 52 -18.55 -39.31 13.80
N ASP B 53 -19.81 -39.69 14.04
CA ASP B 53 -20.48 -39.31 15.27
C ASP B 53 -19.88 -40.01 16.49
N ALA B 54 -19.57 -41.32 16.34
CA ALA B 54 -18.90 -42.04 17.43
C ALA B 54 -17.57 -41.38 17.75
N VAL B 55 -16.76 -41.13 16.72
CA VAL B 55 -15.47 -40.47 16.88
C VAL B 55 -15.65 -39.14 17.62
N MET B 56 -16.57 -38.32 17.13
CA MET B 56 -16.78 -37.00 17.71
C MET B 56 -17.24 -37.07 19.17
N GLY B 57 -18.05 -38.07 19.51
CA GLY B 57 -18.48 -38.21 20.88
C GLY B 57 -17.51 -38.81 21.87
N ASN B 58 -16.74 -39.81 21.43
CA ASN B 58 -15.92 -40.62 22.34
C ASN B 58 -14.96 -39.78 23.17
N PRO B 59 -15.10 -39.77 24.50
CA PRO B 59 -14.31 -38.84 25.33
C PRO B 59 -12.81 -39.05 25.26
N LYS B 60 -12.35 -40.25 24.85
CA LYS B 60 -10.92 -40.52 24.82
C LYS B 60 -10.25 -39.95 23.58
N VAL B 61 -11.03 -39.60 22.56
CA VAL B 61 -10.45 -39.03 21.36
C VAL B 61 -9.99 -37.62 21.69
N LYS B 62 -10.88 -36.83 22.30
CA LYS B 62 -10.51 -35.47 22.64
C LYS B 62 -9.54 -35.50 23.81
N ALA B 63 -9.66 -36.51 24.68
CA ALA B 63 -8.74 -36.64 25.81
C ALA B 63 -7.31 -36.76 25.31
N HIS B 64 -7.09 -37.56 24.26
CA HIS B 64 -5.76 -37.69 23.68
C HIS B 64 -5.38 -36.41 22.95
N GLY B 65 -6.29 -35.93 22.09
CA GLY B 65 -6.03 -34.71 21.34
C GLY B 65 -5.51 -33.62 22.24
N LYS B 66 -6.06 -33.51 23.45
CA LYS B 66 -5.62 -32.47 24.38
C LYS B 66 -4.12 -32.55 24.60
N LYS B 67 -3.63 -33.73 24.99
CA LYS B 67 -2.21 -33.94 25.24
C LYS B 67 -1.39 -33.59 24.00
N VAL B 68 -1.92 -33.91 22.82
CA VAL B 68 -1.20 -33.62 21.58
C VAL B 68 -1.16 -32.12 21.33
N LEU B 69 -2.30 -31.45 21.53
CA LEU B 69 -2.38 -30.00 21.36
C LEU B 69 -1.44 -29.31 22.33
N GLY B 70 -1.39 -29.77 23.58
CA GLY B 70 -0.43 -29.23 24.52
C GLY B 70 0.99 -29.38 24.02
N ALA B 71 1.39 -30.61 23.69
CA ALA B 71 2.72 -30.87 23.15
C ALA B 71 3.07 -29.92 22.01
N PHE B 72 2.09 -29.65 21.14
CA PHE B 72 2.35 -28.67 20.08
C PHE B 72 2.48 -27.27 20.64
N SER B 73 1.71 -26.92 21.68
CA SER B 73 1.89 -25.59 22.25
C SER B 73 3.31 -25.46 22.76
N ASP B 74 3.84 -26.54 23.34
CA ASP B 74 5.18 -26.51 23.89
C ASP B 74 6.18 -26.34 22.77
N GLY B 75 5.85 -26.90 21.60
CA GLY B 75 6.72 -26.76 20.44
C GLY B 75 6.78 -25.31 20.00
N LEU B 76 5.59 -24.74 19.77
CA LEU B 76 5.44 -23.35 19.33
C LEU B 76 6.04 -22.37 20.32
N ALA B 77 6.11 -22.72 21.59
CA ALA B 77 6.70 -21.83 22.59
C ALA B 77 8.18 -21.56 22.29
N HIS B 78 9.00 -22.59 22.26
CA HIS B 78 10.41 -22.44 21.93
C HIS B 78 10.75 -23.23 20.66
N LEU B 79 10.83 -22.50 19.55
CA LEU B 79 10.99 -23.00 18.19
C LEU B 79 12.45 -23.06 17.74
N ASP B 80 13.37 -22.49 18.52
CA ASP B 80 14.78 -22.55 18.19
C ASP B 80 15.41 -23.87 18.63
N ASN B 81 15.06 -24.36 19.82
CA ASN B 81 15.43 -25.71 20.23
C ASN B 81 14.21 -26.62 20.11
N LEU B 82 14.00 -27.14 18.90
CA LEU B 82 12.94 -28.07 18.53
C LEU B 82 13.29 -29.54 18.77
N LYS B 83 14.53 -29.94 18.49
CA LYS B 83 14.96 -31.31 18.68
C LYS B 83 14.68 -31.82 20.09
N GLY B 84 15.17 -31.10 21.09
CA GLY B 84 15.07 -31.59 22.46
C GLY B 84 13.65 -31.69 23.00
N THR B 85 12.80 -30.70 22.71
CA THR B 85 11.44 -30.70 23.25
C THR B 85 10.64 -31.93 22.84
N PHE B 86 10.75 -32.35 21.58
CA PHE B 86 10.00 -33.52 21.13
C PHE B 86 10.80 -34.82 21.17
N ALA B 87 12.03 -34.76 21.68
CA ALA B 87 12.92 -35.93 21.68
C ALA B 87 12.25 -37.15 22.32
N THR B 88 11.60 -36.94 23.47
CA THR B 88 10.93 -38.07 24.12
C THR B 88 9.69 -38.50 23.35
N LEU B 89 8.83 -37.55 22.97
CA LEU B 89 7.68 -37.94 22.15
C LEU B 89 8.15 -38.69 20.92
N SER B 90 9.28 -38.25 20.34
CA SER B 90 9.84 -38.93 19.18
C SER B 90 10.24 -40.35 19.52
N GLU B 91 10.73 -40.58 20.75
CA GLU B 91 11.09 -41.95 21.09
C GLU B 91 9.84 -42.79 21.22
N LEU B 92 8.80 -42.21 21.82
CA LEU B 92 7.56 -42.93 22.04
C LEU B 92 6.96 -43.38 20.72
N HIS B 93 6.86 -42.45 19.77
CA HIS B 93 6.18 -42.71 18.50
C HIS B 93 7.04 -43.50 17.51
N CYS B 94 8.32 -43.14 17.38
CA CYS B 94 9.17 -43.76 16.36
C CYS B 94 9.67 -45.13 16.77
N ASP B 95 10.22 -45.25 17.98
CA ASP B 95 10.85 -46.51 18.37
C ASP B 95 9.86 -47.56 18.86
N LYS B 96 8.88 -47.19 19.68
CA LYS B 96 7.95 -48.21 20.15
C LYS B 96 6.79 -48.40 19.16
N LEU B 97 6.19 -47.31 18.68
CA LEU B 97 5.00 -47.41 17.85
C LEU B 97 5.34 -47.55 16.37
N HIS B 98 6.37 -46.84 15.91
CA HIS B 98 6.73 -46.80 14.48
C HIS B 98 5.63 -46.18 13.63
N VAL B 99 5.07 -45.07 14.12
CA VAL B 99 4.20 -44.23 13.30
C VAL B 99 5.02 -43.65 12.16
N ASP B 100 4.46 -43.69 10.95
CA ASP B 100 5.16 -43.04 9.82
C ASP B 100 5.09 -41.52 9.93
N PRO B 101 6.23 -40.83 9.94
CA PRO B 101 6.24 -39.39 10.24
C PRO B 101 5.43 -38.50 9.31
N GLU B 102 4.99 -39.00 8.15
CA GLU B 102 4.22 -38.14 7.26
C GLU B 102 2.82 -37.85 7.79
N ASN B 103 2.28 -38.72 8.64
CA ASN B 103 0.97 -38.44 9.17
C ASN B 103 1.05 -37.39 10.26
N PHE B 104 2.27 -37.06 10.68
CA PHE B 104 2.46 -35.92 11.56
C PHE B 104 2.10 -34.64 10.82
N ARG B 105 2.60 -34.50 9.58
CA ARG B 105 2.35 -33.27 8.87
C ARG B 105 0.90 -33.20 8.45
N LEU B 106 0.35 -34.32 8.02
CA LEU B 106 -1.08 -34.40 7.75
C LEU B 106 -1.87 -33.91 8.96
N LEU B 107 -1.44 -34.31 10.16
CA LEU B 107 -2.16 -33.84 11.34
C LEU B 107 -1.92 -32.36 11.53
N GLY B 108 -0.68 -31.91 11.36
CA GLY B 108 -0.44 -30.50 11.49
C GLY B 108 -1.29 -29.74 10.50
N ASN B 109 -1.46 -30.30 9.30
CA ASN B 109 -2.32 -29.64 8.33
C ASN B 109 -3.77 -29.67 8.76
N VAL B 110 -4.26 -30.82 9.25
CA VAL B 110 -5.65 -30.79 9.66
C VAL B 110 -5.80 -29.83 10.83
N LEU B 111 -4.75 -29.71 11.65
CA LEU B 111 -4.80 -28.71 12.71
C LEU B 111 -4.99 -27.32 12.14
N VAL B 112 -4.08 -26.90 11.26
CA VAL B 112 -4.24 -25.58 10.64
C VAL B 112 -5.60 -25.46 9.97
N CYS B 113 -6.08 -26.57 9.39
CA CYS B 113 -7.44 -26.59 8.85
C CYS B 113 -8.48 -26.30 9.92
N VAL B 114 -8.42 -27.01 11.05
CA VAL B 114 -9.38 -26.73 12.10
C VAL B 114 -9.20 -25.31 12.59
N LEU B 115 -7.95 -24.86 12.72
CA LEU B 115 -7.70 -23.45 12.98
C LEU B 115 -8.44 -22.56 11.99
N ALA B 116 -8.23 -22.80 10.69
CA ALA B 116 -8.90 -21.97 9.71
C ALA B 116 -10.42 -22.10 9.81
N HIS B 117 -10.90 -23.28 10.18
CA HIS B 117 -12.33 -23.48 10.29
C HIS B 117 -12.90 -22.55 11.33
N HIS B 118 -12.24 -22.50 12.47
CA HIS B 118 -12.73 -21.64 13.54
C HIS B 118 -12.47 -20.18 13.23
N PHE B 119 -11.29 -19.86 12.69
CA PHE B 119 -10.87 -18.47 12.61
C PHE B 119 -11.21 -17.76 11.30
N GLY B 120 -11.90 -18.42 10.38
CA GLY B 120 -12.45 -17.80 9.19
C GLY B 120 -11.48 -16.90 8.46
N LYS B 121 -12.03 -15.79 7.93
CA LYS B 121 -11.24 -14.82 7.17
C LYS B 121 -10.10 -14.20 7.97
N GLU B 122 -10.17 -14.21 9.32
CA GLU B 122 -9.12 -13.53 10.06
C GLU B 122 -7.82 -14.34 10.08
N PHE B 123 -7.91 -15.62 9.71
CA PHE B 123 -6.74 -16.48 9.53
C PHE B 123 -6.30 -16.35 8.08
N THR B 124 -5.30 -15.47 7.82
CA THR B 124 -4.87 -14.91 6.55
C THR B 124 -3.71 -15.71 5.95
N PRO B 125 -3.53 -15.64 4.64
CA PRO B 125 -2.44 -16.39 3.98
C PRO B 125 -1.05 -16.20 4.58
N PRO B 126 -0.63 -15.00 4.98
CA PRO B 126 0.68 -14.93 5.66
C PRO B 126 0.75 -15.64 7.01
N VAL B 127 -0.31 -15.54 7.81
CA VAL B 127 -0.30 -16.20 9.11
C VAL B 127 -0.36 -17.71 8.93
N GLN B 128 -1.19 -18.18 7.99
CA GLN B 128 -1.19 -19.59 7.63
C GLN B 128 0.20 -20.05 7.20
N ALA B 129 0.81 -19.35 6.24
CA ALA B 129 2.16 -19.68 5.79
C ALA B 129 3.16 -19.76 6.94
N ALA B 130 2.96 -18.94 7.97
CA ALA B 130 3.80 -19.05 9.16
C ALA B 130 3.47 -20.30 9.94
N TYR B 131 2.19 -20.61 10.14
CA TYR B 131 1.91 -21.82 10.90
C TYR B 131 2.38 -23.04 10.14
N GLN B 132 2.34 -22.97 8.80
CA GLN B 132 2.88 -24.07 8.00
C GLN B 132 4.35 -24.26 8.30
N LYS B 133 5.08 -23.14 8.38
CA LYS B 133 6.50 -23.20 8.75
C LYS B 133 6.66 -23.86 10.11
N VAL B 134 5.73 -23.57 11.02
CA VAL B 134 5.83 -24.08 12.40
C VAL B 134 5.60 -25.58 12.40
N VAL B 135 4.49 -26.02 11.80
CA VAL B 135 4.16 -27.43 11.86
C VAL B 135 5.13 -28.22 11.00
N ALA B 136 5.87 -27.53 10.12
CA ALA B 136 6.96 -28.18 9.41
C ALA B 136 8.09 -28.43 10.39
N GLY B 137 8.66 -27.34 10.91
CA GLY B 137 9.78 -27.48 11.85
C GLY B 137 9.49 -28.52 12.92
N VAL B 138 8.24 -28.55 13.41
CA VAL B 138 7.83 -29.59 14.35
C VAL B 138 7.95 -30.97 13.73
N ALA B 139 7.32 -31.17 12.57
CA ALA B 139 7.36 -32.49 11.92
C ALA B 139 8.79 -32.97 11.70
N ASN B 140 9.66 -32.06 11.28
CA ASN B 140 11.07 -32.38 11.08
C ASN B 140 11.75 -32.76 12.39
N ALA B 141 11.69 -31.89 13.39
CA ALA B 141 12.33 -32.24 14.66
C ALA B 141 11.82 -33.58 15.19
N LEU B 142 10.50 -33.81 15.07
CA LEU B 142 9.94 -35.07 15.53
C LEU B 142 10.42 -36.25 14.69
N ALA B 143 10.80 -36.00 13.44
CA ALA B 143 11.25 -37.05 12.53
C ALA B 143 12.77 -37.18 12.47
N HIS B 144 13.50 -36.40 13.27
CA HIS B 144 14.94 -36.33 13.10
C HIS B 144 15.65 -37.65 13.41
N LYS B 145 15.14 -38.42 14.38
CA LYS B 145 15.80 -39.68 14.71
C LYS B 145 15.57 -40.79 13.68
N TYR B 146 14.79 -40.55 12.62
CA TYR B 146 14.67 -41.57 11.59
C TYR B 146 15.89 -41.64 10.69
N HIS B 147 16.74 -40.62 10.70
CA HIS B 147 18.04 -40.69 10.06
C HIS B 147 19.11 -40.15 10.99
N VAL C 71 17.77 -71.34 0.77
CA VAL C 71 16.86 -71.57 1.89
C VAL C 71 15.56 -70.80 1.67
N CYS C 72 14.48 -71.26 2.30
CA CYS C 72 13.21 -70.55 2.29
C CYS C 72 12.62 -70.43 3.68
N GLY C 73 12.01 -69.28 3.95
CA GLY C 73 11.27 -69.14 5.19
C GLY C 73 11.99 -68.79 6.46
N LYS C 74 13.14 -68.14 6.44
CA LYS C 74 13.82 -67.82 7.70
C LYS C 74 14.38 -66.41 7.73
N PRO C 75 13.52 -65.42 7.93
CA PRO C 75 14.02 -64.06 8.14
C PRO C 75 14.47 -64.00 9.59
N LYS C 76 15.56 -63.28 9.86
CA LYS C 76 16.03 -63.24 11.25
C LYS C 76 14.93 -62.70 12.16
N ASN C 77 14.28 -61.61 11.75
CA ASN C 77 13.13 -61.05 12.44
C ASN C 77 11.94 -60.90 11.49
N PRO C 78 11.01 -61.84 11.46
CA PRO C 78 9.87 -61.75 10.56
C PRO C 78 8.84 -60.73 11.04
N ALA C 79 7.79 -60.56 10.24
CA ALA C 79 6.79 -59.51 10.42
C ALA C 79 5.54 -60.11 11.04
N ASN C 80 5.39 -59.95 12.35
CA ASN C 80 4.55 -60.74 13.29
C ASN C 80 5.22 -60.76 14.66
N ILE D 1 3.50 -46.23 -1.19
CA ILE D 1 2.45 -46.51 -0.23
C ILE D 1 2.04 -45.26 0.52
N LEU D 2 0.75 -44.93 0.46
CA LEU D 2 0.29 -43.71 1.10
C LEU D 2 0.06 -43.92 2.60
N GLY D 3 -0.59 -45.01 2.98
CA GLY D 3 -0.82 -45.35 4.37
C GLY D 3 0.37 -45.97 5.07
N GLY D 4 0.07 -46.81 6.05
CA GLY D 4 0.94 -47.04 7.19
C GLY D 4 1.78 -48.30 7.11
N HIS D 5 1.98 -48.93 8.27
CA HIS D 5 2.84 -50.09 8.49
C HIS D 5 4.27 -49.75 8.13
N LEU D 6 4.90 -48.96 9.00
CA LEU D 6 6.31 -48.63 8.88
C LEU D 6 7.11 -49.93 9.01
N ASP D 7 8.22 -50.03 8.28
CA ASP D 7 8.98 -51.29 8.29
C ASP D 7 10.05 -51.20 9.37
N ALA D 8 9.76 -51.78 10.53
CA ALA D 8 10.60 -51.55 11.70
C ALA D 8 11.79 -52.49 11.70
N LYS D 9 11.55 -53.77 11.48
CA LYS D 9 12.58 -54.79 11.61
C LYS D 9 13.43 -54.99 10.36
N GLY D 10 12.88 -54.70 9.18
CA GLY D 10 13.49 -55.21 7.96
C GLY D 10 13.12 -56.67 7.71
N SER D 11 11.83 -57.00 7.84
CA SER D 11 11.29 -58.33 7.63
C SER D 11 11.27 -58.77 6.17
N PHE D 12 11.77 -57.95 5.24
CA PHE D 12 11.68 -58.21 3.81
C PHE D 12 13.06 -58.00 3.20
N PRO D 13 14.00 -58.90 3.47
CA PRO D 13 15.40 -58.68 3.10
C PRO D 13 15.69 -58.72 1.60
N TRP D 14 14.79 -59.24 0.78
CA TRP D 14 14.99 -59.34 -0.65
C TRP D 14 14.58 -58.10 -1.45
N GLN D 15 14.16 -57.03 -0.78
CA GLN D 15 13.69 -55.82 -1.48
C GLN D 15 14.88 -54.91 -1.81
N ALA D 16 15.05 -54.62 -3.09
CA ALA D 16 16.06 -53.70 -3.59
C ALA D 16 15.39 -52.47 -4.19
N LYS D 17 16.01 -51.31 -3.96
CA LYS D 17 15.52 -50.03 -4.46
C LYS D 17 16.46 -49.57 -5.56
N MET D 18 15.98 -49.57 -6.79
CA MET D 18 16.74 -49.13 -7.95
C MET D 18 16.20 -47.79 -8.41
N VAL D 19 17.09 -46.83 -8.61
CA VAL D 19 16.73 -45.50 -9.08
C VAL D 19 17.26 -45.33 -10.50
N SER D 20 16.36 -44.91 -11.39
CA SER D 20 16.67 -44.63 -12.78
C SER D 20 17.49 -43.35 -12.91
N HIS D 21 17.78 -43.00 -14.16
CA HIS D 21 18.75 -41.92 -14.42
C HIS D 21 18.23 -40.58 -13.90
N HIS D 22 16.93 -40.34 -14.02
CA HIS D 22 16.31 -39.09 -13.59
C HIS D 22 15.71 -39.20 -12.19
N ASN D 23 16.34 -39.92 -11.27
CA ASN D 23 16.01 -39.86 -9.85
C ASN D 23 14.63 -40.45 -9.55
N LEU D 24 14.15 -41.37 -10.38
CA LEU D 24 12.89 -42.06 -10.12
C LEU D 24 13.11 -43.40 -9.41
N THR D 25 12.59 -43.50 -8.19
CA THR D 25 12.83 -44.64 -7.31
C THR D 25 11.85 -45.74 -7.65
N THR D 26 12.33 -46.97 -7.75
CA THR D 26 11.54 -48.08 -8.25
C THR D 26 11.97 -49.37 -7.57
N GLY D 27 11.04 -50.31 -7.46
CA GLY D 27 11.28 -51.55 -6.74
C GLY D 27 11.82 -52.66 -7.63
N ALA D 28 12.63 -53.53 -7.02
CA ALA D 28 13.16 -54.73 -7.64
C ALA D 28 13.36 -55.73 -6.52
N THR D 29 13.20 -57.01 -6.81
CA THR D 29 13.37 -57.99 -5.75
C THR D 29 14.46 -59.00 -6.07
N LEU D 30 15.15 -59.45 -5.02
CA LEU D 30 16.35 -60.27 -5.19
C LEU D 30 15.87 -61.71 -5.22
N ILE D 31 15.97 -62.31 -6.40
CA ILE D 31 15.37 -63.62 -6.62
C ILE D 31 16.34 -64.78 -6.37
N ASN D 32 17.64 -64.55 -6.42
CA ASN D 32 18.61 -65.54 -5.97
C ASN D 32 19.95 -64.88 -5.75
N GLU D 33 20.97 -65.69 -5.49
CA GLU D 33 22.25 -65.15 -5.04
C GLU D 33 22.90 -64.22 -6.06
N GLN D 34 22.64 -64.45 -7.35
CA GLN D 34 23.22 -63.60 -8.38
C GLN D 34 22.22 -62.72 -9.12
N TRP D 35 20.92 -62.92 -8.89
CA TRP D 35 19.93 -62.32 -9.77
C TRP D 35 18.79 -61.70 -9.00
N LEU D 36 18.20 -60.66 -9.60
CA LEU D 36 16.99 -60.04 -9.07
C LEU D 36 16.00 -59.85 -10.22
N LEU D 37 14.75 -60.23 -9.98
CA LEU D 37 13.64 -59.86 -10.82
C LEU D 37 13.25 -58.38 -10.73
N THR D 38 12.62 -57.92 -11.80
CA THR D 38 12.00 -56.61 -11.89
C THR D 38 11.05 -56.67 -13.07
N THR D 39 10.51 -55.52 -13.47
CA THR D 39 9.59 -55.47 -14.59
C THR D 39 10.29 -54.89 -15.81
N ALA D 40 9.84 -55.32 -16.99
CA ALA D 40 10.29 -54.68 -18.22
C ALA D 40 9.97 -53.19 -18.19
N LYS D 41 8.75 -52.85 -17.76
CA LYS D 41 8.37 -51.45 -17.61
C LYS D 41 9.41 -50.70 -16.80
N ASN D 42 9.67 -51.16 -15.58
CA ASN D 42 10.60 -50.46 -14.69
C ASN D 42 11.93 -50.25 -15.40
N LEU D 43 12.37 -51.26 -16.12
CA LEU D 43 13.63 -51.20 -16.85
C LEU D 43 13.60 -50.10 -17.91
N PHE D 44 12.47 -49.95 -18.58
CA PHE D 44 12.32 -49.04 -19.72
C PHE D 44 12.11 -47.57 -19.35
N LEU D 45 12.06 -47.18 -18.08
CA LEU D 45 11.87 -45.76 -17.82
C LEU D 45 13.03 -44.94 -18.40
N ASN D 46 12.66 -43.76 -18.91
CA ASN D 46 13.58 -42.81 -19.55
C ASN D 46 14.40 -43.42 -20.67
N HIS D 47 13.83 -44.37 -21.40
CA HIS D 47 14.49 -45.02 -22.54
C HIS D 47 13.45 -45.39 -23.59
N SER D 48 13.90 -45.41 -24.84
CA SER D 48 13.03 -45.78 -25.95
C SER D 48 12.92 -47.29 -26.08
N GLU D 49 11.81 -47.74 -26.67
CA GLU D 49 11.67 -49.17 -26.96
C GLU D 49 12.81 -49.65 -27.86
N ASN D 50 13.39 -48.73 -28.66
CA ASN D 50 14.56 -49.06 -29.45
C ASN D 50 15.71 -49.54 -28.56
N ALA D 51 15.87 -48.93 -27.39
CA ALA D 51 17.04 -49.18 -26.56
C ALA D 51 17.16 -50.67 -26.26
N THR D 52 18.38 -51.18 -26.31
CA THR D 52 18.64 -52.57 -25.96
C THR D 52 19.35 -52.63 -24.61
N ALA D 53 19.58 -53.86 -24.15
CA ALA D 53 20.11 -54.09 -22.81
C ALA D 53 21.43 -53.36 -22.60
N LYS D 54 22.37 -53.47 -23.55
CA LYS D 54 23.65 -52.80 -23.41
C LYS D 54 23.48 -51.31 -23.14
N ASP D 55 22.47 -50.70 -23.77
CA ASP D 55 22.21 -49.29 -23.53
C ASP D 55 21.70 -49.04 -22.12
N ILE D 56 20.80 -49.89 -21.64
CA ILE D 56 20.07 -49.63 -20.41
C ILE D 56 20.91 -49.93 -19.17
N ALA D 57 21.73 -50.99 -19.23
CA ALA D 57 22.42 -51.44 -18.02
C ALA D 57 23.26 -50.39 -17.31
N PRO D 58 24.09 -49.57 -17.98
CA PRO D 58 24.89 -48.59 -17.23
C PRO D 58 24.08 -47.45 -16.64
N THR D 59 22.87 -47.20 -17.15
CA THR D 59 22.09 -46.05 -16.69
C THR D 59 21.61 -46.21 -15.26
N LEU D 60 21.24 -47.42 -14.84
CA LEU D 60 20.57 -47.59 -13.57
C LEU D 60 21.53 -47.52 -12.39
N THR D 61 20.99 -47.13 -11.23
CA THR D 61 21.66 -47.25 -9.94
C THR D 61 20.81 -48.14 -9.05
N LEU D 62 21.45 -49.05 -8.32
CA LEU D 62 20.70 -50.01 -7.51
C LEU D 62 21.24 -50.02 -6.08
N TYR D 63 20.34 -50.27 -5.13
CA TYR D 63 20.62 -50.24 -3.70
C TYR D 63 19.97 -51.44 -3.06
N VAL D 64 20.71 -52.14 -2.20
CA VAL D 64 20.15 -53.20 -1.37
C VAL D 64 20.28 -52.80 0.09
N GLY D 65 19.48 -53.46 0.92
CA GLY D 65 19.61 -53.35 2.37
C GLY D 65 19.36 -51.91 2.76
N LYS D 66 20.33 -51.26 3.41
CA LYS D 66 20.10 -49.88 3.81
C LYS D 66 20.51 -48.94 2.69
N LYS D 67 21.81 -48.64 2.60
CA LYS D 67 22.34 -47.92 1.45
C LYS D 67 23.11 -48.83 0.49
N GLN D 68 23.19 -50.13 0.78
CA GLN D 68 24.28 -50.97 0.26
C GLN D 68 24.24 -51.01 -1.26
N LEU D 69 25.31 -50.53 -1.90
CA LEU D 69 25.37 -50.43 -3.35
C LEU D 69 26.00 -51.69 -3.95
N VAL D 70 25.18 -52.50 -4.63
CA VAL D 70 25.66 -53.65 -5.39
C VAL D 70 25.73 -53.28 -6.87
N GLU D 71 26.85 -53.59 -7.51
CA GLU D 71 26.99 -53.28 -8.92
C GLU D 71 26.27 -54.31 -9.80
N ILE D 72 26.17 -54.01 -11.10
CA ILE D 72 25.23 -54.64 -12.03
C ILE D 72 25.90 -54.90 -13.38
N GLU D 73 25.97 -56.16 -13.80
CA GLU D 73 26.76 -56.56 -15.00
C GLU D 73 25.99 -56.47 -16.32
N LYS D 74 24.99 -57.33 -16.49
CA LYS D 74 24.14 -57.27 -17.67
C LYS D 74 22.67 -57.19 -17.26
N VAL D 75 21.81 -57.14 -18.27
CA VAL D 75 20.37 -56.94 -18.14
C VAL D 75 19.69 -57.80 -19.19
N VAL D 76 18.60 -58.47 -18.84
CA VAL D 76 17.91 -59.31 -19.81
C VAL D 76 16.41 -59.09 -19.69
N LEU D 77 15.74 -59.02 -20.83
CA LEU D 77 14.35 -58.63 -20.94
C LEU D 77 13.51 -59.85 -21.31
N HIS D 78 12.30 -59.92 -20.77
CA HIS D 78 11.44 -61.04 -21.13
C HIS D 78 11.07 -60.93 -22.61
N PRO D 79 11.18 -62.03 -23.36
CA PRO D 79 10.87 -61.96 -24.80
C PRO D 79 9.48 -61.40 -25.12
N ASN D 80 8.53 -61.56 -24.20
CA ASN D 80 7.20 -60.97 -24.33
C ASN D 80 7.06 -59.66 -23.58
N TYR D 81 8.16 -58.94 -23.34
CA TYR D 81 8.19 -57.73 -22.51
C TYR D 81 6.94 -56.87 -22.59
N SER D 82 6.40 -56.67 -23.79
CA SER D 82 5.22 -55.82 -23.92
C SER D 82 3.96 -56.50 -23.42
N GLN D 83 4.00 -57.81 -23.17
CA GLN D 83 2.86 -58.57 -22.68
C GLN D 83 3.14 -59.11 -21.28
N VAL D 84 4.22 -59.87 -21.13
CA VAL D 84 4.73 -60.27 -19.83
C VAL D 84 5.77 -59.24 -19.41
N ASP D 85 5.44 -58.41 -18.42
CA ASP D 85 6.27 -57.26 -18.02
C ASP D 85 7.30 -57.60 -16.94
N ILE D 86 8.50 -58.00 -17.36
CA ILE D 86 9.51 -58.58 -16.46
C ILE D 86 10.91 -58.36 -17.03
N GLY D 87 11.82 -57.86 -16.20
CA GLY D 87 13.22 -57.91 -16.49
C GLY D 87 13.94 -58.84 -15.51
N LEU D 88 15.23 -59.06 -15.80
CA LEU D 88 16.17 -59.66 -14.87
C LEU D 88 17.45 -58.83 -14.84
N ILE D 89 17.92 -58.53 -13.62
CA ILE D 89 19.19 -57.88 -13.39
C ILE D 89 20.14 -58.93 -12.80
N LYS D 90 21.34 -59.02 -13.35
CA LYS D 90 22.40 -59.85 -12.78
C LYS D 90 23.40 -58.93 -12.08
N LEU D 91 23.66 -59.21 -10.80
CA LEU D 91 24.63 -58.45 -10.03
C LEU D 91 26.09 -58.87 -10.22
N LYS D 92 26.94 -57.86 -10.37
CA LYS D 92 28.35 -58.06 -10.72
C LYS D 92 29.05 -59.08 -9.83
N GLN D 93 28.72 -59.11 -8.55
CA GLN D 93 29.25 -60.10 -7.62
C GLN D 93 28.12 -60.61 -6.73
N LYS D 94 28.49 -61.50 -5.81
CA LYS D 94 27.57 -62.02 -4.83
C LYS D 94 27.35 -60.99 -3.73
N VAL D 95 26.19 -61.05 -3.11
CA VAL D 95 25.85 -60.23 -1.96
C VAL D 95 25.99 -61.08 -0.71
N SER D 96 26.55 -60.49 0.34
CA SER D 96 26.72 -61.26 1.56
C SER D 96 25.35 -61.51 2.17
N VAL D 97 24.99 -62.77 2.36
CA VAL D 97 23.69 -63.04 2.96
C VAL D 97 23.80 -62.77 4.44
N ASN D 98 22.80 -62.10 4.99
CA ASN D 98 22.69 -61.94 6.42
C ASN D 98 21.25 -61.62 6.76
N GLU D 99 21.04 -61.14 7.99
CA GLU D 99 19.68 -60.96 8.50
C GLU D 99 18.88 -59.96 7.68
N ARG D 100 19.54 -58.91 7.17
CA ARG D 100 18.85 -57.87 6.41
C ARG D 100 18.93 -58.03 4.90
N VAL D 101 19.82 -58.87 4.38
CA VAL D 101 20.01 -59.00 2.94
C VAL D 101 20.04 -60.47 2.51
N MET D 102 19.03 -60.89 1.72
CA MET D 102 18.91 -62.30 1.36
C MET D 102 17.79 -62.55 0.35
N PRO D 103 18.07 -63.39 -0.65
CA PRO D 103 17.16 -63.56 -1.79
C PRO D 103 15.90 -64.35 -1.44
N ILE D 104 14.88 -64.23 -2.28
CA ILE D 104 13.65 -64.95 -2.00
C ILE D 104 13.58 -66.17 -2.93
N CYS D 105 12.92 -67.21 -2.45
CA CYS D 105 12.70 -68.46 -3.21
C CYS D 105 11.54 -68.32 -4.18
N LEU D 106 11.75 -68.84 -5.40
CA LEU D 106 10.67 -68.94 -6.38
C LEU D 106 9.76 -70.09 -6.05
N PRO D 107 8.44 -69.89 -6.08
CA PRO D 107 7.50 -70.92 -5.62
C PRO D 107 7.32 -72.05 -6.62
N SER D 108 7.27 -73.28 -6.10
CA SER D 108 6.81 -74.42 -6.87
C SER D 108 5.29 -74.46 -7.01
N LYS D 109 4.57 -74.42 -5.89
CA LYS D 109 3.12 -74.39 -5.90
C LYS D 109 2.61 -73.06 -6.46
N ASP D 110 1.33 -73.05 -6.83
CA ASP D 110 0.67 -71.83 -7.30
C ASP D 110 -0.43 -71.42 -6.32
N TYR D 111 -0.19 -70.34 -5.58
CA TYR D 111 -1.22 -69.73 -4.73
C TYR D 111 -1.71 -68.48 -5.47
N ALA D 112 -2.62 -68.71 -6.41
CA ALA D 112 -3.32 -67.63 -7.09
C ALA D 112 -4.80 -67.56 -6.77
N GLU D 113 -5.32 -68.44 -5.91
CA GLU D 113 -6.75 -68.49 -5.72
C GLU D 113 -7.18 -67.38 -4.75
N VAL D 114 -8.44 -66.97 -4.88
CA VAL D 114 -9.02 -65.95 -4.00
C VAL D 114 -9.34 -66.50 -2.61
N GLY D 115 -9.16 -65.65 -1.59
CA GLY D 115 -9.14 -66.07 -0.21
C GLY D 115 -7.77 -66.03 0.42
N ARG D 116 -6.72 -66.17 -0.37
CA ARG D 116 -5.38 -66.00 0.17
C ARG D 116 -5.07 -64.51 0.34
N VAL D 117 -4.10 -64.22 1.21
CA VAL D 117 -3.63 -62.86 1.45
C VAL D 117 -2.12 -62.86 1.31
N GLY D 118 -1.56 -61.68 0.98
CA GLY D 118 -0.15 -61.55 0.68
C GLY D 118 0.39 -60.27 1.26
N TYR D 119 1.72 -60.13 1.18
CA TYR D 119 2.39 -58.96 1.73
C TYR D 119 3.22 -58.32 0.61
N VAL D 120 2.95 -57.05 0.31
CA VAL D 120 3.70 -56.30 -0.68
C VAL D 120 4.49 -55.20 0.01
N SER D 121 5.80 -55.20 -0.19
CA SER D 121 6.62 -54.10 0.29
C SER D 121 6.61 -52.97 -0.75
N GLY D 122 7.19 -51.84 -0.38
CA GLY D 122 7.45 -50.80 -1.36
C GLY D 122 8.26 -49.59 -0.92
N TRP D 123 8.97 -49.03 -1.90
CA TRP D 123 9.69 -47.76 -1.79
C TRP D 123 8.93 -46.61 -2.43
N GLY D 124 7.71 -46.83 -2.91
CA GLY D 124 6.99 -45.85 -3.67
C GLY D 124 6.46 -44.65 -2.89
N ARG D 125 5.77 -43.78 -3.62
CA ARG D 125 5.24 -42.53 -3.11
C ARG D 125 4.19 -42.77 -2.02
N ASN D 126 3.91 -41.71 -1.27
CA ASN D 126 2.87 -41.74 -0.26
C ASN D 126 1.82 -40.66 -0.51
N ALA D 127 0.97 -40.43 0.48
CA ALA D 127 -0.18 -39.54 0.32
C ALA D 127 0.20 -38.08 0.18
N ASN D 128 1.45 -37.70 0.38
CA ASN D 128 1.93 -36.43 -0.11
C ASN D 128 2.58 -36.53 -1.48
N PHE D 129 2.50 -37.71 -2.11
CA PHE D 129 3.12 -37.98 -3.40
C PHE D 129 4.61 -37.67 -3.39
N LYS D 130 5.20 -37.71 -2.20
CA LYS D 130 6.64 -37.70 -2.01
C LYS D 130 7.19 -39.12 -2.04
N PHE D 131 8.31 -39.30 -2.72
CA PHE D 131 9.03 -40.55 -2.60
C PHE D 131 9.36 -40.78 -1.13
N THR D 132 9.03 -41.97 -0.63
CA THR D 132 9.08 -42.20 0.80
C THR D 132 10.53 -42.14 1.28
N ASP D 133 10.72 -41.62 2.50
CA ASP D 133 12.08 -41.54 3.00
C ASP D 133 12.55 -42.88 3.55
N HIS D 134 11.61 -43.77 3.84
CA HIS D 134 11.97 -45.07 4.42
C HIS D 134 11.01 -46.09 3.83
N LEU D 135 11.56 -47.24 3.45
CA LEU D 135 10.79 -48.36 2.93
C LEU D 135 9.60 -48.73 3.83
N LYS D 136 8.46 -49.03 3.22
CA LYS D 136 7.26 -49.45 3.97
C LYS D 136 6.66 -50.70 3.33
N TYR D 137 5.56 -51.18 3.90
CA TYR D 137 4.94 -52.42 3.44
C TYR D 137 3.47 -52.45 3.83
N VAL D 138 2.70 -53.31 3.15
CA VAL D 138 1.25 -53.42 3.36
C VAL D 138 0.81 -54.84 3.02
N MET D 139 -0.21 -55.32 3.74
CA MET D 139 -0.89 -56.58 3.45
C MET D 139 -2.10 -56.37 2.56
N LEU D 140 -2.27 -57.24 1.56
CA LEU D 140 -3.43 -57.18 0.67
C LEU D 140 -4.03 -58.54 0.36
N PRO D 141 -5.36 -58.63 0.31
CA PRO D 141 -6.01 -59.87 -0.11
C PRO D 141 -5.92 -60.03 -1.62
N VAL D 142 -6.13 -61.25 -2.09
CA VAL D 142 -6.21 -61.46 -3.53
C VAL D 142 -7.68 -61.41 -3.98
N ALA D 143 -7.89 -60.83 -5.15
CA ALA D 143 -9.21 -60.44 -5.64
C ALA D 143 -9.69 -61.31 -6.79
N ASP D 144 -11.01 -61.46 -6.89
CA ASP D 144 -11.59 -62.27 -7.96
C ASP D 144 -11.15 -61.73 -9.31
N GLN D 145 -10.60 -62.61 -10.16
CA GLN D 145 -10.02 -62.17 -11.42
C GLN D 145 -11.06 -61.56 -12.36
N ASP D 146 -12.28 -62.07 -12.35
CA ASP D 146 -13.33 -61.53 -13.21
C ASP D 146 -13.79 -60.15 -12.74
N GLN D 147 -14.05 -59.98 -11.44
CA GLN D 147 -14.37 -58.65 -10.94
C GLN D 147 -13.32 -57.63 -11.36
N CYS D 148 -12.05 -58.03 -11.33
CA CYS D 148 -10.97 -57.12 -11.71
C CYS D 148 -11.00 -56.84 -13.21
N ILE D 149 -11.33 -57.86 -14.01
CA ILE D 149 -11.32 -57.66 -15.45
C ILE D 149 -12.42 -56.66 -15.80
N ARG D 150 -13.64 -56.99 -15.40
CA ARG D 150 -14.80 -56.11 -15.60
C ARG D 150 -14.54 -54.74 -15.00
N HIS D 151 -13.70 -54.65 -13.98
CA HIS D 151 -13.36 -53.36 -13.39
C HIS D 151 -12.51 -52.51 -14.31
N TYR D 152 -11.38 -53.03 -14.79
CA TYR D 152 -10.49 -52.10 -15.45
C TYR D 152 -10.89 -51.82 -16.89
N GLU D 153 -11.35 -52.84 -17.60
CA GLU D 153 -11.96 -52.66 -18.91
C GLU D 153 -13.43 -53.11 -18.79
N GLY D 154 -14.15 -53.14 -19.91
CA GLY D 154 -15.57 -53.36 -19.77
C GLY D 154 -16.10 -54.76 -20.05
N SER D 155 -15.26 -55.70 -20.48
CA SER D 155 -15.67 -56.65 -21.52
C SER D 155 -16.01 -57.99 -20.90
N THR D 156 -14.98 -58.72 -20.46
CA THR D 156 -14.77 -60.13 -20.78
C THR D 156 -14.46 -60.26 -22.27
N VAL D 157 -15.44 -60.71 -23.05
CA VAL D 157 -15.33 -61.01 -24.47
C VAL D 157 -14.62 -59.85 -25.17
N PRO D 158 -13.58 -60.12 -25.97
CA PRO D 158 -12.63 -59.06 -26.37
C PRO D 158 -13.18 -57.98 -27.30
N GLU D 159 -14.35 -58.14 -27.92
CA GLU D 159 -14.84 -57.14 -28.85
C GLU D 159 -15.53 -55.99 -28.14
N LYS D 160 -15.92 -56.18 -26.88
CA LYS D 160 -16.56 -55.16 -26.06
C LYS D 160 -15.58 -54.44 -25.15
N LYS D 161 -14.28 -54.71 -25.32
CA LYS D 161 -13.24 -54.06 -24.54
C LYS D 161 -13.21 -52.57 -24.89
N THR D 162 -13.22 -51.72 -23.87
CA THR D 162 -13.07 -50.28 -24.01
C THR D 162 -12.26 -49.77 -22.83
N PRO D 163 -11.53 -48.65 -22.99
CA PRO D 163 -10.71 -48.15 -21.89
C PRO D 163 -11.47 -47.50 -20.75
N LYS D 164 -11.94 -48.33 -19.82
CA LYS D 164 -12.71 -47.90 -18.64
C LYS D 164 -11.82 -47.51 -17.48
N SER D 165 -10.50 -47.50 -17.69
CA SER D 165 -9.52 -47.34 -16.62
C SER D 165 -9.65 -45.99 -15.93
N PRO D 166 -9.94 -45.98 -14.62
CA PRO D 166 -9.98 -44.73 -13.86
C PRO D 166 -8.80 -43.80 -14.11
N VAL D 167 -7.58 -44.31 -14.25
CA VAL D 167 -6.49 -43.47 -14.71
C VAL D 167 -6.40 -43.42 -16.23
N GLY D 168 -5.42 -42.66 -16.73
CA GLY D 168 -5.28 -42.46 -18.15
C GLY D 168 -4.92 -43.71 -18.94
N VAL D 169 -4.15 -44.61 -18.35
CA VAL D 169 -3.50 -45.66 -19.13
C VAL D 169 -4.10 -47.01 -18.78
N GLN D 170 -4.06 -47.91 -19.75
CA GLN D 170 -4.71 -49.19 -19.54
C GLN D 170 -3.68 -50.22 -19.06
N PRO D 171 -4.02 -51.01 -18.04
CA PRO D 171 -3.11 -52.05 -17.59
C PRO D 171 -3.14 -53.28 -18.49
N ILE D 172 -2.08 -54.07 -18.41
CA ILE D 172 -1.99 -55.36 -19.10
C ILE D 172 -2.70 -56.44 -18.28
N LEU D 173 -3.70 -57.08 -18.89
CA LEU D 173 -4.52 -58.09 -18.22
C LEU D 173 -4.63 -59.31 -19.13
N ASN D 174 -4.03 -60.42 -18.72
CA ASN D 174 -4.05 -61.63 -19.52
C ASN D 174 -4.16 -62.83 -18.58
N GLU D 175 -3.86 -64.02 -19.11
CA GLU D 175 -3.84 -65.24 -18.31
C GLU D 175 -2.58 -65.40 -17.47
N HIS D 176 -1.55 -64.59 -17.70
CA HIS D 176 -0.34 -64.61 -16.90
C HIS D 176 -0.38 -63.63 -15.73
N THR D 177 -1.51 -62.98 -15.49
CA THR D 177 -1.66 -62.01 -14.42
C THR D 177 -2.74 -62.47 -13.43
N PHE D 178 -2.67 -61.89 -12.24
CA PHE D 178 -3.75 -61.99 -11.26
C PHE D 178 -3.88 -60.65 -10.55
N CYS D 179 -5.06 -60.43 -9.98
CA CYS D 179 -5.38 -59.18 -9.30
C CYS D 179 -5.50 -59.38 -7.79
N ALA D 180 -4.93 -58.44 -7.05
CA ALA D 180 -5.03 -58.33 -5.60
C ALA D 180 -6.02 -57.22 -5.26
N GLY D 181 -6.90 -57.51 -4.30
CA GLY D 181 -7.94 -56.60 -3.88
C GLY D 181 -7.43 -55.33 -3.23
N MET D 182 -8.36 -54.59 -2.65
CA MET D 182 -7.99 -53.40 -1.92
C MET D 182 -7.72 -53.78 -0.46
N SER D 183 -7.15 -52.85 0.30
CA SER D 183 -6.79 -53.20 1.67
C SER D 183 -8.04 -53.32 2.54
N LYS D 184 -7.84 -53.65 3.82
CA LYS D 184 -8.96 -53.63 4.74
C LYS D 184 -9.37 -52.20 5.03
N TYR D 185 -8.37 -51.33 5.18
CA TYR D 185 -8.53 -49.91 5.44
C TYR D 185 -8.37 -49.05 4.20
N GLN D 186 -8.49 -49.66 3.02
CA GLN D 186 -8.40 -49.01 1.70
C GLN D 186 -7.00 -48.47 1.41
N GLU D 187 -5.98 -49.08 1.99
CA GLU D 187 -4.61 -48.75 1.60
C GLU D 187 -4.26 -49.38 0.25
N ASP D 188 -3.36 -48.73 -0.49
CA ASP D 188 -2.86 -49.33 -1.73
C ASP D 188 -1.47 -48.79 -2.06
N THR D 189 -0.97 -49.20 -3.22
CA THR D 189 0.42 -49.16 -3.64
C THR D 189 0.58 -48.27 -4.87
N CYS D 190 1.50 -47.29 -4.80
CA CYS D 190 1.58 -46.22 -5.79
C CYS D 190 2.95 -46.13 -6.44
N TYR D 191 3.18 -45.03 -7.14
CA TYR D 191 4.37 -44.81 -7.96
C TYR D 191 5.64 -45.14 -7.20
N GLY D 192 6.43 -46.05 -7.78
CA GLY D 192 7.66 -46.55 -7.20
C GLY D 192 7.55 -47.97 -6.70
N ASP D 193 6.32 -48.48 -6.57
CA ASP D 193 6.05 -49.78 -5.98
C ASP D 193 6.08 -50.91 -7.00
N ALA D 194 6.29 -50.58 -8.28
CA ALA D 194 6.46 -51.62 -9.28
C ALA D 194 7.78 -52.35 -9.04
N GLY D 195 7.77 -53.64 -9.36
CA GLY D 195 8.94 -54.48 -9.21
C GLY D 195 9.06 -55.12 -7.85
N SER D 196 8.33 -54.62 -6.85
CA SER D 196 8.22 -55.31 -5.58
C SER D 196 7.32 -56.54 -5.70
N ALA D 197 7.65 -57.55 -4.90
CA ALA D 197 7.09 -58.89 -5.04
C ALA D 197 5.87 -59.03 -4.13
N PHE D 198 4.85 -59.73 -4.61
CA PHE D 198 3.70 -60.04 -3.78
C PHE D 198 3.99 -61.36 -3.07
N ALA D 199 4.35 -61.26 -1.79
CA ALA D 199 4.99 -62.34 -1.05
C ALA D 199 4.02 -62.94 -0.05
N VAL D 200 3.64 -64.20 -0.28
CA VAL D 200 2.69 -64.92 0.56
C VAL D 200 3.45 -65.86 1.52
N HIS D 201 3.20 -65.70 2.81
CA HIS D 201 3.88 -66.49 3.82
C HIS D 201 3.06 -67.78 4.04
N ASP D 202 3.69 -68.93 3.84
CA ASP D 202 3.03 -70.22 3.95
C ASP D 202 3.29 -70.74 5.36
N LEU D 203 2.23 -70.77 6.18
CA LEU D 203 2.40 -71.01 7.61
C LEU D 203 2.73 -72.47 7.96
N GLU D 204 2.20 -73.45 7.22
CA GLU D 204 2.49 -74.84 7.58
C GLU D 204 3.97 -75.16 7.39
N GLU D 205 4.50 -74.84 6.22
CA GLU D 205 5.91 -75.06 5.91
C GLU D 205 6.76 -73.80 6.17
N ASP D 206 6.13 -72.77 6.73
CA ASP D 206 6.73 -71.49 7.13
C ASP D 206 7.68 -70.83 6.12
N THR D 207 7.28 -70.72 4.86
CA THR D 207 8.17 -70.07 3.91
C THR D 207 7.45 -68.96 3.14
N TRP D 208 8.19 -67.92 2.79
CA TRP D 208 7.65 -66.77 2.06
C TRP D 208 7.92 -66.90 0.57
N TYR D 209 6.88 -67.13 -0.22
CA TYR D 209 7.04 -67.24 -1.66
C TYR D 209 6.68 -65.91 -2.33
N ALA D 210 7.36 -65.59 -3.42
CA ALA D 210 6.93 -64.49 -4.27
C ALA D 210 6.00 -65.06 -5.32
N THR D 211 4.68 -64.87 -5.16
CA THR D 211 3.74 -65.37 -6.15
C THR D 211 3.68 -64.47 -7.38
N GLY D 212 3.74 -63.16 -7.18
CA GLY D 212 3.69 -62.23 -8.28
C GLY D 212 4.58 -61.03 -8.04
N ILE D 213 4.83 -60.32 -9.12
CA ILE D 213 5.50 -59.02 -9.10
C ILE D 213 4.50 -57.96 -9.54
N LEU D 214 4.53 -56.80 -8.88
CA LEU D 214 3.57 -55.77 -9.16
C LEU D 214 3.90 -55.11 -10.49
N SER D 215 2.96 -55.15 -11.41
CA SER D 215 3.08 -54.48 -12.70
C SER D 215 2.49 -53.08 -12.67
N PHE D 216 1.20 -52.97 -12.39
CA PHE D 216 0.48 -51.70 -12.47
C PHE D 216 0.46 -51.01 -11.12
N ASP D 217 1.34 -50.02 -10.94
CA ASP D 217 1.44 -49.28 -9.70
C ASP D 217 0.75 -47.93 -9.77
N LYS D 218 -0.04 -47.70 -10.82
CA LYS D 218 -0.73 -46.42 -10.98
C LYS D 218 -1.98 -46.31 -10.12
N SER D 219 -2.50 -47.45 -9.62
CA SER D 219 -3.86 -47.45 -9.11
C SER D 219 -3.99 -46.59 -7.85
N CYS D 220 -3.04 -46.71 -6.93
CA CYS D 220 -2.94 -45.80 -5.77
C CYS D 220 -4.31 -45.69 -5.09
N ALA D 221 -4.78 -44.50 -4.77
CA ALA D 221 -6.11 -44.30 -4.20
C ALA D 221 -7.19 -44.84 -5.14
N VAL D 222 -7.10 -44.50 -6.42
CA VAL D 222 -8.31 -44.39 -7.23
C VAL D 222 -8.81 -45.72 -7.77
N ALA D 223 -8.00 -46.76 -7.80
CA ALA D 223 -8.39 -47.95 -8.57
C ALA D 223 -8.35 -49.18 -7.66
N GLU D 224 -9.53 -49.78 -7.50
CA GLU D 224 -9.84 -50.73 -6.43
C GLU D 224 -8.98 -51.99 -6.43
N TYR D 225 -8.28 -52.32 -7.49
CA TYR D 225 -7.50 -53.55 -7.47
C TYR D 225 -6.14 -53.35 -8.11
N GLY D 226 -5.08 -53.66 -7.35
CA GLY D 226 -3.77 -53.81 -7.95
C GLY D 226 -3.62 -55.11 -8.71
N VAL D 227 -2.71 -55.13 -9.68
CA VAL D 227 -2.59 -56.31 -10.54
C VAL D 227 -1.11 -56.68 -10.70
N TYR D 228 -0.84 -57.97 -10.57
CA TYR D 228 0.49 -58.56 -10.53
C TYR D 228 0.60 -59.57 -11.65
N VAL D 229 1.80 -59.77 -12.18
CA VAL D 229 2.06 -60.88 -13.09
C VAL D 229 2.60 -62.08 -12.31
N LYS D 230 1.88 -63.21 -12.38
CA LYS D 230 2.31 -64.39 -11.63
C LYS D 230 3.75 -64.79 -11.98
N VAL D 231 4.54 -65.06 -10.95
CA VAL D 231 5.94 -65.42 -11.18
C VAL D 231 6.03 -66.87 -11.65
N THR D 232 5.15 -67.72 -11.09
CA THR D 232 5.04 -69.11 -11.50
C THR D 232 4.92 -69.30 -13.00
N SER D 233 4.31 -68.35 -13.71
CA SER D 233 4.15 -68.51 -15.15
C SER D 233 5.43 -68.22 -15.90
N ILE D 234 6.32 -67.42 -15.33
CA ILE D 234 7.64 -67.26 -15.93
C ILE D 234 8.63 -68.23 -15.29
N GLN D 235 8.14 -69.19 -14.49
CA GLN D 235 9.03 -70.13 -13.83
C GLN D 235 9.99 -70.75 -14.83
N ASP D 236 9.46 -71.51 -15.78
CA ASP D 236 10.33 -72.28 -16.66
C ASP D 236 11.17 -71.35 -17.53
N TRP D 237 10.80 -70.08 -17.63
CA TRP D 237 11.61 -69.16 -18.42
C TRP D 237 12.81 -68.65 -17.62
N VAL D 238 12.64 -68.41 -16.33
CA VAL D 238 13.73 -67.78 -15.60
C VAL D 238 14.84 -68.78 -15.42
N GLN D 239 14.48 -70.03 -15.13
CA GLN D 239 15.48 -71.08 -15.03
C GLN D 239 16.31 -71.14 -16.32
N LYS D 240 15.65 -71.15 -17.48
CA LYS D 240 16.43 -71.23 -18.72
C LYS D 240 17.45 -70.10 -18.75
N THR D 241 17.03 -68.90 -18.31
CA THR D 241 17.92 -67.75 -18.39
C THR D 241 19.06 -67.86 -17.39
N ILE D 242 18.81 -68.39 -16.18
CA ILE D 242 19.86 -68.43 -15.17
C ILE D 242 21.11 -69.14 -15.67
N ALA D 243 20.95 -70.16 -16.53
CA ALA D 243 22.11 -70.86 -17.08
C ALA D 243 23.04 -69.96 -17.87
N GLU D 244 22.61 -68.77 -18.27
CA GLU D 244 23.52 -67.82 -18.91
C GLU D 244 23.60 -66.52 -18.11
N GLY E 154 -43.51 -77.34 -22.36
CA GLY E 154 -43.44 -76.11 -21.59
C GLY E 154 -43.38 -76.35 -20.09
N SER E 155 -43.59 -77.61 -19.68
CA SER E 155 -43.65 -77.94 -18.27
C SER E 155 -42.31 -77.75 -17.56
N ASN E 156 -41.21 -77.74 -18.30
CA ASN E 156 -39.87 -77.59 -17.75
C ASN E 156 -39.35 -76.17 -17.91
N LEU E 157 -40.19 -75.23 -18.32
CA LEU E 157 -39.84 -73.83 -18.53
C LEU E 157 -40.48 -73.02 -17.41
N GLU E 158 -39.64 -72.40 -16.58
CA GLU E 158 -40.14 -71.50 -15.55
C GLU E 158 -39.54 -70.11 -15.70
N MET E 159 -40.33 -69.08 -15.37
CA MET E 159 -39.88 -67.70 -15.35
C MET E 159 -40.07 -67.08 -13.97
N ARG E 160 -39.09 -66.27 -13.55
CA ARG E 160 -39.25 -65.45 -12.36
C ARG E 160 -38.48 -64.15 -12.54
N LEU E 161 -38.92 -63.14 -11.80
CA LEU E 161 -38.16 -61.91 -11.57
C LEU E 161 -37.51 -61.99 -10.20
N THR E 162 -36.22 -61.70 -10.13
CA THR E 162 -35.47 -61.85 -8.88
C THR E 162 -34.89 -60.52 -8.40
N ARG E 163 -34.91 -60.32 -7.08
CA ARG E 163 -34.34 -59.17 -6.39
C ARG E 163 -35.04 -57.83 -6.60
N GLY E 164 -36.22 -57.77 -7.22
CA GLY E 164 -36.89 -56.49 -7.30
C GLY E 164 -37.89 -56.21 -6.20
N GLY E 165 -37.72 -56.81 -5.03
CA GLY E 165 -38.62 -56.53 -3.93
C GLY E 165 -40.00 -57.15 -4.07
N ASN E 166 -40.40 -57.49 -5.29
CA ASN E 166 -41.64 -58.23 -5.52
C ASN E 166 -41.45 -59.15 -6.73
N MET E 167 -42.49 -59.96 -6.99
CA MET E 167 -42.47 -60.96 -8.05
C MET E 167 -42.53 -60.35 -9.44
N CYS E 168 -42.81 -59.05 -9.56
CA CYS E 168 -42.96 -58.38 -10.84
C CYS E 168 -41.83 -57.40 -11.11
N SER E 169 -40.73 -57.51 -10.38
CA SER E 169 -39.56 -56.72 -10.67
C SER E 169 -38.30 -57.52 -10.37
N GLY E 170 -37.31 -57.41 -11.24
CA GLY E 170 -36.06 -58.08 -10.96
C GLY E 170 -35.33 -58.49 -12.22
N ARG E 171 -34.17 -59.09 -11.97
CA ARG E 171 -33.42 -59.79 -13.00
C ARG E 171 -34.23 -60.97 -13.52
N ILE E 172 -34.16 -61.19 -14.82
CA ILE E 172 -34.86 -62.26 -15.50
C ILE E 172 -34.14 -63.56 -15.17
N GLU E 173 -34.85 -64.51 -14.54
CA GLU E 173 -34.34 -65.86 -14.33
C GLU E 173 -35.27 -66.88 -14.97
N ILE E 174 -34.69 -67.81 -15.72
CA ILE E 174 -35.42 -68.90 -16.36
C ILE E 174 -34.92 -70.20 -15.79
N LYS E 175 -35.84 -71.03 -15.31
CA LYS E 175 -35.50 -72.38 -14.90
C LYS E 175 -35.68 -73.30 -16.10
N PHE E 176 -34.59 -73.95 -16.51
CA PHE E 176 -34.64 -74.96 -17.56
C PHE E 176 -33.86 -76.20 -17.12
N GLN E 177 -34.50 -77.35 -17.22
CA GLN E 177 -33.97 -78.65 -16.81
C GLN E 177 -33.38 -78.53 -15.38
N GLY E 178 -34.09 -77.79 -14.53
CA GLY E 178 -33.76 -77.54 -13.15
C GLY E 178 -32.70 -76.50 -12.83
N ARG E 179 -32.06 -75.87 -13.82
CA ARG E 179 -31.11 -74.79 -13.56
C ARG E 179 -31.67 -73.43 -13.97
N TRP E 180 -31.56 -72.48 -13.06
CA TRP E 180 -31.84 -71.07 -13.35
C TRP E 180 -30.71 -70.43 -14.13
N GLY E 181 -31.07 -69.52 -15.03
CA GLY E 181 -30.12 -68.74 -15.81
C GLY E 181 -30.76 -67.44 -16.24
N THR E 182 -29.97 -66.58 -16.88
CA THR E 182 -30.39 -65.20 -17.13
C THR E 182 -30.57 -64.94 -18.63
N VAL E 183 -30.92 -63.69 -18.94
CA VAL E 183 -31.10 -63.21 -20.30
C VAL E 183 -30.28 -61.94 -20.49
N CYS E 184 -29.61 -61.85 -21.64
CA CYS E 184 -28.82 -60.67 -21.97
C CYS E 184 -29.71 -59.49 -22.38
N ASP E 185 -29.21 -58.29 -22.11
CA ASP E 185 -29.88 -57.03 -22.46
C ASP E 185 -29.54 -56.54 -23.86
N ASP E 186 -28.65 -57.23 -24.57
CA ASP E 186 -28.41 -56.92 -25.98
C ASP E 186 -29.69 -56.95 -26.79
N ASN E 187 -29.93 -55.84 -27.50
CA ASN E 187 -31.15 -55.58 -28.28
C ASN E 187 -32.41 -55.69 -27.41
N PHE E 188 -32.26 -55.68 -26.09
CA PHE E 188 -33.41 -55.77 -25.20
C PHE E 188 -34.15 -54.44 -25.22
N ASN E 189 -35.48 -54.49 -25.21
CA ASN E 189 -36.27 -53.28 -25.40
C ASN E 189 -37.63 -53.45 -24.72
N ILE E 190 -38.47 -52.43 -24.85
CA ILE E 190 -39.76 -52.40 -24.17
C ILE E 190 -40.68 -53.51 -24.65
N ASP E 191 -40.48 -54.00 -25.88
CA ASP E 191 -41.32 -55.09 -26.37
C ASP E 191 -41.01 -56.40 -25.66
N HIS E 192 -39.74 -56.68 -25.39
CA HIS E 192 -39.37 -57.84 -24.58
C HIS E 192 -39.98 -57.76 -23.19
N ALA E 193 -39.83 -56.61 -22.53
CA ALA E 193 -40.45 -56.43 -21.22
C ALA E 193 -41.96 -56.58 -21.26
N SER E 194 -42.60 -56.09 -22.34
CA SER E 194 -44.06 -56.21 -22.43
C SER E 194 -44.47 -57.67 -22.54
N VAL E 195 -43.71 -58.46 -23.29
CA VAL E 195 -43.93 -59.90 -23.36
C VAL E 195 -43.77 -60.53 -21.99
N ILE E 196 -42.72 -60.15 -21.27
CA ILE E 196 -42.45 -60.74 -19.97
C ILE E 196 -43.56 -60.39 -18.98
N CYS E 197 -43.92 -59.11 -18.91
CA CYS E 197 -44.94 -58.64 -17.98
C CYS E 197 -46.31 -59.25 -18.29
N ARG E 198 -46.62 -59.45 -19.57
CA ARG E 198 -47.84 -60.18 -19.93
C ARG E 198 -47.76 -61.64 -19.52
N GLN E 199 -46.64 -62.30 -19.79
CA GLN E 199 -46.49 -63.71 -19.46
C GLN E 199 -46.62 -63.94 -17.96
N LEU E 200 -46.10 -63.02 -17.16
CA LEU E 200 -46.20 -63.10 -15.71
C LEU E 200 -47.49 -62.50 -15.16
N GLU E 201 -48.40 -62.07 -16.04
CA GLU E 201 -49.65 -61.37 -15.66
C GLU E 201 -49.35 -60.15 -14.80
N CYS E 202 -48.15 -59.58 -14.97
CA CYS E 202 -47.69 -58.48 -14.16
C CYS E 202 -48.09 -57.12 -14.73
N GLY E 203 -48.94 -57.11 -15.75
CA GLY E 203 -49.42 -55.89 -16.38
C GLY E 203 -48.59 -55.43 -17.56
N SER E 204 -48.51 -54.12 -17.77
CA SER E 204 -47.70 -53.58 -18.85
C SER E 204 -46.26 -53.45 -18.42
N ALA E 205 -45.35 -53.49 -19.40
CA ALA E 205 -43.97 -53.14 -19.12
C ALA E 205 -43.86 -51.69 -18.69
N VAL E 206 -43.00 -51.43 -17.71
CA VAL E 206 -42.71 -50.08 -17.25
C VAL E 206 -41.25 -49.71 -17.46
N SER E 207 -40.33 -50.59 -17.07
CA SER E 207 -38.92 -50.23 -17.15
C SER E 207 -38.08 -51.44 -17.50
N PHE E 208 -36.97 -51.19 -18.19
CA PHE E 208 -35.88 -52.14 -18.35
C PHE E 208 -34.57 -51.52 -17.90
N SER E 209 -33.68 -52.36 -17.36
CA SER E 209 -32.38 -51.87 -16.92
C SER E 209 -31.37 -53.00 -17.01
N GLY E 210 -30.10 -52.63 -17.14
CA GLY E 210 -29.01 -53.56 -17.02
C GLY E 210 -28.78 -54.08 -15.60
N SER E 211 -27.68 -54.82 -15.47
CA SER E 211 -27.33 -55.52 -14.23
C SER E 211 -27.05 -54.57 -13.08
N SER E 212 -26.81 -53.29 -13.38
CA SER E 212 -26.42 -52.32 -12.37
C SER E 212 -27.41 -52.23 -11.22
N ASN E 213 -28.71 -52.46 -11.46
CA ASN E 213 -29.71 -52.27 -10.44
C ASN E 213 -30.01 -53.52 -9.60
N PHE E 214 -29.83 -54.71 -10.15
CA PHE E 214 -30.14 -55.95 -9.43
C PHE E 214 -28.90 -56.78 -9.15
N GLY E 215 -27.72 -56.29 -9.55
CA GLY E 215 -26.49 -57.06 -9.50
C GLY E 215 -26.30 -58.11 -10.58
N GLU E 216 -25.05 -58.54 -10.70
CA GLU E 216 -24.67 -59.62 -11.60
C GLU E 216 -25.31 -60.95 -11.22
N GLY E 217 -25.70 -61.72 -12.24
CA GLY E 217 -26.16 -63.08 -12.06
C GLY E 217 -25.03 -64.09 -11.98
N SER E 218 -25.41 -65.36 -12.15
CA SER E 218 -24.46 -66.47 -12.16
C SER E 218 -25.02 -67.62 -12.97
N GLY E 219 -24.12 -68.32 -13.66
CA GLY E 219 -24.49 -69.50 -14.41
C GLY E 219 -24.45 -69.32 -15.91
N PRO E 220 -25.27 -70.08 -16.62
CA PRO E 220 -25.38 -69.90 -18.07
C PRO E 220 -26.19 -68.66 -18.42
N ILE E 221 -25.81 -68.01 -19.52
CA ILE E 221 -26.67 -67.07 -20.22
C ILE E 221 -27.45 -67.82 -21.28
N TRP E 222 -28.78 -67.85 -21.14
CA TRP E 222 -29.59 -68.69 -22.01
C TRP E 222 -29.91 -68.06 -23.35
N PHE E 223 -30.13 -66.75 -23.39
CA PHE E 223 -30.59 -66.05 -24.59
C PHE E 223 -29.82 -64.75 -24.79
N ASP E 224 -29.65 -64.40 -26.07
CA ASP E 224 -28.94 -63.19 -26.47
C ASP E 224 -29.45 -62.74 -27.82
N ASP E 225 -29.37 -61.43 -28.06
CA ASP E 225 -29.91 -60.79 -29.28
C ASP E 225 -31.32 -61.28 -29.61
N LEU E 226 -32.18 -61.29 -28.59
CA LEU E 226 -33.58 -61.65 -28.83
C LEU E 226 -34.25 -60.64 -29.76
N ILE E 227 -35.15 -61.14 -30.60
CA ILE E 227 -36.01 -60.32 -31.46
C ILE E 227 -37.47 -60.71 -31.25
N CYS E 228 -38.18 -59.97 -30.43
CA CYS E 228 -39.61 -60.10 -30.23
C CYS E 228 -40.35 -58.99 -30.96
N ASN E 229 -41.55 -59.29 -31.43
CA ASN E 229 -42.47 -58.25 -31.91
C ASN E 229 -43.32 -57.68 -30.79
N GLY E 230 -43.31 -58.29 -29.61
CA GLY E 230 -44.09 -57.87 -28.46
C GLY E 230 -45.46 -58.49 -28.33
N ASN E 231 -45.89 -59.32 -29.29
CA ASN E 231 -47.19 -59.95 -29.20
C ASN E 231 -47.10 -61.45 -28.93
N GLU E 232 -45.90 -61.99 -28.84
CA GLU E 232 -45.70 -63.41 -28.61
C GLU E 232 -46.21 -63.80 -27.22
N SER E 233 -46.77 -65.01 -27.12
CA SER E 233 -47.32 -65.45 -25.84
C SER E 233 -46.24 -65.77 -24.81
N ALA E 234 -45.00 -66.06 -25.21
CA ALA E 234 -43.95 -66.27 -24.23
C ALA E 234 -42.59 -65.93 -24.82
N LEU E 235 -41.67 -65.55 -23.94
CA LEU E 235 -40.34 -65.10 -24.36
C LEU E 235 -39.54 -66.17 -25.09
N TRP E 236 -39.65 -67.43 -24.65
CA TRP E 236 -38.94 -68.49 -25.37
C TRP E 236 -39.55 -68.86 -26.71
N ASN E 237 -40.67 -68.26 -27.10
CA ASN E 237 -41.16 -68.42 -28.46
C ASN E 237 -40.68 -67.33 -29.42
N CYS E 238 -40.04 -66.27 -28.94
CA CYS E 238 -39.38 -65.34 -29.84
C CYS E 238 -38.19 -66.00 -30.53
N LYS E 239 -37.86 -65.47 -31.70
CA LYS E 239 -36.72 -65.98 -32.46
C LYS E 239 -35.41 -65.72 -31.73
N HIS E 240 -34.60 -66.77 -31.62
CA HIS E 240 -33.34 -66.72 -30.88
C HIS E 240 -32.35 -67.64 -31.58
N GLN E 241 -31.07 -67.39 -31.34
CA GLN E 241 -30.01 -68.19 -31.96
C GLN E 241 -29.83 -69.54 -31.29
N GLY E 242 -30.50 -69.79 -30.17
CA GLY E 242 -30.40 -71.06 -29.49
C GLY E 242 -29.97 -70.95 -28.04
N TRP E 243 -30.30 -71.97 -27.25
CA TRP E 243 -30.00 -71.95 -25.83
C TRP E 243 -28.50 -71.97 -25.59
N GLY E 244 -28.02 -71.04 -24.77
CA GLY E 244 -26.63 -71.00 -24.40
C GLY E 244 -25.70 -70.41 -25.44
N LYS E 245 -26.22 -69.81 -26.49
CA LYS E 245 -25.41 -69.06 -27.45
C LYS E 245 -25.47 -67.59 -27.08
N HIS E 246 -24.35 -67.04 -26.63
CA HIS E 246 -24.28 -65.64 -26.28
C HIS E 246 -22.86 -65.13 -26.41
N ASN E 247 -22.74 -63.81 -26.55
CA ASN E 247 -21.47 -63.12 -26.39
C ASN E 247 -21.41 -62.33 -25.09
N CYS E 248 -22.49 -62.31 -24.31
CA CYS E 248 -22.60 -61.48 -23.12
C CYS E 248 -21.92 -62.13 -21.92
N ASP E 249 -21.59 -61.30 -20.93
CA ASP E 249 -21.27 -61.76 -19.60
C ASP E 249 -22.45 -61.49 -18.65
N HIS E 250 -22.33 -61.93 -17.40
CA HIS E 250 -23.43 -61.76 -16.47
C HIS E 250 -23.60 -60.32 -16.01
N ALA E 251 -22.64 -59.45 -16.28
CA ALA E 251 -22.81 -58.02 -16.07
C ALA E 251 -23.74 -57.38 -17.08
N GLU E 252 -24.09 -58.10 -18.15
CA GLU E 252 -25.01 -57.62 -19.17
C GLU E 252 -26.39 -58.27 -19.05
N ASP E 253 -26.69 -58.86 -17.90
CA ASP E 253 -27.99 -59.49 -17.61
C ASP E 253 -29.11 -58.45 -17.52
N ALA E 254 -30.09 -58.58 -18.42
CA ALA E 254 -31.26 -57.71 -18.45
C ALA E 254 -32.19 -57.92 -17.26
N GLY E 255 -32.78 -56.82 -16.78
CA GLY E 255 -33.79 -56.86 -15.75
C GLY E 255 -34.97 -55.99 -16.15
N VAL E 256 -36.12 -56.25 -15.51
CA VAL E 256 -37.36 -55.53 -15.82
C VAL E 256 -38.12 -55.12 -14.57
N ILE E 257 -38.93 -54.06 -14.71
CA ILE E 257 -39.92 -53.66 -13.72
C ILE E 257 -41.28 -53.57 -14.41
N CYS E 258 -42.28 -54.29 -13.89
CA CYS E 258 -43.65 -54.21 -14.43
C CYS E 258 -44.55 -53.32 -13.57
N SER E 259 -45.63 -52.84 -14.19
CA SER E 259 -46.52 -51.87 -13.54
C SER E 259 -47.19 -52.36 -12.26
N LYS E 260 -47.60 -53.64 -12.18
CA LYS E 260 -48.16 -54.13 -10.93
C LYS E 260 -47.10 -54.35 -9.86
N GLY E 261 -45.82 -54.37 -10.23
CA GLY E 261 -44.76 -54.57 -9.26
C GLY E 261 -44.06 -53.25 -8.99
N ALA E 262 -44.48 -52.23 -9.72
CA ALA E 262 -43.86 -50.91 -9.65
C ALA E 262 -44.68 -49.96 -8.78
N ASP E 263 -46.01 -49.96 -8.95
CA ASP E 263 -46.92 -49.18 -8.11
C ASP E 263 -46.56 -47.71 -8.18
N LEU E 264 -47.17 -46.98 -9.09
CA LEU E 264 -46.85 -45.57 -9.29
C LEU E 264 -48.03 -44.71 -8.93
N SER E 265 -47.74 -43.61 -8.23
CA SER E 265 -48.71 -42.56 -7.98
C SER E 265 -47.98 -41.23 -7.88
N LEU E 266 -48.63 -40.15 -8.28
CA LEU E 266 -48.07 -38.82 -8.17
C LEU E 266 -48.89 -37.99 -7.20
N ARG E 267 -48.21 -37.24 -6.33
CA ARG E 267 -48.88 -36.29 -5.46
C ARG E 267 -48.00 -35.05 -5.28
N LEU E 268 -48.64 -33.96 -4.87
CA LEU E 268 -48.00 -32.76 -4.39
C LEU E 268 -48.04 -32.68 -2.87
N VAL E 269 -46.95 -32.19 -2.28
CA VAL E 269 -46.87 -32.04 -0.83
C VAL E 269 -46.47 -30.60 -0.52
N ASP E 270 -47.06 -30.05 0.54
CA ASP E 270 -46.77 -28.70 1.04
C ASP E 270 -47.01 -27.66 -0.05
N GLY E 271 -47.94 -27.95 -0.95
CA GLY E 271 -48.34 -27.00 -1.96
C GLY E 271 -49.18 -25.85 -1.46
N VAL E 272 -49.24 -24.81 -2.29
CA VAL E 272 -50.27 -23.79 -2.12
C VAL E 272 -51.63 -24.36 -2.54
N THR E 273 -51.64 -25.28 -3.50
CA THR E 273 -52.82 -26.00 -3.94
C THR E 273 -52.47 -27.47 -4.03
N GLU E 274 -53.49 -28.32 -4.25
CA GLU E 274 -53.20 -29.73 -4.52
C GLU E 274 -52.43 -29.97 -5.80
N CYS E 275 -52.29 -28.97 -6.67
CA CYS E 275 -51.53 -29.12 -7.91
C CYS E 275 -50.30 -28.23 -7.95
N SER E 276 -49.85 -27.78 -6.79
CA SER E 276 -48.53 -27.19 -6.66
C SER E 276 -47.91 -27.80 -5.41
N GLY E 277 -46.59 -27.75 -5.34
CA GLY E 277 -45.89 -28.20 -4.16
C GLY E 277 -44.68 -28.99 -4.59
N ARG E 278 -44.02 -29.59 -3.61
CA ARG E 278 -42.94 -30.51 -3.94
C ARG E 278 -43.58 -31.76 -4.53
N LEU E 279 -42.97 -32.27 -5.61
CA LEU E 279 -43.50 -33.41 -6.31
C LEU E 279 -42.99 -34.70 -5.68
N GLU E 280 -43.91 -35.56 -5.26
CA GLU E 280 -43.56 -36.87 -4.72
C GLU E 280 -44.25 -37.98 -5.52
N VAL E 281 -43.49 -39.03 -5.80
CA VAL E 281 -43.98 -40.22 -6.46
C VAL E 281 -44.02 -41.35 -5.44
N ARG E 282 -45.15 -42.02 -5.35
CA ARG E 282 -45.25 -43.28 -4.64
C ARG E 282 -44.81 -44.39 -5.58
N PHE E 283 -43.83 -45.16 -5.13
CA PHE E 283 -43.28 -46.32 -5.83
C PHE E 283 -43.21 -47.49 -4.86
N GLN E 284 -43.86 -48.61 -5.25
CA GLN E 284 -43.92 -49.85 -4.48
C GLN E 284 -44.37 -49.60 -3.04
N GLY E 285 -45.25 -48.62 -2.87
CA GLY E 285 -45.82 -48.31 -1.58
C GLY E 285 -45.18 -47.17 -0.84
N GLU E 286 -43.96 -46.76 -1.19
CA GLU E 286 -43.30 -45.69 -0.45
C GLU E 286 -43.28 -44.42 -1.29
N TRP E 287 -43.48 -43.28 -0.64
CA TRP E 287 -43.38 -41.99 -1.30
C TRP E 287 -41.97 -41.43 -1.22
N GLY E 288 -41.53 -40.81 -2.31
CA GLY E 288 -40.28 -40.07 -2.27
C GLY E 288 -40.37 -38.92 -3.25
N THR E 289 -39.39 -38.04 -3.19
CA THR E 289 -39.43 -36.85 -4.02
C THR E 289 -38.59 -37.05 -5.29
N ILE E 290 -38.59 -36.05 -6.16
CA ILE E 290 -37.76 -36.04 -7.36
C ILE E 290 -36.80 -34.85 -7.32
N CYS E 291 -35.56 -35.08 -7.74
CA CYS E 291 -34.59 -33.99 -7.84
C CYS E 291 -34.85 -33.17 -9.09
N ASP E 292 -34.48 -31.89 -9.02
CA ASP E 292 -34.71 -30.89 -10.06
C ASP E 292 -33.74 -30.93 -11.24
N ASP E 293 -32.73 -31.79 -11.21
CA ASP E 293 -31.75 -31.83 -12.30
C ASP E 293 -32.42 -32.19 -13.62
N GLY E 294 -32.38 -31.24 -14.56
CA GLY E 294 -33.00 -31.30 -15.86
C GLY E 294 -34.50 -31.11 -15.89
N TRP E 295 -35.11 -30.83 -14.75
CA TRP E 295 -36.57 -30.69 -14.65
C TRP E 295 -36.98 -29.46 -15.45
N ASP E 296 -37.85 -29.62 -16.44
CA ASP E 296 -38.15 -28.49 -17.31
C ASP E 296 -39.66 -28.27 -17.37
N SER E 297 -40.07 -27.30 -18.18
CA SER E 297 -41.48 -26.93 -18.32
C SER E 297 -42.32 -28.00 -19.02
N TYR E 298 -41.70 -28.84 -19.83
CA TYR E 298 -42.45 -29.95 -20.42
C TYR E 298 -42.79 -31.01 -19.38
N ASP E 299 -41.86 -31.30 -18.47
CA ASP E 299 -42.14 -32.23 -17.38
C ASP E 299 -43.23 -31.67 -16.48
N ALA E 300 -43.10 -30.40 -16.10
CA ALA E 300 -44.13 -29.74 -15.31
C ALA E 300 -45.46 -29.72 -16.02
N ALA E 301 -45.46 -29.51 -17.34
CA ALA E 301 -46.69 -29.51 -18.11
C ALA E 301 -47.36 -30.88 -18.10
N VAL E 302 -46.59 -31.95 -18.25
CA VAL E 302 -47.16 -33.30 -18.15
C VAL E 302 -47.75 -33.53 -16.77
N ALA E 303 -47.02 -33.15 -15.71
CA ALA E 303 -47.54 -33.31 -14.36
C ALA E 303 -48.82 -32.52 -14.14
N CYS E 304 -48.81 -31.25 -14.54
CA CYS E 304 -49.98 -30.38 -14.42
C CYS E 304 -51.18 -30.95 -15.17
N LYS E 305 -50.96 -31.44 -16.39
CA LYS E 305 -52.04 -32.08 -17.14
C LYS E 305 -52.59 -33.28 -16.41
N GLN E 306 -51.70 -34.11 -15.84
CA GLN E 306 -52.16 -35.28 -15.11
C GLN E 306 -52.97 -34.89 -13.88
N LEU E 307 -52.61 -33.79 -13.22
CA LEU E 307 -53.40 -33.36 -12.08
C LEU E 307 -54.72 -32.70 -12.47
N GLY E 308 -54.94 -32.45 -13.75
CA GLY E 308 -56.10 -31.73 -14.26
C GLY E 308 -56.16 -30.24 -14.00
N CYS E 309 -55.05 -29.62 -13.66
CA CYS E 309 -54.96 -28.17 -13.45
C CYS E 309 -54.61 -27.44 -14.73
N PRO E 310 -54.89 -26.14 -14.80
CA PRO E 310 -54.50 -25.37 -15.99
C PRO E 310 -52.99 -25.42 -16.20
N THR E 311 -52.60 -25.55 -17.46
CA THR E 311 -51.21 -25.70 -17.87
C THR E 311 -50.70 -24.52 -18.68
N ALA E 312 -51.41 -23.39 -18.66
CA ALA E 312 -50.96 -22.23 -19.42
C ALA E 312 -49.64 -21.70 -18.87
N VAL E 313 -49.45 -21.73 -17.55
CA VAL E 313 -48.19 -21.30 -16.95
C VAL E 313 -47.78 -22.31 -15.89
N THR E 314 -46.55 -22.80 -15.99
CA THR E 314 -46.01 -23.85 -15.13
C THR E 314 -44.66 -23.41 -14.61
N ALA E 315 -44.55 -23.23 -13.30
CA ALA E 315 -43.28 -22.91 -12.67
C ALA E 315 -42.64 -24.13 -12.03
N ILE E 316 -41.31 -24.14 -12.03
CA ILE E 316 -40.51 -25.05 -11.23
C ILE E 316 -40.26 -24.46 -9.84
N GLY E 317 -39.88 -25.32 -8.92
CA GLY E 317 -39.41 -24.94 -7.60
C GLY E 317 -40.43 -25.25 -6.50
N ARG E 318 -39.92 -25.10 -5.27
CA ARG E 318 -40.62 -25.45 -4.02
C ARG E 318 -41.02 -24.20 -3.22
N VAL E 319 -42.30 -23.86 -3.27
CA VAL E 319 -42.86 -22.78 -2.47
C VAL E 319 -43.46 -23.41 -1.21
N ASN E 320 -42.95 -23.01 -0.04
CA ASN E 320 -43.30 -23.62 1.25
C ASN E 320 -43.07 -25.13 1.32
N ALA E 321 -42.55 -25.74 0.25
CA ALA E 321 -42.30 -27.17 0.30
C ALA E 321 -41.02 -27.48 1.05
N SER E 322 -41.11 -28.41 2.01
CA SER E 322 -39.96 -28.84 2.77
C SER E 322 -38.96 -29.57 1.87
N LYS E 323 -37.80 -29.89 2.43
CA LYS E 323 -36.92 -30.83 1.78
C LYS E 323 -37.48 -32.23 1.94
N GLY E 324 -37.44 -33.02 0.88
CA GLY E 324 -37.85 -34.41 0.97
C GLY E 324 -36.92 -35.23 1.84
N PHE E 325 -37.30 -36.51 1.97
CA PHE E 325 -36.46 -37.48 2.67
C PHE E 325 -36.59 -38.82 1.97
N GLY E 326 -35.57 -39.66 2.13
CA GLY E 326 -35.61 -41.00 1.58
C GLY E 326 -35.13 -41.06 0.14
N HIS E 327 -35.91 -41.73 -0.70
CA HIS E 327 -35.52 -42.02 -2.07
C HIS E 327 -35.75 -40.83 -2.98
N ILE E 328 -34.84 -40.65 -3.93
CA ILE E 328 -35.08 -39.85 -5.13
C ILE E 328 -35.26 -40.82 -6.27
N TRP E 329 -36.47 -40.92 -6.81
CA TRP E 329 -36.77 -41.99 -7.76
C TRP E 329 -36.42 -41.67 -9.19
N LEU E 330 -36.61 -40.43 -9.64
CA LEU E 330 -36.33 -40.06 -11.02
C LEU E 330 -35.30 -38.94 -11.06
N ASP E 331 -34.39 -39.01 -12.02
CA ASP E 331 -33.38 -37.97 -12.22
C ASP E 331 -33.13 -37.70 -13.69
N SER E 332 -32.81 -36.44 -13.99
CA SER E 332 -32.56 -35.96 -15.34
C SER E 332 -33.68 -36.35 -16.30
N VAL E 333 -34.91 -36.13 -15.85
CA VAL E 333 -36.06 -36.33 -16.72
C VAL E 333 -36.03 -35.36 -17.89
N SER E 334 -36.20 -35.88 -19.10
CA SER E 334 -36.24 -35.03 -20.30
C SER E 334 -37.34 -35.66 -21.15
N CYS E 335 -38.52 -35.06 -21.02
CA CYS E 335 -39.75 -35.42 -21.71
C CYS E 335 -39.92 -34.58 -22.98
N GLN E 336 -40.72 -35.08 -23.92
CA GLN E 336 -41.13 -34.25 -25.05
C GLN E 336 -42.47 -33.54 -24.84
N GLY E 337 -43.19 -33.81 -23.75
CA GLY E 337 -44.43 -33.13 -23.46
C GLY E 337 -45.71 -33.78 -23.93
N HIS E 338 -45.65 -34.86 -24.70
CA HIS E 338 -46.88 -35.47 -25.20
C HIS E 338 -47.24 -36.71 -24.40
N GLU E 339 -46.29 -37.22 -23.64
CA GLU E 339 -46.46 -38.40 -22.81
C GLU E 339 -47.61 -38.20 -21.83
N PRO E 340 -48.42 -39.23 -21.57
CA PRO E 340 -49.54 -39.06 -20.63
C PRO E 340 -49.12 -39.09 -19.17
N ALA E 341 -47.93 -39.56 -18.84
CA ALA E 341 -47.48 -39.58 -17.45
C ALA E 341 -45.97 -39.47 -17.40
N ILE E 342 -45.48 -38.91 -16.30
CA ILE E 342 -44.07 -38.56 -16.13
C ILE E 342 -43.15 -39.78 -16.19
N TRP E 343 -43.59 -40.92 -15.67
CA TRP E 343 -42.74 -42.11 -15.75
C TRP E 343 -42.67 -42.79 -17.13
N GLN E 344 -43.30 -42.25 -18.17
CA GLN E 344 -43.02 -42.75 -19.51
C GLN E 344 -42.10 -41.85 -20.31
N CYS E 345 -41.75 -40.68 -19.78
CA CYS E 345 -40.71 -39.87 -20.38
C CYS E 345 -39.35 -40.54 -20.12
N LYS E 346 -38.32 -40.10 -20.84
CA LYS E 346 -36.95 -40.56 -20.59
C LYS E 346 -36.39 -40.15 -19.23
N HIS E 347 -35.69 -41.09 -18.59
CA HIS E 347 -35.05 -40.88 -17.29
C HIS E 347 -33.92 -41.89 -17.14
N HIS E 348 -33.02 -41.61 -16.20
CA HIS E 348 -32.02 -42.59 -15.78
C HIS E 348 -32.67 -43.75 -15.01
N GLU E 349 -31.87 -44.78 -14.76
CA GLU E 349 -32.27 -45.92 -13.94
C GLU E 349 -32.76 -45.47 -12.56
N TRP E 350 -33.83 -46.11 -12.10
CA TRP E 350 -34.49 -45.81 -10.84
C TRP E 350 -33.63 -45.98 -9.59
N GLY E 351 -33.60 -44.95 -8.74
CA GLY E 351 -32.83 -44.95 -7.52
C GLY E 351 -31.34 -44.71 -7.61
N LYS E 352 -30.78 -44.57 -8.81
CA LYS E 352 -29.38 -44.26 -8.96
C LYS E 352 -29.30 -42.77 -9.24
N HIS E 353 -28.78 -42.01 -8.29
CA HIS E 353 -28.76 -40.57 -8.45
C HIS E 353 -27.59 -39.97 -7.69
N TYR E 354 -27.26 -38.74 -8.07
CA TYR E 354 -26.37 -37.89 -7.31
C TYR E 354 -27.05 -36.74 -6.60
N CYS E 355 -28.38 -36.61 -6.73
CA CYS E 355 -29.05 -35.44 -6.17
C CYS E 355 -29.16 -35.56 -4.65
N ASN E 356 -29.26 -34.41 -3.99
CA ASN E 356 -29.64 -34.34 -2.58
C ASN E 356 -31.01 -33.70 -2.44
N HIS E 357 -31.61 -33.87 -1.27
CA HIS E 357 -32.94 -33.30 -1.07
C HIS E 357 -32.97 -31.78 -1.07
N ASN E 358 -31.83 -31.09 -1.23
CA ASN E 358 -31.88 -29.67 -1.52
C ASN E 358 -32.20 -29.38 -2.98
N GLU E 359 -31.97 -30.36 -3.85
CA GLU E 359 -32.21 -30.27 -5.28
C GLU E 359 -33.53 -30.92 -5.67
N ASP E 360 -34.44 -31.08 -4.73
CA ASP E 360 -35.76 -31.64 -5.03
C ASP E 360 -36.62 -30.71 -5.89
N ALA E 361 -37.11 -31.28 -6.99
CA ALA E 361 -38.01 -30.62 -7.92
C ALA E 361 -39.37 -30.32 -7.29
N GLY E 362 -39.96 -29.20 -7.73
CA GLY E 362 -41.29 -28.83 -7.31
C GLY E 362 -42.00 -28.17 -8.48
N VAL E 363 -43.32 -28.06 -8.39
CA VAL E 363 -44.07 -27.42 -9.47
C VAL E 363 -45.13 -26.49 -8.90
N THR E 364 -45.47 -25.47 -9.69
CA THR E 364 -46.67 -24.65 -9.52
C THR E 364 -47.45 -24.54 -10.82
N CYS E 365 -48.68 -25.04 -10.85
CA CYS E 365 -49.48 -25.03 -12.08
C CYS E 365 -50.52 -23.92 -11.95
N SER E 366 -50.56 -23.03 -12.94
CA SER E 366 -51.42 -21.86 -12.91
C SER E 366 -51.97 -21.57 -14.30
N ASP E 367 -53.14 -20.94 -14.32
CA ASP E 367 -53.76 -20.44 -15.53
C ASP E 367 -53.33 -19.01 -15.88
N GLY E 368 -52.45 -18.41 -15.07
CA GLY E 368 -52.00 -17.05 -15.27
C GLY E 368 -52.80 -15.96 -14.58
N SER E 369 -53.97 -16.26 -14.03
CA SER E 369 -54.81 -15.23 -13.44
C SER E 369 -54.32 -14.81 -12.07
N ASP E 370 -53.44 -15.60 -11.46
CA ASP E 370 -52.96 -15.37 -10.11
C ASP E 370 -51.50 -14.89 -10.09
N LEU E 371 -50.99 -14.42 -11.23
CA LEU E 371 -49.62 -13.93 -11.35
C LEU E 371 -49.69 -12.41 -11.43
N GLU E 372 -49.14 -11.73 -10.44
CA GLU E 372 -48.97 -10.28 -10.46
C GLU E 372 -47.50 -9.88 -10.40
N LEU E 373 -47.18 -8.77 -11.06
CA LEU E 373 -45.83 -8.20 -11.04
C LEU E 373 -45.93 -6.73 -10.71
N ARG E 374 -45.11 -6.25 -9.78
CA ARG E 374 -45.07 -4.84 -9.42
C ARG E 374 -43.68 -4.46 -8.94
N LEU E 375 -43.36 -3.18 -9.06
CA LEU E 375 -42.19 -2.60 -8.44
C LEU E 375 -42.62 -1.88 -7.17
N ARG E 376 -41.91 -2.11 -6.08
CA ARG E 376 -42.17 -1.44 -4.82
C ARG E 376 -40.91 -0.75 -4.31
N GLY E 377 -41.11 0.40 -3.68
CA GLY E 377 -40.07 1.05 -2.92
C GLY E 377 -39.13 1.93 -3.70
N GLY E 378 -39.38 2.20 -4.98
CA GLY E 378 -38.56 3.12 -5.73
C GLY E 378 -39.24 4.46 -5.91
N GLY E 379 -40.24 4.76 -5.07
CA GLY E 379 -40.94 6.01 -5.14
C GLY E 379 -42.02 6.08 -6.20
N SER E 380 -42.00 5.19 -7.18
CA SER E 380 -43.09 5.07 -8.15
C SER E 380 -43.33 3.61 -8.46
N ARG E 381 -44.42 3.34 -9.19
CA ARG E 381 -44.69 1.99 -9.65
C ARG E 381 -43.69 1.50 -10.68
N CYS E 382 -42.81 2.37 -11.17
CA CYS E 382 -41.88 2.03 -12.23
C CYS E 382 -40.44 2.06 -11.76
N ALA E 383 -40.20 2.14 -10.45
CA ALA E 383 -38.85 1.96 -9.94
C ALA E 383 -38.93 1.28 -8.57
N GLY E 384 -37.97 0.44 -8.31
CA GLY E 384 -37.92 -0.18 -7.01
C GLY E 384 -37.44 -1.60 -7.10
N THR E 385 -37.60 -2.29 -5.98
CA THR E 385 -37.41 -3.73 -5.94
C THR E 385 -38.56 -4.38 -6.68
N VAL E 386 -38.24 -5.39 -7.48
CA VAL E 386 -39.23 -6.16 -8.21
C VAL E 386 -39.90 -7.14 -7.26
N GLU E 387 -41.16 -6.89 -6.96
CA GLU E 387 -41.97 -7.80 -6.16
C GLU E 387 -42.88 -8.54 -7.12
N VAL E 388 -43.04 -9.82 -6.86
CA VAL E 388 -43.88 -10.71 -7.63
C VAL E 388 -44.87 -11.31 -6.65
N GLU E 389 -46.09 -11.58 -7.13
CA GLU E 389 -47.06 -12.29 -6.33
C GLU E 389 -47.51 -13.51 -7.13
N ILE E 390 -47.24 -14.69 -6.61
CA ILE E 390 -47.55 -15.94 -7.29
C ILE E 390 -48.33 -16.82 -6.33
N GLN E 391 -49.53 -17.22 -6.75
CA GLN E 391 -50.44 -17.99 -5.90
C GLN E 391 -50.66 -17.32 -4.54
N ARG E 392 -50.76 -16.00 -4.55
CA ARG E 392 -50.88 -15.16 -3.36
C ARG E 392 -49.65 -15.20 -2.45
N LEU E 393 -48.53 -15.71 -2.93
CA LEU E 393 -47.27 -15.64 -2.18
C LEU E 393 -46.40 -14.52 -2.76
N LEU E 394 -46.06 -13.55 -1.92
CA LEU E 394 -45.15 -12.47 -2.28
C LEU E 394 -43.71 -12.95 -2.27
N GLY E 395 -42.94 -12.54 -3.28
CA GLY E 395 -41.50 -12.71 -3.26
C GLY E 395 -40.78 -11.70 -4.13
N LYS E 396 -39.46 -11.84 -4.21
CA LYS E 396 -38.61 -10.91 -4.95
C LYS E 396 -37.72 -11.66 -5.93
N VAL E 397 -37.34 -10.99 -7.01
CA VAL E 397 -36.40 -11.51 -8.00
C VAL E 397 -34.95 -11.31 -7.55
N CYS E 398 -34.17 -12.37 -7.61
CA CYS E 398 -32.73 -12.28 -7.35
C CYS E 398 -31.99 -11.66 -8.54
N ASP E 399 -30.95 -10.88 -8.23
CA ASP E 399 -30.13 -10.19 -9.24
C ASP E 399 -29.13 -11.08 -9.96
N ARG E 400 -28.92 -12.31 -9.50
CA ARG E 400 -28.06 -13.24 -10.21
C ARG E 400 -28.64 -13.54 -11.59
N GLY E 401 -27.94 -13.11 -12.64
CA GLY E 401 -28.46 -13.22 -13.99
C GLY E 401 -29.38 -12.08 -14.40
N TRP E 402 -29.55 -11.08 -13.55
CA TRP E 402 -30.43 -9.95 -13.81
C TRP E 402 -29.67 -8.92 -14.64
N GLY E 403 -30.11 -8.69 -15.86
CA GLY E 403 -29.47 -7.68 -16.69
C GLY E 403 -30.44 -6.63 -17.16
N LEU E 404 -30.00 -5.75 -18.05
CA LEU E 404 -30.89 -4.74 -18.61
C LEU E 404 -32.00 -5.37 -19.46
N LYS E 405 -31.77 -6.55 -20.01
CA LYS E 405 -32.80 -7.19 -20.81
C LYS E 405 -34.00 -7.60 -19.97
N GLU E 406 -33.76 -8.24 -18.83
CA GLU E 406 -34.87 -8.61 -17.95
C GLU E 406 -35.61 -7.40 -17.39
N ALA E 407 -34.89 -6.38 -16.95
CA ALA E 407 -35.55 -5.18 -16.45
C ALA E 407 -36.36 -4.48 -17.54
N ASP E 408 -35.82 -4.44 -18.76
CA ASP E 408 -36.58 -3.78 -19.81
C ASP E 408 -37.83 -4.56 -20.16
N VAL E 409 -37.74 -5.89 -20.13
CA VAL E 409 -38.92 -6.73 -20.29
C VAL E 409 -39.97 -6.47 -19.21
N VAL E 410 -39.57 -6.39 -17.94
CA VAL E 410 -40.56 -6.13 -16.90
C VAL E 410 -41.21 -4.75 -17.08
N CYS E 411 -40.40 -3.70 -17.28
CA CYS E 411 -40.99 -2.37 -17.49
C CYS E 411 -41.88 -2.32 -18.73
N ARG E 412 -41.49 -2.98 -19.81
CA ARG E 412 -42.32 -2.95 -21.01
C ARG E 412 -43.62 -3.70 -20.78
N GLN E 413 -43.55 -4.89 -20.17
CA GLN E 413 -44.77 -5.62 -19.87
C GLN E 413 -45.67 -4.78 -18.97
N LEU E 414 -45.07 -4.04 -18.03
CA LEU E 414 -45.76 -3.15 -17.12
C LEU E 414 -46.05 -1.78 -17.73
N GLY E 415 -45.69 -1.56 -18.99
CA GLY E 415 -45.84 -0.26 -19.60
C GLY E 415 -45.04 0.86 -18.97
N CYS E 416 -43.83 0.57 -18.49
CA CYS E 416 -42.98 1.54 -17.84
C CYS E 416 -41.84 2.02 -18.75
N GLY E 417 -41.91 1.70 -20.03
CA GLY E 417 -40.90 2.06 -21.01
C GLY E 417 -39.69 1.16 -20.98
N SER E 418 -38.49 1.73 -21.08
CA SER E 418 -37.28 0.92 -21.09
C SER E 418 -36.55 1.00 -19.76
N ALA E 419 -35.78 -0.05 -19.48
CA ALA E 419 -34.89 -0.08 -18.33
C ALA E 419 -33.70 0.82 -18.60
N LEU E 420 -33.43 1.79 -17.73
CA LEU E 420 -32.24 2.60 -17.98
C LEU E 420 -31.03 2.17 -17.18
N LYS E 421 -31.20 1.35 -16.14
CA LYS E 421 -30.25 1.30 -15.04
C LYS E 421 -30.84 0.71 -13.76
N THR E 422 -30.07 -0.14 -13.10
CA THR E 422 -30.53 -0.88 -11.93
C THR E 422 -29.72 -0.36 -10.74
N SER E 423 -30.31 0.50 -9.92
CA SER E 423 -29.45 1.33 -9.08
C SER E 423 -30.01 1.38 -7.67
N TYR E 424 -29.40 2.23 -6.83
CA TYR E 424 -29.89 2.57 -5.50
C TYR E 424 -30.70 3.87 -5.45
N GLN E 425 -31.82 3.81 -4.76
CA GLN E 425 -32.65 4.97 -4.43
C GLN E 425 -33.39 4.56 -3.16
N VAL E 426 -33.05 5.21 -2.04
CA VAL E 426 -32.84 4.38 -0.84
C VAL E 426 -34.06 3.61 -0.34
N TYR E 427 -34.81 4.10 0.65
CA TYR E 427 -36.24 4.39 0.65
C TYR E 427 -36.79 3.72 1.91
N SER E 428 -38.09 3.76 2.15
CA SER E 428 -38.70 2.78 3.06
C SER E 428 -39.37 1.69 2.23
N LYS E 429 -38.60 0.63 1.95
CA LYS E 429 -39.02 -0.55 1.21
C LYS E 429 -39.68 -1.55 2.17
N ILE E 430 -40.47 -2.46 1.61
CA ILE E 430 -41.29 -3.41 2.37
C ILE E 430 -40.54 -4.72 2.54
N GLN E 431 -40.50 -5.22 3.79
CA GLN E 431 -39.64 -6.33 4.19
C GLN E 431 -40.48 -7.29 5.02
N ALA E 432 -40.18 -8.58 4.94
CA ALA E 432 -39.16 -9.18 4.08
C ALA E 432 -39.77 -10.41 3.43
N THR E 433 -38.99 -11.19 2.67
CA THR E 433 -39.51 -12.45 2.17
C THR E 433 -38.56 -13.59 2.54
N ASN E 434 -39.04 -14.83 2.40
CA ASN E 434 -38.21 -16.03 2.32
C ASN E 434 -38.19 -16.66 0.93
N THR E 435 -38.97 -16.14 -0.02
CA THR E 435 -39.13 -16.72 -1.35
C THR E 435 -38.54 -15.80 -2.41
N TRP E 436 -37.68 -16.34 -3.25
CA TRP E 436 -36.95 -15.59 -4.26
C TRP E 436 -37.21 -16.20 -5.64
N LEU E 437 -37.32 -15.32 -6.64
CA LEU E 437 -37.36 -15.72 -8.03
C LEU E 437 -36.00 -15.55 -8.71
N PHE E 438 -35.52 -16.63 -9.30
CA PHE E 438 -34.30 -16.66 -10.11
C PHE E 438 -34.63 -16.81 -11.58
N LEU E 439 -34.04 -15.95 -12.40
CA LEU E 439 -34.17 -15.97 -13.85
C LEU E 439 -32.87 -16.49 -14.45
N SER E 440 -32.96 -17.51 -15.30
CA SER E 440 -31.74 -18.04 -15.89
C SER E 440 -31.28 -17.22 -17.08
N SER E 441 -32.23 -16.75 -17.90
CA SER E 441 -31.97 -15.75 -18.93
C SER E 441 -33.23 -15.46 -19.75
N CYS E 442 -33.42 -14.20 -20.12
CA CYS E 442 -34.37 -13.81 -21.15
C CYS E 442 -33.62 -13.39 -22.41
N ASN E 443 -34.29 -13.55 -23.56
CA ASN E 443 -33.74 -12.98 -24.78
C ASN E 443 -33.90 -11.47 -24.81
N GLY E 444 -34.91 -10.95 -24.13
CA GLY E 444 -35.20 -9.53 -24.09
C GLY E 444 -36.32 -9.09 -25.02
N ASN E 445 -36.77 -9.96 -25.91
CA ASN E 445 -37.86 -9.65 -26.82
C ASN E 445 -39.19 -10.20 -26.34
N GLU E 446 -39.18 -10.86 -25.18
CA GLU E 446 -40.39 -11.44 -24.60
C GLU E 446 -41.41 -10.36 -24.27
N THR E 447 -42.69 -10.73 -24.37
CA THR E 447 -43.77 -9.83 -24.02
C THR E 447 -44.06 -9.85 -22.52
N SER E 448 -43.75 -10.96 -21.85
CA SER E 448 -44.00 -11.14 -20.43
C SER E 448 -42.82 -11.84 -19.78
N LEU E 449 -42.58 -11.52 -18.51
CA LEU E 449 -41.60 -12.25 -17.72
C LEU E 449 -41.89 -13.74 -17.71
N TRP E 450 -43.18 -14.11 -17.79
CA TRP E 450 -43.56 -15.52 -17.81
C TRP E 450 -43.18 -16.22 -19.09
N ASP E 451 -42.92 -15.46 -20.16
CA ASP E 451 -42.50 -16.10 -21.41
C ASP E 451 -41.03 -16.43 -21.45
N CYS E 452 -40.23 -15.93 -20.50
CA CYS E 452 -38.84 -16.35 -20.41
C CYS E 452 -38.78 -17.80 -19.99
N LYS E 453 -37.83 -18.54 -20.56
CA LYS E 453 -37.76 -19.97 -20.29
C LYS E 453 -37.10 -20.26 -18.95
N ASN E 454 -37.54 -21.35 -18.32
CA ASN E 454 -36.84 -21.98 -17.20
C ASN E 454 -36.70 -21.05 -16.00
N TRP E 455 -37.63 -20.13 -15.81
CA TRP E 455 -37.60 -19.33 -14.58
C TRP E 455 -37.98 -20.18 -13.37
N GLN E 456 -37.26 -19.97 -12.27
CA GLN E 456 -37.44 -20.72 -11.03
C GLN E 456 -38.09 -19.85 -9.96
N TRP E 457 -39.16 -20.36 -9.37
CA TRP E 457 -39.88 -19.71 -8.27
C TRP E 457 -39.56 -20.40 -6.96
N GLY E 458 -38.84 -19.71 -6.08
CA GLY E 458 -38.43 -20.25 -4.81
C GLY E 458 -37.51 -21.44 -4.86
N GLY E 459 -37.14 -21.94 -3.67
CA GLY E 459 -36.49 -23.23 -3.52
C GLY E 459 -35.00 -23.31 -3.72
N LEU E 460 -34.30 -22.19 -3.92
CA LEU E 460 -32.83 -22.28 -3.99
C LEU E 460 -32.22 -21.05 -3.32
N THR E 461 -32.05 -21.14 -1.99
CA THR E 461 -30.89 -20.70 -1.22
C THR E 461 -30.13 -19.52 -1.80
N CYS E 462 -30.79 -18.39 -2.02
CA CYS E 462 -30.11 -17.24 -2.57
C CYS E 462 -28.97 -16.80 -1.65
N ASP E 463 -27.89 -16.33 -2.26
CA ASP E 463 -26.73 -15.89 -1.51
C ASP E 463 -26.96 -14.48 -0.96
N HIS E 464 -25.88 -13.84 -0.52
CA HIS E 464 -25.92 -12.58 0.23
C HIS E 464 -25.88 -11.34 -0.65
N TYR E 465 -26.26 -11.46 -1.92
CA TYR E 465 -26.26 -10.35 -2.86
C TYR E 465 -27.67 -9.98 -3.35
N GLU E 466 -28.60 -9.98 -2.41
CA GLU E 466 -30.04 -9.82 -2.62
C GLU E 466 -30.38 -8.41 -3.12
N GLU E 467 -31.66 -8.21 -3.40
CA GLU E 467 -32.26 -6.89 -3.65
C GLU E 467 -31.78 -6.19 -4.92
N ALA E 468 -32.10 -6.73 -6.09
CA ALA E 468 -31.91 -5.98 -7.32
C ALA E 468 -33.02 -4.93 -7.43
N LYS E 469 -32.66 -3.75 -7.90
CA LYS E 469 -33.67 -2.69 -7.88
C LYS E 469 -33.42 -1.85 -9.13
N ILE E 470 -34.49 -1.64 -9.89
CA ILE E 470 -34.44 -0.94 -11.17
C ILE E 470 -34.99 0.47 -11.10
N THR E 471 -34.41 1.40 -11.86
CA THR E 471 -35.12 2.60 -12.25
C THR E 471 -35.19 2.58 -13.77
N CYS E 472 -36.38 2.43 -14.32
CA CYS E 472 -36.63 2.47 -15.75
C CYS E 472 -37.01 3.87 -16.24
N SER E 473 -36.98 4.06 -17.56
CA SER E 473 -37.23 5.36 -18.18
C SER E 473 -38.60 5.98 -17.93
N ALA E 474 -39.66 5.19 -17.75
CA ALA E 474 -40.88 5.92 -17.42
C ALA E 474 -40.97 6.31 -15.95
N HIS E 475 -39.85 6.27 -15.20
CA HIS E 475 -39.90 6.69 -13.81
C HIS E 475 -40.18 8.17 -13.67
N ARG E 476 -39.45 9.01 -14.39
CA ARG E 476 -39.75 10.43 -14.48
C ARG E 476 -39.62 10.88 -15.93
N GLU E 477 -40.70 11.40 -16.50
CA GLU E 477 -40.66 11.83 -17.90
C GLU E 477 -40.82 13.34 -18.00
N PRO E 478 -39.83 14.06 -18.52
CA PRO E 478 -39.99 15.50 -18.72
C PRO E 478 -40.73 15.82 -20.01
N ARG E 479 -41.28 17.03 -20.05
CA ARG E 479 -41.70 17.67 -21.28
C ARG E 479 -41.63 19.18 -21.10
N LEU E 480 -41.57 19.89 -22.24
CA LEU E 480 -41.68 21.34 -22.28
C LEU E 480 -43.04 21.71 -22.86
N VAL E 481 -43.74 22.60 -22.17
CA VAL E 481 -45.08 23.01 -22.55
C VAL E 481 -45.14 24.52 -22.69
N GLY E 482 -45.82 24.97 -23.75
CA GLY E 482 -46.16 26.38 -23.91
C GLY E 482 -45.10 27.27 -24.53
N GLY E 483 -43.99 26.72 -24.99
CA GLY E 483 -43.07 27.52 -25.77
C GLY E 483 -43.37 27.53 -27.26
N ASP E 484 -42.78 28.51 -27.95
CA ASP E 484 -42.99 28.67 -29.39
C ASP E 484 -42.26 27.61 -30.20
N ILE E 485 -41.27 26.95 -29.62
CA ILE E 485 -40.56 25.86 -30.26
C ILE E 485 -40.50 24.68 -29.31
N PRO E 486 -40.41 23.45 -29.81
CA PRO E 486 -40.40 22.28 -28.92
C PRO E 486 -39.27 22.26 -27.90
N CYS E 487 -38.16 22.93 -28.18
CA CYS E 487 -37.04 22.97 -27.24
C CYS E 487 -37.11 24.16 -26.29
N SER E 488 -38.29 24.75 -26.11
CA SER E 488 -38.46 25.85 -25.17
C SER E 488 -39.81 25.75 -24.48
N GLY E 489 -39.83 25.99 -23.17
CA GLY E 489 -41.11 26.00 -22.47
C GLY E 489 -40.97 25.77 -20.99
N ARG E 490 -42.12 25.79 -20.31
CA ARG E 490 -42.21 25.35 -18.94
C ARG E 490 -41.95 23.85 -18.83
N VAL E 491 -41.15 23.47 -17.85
CA VAL E 491 -40.89 22.06 -17.57
C VAL E 491 -42.03 21.46 -16.76
N GLU E 492 -42.63 20.40 -17.29
CA GLU E 492 -43.53 19.57 -16.51
C GLU E 492 -42.96 18.17 -16.53
N VAL E 493 -42.91 17.52 -15.37
CA VAL E 493 -42.45 16.14 -15.30
C VAL E 493 -43.58 15.26 -14.80
N LYS E 494 -43.82 14.16 -15.52
CA LYS E 494 -44.73 13.13 -15.09
C LYS E 494 -43.93 12.20 -14.19
N HIS E 495 -44.35 12.10 -12.93
CA HIS E 495 -43.79 11.14 -11.99
C HIS E 495 -44.91 10.23 -11.51
N GLY E 496 -44.79 8.95 -11.80
CA GLY E 496 -45.95 8.08 -11.71
C GLY E 496 -46.89 8.39 -12.86
N ASP E 497 -48.16 8.62 -12.54
CA ASP E 497 -49.16 8.98 -13.53
C ASP E 497 -49.55 10.44 -13.46
N THR E 498 -48.91 11.23 -12.61
CA THR E 498 -49.26 12.63 -12.39
C THR E 498 -48.17 13.54 -12.95
N TRP E 499 -48.59 14.55 -13.71
CA TRP E 499 -47.69 15.62 -14.12
C TRP E 499 -47.58 16.64 -13.00
N GLY E 500 -46.38 17.15 -12.78
CA GLY E 500 -46.19 18.26 -11.86
C GLY E 500 -45.17 19.24 -12.39
N SER E 501 -45.36 20.50 -11.99
CA SER E 501 -44.39 21.56 -12.24
C SER E 501 -43.19 21.44 -11.30
N ILE E 502 -42.08 22.07 -11.70
CA ILE E 502 -40.91 22.20 -10.85
C ILE E 502 -40.74 23.66 -10.48
N CYS E 503 -40.38 23.92 -9.23
CA CYS E 503 -40.09 25.27 -8.79
C CYS E 503 -38.77 25.76 -9.37
N ASP E 504 -38.71 27.07 -9.62
CA ASP E 504 -37.50 27.71 -10.14
C ASP E 504 -36.31 27.59 -9.19
N SER E 505 -36.58 27.44 -7.90
CA SER E 505 -35.50 27.18 -6.94
C SER E 505 -34.95 25.76 -6.99
N ASP E 506 -35.70 24.81 -7.54
CA ASP E 506 -35.34 23.40 -7.44
C ASP E 506 -34.76 22.84 -8.73
N PHE E 507 -34.37 23.70 -9.67
CA PHE E 507 -33.98 23.20 -10.99
C PHE E 507 -32.73 23.92 -11.47
N SER E 508 -31.60 23.22 -11.41
CA SER E 508 -30.29 23.79 -11.73
C SER E 508 -30.03 23.82 -13.23
N LEU E 509 -28.91 24.44 -13.59
CA LEU E 509 -28.42 24.43 -14.97
C LEU E 509 -28.09 23.01 -15.43
N GLU E 510 -27.52 22.21 -14.54
CA GLU E 510 -27.20 20.82 -14.85
C GLU E 510 -28.47 20.01 -15.14
N ALA E 511 -29.50 20.20 -14.33
CA ALA E 511 -30.77 19.53 -14.58
C ALA E 511 -31.40 19.94 -15.90
N ALA E 512 -31.35 21.22 -16.25
CA ALA E 512 -31.85 21.62 -17.56
C ALA E 512 -31.03 21.04 -18.71
N SER E 513 -29.72 20.92 -18.53
CA SER E 513 -28.89 20.27 -19.54
C SER E 513 -29.27 18.80 -19.70
N VAL E 514 -29.42 18.10 -18.58
CA VAL E 514 -29.88 16.72 -18.61
C VAL E 514 -31.25 16.58 -19.26
N LEU E 515 -32.20 17.45 -18.89
CA LEU E 515 -33.53 17.35 -19.50
C LEU E 515 -33.51 17.55 -21.01
N CYS E 516 -32.90 18.63 -21.49
CA CYS E 516 -32.87 18.82 -22.94
C CYS E 516 -32.04 17.76 -23.66
N ARG E 517 -31.01 17.21 -23.03
CA ARG E 517 -30.29 16.12 -23.68
C ARG E 517 -31.18 14.89 -23.75
N GLU E 518 -31.84 14.55 -22.64
CA GLU E 518 -32.73 13.41 -22.64
C GLU E 518 -33.84 13.61 -23.68
N LEU E 519 -34.43 14.80 -23.72
CA LEU E 519 -35.42 15.17 -24.72
C LEU E 519 -34.76 15.44 -26.08
N GLN E 520 -33.44 15.26 -26.15
CA GLN E 520 -32.60 15.53 -27.33
C GLN E 520 -32.66 16.95 -27.91
N CYS E 521 -32.72 17.96 -27.05
CA CYS E 521 -32.76 19.36 -27.48
C CYS E 521 -31.40 20.06 -27.37
N GLY E 522 -30.33 19.33 -27.06
CA GLY E 522 -28.99 19.89 -27.05
C GLY E 522 -28.60 20.48 -25.71
N THR E 523 -28.00 21.66 -25.73
CA THR E 523 -27.56 22.29 -24.48
C THR E 523 -28.53 23.36 -23.99
N VAL E 524 -28.53 23.54 -22.67
CA VAL E 524 -29.28 24.59 -22.01
C VAL E 524 -28.72 25.97 -22.35
N VAL E 525 -29.60 26.86 -22.80
CA VAL E 525 -29.25 28.25 -23.05
C VAL E 525 -29.65 29.16 -21.92
N SER E 526 -30.86 28.98 -21.38
CA SER E 526 -31.27 29.82 -20.26
C SER E 526 -32.35 29.15 -19.43
N ILE E 527 -32.33 29.50 -18.16
CA ILE E 527 -33.40 29.22 -17.20
C ILE E 527 -34.11 30.54 -16.91
N LEU E 528 -35.44 30.48 -16.90
CA LEU E 528 -36.29 31.67 -16.80
C LEU E 528 -37.28 31.43 -15.68
N GLY E 529 -37.18 32.24 -14.63
CA GLY E 529 -38.12 32.24 -13.54
C GLY E 529 -39.37 33.06 -13.82
N GLY E 530 -40.18 33.19 -12.79
CA GLY E 530 -41.32 34.09 -12.81
C GLY E 530 -42.43 33.71 -13.76
N ALA E 531 -42.64 32.40 -13.94
CA ALA E 531 -43.70 31.87 -14.81
C ALA E 531 -43.62 32.43 -16.23
N HIS E 532 -42.39 32.56 -16.75
CA HIS E 532 -42.20 33.19 -18.05
C HIS E 532 -43.02 32.53 -19.15
N PHE E 533 -43.24 31.21 -19.05
CA PHE E 533 -44.07 30.50 -20.02
C PHE E 533 -45.51 30.30 -19.53
N GLY E 534 -45.95 31.09 -18.57
CA GLY E 534 -47.24 30.89 -17.94
C GLY E 534 -47.17 29.96 -16.73
N GLU E 535 -48.15 30.13 -15.85
CA GLU E 535 -48.30 29.27 -14.68
C GLU E 535 -48.70 27.85 -15.07
N GLY E 536 -48.11 26.88 -14.40
CA GLY E 536 -48.58 25.52 -14.48
C GLY E 536 -49.90 25.34 -13.77
N ASN E 537 -50.41 24.11 -13.78
CA ASN E 537 -51.65 23.79 -13.09
C ASN E 537 -51.52 22.51 -12.29
N GLY E 538 -52.06 22.53 -11.08
CA GLY E 538 -52.12 21.36 -10.23
C GLY E 538 -50.97 21.29 -9.23
N GLN E 539 -50.27 20.17 -9.20
CA GLN E 539 -49.28 19.88 -8.18
C GLN E 539 -47.94 20.47 -8.58
N ILE E 540 -47.21 21.00 -7.60
CA ILE E 540 -45.80 21.37 -7.77
C ILE E 540 -44.94 20.39 -6.97
N TRP E 541 -43.96 19.80 -7.64
CA TRP E 541 -43.03 18.89 -6.97
C TRP E 541 -42.15 19.67 -5.99
N ALA E 542 -42.09 19.19 -4.76
CA ALA E 542 -41.27 19.74 -3.69
C ALA E 542 -39.90 19.07 -3.57
N GLU E 543 -39.25 18.74 -4.68
CA GLU E 543 -37.99 18.01 -4.62
C GLU E 543 -36.99 18.72 -5.52
N GLU E 544 -35.77 18.91 -5.03
CA GLU E 544 -34.67 19.47 -5.81
C GLU E 544 -33.83 18.35 -6.42
N PHE E 545 -33.56 18.49 -7.72
CA PHE E 545 -32.72 17.57 -8.50
C PHE E 545 -31.24 17.88 -8.35
N GLN E 546 -30.51 17.01 -7.64
CA GLN E 546 -29.07 17.20 -7.42
C GLN E 546 -28.29 16.45 -8.49
N CYS E 547 -28.55 16.81 -9.74
CA CYS E 547 -27.86 16.20 -10.86
C CYS E 547 -26.40 16.63 -10.92
N GLU E 548 -25.54 15.70 -11.36
CA GLU E 548 -24.17 16.06 -11.73
C GLU E 548 -24.07 16.65 -13.14
N GLY E 549 -25.06 16.37 -13.99
CA GLY E 549 -25.13 16.94 -15.32
C GLY E 549 -24.66 15.99 -16.41
N HIS E 550 -24.16 14.81 -16.05
CA HIS E 550 -23.77 13.79 -17.01
C HIS E 550 -24.79 12.67 -17.14
N GLU E 551 -25.80 12.67 -16.28
CA GLU E 551 -26.79 11.61 -16.26
C GLU E 551 -27.57 11.57 -17.56
N SER E 552 -27.87 10.36 -18.04
CA SER E 552 -28.62 10.26 -19.28
C SER E 552 -30.08 10.67 -19.08
N HIS E 553 -30.61 10.54 -17.87
CA HIS E 553 -32.01 10.85 -17.61
C HIS E 553 -32.13 11.43 -16.20
N LEU E 554 -33.10 12.32 -16.03
CA LEU E 554 -33.41 12.86 -14.70
C LEU E 554 -33.81 11.76 -13.72
N SER E 555 -34.35 10.64 -14.22
CA SER E 555 -34.64 9.51 -13.36
C SER E 555 -33.39 8.97 -12.67
N LEU E 556 -32.21 9.28 -13.20
CA LEU E 556 -30.97 8.83 -12.59
C LEU E 556 -30.39 9.86 -11.64
N CYS E 557 -30.91 11.07 -11.67
CA CYS E 557 -30.46 12.12 -10.78
C CYS E 557 -30.96 11.86 -9.36
N PRO E 558 -30.11 12.00 -8.35
CA PRO E 558 -30.61 12.07 -6.96
C PRO E 558 -31.62 13.19 -6.76
N VAL E 559 -32.63 12.90 -5.94
CA VAL E 559 -33.62 13.91 -5.54
C VAL E 559 -33.53 14.12 -4.03
N ALA E 560 -33.56 15.40 -3.60
CA ALA E 560 -33.65 15.78 -2.19
C ALA E 560 -34.99 16.45 -1.88
N PRO E 561 -35.59 16.16 -0.72
CA PRO E 561 -36.78 16.91 -0.32
C PRO E 561 -36.48 18.39 -0.10
N ARG E 562 -37.38 19.24 -0.60
CA ARG E 562 -37.28 20.67 -0.38
C ARG E 562 -37.27 21.02 1.11
N PRO E 563 -36.30 21.80 1.57
CA PRO E 563 -36.43 22.42 2.90
C PRO E 563 -37.65 23.30 2.95
N GLU E 564 -38.27 23.37 4.14
CA GLU E 564 -39.53 24.07 4.39
C GLU E 564 -39.74 25.34 3.57
N GLY E 565 -40.74 25.31 2.67
CA GLY E 565 -41.09 26.44 1.83
C GLY E 565 -42.21 26.11 0.86
N THR E 566 -43.19 27.00 0.74
CA THR E 566 -44.26 26.85 -0.24
C THR E 566 -43.89 27.53 -1.55
N CYS E 567 -43.79 26.74 -2.61
CA CYS E 567 -43.70 27.27 -3.96
C CYS E 567 -45.09 27.42 -4.56
N SER E 568 -45.26 28.46 -5.37
CA SER E 568 -46.49 28.69 -6.12
C SER E 568 -46.22 28.63 -7.62
N HIS E 569 -47.29 28.40 -8.39
CA HIS E 569 -47.15 28.30 -9.84
C HIS E 569 -46.60 29.58 -10.46
N SER E 570 -46.70 30.71 -9.75
CA SER E 570 -46.02 31.93 -10.14
C SER E 570 -44.50 31.77 -10.17
N ARG E 571 -43.97 30.68 -9.62
CA ARG E 571 -42.54 30.42 -9.62
C ARG E 571 -42.16 29.19 -10.42
N ASP E 572 -43.02 28.72 -11.32
CA ASP E 572 -42.66 27.60 -12.17
C ASP E 572 -41.48 27.96 -13.06
N VAL E 573 -40.50 27.06 -13.11
CA VAL E 573 -39.29 27.25 -13.91
C VAL E 573 -39.57 26.97 -15.38
N GLY E 574 -38.94 27.77 -16.25
CA GLY E 574 -38.97 27.53 -17.68
C GLY E 574 -37.56 27.39 -18.21
N VAL E 575 -37.38 26.60 -19.26
CA VAL E 575 -36.07 26.42 -19.86
C VAL E 575 -36.12 26.64 -21.37
N VAL E 576 -35.07 27.28 -21.89
CA VAL E 576 -34.76 27.35 -23.31
C VAL E 576 -33.40 26.71 -23.60
N CYS E 577 -33.38 25.75 -24.51
CA CYS E 577 -32.14 25.15 -25.02
C CYS E 577 -31.87 25.67 -26.43
N SER E 578 -30.67 25.35 -26.93
CA SER E 578 -30.11 26.03 -28.11
C SER E 578 -30.56 25.64 -29.51
N ARG E 579 -31.83 25.50 -29.87
CA ARG E 579 -32.00 25.00 -31.22
C ARG E 579 -33.13 25.73 -31.93
N TYR E 580 -32.88 26.03 -33.19
CA TYR E 580 -33.87 26.37 -34.21
C TYR E 580 -34.17 25.14 -35.05
N THR E 581 -35.41 24.71 -35.07
CA THR E 581 -35.77 23.46 -35.71
C THR E 581 -36.64 23.66 -36.95
N GLU E 582 -37.16 24.86 -37.16
CA GLU E 582 -38.11 25.13 -38.24
C GLU E 582 -37.35 25.51 -39.51
N ILE E 583 -36.87 24.47 -40.20
CA ILE E 583 -36.24 24.59 -41.50
C ILE E 583 -36.94 23.62 -42.44
N ARG E 584 -37.13 24.03 -43.70
CA ARG E 584 -37.78 23.15 -44.67
C ARG E 584 -37.17 23.31 -46.05
N LEU E 585 -37.37 22.29 -46.87
CA LEU E 585 -37.07 22.32 -48.30
C LEU E 585 -38.34 22.61 -49.08
N VAL E 586 -38.26 23.53 -50.04
CA VAL E 586 -39.41 23.91 -50.85
C VAL E 586 -39.07 23.75 -52.32
N ASN E 587 -40.08 23.34 -53.10
CA ASN E 587 -40.01 23.17 -54.56
C ASN E 587 -38.97 22.14 -55.01
N GLY E 588 -38.60 21.20 -54.16
CA GLY E 588 -37.85 20.04 -54.65
C GLY E 588 -38.71 19.07 -55.43
N LYS E 589 -38.04 18.27 -56.26
CA LYS E 589 -38.68 17.10 -56.85
C LYS E 589 -38.80 15.96 -55.85
N THR E 590 -37.93 15.93 -54.84
CA THR E 590 -37.95 15.00 -53.72
C THR E 590 -38.01 15.79 -52.42
N PRO E 591 -38.44 15.17 -51.31
CA PRO E 591 -38.35 15.86 -50.02
C PRO E 591 -36.92 16.13 -49.57
N CYS E 592 -35.91 15.58 -50.25
CA CYS E 592 -34.52 15.75 -49.86
C CYS E 592 -33.75 16.69 -50.78
N GLU E 593 -34.44 17.43 -51.64
CA GLU E 593 -33.82 18.54 -52.35
C GLU E 593 -34.80 19.70 -52.38
N GLY E 594 -34.26 20.89 -52.53
CA GLY E 594 -35.08 22.08 -52.71
C GLY E 594 -34.36 23.32 -52.22
N ARG E 595 -35.08 24.43 -52.30
CA ARG E 595 -34.64 25.66 -51.65
C ARG E 595 -34.81 25.55 -50.15
N VAL E 596 -33.81 26.02 -49.41
CA VAL E 596 -33.86 26.06 -47.95
C VAL E 596 -34.64 27.29 -47.53
N GLU E 597 -35.75 27.07 -46.81
CA GLU E 597 -36.49 28.15 -46.16
C GLU E 597 -36.46 27.98 -44.65
N LEU E 598 -36.23 29.10 -43.96
CA LEU E 598 -36.23 29.15 -42.50
C LEU E 598 -37.38 30.01 -42.02
N LYS E 599 -38.02 29.60 -40.93
CA LYS E 599 -39.03 30.41 -40.25
C LYS E 599 -38.41 31.16 -39.07
N THR E 600 -38.44 32.50 -39.16
CA THR E 600 -38.05 33.36 -38.05
C THR E 600 -39.11 34.44 -37.90
N LEU E 601 -39.32 34.87 -36.66
CA LEU E 601 -40.34 35.86 -36.31
C LEU E 601 -41.71 35.45 -36.83
N GLY E 602 -41.97 34.14 -36.88
CA GLY E 602 -43.21 33.60 -37.38
C GLY E 602 -43.36 33.55 -38.89
N ALA E 603 -42.40 34.05 -39.66
CA ALA E 603 -42.51 34.10 -41.10
C ALA E 603 -41.45 33.21 -41.75
N TRP E 604 -41.87 32.44 -42.76
CA TRP E 604 -40.96 31.70 -43.61
C TRP E 604 -40.27 32.62 -44.62
N GLY E 605 -38.97 32.41 -44.80
CA GLY E 605 -38.23 33.15 -45.81
C GLY E 605 -37.07 32.34 -46.33
N SER E 606 -36.66 32.66 -47.55
CA SER E 606 -35.53 31.98 -48.17
C SER E 606 -34.20 32.39 -47.53
N LEU E 607 -33.35 31.40 -47.27
CA LEU E 607 -32.01 31.66 -46.78
C LEU E 607 -31.08 32.12 -47.92
N CYS E 608 -30.22 33.09 -47.63
CA CYS E 608 -29.22 33.51 -48.60
C CYS E 608 -28.14 32.44 -48.74
N ASN E 609 -27.64 32.25 -49.96
CA ASN E 609 -26.59 31.29 -50.23
C ASN E 609 -25.18 31.88 -50.09
N SER E 610 -25.07 33.13 -49.62
CA SER E 610 -23.77 33.81 -49.61
C SER E 610 -22.76 33.06 -48.75
N HIS E 611 -23.23 32.32 -47.74
CA HIS E 611 -22.35 31.52 -46.90
C HIS E 611 -22.84 30.08 -46.80
N TRP E 612 -23.80 29.68 -47.62
CA TRP E 612 -24.36 28.34 -47.54
C TRP E 612 -23.35 27.43 -48.21
N ASP E 613 -22.62 26.69 -47.40
CA ASP E 613 -21.58 25.77 -47.85
C ASP E 613 -22.05 24.33 -47.75
N ILE E 614 -21.14 23.41 -48.07
CA ILE E 614 -21.48 22.00 -48.11
C ILE E 614 -21.53 21.43 -46.70
N GLU E 615 -20.79 22.02 -45.77
CA GLU E 615 -20.87 21.60 -44.38
C GLU E 615 -22.24 21.95 -43.78
N ASP E 616 -22.68 23.19 -44.00
CA ASP E 616 -24.04 23.59 -43.64
C ASP E 616 -25.08 22.68 -44.27
N ALA E 617 -24.94 22.41 -45.58
CA ALA E 617 -25.90 21.53 -46.24
C ALA E 617 -25.85 20.12 -45.68
N HIS E 618 -24.67 19.65 -45.28
CA HIS E 618 -24.55 18.32 -44.69
C HIS E 618 -25.34 18.25 -43.39
N VAL E 619 -25.12 19.23 -42.51
CA VAL E 619 -25.87 19.29 -41.26
C VAL E 619 -27.38 19.33 -41.53
N LEU E 620 -27.80 20.14 -42.51
CA LEU E 620 -29.22 20.20 -42.87
C LEU E 620 -29.75 18.87 -43.39
N CYS E 621 -28.99 18.23 -44.27
CA CYS E 621 -29.39 16.93 -44.83
C CYS E 621 -29.49 15.88 -43.74
N GLN E 622 -28.57 15.89 -42.77
CA GLN E 622 -28.63 14.97 -41.66
C GLN E 622 -29.84 15.23 -40.77
N GLN E 623 -30.07 16.49 -40.41
CA GLN E 623 -31.24 16.82 -39.60
C GLN E 623 -32.52 16.36 -40.28
N LEU E 624 -32.62 16.53 -41.59
CA LEU E 624 -33.78 16.09 -42.35
C LEU E 624 -33.79 14.59 -42.65
N LYS E 625 -32.83 13.83 -42.13
CA LYS E 625 -32.71 12.39 -42.40
C LYS E 625 -32.62 12.10 -43.89
N CYS E 626 -31.88 12.94 -44.60
CA CYS E 626 -31.70 12.83 -46.05
C CYS E 626 -30.30 12.36 -46.43
N GLY E 627 -29.55 11.84 -45.46
CA GLY E 627 -28.18 11.41 -45.68
C GLY E 627 -27.19 12.55 -45.83
N VAL E 628 -26.26 12.41 -46.77
CA VAL E 628 -25.21 13.40 -46.95
C VAL E 628 -25.60 14.46 -47.98
N ALA E 629 -25.03 15.65 -47.81
CA ALA E 629 -25.10 16.69 -48.81
C ALA E 629 -24.20 16.36 -49.99
N LEU E 630 -24.73 16.44 -51.21
CA LEU E 630 -23.91 16.17 -52.38
C LEU E 630 -23.36 17.44 -53.03
N SER E 631 -24.12 18.53 -53.03
CA SER E 631 -23.64 19.77 -53.60
C SER E 631 -24.50 20.92 -53.09
N THR E 632 -23.94 22.13 -53.14
CA THR E 632 -24.81 23.28 -52.90
C THR E 632 -24.90 24.12 -54.17
N PRO E 633 -25.72 23.69 -55.12
CA PRO E 633 -25.83 24.40 -56.40
C PRO E 633 -26.26 25.86 -56.23
N GLY E 634 -25.49 26.76 -56.82
CA GLY E 634 -25.85 28.17 -56.88
C GLY E 634 -27.01 28.53 -57.80
N GLY E 635 -27.68 29.62 -57.42
CA GLY E 635 -28.79 30.23 -58.15
C GLY E 635 -30.17 29.66 -57.93
N ALA E 636 -31.18 30.45 -58.34
CA ALA E 636 -32.61 30.16 -58.20
C ALA E 636 -33.25 29.13 -59.13
N ARG E 637 -32.62 27.98 -59.31
CA ARG E 637 -33.16 26.93 -60.17
C ARG E 637 -34.55 26.48 -59.74
N PHE E 638 -34.84 26.51 -58.43
CA PHE E 638 -36.14 26.16 -57.90
C PHE E 638 -37.01 27.37 -57.61
N GLY E 639 -36.68 28.51 -58.20
CA GLY E 639 -37.31 29.77 -57.88
C GLY E 639 -36.76 30.43 -56.63
N LYS E 640 -36.93 31.74 -56.60
CA LYS E 640 -36.47 32.61 -55.52
C LYS E 640 -37.36 32.57 -54.29
N GLY E 641 -38.61 32.14 -54.44
CA GLY E 641 -39.63 32.34 -53.43
C GLY E 641 -40.19 33.76 -53.47
N ASN E 642 -41.39 33.91 -52.92
CA ASN E 642 -42.09 35.19 -52.88
C ASN E 642 -41.93 35.93 -51.56
N GLY E 643 -41.09 35.44 -50.65
CA GLY E 643 -40.98 36.00 -49.33
C GLY E 643 -39.72 36.81 -49.11
N GLN E 644 -39.57 37.26 -47.87
CA GLN E 644 -38.34 37.90 -47.43
C GLN E 644 -37.18 36.93 -47.50
N ILE E 645 -36.00 37.44 -47.81
CA ILE E 645 -34.77 36.65 -47.76
C ILE E 645 -34.15 36.85 -46.39
N TRP E 646 -34.01 35.75 -45.65
CA TRP E 646 -33.33 35.76 -44.37
C TRP E 646 -31.82 35.81 -44.57
N ARG E 647 -31.18 36.75 -43.89
CA ARG E 647 -29.76 37.01 -43.97
C ARG E 647 -28.97 36.36 -42.84
N HIS E 648 -29.48 35.25 -42.32
CA HIS E 648 -28.77 34.50 -41.29
C HIS E 648 -27.56 33.80 -41.88
N MET E 649 -26.40 33.99 -41.27
CA MET E 649 -25.16 33.32 -41.62
C MET E 649 -24.90 32.25 -40.57
N PHE E 650 -25.08 30.99 -40.95
CA PHE E 650 -24.68 29.83 -40.17
C PHE E 650 -23.20 29.52 -40.31
N HIS E 651 -22.61 28.92 -39.26
CA HIS E 651 -21.19 28.59 -39.27
C HIS E 651 -20.95 27.18 -38.76
N CYS E 652 -21.57 26.20 -39.42
CA CYS E 652 -21.43 24.81 -39.02
C CYS E 652 -20.01 24.31 -39.31
N THR E 653 -19.59 23.31 -38.54
CA THR E 653 -18.41 22.52 -38.87
C THR E 653 -18.72 21.32 -39.76
N GLY E 654 -20.00 20.99 -39.92
CA GLY E 654 -20.43 19.82 -40.67
C GLY E 654 -20.56 18.57 -39.83
N THR E 655 -20.22 18.63 -38.54
CA THR E 655 -20.30 17.50 -37.63
C THR E 655 -21.49 17.61 -36.68
N GLU E 656 -22.15 18.76 -36.68
CA GLU E 656 -23.32 19.00 -35.85
C GLU E 656 -24.49 18.14 -36.28
N GLN E 657 -25.32 17.76 -35.30
CA GLN E 657 -26.49 16.94 -35.58
C GLN E 657 -27.66 17.78 -36.05
N HIS E 658 -27.71 19.06 -35.69
CA HIS E 658 -28.81 19.93 -36.06
C HIS E 658 -28.28 21.31 -36.43
N MET E 659 -28.96 21.93 -37.38
CA MET E 659 -28.62 23.27 -37.84
C MET E 659 -28.69 24.30 -36.72
N GLY E 660 -29.57 24.10 -35.74
CA GLY E 660 -29.67 25.00 -34.60
C GLY E 660 -28.53 24.93 -33.62
N ASP E 661 -27.65 23.94 -33.71
CA ASP E 661 -26.47 23.92 -32.86
C ASP E 661 -25.34 24.76 -33.44
N CYS E 662 -25.41 25.11 -34.72
CA CYS E 662 -24.34 25.94 -35.26
C CYS E 662 -24.52 27.40 -34.83
N PRO E 663 -23.42 28.10 -34.55
CA PRO E 663 -23.48 29.56 -34.39
C PRO E 663 -24.06 30.27 -35.59
N VAL E 664 -24.92 31.25 -35.32
CA VAL E 664 -25.59 32.04 -36.36
C VAL E 664 -25.36 33.51 -36.08
N THR E 665 -24.99 34.25 -37.11
CA THR E 665 -24.91 35.72 -37.09
C THR E 665 -25.78 36.26 -38.20
N ALA E 666 -26.71 37.15 -37.87
CA ALA E 666 -27.46 37.86 -38.91
C ALA E 666 -27.34 39.39 -38.89
N LEU E 667 -26.90 39.99 -37.78
CA LEU E 667 -26.75 41.44 -37.76
C LEU E 667 -25.70 41.89 -38.76
N GLY E 668 -26.04 42.92 -39.52
CA GLY E 668 -25.17 43.55 -40.49
C GLY E 668 -24.87 42.75 -41.74
N ALA E 669 -25.50 41.60 -41.93
CA ALA E 669 -25.23 40.75 -43.08
C ALA E 669 -25.53 41.55 -44.34
N SER E 670 -24.66 41.44 -45.35
CA SER E 670 -24.87 42.24 -46.55
C SER E 670 -26.21 41.89 -47.20
N LEU E 671 -26.72 42.86 -47.97
CA LEU E 671 -27.96 42.64 -48.70
C LEU E 671 -27.81 41.54 -49.73
N CYS E 672 -28.70 40.55 -49.67
CA CYS E 672 -28.68 39.45 -50.62
C CYS E 672 -29.54 39.75 -51.84
N PRO E 673 -28.98 39.83 -53.04
CA PRO E 673 -29.82 39.91 -54.25
C PRO E 673 -30.74 38.71 -54.34
N SER E 674 -31.93 38.94 -54.92
CA SER E 674 -33.03 37.99 -54.95
C SER E 674 -32.75 36.66 -55.64
N GLU E 675 -31.70 36.51 -56.46
CA GLU E 675 -31.55 35.21 -57.11
C GLU E 675 -30.56 34.26 -56.43
N GLN E 676 -29.83 34.70 -55.41
CA GLN E 676 -28.82 33.86 -54.74
C GLN E 676 -29.36 33.28 -53.42
N VAL E 677 -30.40 32.47 -53.53
CA VAL E 677 -31.00 31.84 -52.35
C VAL E 677 -30.46 30.43 -52.23
N ALA E 678 -30.24 30.00 -50.99
CA ALA E 678 -29.70 28.68 -50.71
C ALA E 678 -30.65 27.55 -51.09
N SER E 679 -30.08 26.50 -51.66
CA SER E 679 -30.78 25.28 -52.02
C SER E 679 -29.81 24.11 -51.84
N VAL E 680 -30.37 22.92 -51.66
CA VAL E 680 -29.56 21.72 -51.44
C VAL E 680 -30.20 20.52 -52.13
N ILE E 681 -29.35 19.61 -52.59
CA ILE E 681 -29.77 18.29 -53.02
C ILE E 681 -29.03 17.28 -52.14
N CYS E 682 -29.79 16.55 -51.32
CA CYS E 682 -29.25 15.50 -50.48
C CYS E 682 -29.33 14.15 -51.16
N SER E 683 -28.56 13.20 -50.64
CA SER E 683 -28.58 11.83 -51.14
C SER E 683 -29.95 11.18 -51.01
N GLY E 684 -30.74 11.59 -50.03
CA GLY E 684 -32.02 10.95 -49.82
C GLY E 684 -31.97 9.56 -49.21
N ASN E 685 -30.79 9.07 -48.84
CA ASN E 685 -30.64 7.76 -48.22
C ASN E 685 -30.07 7.90 -46.83
N GLN E 686 -30.85 7.52 -45.82
CA GLN E 686 -30.43 7.60 -44.42
C GLN E 686 -29.23 6.72 -44.10
N SER E 687 -28.96 5.70 -44.92
CA SER E 687 -27.85 4.80 -44.66
C SER E 687 -26.49 5.40 -45.03
N GLN E 688 -26.46 6.59 -45.63
CA GLN E 688 -25.20 7.25 -45.96
C GLN E 688 -24.83 8.20 -44.83
N THR E 689 -23.70 7.92 -44.18
CA THR E 689 -23.14 8.75 -43.14
C THR E 689 -21.77 9.28 -43.57
N LEU E 690 -21.43 10.46 -43.06
CA LEU E 690 -20.07 10.97 -43.19
C LEU E 690 -19.06 9.96 -42.66
N SER E 691 -18.06 9.65 -43.49
CA SER E 691 -16.93 8.83 -43.07
C SER E 691 -15.71 9.71 -42.84
N SER E 692 -14.88 9.30 -41.89
CA SER E 692 -13.60 9.95 -41.63
C SER E 692 -12.62 9.72 -42.77
N CYS E 693 -11.99 10.79 -43.25
CA CYS E 693 -10.95 10.65 -44.27
C CYS E 693 -9.72 9.98 -43.67
N CYS E 713 -16.66 14.09 -46.93
CA CYS E 713 -15.87 13.57 -45.81
C CYS E 713 -15.38 14.72 -44.93
N ILE E 714 -15.25 14.45 -43.64
CA ILE E 714 -14.71 15.45 -42.71
C ILE E 714 -13.19 15.55 -42.95
N GLU E 715 -12.75 16.70 -43.43
CA GLU E 715 -11.32 16.92 -43.63
C GLU E 715 -10.55 16.69 -42.34
N SER E 716 -9.35 16.13 -42.48
CA SER E 716 -8.55 15.71 -41.33
C SER E 716 -7.95 16.89 -40.57
N GLY E 717 -8.70 17.98 -40.43
CA GLY E 717 -8.25 19.08 -39.61
C GLY E 717 -9.34 20.04 -39.18
N GLN E 718 -9.50 20.23 -37.87
CA GLN E 718 -10.40 21.23 -37.33
C GLN E 718 -9.62 22.35 -36.67
N LEU E 719 -10.17 23.56 -36.75
CA LEU E 719 -9.58 24.76 -36.16
C LEU E 719 -10.58 25.37 -35.19
N ARG E 720 -10.11 25.76 -34.01
CA ARG E 720 -10.95 26.47 -33.06
C ARG E 720 -10.16 27.56 -32.36
N LEU E 721 -10.91 28.56 -31.86
CA LEU E 721 -10.40 29.60 -30.99
C LEU E 721 -10.92 29.39 -29.57
N VAL E 722 -10.02 29.42 -28.61
CA VAL E 722 -10.33 29.13 -27.21
C VAL E 722 -10.06 30.38 -26.37
N ASN E 723 -10.92 30.60 -25.37
CA ASN E 723 -10.77 31.64 -24.36
C ASN E 723 -10.83 33.06 -24.92
N GLY E 724 -11.34 33.29 -26.13
CA GLY E 724 -11.39 34.69 -26.48
C GLY E 724 -12.71 35.36 -26.19
N GLY E 725 -13.62 34.69 -25.49
CA GLY E 725 -14.89 35.31 -25.17
C GLY E 725 -15.84 35.34 -26.35
N GLY E 726 -15.48 34.72 -27.45
CA GLY E 726 -16.36 34.60 -28.61
C GLY E 726 -15.72 33.73 -29.66
N ARG E 727 -16.50 33.44 -30.69
CA ARG E 727 -16.05 32.53 -31.75
C ARG E 727 -14.85 33.08 -32.51
N CYS E 728 -14.64 34.40 -32.50
CA CYS E 728 -13.63 35.03 -33.35
C CYS E 728 -12.43 35.58 -32.57
N ALA E 729 -12.23 35.18 -31.31
CA ALA E 729 -10.97 35.51 -30.67
C ALA E 729 -10.52 34.40 -29.73
N GLY E 730 -9.22 34.23 -29.65
CA GLY E 730 -8.68 33.28 -28.69
C GLY E 730 -7.40 32.67 -29.20
N ARG E 731 -6.87 31.77 -28.37
CA ARG E 731 -5.76 30.93 -28.79
C ARG E 731 -6.22 29.97 -29.87
N VAL E 732 -5.40 29.84 -30.91
CA VAL E 732 -5.67 28.97 -32.04
C VAL E 732 -5.25 27.53 -31.72
N GLU E 733 -6.21 26.61 -31.81
CA GLU E 733 -5.92 25.20 -31.62
C GLU E 733 -6.41 24.40 -32.83
N ILE E 734 -5.57 23.48 -33.28
CA ILE E 734 -5.85 22.61 -34.42
C ILE E 734 -5.93 21.19 -33.90
N TYR E 735 -6.95 20.46 -34.34
CA TYR E 735 -7.06 19.03 -34.10
C TYR E 735 -6.30 18.30 -35.20
N HIS E 736 -5.21 17.64 -34.83
CA HIS E 736 -4.40 16.86 -35.76
C HIS E 736 -3.89 15.60 -35.07
N GLU E 737 -3.78 14.52 -35.86
CA GLU E 737 -3.31 13.22 -35.39
C GLU E 737 -3.98 12.78 -34.08
N GLY E 738 -5.28 13.08 -33.96
CA GLY E 738 -6.04 12.65 -32.81
C GLY E 738 -5.92 13.52 -31.58
N SER E 739 -5.20 14.63 -31.62
CA SER E 739 -5.08 15.49 -30.45
C SER E 739 -5.17 16.95 -30.86
N TRP E 740 -5.70 17.77 -29.95
CA TRP E 740 -5.65 19.22 -30.09
C TRP E 740 -4.27 19.74 -29.74
N GLY E 741 -3.77 20.68 -30.55
CA GLY E 741 -2.51 21.31 -30.22
C GLY E 741 -2.47 22.75 -30.70
N THR E 742 -1.48 23.48 -30.20
CA THR E 742 -1.42 24.92 -30.37
C THR E 742 -0.40 25.25 -31.47
N ILE E 743 -0.30 26.53 -31.81
CA ILE E 743 0.70 27.05 -32.73
C ILE E 743 1.61 27.98 -31.95
N CYS E 744 2.91 27.89 -32.22
CA CYS E 744 3.86 28.82 -31.63
C CYS E 744 3.74 30.20 -32.24
N ASP E 745 4.03 31.22 -31.43
CA ASP E 745 4.01 32.60 -31.85
C ASP E 745 5.27 33.02 -32.58
N ASP E 746 6.22 32.10 -32.72
CA ASP E 746 7.41 32.35 -33.52
C ASP E 746 7.06 32.61 -34.98
N SER E 747 7.48 33.77 -35.48
CA SER E 747 7.16 34.36 -36.78
C SER E 747 5.68 34.63 -37.02
N TRP E 748 4.81 34.46 -36.03
CA TRP E 748 3.38 34.70 -36.24
C TRP E 748 3.14 36.19 -36.48
N ASP E 749 2.69 36.53 -37.68
CA ASP E 749 2.46 37.91 -38.13
C ASP E 749 0.99 38.06 -38.53
N LEU E 750 0.64 39.27 -39.01
CA LEU E 750 -0.74 39.55 -39.40
C LEU E 750 -1.22 38.71 -40.59
N SER E 751 -0.31 38.26 -41.45
CA SER E 751 -0.74 37.41 -42.57
C SER E 751 -1.15 36.02 -42.10
N ASP E 752 -0.44 35.48 -41.11
CA ASP E 752 -0.84 34.21 -40.53
C ASP E 752 -2.19 34.32 -39.83
N ALA E 753 -2.35 35.36 -39.00
CA ALA E 753 -3.64 35.58 -38.37
C ALA E 753 -4.74 35.79 -39.39
N HIS E 754 -4.44 36.46 -40.50
CA HIS E 754 -5.44 36.65 -41.55
C HIS E 754 -5.86 35.33 -42.17
N VAL E 755 -4.92 34.40 -42.36
CA VAL E 755 -5.26 33.07 -42.85
C VAL E 755 -6.15 32.34 -41.86
N VAL E 756 -5.82 32.43 -40.57
CA VAL E 756 -6.65 31.81 -39.53
C VAL E 756 -8.06 32.41 -39.55
N CYS E 757 -8.15 33.74 -39.54
CA CYS E 757 -9.43 34.41 -39.52
C CYS E 757 -10.29 34.10 -40.74
N ARG E 758 -9.69 34.05 -41.92
CA ARG E 758 -10.43 33.66 -43.12
C ARG E 758 -10.90 32.21 -43.07
N GLN E 759 -10.05 31.28 -42.61
CA GLN E 759 -10.49 29.88 -42.57
C GLN E 759 -11.70 29.66 -41.67
N LEU E 760 -11.83 30.45 -40.59
CA LEU E 760 -12.98 30.34 -39.72
C LEU E 760 -14.14 31.25 -40.11
N GLY E 761 -14.01 31.98 -41.22
CA GLY E 761 -15.03 32.94 -41.59
C GLY E 761 -15.20 34.14 -40.69
N CYS E 762 -14.17 34.51 -39.92
CA CYS E 762 -14.26 35.57 -38.95
C CYS E 762 -13.87 36.93 -39.53
N GLY E 763 -13.81 37.04 -40.85
CA GLY E 763 -13.42 38.27 -41.51
C GLY E 763 -11.93 38.54 -41.46
N GLU E 764 -11.55 39.81 -41.32
CA GLU E 764 -10.15 40.16 -41.36
C GLU E 764 -9.54 40.02 -39.97
N ALA E 765 -8.26 39.67 -39.95
CA ALA E 765 -7.51 39.69 -38.70
C ALA E 765 -7.22 41.13 -38.30
N ILE E 766 -7.55 41.48 -37.06
CA ILE E 766 -7.21 42.80 -36.55
C ILE E 766 -5.96 42.78 -35.69
N ASN E 767 -5.75 41.74 -34.89
CA ASN E 767 -4.56 41.75 -34.05
C ASN E 767 -4.05 40.33 -33.88
N ALA E 768 -2.75 40.14 -34.03
CA ALA E 768 -2.05 38.88 -33.71
C ALA E 768 -1.34 38.97 -32.37
N THR E 769 -1.93 38.38 -31.33
CA THR E 769 -1.40 38.47 -29.97
C THR E 769 -0.48 37.28 -29.70
N GLY E 770 0.71 37.57 -29.18
CA GLY E 770 1.60 36.55 -28.67
C GLY E 770 1.61 36.43 -27.16
N SER E 771 2.63 35.73 -26.67
CA SER E 771 2.96 35.64 -25.24
C SER E 771 1.81 35.11 -24.40
N ALA E 772 1.09 34.12 -24.94
CA ALA E 772 -0.05 33.47 -24.27
C ALA E 772 -1.09 34.47 -23.75
N HIS E 773 -1.38 35.48 -24.57
CA HIS E 773 -2.34 36.51 -24.20
C HIS E 773 -3.67 35.95 -23.72
N PHE E 774 -4.11 34.83 -24.26
CA PHE E 774 -5.36 34.18 -23.88
C PHE E 774 -5.19 33.03 -22.89
N GLY E 775 -4.10 33.00 -22.14
CA GLY E 775 -3.82 31.84 -21.32
C GLY E 775 -3.05 30.74 -22.02
N GLU E 776 -2.42 29.90 -21.21
CA GLU E 776 -1.67 28.75 -21.69
C GLU E 776 -2.58 27.69 -22.31
N GLY E 777 -2.12 27.13 -23.44
CA GLY E 777 -2.78 25.98 -24.04
C GLY E 777 -2.36 24.67 -23.39
N THR E 778 -2.87 23.58 -23.97
CA THR E 778 -2.55 22.23 -23.51
C THR E 778 -2.22 21.33 -24.69
N GLY E 779 -1.28 20.41 -24.46
CA GLY E 779 -0.94 19.39 -25.43
C GLY E 779 0.29 19.66 -26.28
N PRO E 780 0.32 19.04 -27.46
CA PRO E 780 1.45 19.22 -28.37
C PRO E 780 1.45 20.62 -28.96
N ILE E 781 2.64 21.11 -29.28
CA ILE E 781 2.78 22.23 -30.19
C ILE E 781 3.02 21.66 -31.59
N TRP E 782 2.05 21.87 -32.48
CA TRP E 782 2.06 21.20 -33.78
C TRP E 782 2.93 21.94 -34.80
N LEU E 783 2.87 23.26 -34.82
CA LEU E 783 3.51 24.06 -35.84
C LEU E 783 4.31 25.20 -35.23
N ASP E 784 5.39 25.58 -35.91
CA ASP E 784 6.33 26.60 -35.47
C ASP E 784 6.90 27.28 -36.70
N GLU E 785 7.39 28.52 -36.52
CA GLU E 785 7.95 29.33 -37.61
C GLU E 785 6.95 29.49 -38.76
N MET E 786 5.75 29.93 -38.40
CA MET E 786 4.64 30.11 -39.32
C MET E 786 4.97 31.19 -40.36
N LYS E 787 4.81 30.85 -41.65
CA LYS E 787 5.10 31.75 -42.79
C LYS E 787 4.04 31.78 -43.90
N CYS E 788 2.82 32.19 -43.58
CA CYS E 788 1.80 32.36 -44.62
C CYS E 788 2.13 33.52 -45.56
N ASN E 789 1.82 33.31 -46.84
CA ASN E 789 1.79 34.40 -47.81
C ASN E 789 0.47 35.17 -47.77
N GLY E 790 -0.49 34.69 -46.99
CA GLY E 790 -1.82 35.25 -46.88
C GLY E 790 -2.81 34.81 -47.94
N LYS E 791 -2.42 33.90 -48.83
CA LYS E 791 -3.30 33.43 -49.90
C LYS E 791 -3.72 31.98 -49.71
N GLU E 792 -3.15 31.28 -48.73
CA GLU E 792 -3.46 29.88 -48.47
C GLU E 792 -4.90 29.71 -47.97
N SER E 793 -5.57 28.68 -48.49
CA SER E 793 -6.94 28.38 -48.11
C SER E 793 -7.04 27.72 -46.74
N ARG E 794 -5.96 27.10 -46.27
CA ARG E 794 -5.95 26.42 -44.98
C ARG E 794 -4.66 26.79 -44.27
N ILE E 795 -4.75 26.95 -42.94
CA ILE E 795 -3.61 27.41 -42.17
C ILE E 795 -2.44 26.45 -42.31
N TRP E 796 -2.73 25.15 -42.38
CA TRP E 796 -1.73 24.11 -42.57
C TRP E 796 -1.23 23.99 -44.00
N GLN E 797 -1.73 24.81 -44.93
CA GLN E 797 -1.15 24.89 -46.25
C GLN E 797 -0.01 25.89 -46.36
N CYS E 798 0.16 26.76 -45.37
CA CYS E 798 1.27 27.68 -45.36
C CYS E 798 2.59 26.93 -45.15
N HIS E 799 3.67 27.53 -45.64
CA HIS E 799 5.00 26.99 -45.36
C HIS E 799 5.33 27.07 -43.87
N SER E 800 5.74 25.93 -43.31
CA SER E 800 6.09 25.84 -41.90
C SER E 800 7.26 24.88 -41.74
N HIS E 801 7.80 24.82 -40.53
CA HIS E 801 8.83 23.84 -40.20
C HIS E 801 8.31 22.39 -40.27
N GLY E 802 7.01 22.19 -40.34
CA GLY E 802 6.39 20.88 -40.38
C GLY E 802 5.70 20.50 -39.06
N TRP E 803 4.79 19.53 -39.18
CA TRP E 803 3.95 19.07 -38.07
C TRP E 803 4.76 18.54 -36.89
N GLY E 804 4.51 19.10 -35.70
CA GLY E 804 5.16 18.68 -34.48
C GLY E 804 6.63 18.98 -34.37
N GLN E 805 7.23 19.60 -35.38
CA GLN E 805 8.64 19.96 -35.35
C GLN E 805 8.75 21.39 -34.84
N GLN E 806 9.00 21.54 -33.54
CA GLN E 806 8.98 22.85 -32.91
C GLN E 806 9.97 22.87 -31.74
N ASN E 807 10.46 24.08 -31.44
CA ASN E 807 11.34 24.27 -30.30
C ASN E 807 10.73 25.16 -29.24
N CYS E 808 9.43 25.45 -29.33
CA CYS E 808 8.80 26.42 -28.45
C CYS E 808 8.23 25.70 -27.24
N ARG E 809 7.78 26.48 -26.27
CA ARG E 809 6.98 25.95 -25.18
C ARG E 809 5.65 26.69 -25.08
N HIS E 810 4.75 26.09 -24.31
CA HIS E 810 3.41 26.62 -24.14
C HIS E 810 3.35 28.02 -23.55
N LYS E 811 4.43 28.50 -22.89
CA LYS E 811 4.48 29.91 -22.53
C LYS E 811 4.45 30.84 -23.74
N GLU E 812 4.72 30.30 -24.92
CA GLU E 812 4.71 31.03 -26.18
C GLU E 812 3.49 30.75 -27.04
N ASP E 813 2.41 30.20 -26.48
CA ASP E 813 1.23 29.94 -27.30
C ASP E 813 0.61 31.23 -27.83
N ALA E 814 0.42 31.23 -29.14
CA ALA E 814 -0.17 32.29 -29.95
C ALA E 814 -1.69 32.37 -29.92
N GLY E 815 -2.20 33.61 -30.09
CA GLY E 815 -3.63 33.83 -30.18
C GLY E 815 -3.93 34.90 -31.21
N VAL E 816 -5.22 35.01 -31.57
CA VAL E 816 -5.66 36.01 -32.54
C VAL E 816 -6.95 36.69 -32.08
N ILE E 817 -7.16 37.92 -32.57
CA ILE E 817 -8.47 38.59 -32.56
C ILE E 817 -8.77 39.06 -33.97
N CYS E 818 -9.88 38.57 -34.52
CA CYS E 818 -10.35 38.87 -35.87
C CYS E 818 -11.44 39.95 -35.87
N SER E 819 -11.77 40.41 -37.07
CA SER E 819 -12.70 41.52 -37.27
C SER E 819 -14.12 41.18 -36.84
N GLU E 820 -14.51 39.91 -36.91
CA GLU E 820 -15.82 39.52 -36.42
C GLU E 820 -15.88 39.29 -34.91
N PHE E 821 -14.81 39.61 -34.17
CA PHE E 821 -14.92 39.61 -32.72
C PHE E 821 -15.86 40.76 -32.39
N MET E 822 -16.95 40.45 -31.70
CA MET E 822 -17.99 41.40 -31.33
C MET E 822 -18.05 41.61 -29.83
N SER E 823 -18.23 42.87 -29.39
CA SER E 823 -18.40 43.04 -27.95
C SER E 823 -19.46 44.08 -27.60
N LEU E 824 -20.07 43.89 -26.44
CA LEU E 824 -21.14 44.75 -25.92
C LEU E 824 -20.75 45.40 -24.61
N ARG E 825 -21.19 46.64 -24.40
CA ARG E 825 -21.07 47.27 -23.09
C ARG E 825 -22.16 48.31 -22.90
N LEU E 826 -22.38 48.66 -21.64
CA LEU E 826 -23.14 49.85 -21.24
C LEU E 826 -22.18 50.91 -20.72
N THR E 827 -22.26 52.12 -21.27
CA THR E 827 -21.49 53.24 -20.78
C THR E 827 -22.43 54.20 -20.07
N SER E 828 -22.12 54.52 -18.81
CA SER E 828 -22.82 55.55 -18.05
C SER E 828 -21.86 56.63 -17.58
N GLU E 829 -22.30 57.88 -17.70
CA GLU E 829 -21.55 59.00 -17.14
C GLU E 829 -21.94 59.31 -15.70
N ALA E 830 -23.13 58.94 -15.27
CA ALA E 830 -23.71 59.44 -14.03
C ALA E 830 -23.83 58.41 -12.92
N SER E 831 -23.70 57.12 -13.24
CA SER E 831 -23.93 56.06 -12.27
C SER E 831 -22.78 55.08 -12.26
N ARG E 832 -22.48 54.55 -11.08
CA ARG E 832 -21.68 53.32 -10.96
C ARG E 832 -22.48 52.08 -11.33
N GLU E 833 -23.67 52.24 -11.88
CA GLU E 833 -24.55 51.11 -12.20
C GLU E 833 -24.10 50.50 -13.52
N ALA E 834 -23.45 49.35 -13.45
CA ALA E 834 -22.96 48.64 -14.62
C ALA E 834 -24.07 48.20 -15.55
N CYS E 835 -25.33 48.22 -15.10
CA CYS E 835 -26.44 47.65 -15.84
C CYS E 835 -27.44 48.69 -16.34
N ALA E 836 -27.05 49.97 -16.32
CA ALA E 836 -27.86 51.02 -16.93
C ALA E 836 -26.92 51.97 -17.66
N GLY E 837 -27.27 52.32 -18.88
CA GLY E 837 -26.41 53.20 -19.65
C GLY E 837 -26.76 53.20 -21.12
N ARG E 838 -25.88 53.84 -21.89
CA ARG E 838 -25.94 53.81 -23.35
C ARG E 838 -25.38 52.49 -23.84
N LEU E 839 -26.11 51.85 -24.76
CA LEU E 839 -25.71 50.58 -25.36
C LEU E 839 -24.67 50.82 -26.44
N GLU E 840 -23.46 50.32 -26.23
CA GLU E 840 -22.40 50.46 -27.21
C GLU E 840 -21.91 49.08 -27.61
N VAL E 841 -21.65 48.90 -28.90
CA VAL E 841 -21.06 47.69 -29.44
C VAL E 841 -19.66 48.02 -29.98
N PHE E 842 -18.70 47.17 -29.65
CA PHE E 842 -17.42 47.19 -30.33
C PHE E 842 -17.58 46.36 -31.59
N TYR E 843 -17.26 46.99 -32.73
CA TYR E 843 -17.24 46.44 -34.08
C TYR E 843 -16.25 47.18 -34.95
N ASN E 844 -15.60 46.43 -35.84
CA ASN E 844 -14.62 46.95 -36.79
C ASN E 844 -13.63 47.88 -36.09
N GLY E 845 -13.21 47.48 -34.89
CA GLY E 845 -12.16 48.18 -34.20
C GLY E 845 -12.60 49.39 -33.41
N ALA E 846 -13.90 49.72 -33.40
CA ALA E 846 -14.36 50.89 -32.68
C ALA E 846 -15.69 50.61 -31.99
N TRP E 847 -15.90 51.29 -30.87
CA TRP E 847 -17.19 51.29 -30.19
C TRP E 847 -18.16 52.26 -30.88
N GLY E 848 -19.42 51.83 -31.01
CA GLY E 848 -20.46 52.73 -31.48
C GLY E 848 -21.82 52.39 -30.90
N THR E 849 -22.70 53.37 -30.92
CA THR E 849 -24.05 53.21 -30.38
C THR E 849 -24.93 52.34 -31.28
N VAL E 850 -25.97 51.76 -30.66
CA VAL E 850 -27.09 51.10 -31.34
C VAL E 850 -28.31 52.01 -31.45
N GLY E 851 -28.97 51.99 -32.60
CA GLY E 851 -30.13 52.83 -32.83
C GLY E 851 -31.36 52.32 -32.08
N LYS E 852 -32.12 53.28 -31.54
CA LYS E 852 -33.30 52.96 -30.73
C LYS E 852 -34.47 52.39 -31.53
N SER E 853 -34.51 52.64 -32.83
CA SER E 853 -35.62 52.23 -33.68
C SER E 853 -35.95 50.74 -33.61
N SER E 854 -37.24 50.45 -33.45
CA SER E 854 -37.88 49.14 -33.38
C SER E 854 -37.41 48.21 -32.26
N MET E 855 -36.58 48.63 -31.31
CA MET E 855 -36.22 47.70 -30.24
C MET E 855 -37.38 47.53 -29.26
N SER E 856 -37.71 46.28 -28.97
CA SER E 856 -38.76 45.91 -28.05
C SER E 856 -38.16 45.57 -26.69
N GLU E 857 -39.03 45.54 -25.69
CA GLU E 857 -38.63 45.07 -24.36
C GLU E 857 -38.13 43.63 -24.37
N THR E 858 -38.58 42.80 -25.31
CA THR E 858 -37.96 41.49 -25.45
C THR E 858 -36.49 41.62 -25.82
N THR E 859 -36.18 42.49 -26.76
CA THR E 859 -34.79 42.78 -27.12
C THR E 859 -34.00 43.33 -25.94
N VAL E 860 -34.61 44.22 -25.16
CA VAL E 860 -33.95 44.74 -23.98
C VAL E 860 -33.68 43.63 -22.98
N GLY E 861 -34.64 42.73 -22.79
CA GLY E 861 -34.40 41.56 -21.95
C GLY E 861 -33.23 40.73 -22.43
N VAL E 862 -33.15 40.54 -23.74
CA VAL E 862 -32.01 39.86 -24.34
C VAL E 862 -30.71 40.57 -23.98
N VAL E 863 -30.67 41.89 -24.14
CA VAL E 863 -29.48 42.67 -23.80
C VAL E 863 -29.10 42.50 -22.33
N CYS E 864 -30.08 42.61 -21.43
CA CYS E 864 -29.80 42.49 -20.00
C CYS E 864 -29.29 41.10 -19.63
N ARG E 865 -29.78 40.06 -20.29
CA ARG E 865 -29.24 38.72 -20.09
C ARG E 865 -27.81 38.62 -20.61
N GLN E 866 -27.57 39.14 -21.80
CA GLN E 866 -26.23 39.07 -22.40
C GLN E 866 -25.20 39.72 -21.50
N LEU E 867 -25.57 40.80 -20.84
CA LEU E 867 -24.69 41.46 -19.90
C LEU E 867 -24.69 40.79 -18.53
N GLY E 868 -25.49 39.75 -18.33
CA GLY E 868 -25.60 39.15 -17.02
C GLY E 868 -26.19 40.10 -16.00
N CYS E 869 -27.04 41.02 -16.45
CA CYS E 869 -27.62 42.04 -15.59
C CYS E 869 -28.95 41.63 -14.97
N ALA E 870 -29.92 41.24 -15.78
CA ALA E 870 -31.22 40.79 -15.30
C ALA E 870 -31.96 40.16 -16.48
N ASP E 871 -33.16 39.65 -16.21
CA ASP E 871 -33.97 39.10 -17.30
C ASP E 871 -34.63 40.18 -18.15
N LYS E 872 -34.96 41.34 -17.57
CA LYS E 872 -35.74 42.33 -18.28
C LYS E 872 -35.18 43.73 -18.01
N GLY E 873 -35.66 44.70 -18.78
CA GLY E 873 -35.34 46.11 -18.57
C GLY E 873 -36.19 47.02 -19.43
N LYS E 874 -36.02 48.31 -19.20
CA LYS E 874 -36.77 49.38 -19.86
C LYS E 874 -35.88 50.34 -20.64
N ILE E 875 -36.45 50.87 -21.73
CA ILE E 875 -35.84 51.93 -22.52
C ILE E 875 -36.11 53.30 -21.91
N ASN E 876 -35.04 53.98 -21.50
CA ASN E 876 -35.12 55.32 -20.97
C ASN E 876 -35.23 56.34 -22.11
N PRO E 877 -35.84 57.49 -21.86
CA PRO E 877 -35.68 58.62 -22.78
C PRO E 877 -34.22 59.07 -22.77
N ALA E 878 -33.70 59.37 -23.95
CA ALA E 878 -32.35 59.91 -24.04
C ALA E 878 -32.27 61.28 -23.39
N SER E 879 -31.13 61.56 -22.77
CA SER E 879 -30.91 62.88 -22.20
C SER E 879 -30.73 63.90 -23.31
N LEU E 880 -31.68 64.84 -23.39
CA LEU E 880 -31.64 65.90 -24.39
C LEU E 880 -30.47 66.85 -24.20
N ASP E 881 -29.82 66.83 -23.05
CA ASP E 881 -28.80 67.81 -22.70
C ASP E 881 -27.43 67.52 -23.30
N LYS E 882 -27.29 66.52 -24.16
CA LYS E 882 -25.99 66.17 -24.75
C LYS E 882 -25.99 66.59 -26.21
N ALA E 883 -25.06 67.48 -26.56
CA ALA E 883 -24.90 68.00 -27.91
C ALA E 883 -23.93 67.22 -28.79
N MET E 884 -23.28 66.18 -28.27
CA MET E 884 -22.24 65.48 -29.02
C MET E 884 -22.83 64.29 -29.78
N SER E 885 -22.66 64.33 -31.11
CA SER E 885 -23.01 63.22 -31.98
C SER E 885 -21.99 62.09 -31.89
N ILE E 886 -22.50 60.89 -31.65
CA ILE E 886 -21.67 59.69 -31.51
C ILE E 886 -21.87 58.80 -32.73
N PRO E 887 -20.83 58.07 -33.19
CA PRO E 887 -21.03 57.07 -34.24
C PRO E 887 -22.02 56.00 -33.83
N MET E 888 -23.00 55.76 -34.70
CA MET E 888 -23.92 54.64 -34.63
C MET E 888 -23.56 53.60 -35.68
N TRP E 889 -23.65 52.32 -35.27
CA TRP E 889 -23.32 51.17 -36.10
C TRP E 889 -24.55 50.47 -36.68
N VAL E 890 -25.64 50.38 -35.93
CA VAL E 890 -26.78 49.55 -36.33
C VAL E 890 -28.06 50.10 -35.68
N ASP E 891 -29.18 49.91 -36.38
CA ASP E 891 -30.50 50.22 -35.85
C ASP E 891 -31.47 49.12 -36.27
N ASN E 892 -32.72 49.28 -35.83
CA ASN E 892 -33.82 48.35 -36.16
C ASN E 892 -33.52 46.91 -35.73
N VAL E 893 -32.87 46.74 -34.59
CA VAL E 893 -32.52 45.40 -34.11
C VAL E 893 -33.75 44.74 -33.50
N GLN E 894 -34.19 43.63 -34.10
CA GLN E 894 -35.39 42.91 -33.63
C GLN E 894 -34.99 41.47 -33.33
N CYS E 895 -35.05 41.10 -32.04
CA CYS E 895 -34.80 39.72 -31.62
C CYS E 895 -36.10 38.98 -31.41
N PRO E 896 -36.24 37.77 -31.93
CA PRO E 896 -37.28 36.86 -31.44
C PRO E 896 -37.05 36.49 -29.99
N LYS E 897 -38.04 35.84 -29.40
CA LYS E 897 -37.81 35.10 -28.17
C LYS E 897 -37.02 33.83 -28.47
N GLY E 898 -35.97 33.59 -27.68
CA GLY E 898 -35.12 32.44 -27.91
C GLY E 898 -33.63 32.72 -27.95
N PRO E 899 -33.19 33.59 -28.86
CA PRO E 899 -31.75 33.88 -29.00
C PRO E 899 -31.13 34.39 -27.71
N ASP E 900 -29.90 33.96 -27.46
CA ASP E 900 -29.14 34.41 -26.29
C ASP E 900 -28.23 35.60 -26.58
N THR E 901 -27.85 35.83 -27.83
CA THR E 901 -26.94 36.93 -28.18
C THR E 901 -27.61 37.79 -29.25
N LEU E 902 -27.38 39.09 -29.17
CA LEU E 902 -27.90 40.02 -30.16
C LEU E 902 -27.35 39.68 -31.53
N TRP E 903 -26.18 39.06 -31.56
CA TRP E 903 -25.54 38.71 -32.83
C TRP E 903 -26.41 37.75 -33.63
N GLN E 904 -27.20 36.94 -32.95
CA GLN E 904 -28.06 36.02 -33.69
C GLN E 904 -29.32 36.71 -34.17
N CYS E 905 -29.53 38.00 -33.79
CA CYS E 905 -30.76 38.73 -34.08
C CYS E 905 -30.62 39.47 -35.41
N PRO E 906 -31.52 39.25 -36.36
CA PRO E 906 -31.51 40.07 -37.58
C PRO E 906 -31.63 41.55 -37.26
N SER E 907 -30.90 42.37 -38.03
CA SER E 907 -30.96 43.81 -37.88
C SER E 907 -30.70 44.44 -39.24
N SER E 908 -30.65 45.78 -39.27
CA SER E 908 -30.05 46.50 -40.38
C SER E 908 -28.56 46.20 -40.52
N PRO E 909 -28.01 46.39 -41.71
CA PRO E 909 -26.54 46.30 -41.88
C PRO E 909 -25.79 47.32 -41.04
N TRP E 910 -24.51 47.02 -40.81
CA TRP E 910 -23.59 47.98 -40.21
C TRP E 910 -23.48 49.24 -41.06
N GLU E 911 -23.84 50.38 -40.49
CA GLU E 911 -23.65 51.66 -41.16
C GLU E 911 -23.22 52.67 -40.12
N LYS E 912 -22.00 53.18 -40.30
CA LYS E 912 -21.43 54.23 -39.46
C LYS E 912 -22.08 55.56 -39.83
N ARG E 913 -23.02 56.02 -39.00
CA ARG E 913 -23.61 57.34 -39.19
C ARG E 913 -23.52 58.12 -37.89
N LEU E 914 -23.64 59.44 -37.99
CA LEU E 914 -23.73 60.26 -36.78
C LEU E 914 -25.14 60.12 -36.22
N ALA E 915 -25.25 59.68 -34.98
CA ALA E 915 -26.54 59.67 -34.31
C ALA E 915 -26.93 61.07 -33.84
N SER E 916 -28.21 61.38 -33.98
CA SER E 916 -28.81 62.42 -33.17
C SER E 916 -28.95 61.94 -31.73
N PRO E 917 -28.91 62.85 -30.76
CA PRO E 917 -29.13 62.45 -29.36
C PRO E 917 -30.43 61.69 -29.13
N SER E 918 -31.46 61.96 -29.92
CA SER E 918 -32.72 61.25 -29.79
C SER E 918 -32.66 59.80 -30.26
N GLU E 919 -31.69 59.44 -31.11
CA GLU E 919 -31.53 58.07 -31.57
C GLU E 919 -30.70 57.19 -30.65
N GLU E 920 -29.97 57.78 -29.70
CA GLU E 920 -29.16 57.01 -28.76
C GLU E 920 -30.03 56.10 -27.91
N THR E 921 -29.60 54.84 -27.77
CA THR E 921 -30.25 53.88 -26.88
C THR E 921 -29.72 53.94 -25.46
N TRP E 922 -30.55 54.41 -24.53
CA TRP E 922 -30.32 54.29 -23.11
C TRP E 922 -31.24 53.22 -22.51
N ILE E 923 -30.66 52.28 -21.76
CA ILE E 923 -31.47 51.25 -21.11
C ILE E 923 -31.16 51.22 -19.62
N THR E 924 -32.17 50.82 -18.84
CA THR E 924 -31.97 50.39 -17.47
C THR E 924 -32.50 48.96 -17.32
N CYS E 925 -31.62 48.04 -16.98
CA CYS E 925 -32.09 46.73 -16.53
C CYS E 925 -32.79 46.93 -15.19
N ASP E 926 -33.45 45.89 -14.69
CA ASP E 926 -34.00 46.03 -13.35
C ASP E 926 -32.88 46.06 -12.33
N ASN E 927 -33.19 46.44 -11.09
CA ASN E 927 -32.16 46.44 -10.07
C ASN E 927 -31.73 45.00 -9.78
N LYS E 928 -30.45 44.84 -9.46
CA LYS E 928 -29.96 43.56 -8.95
C LYS E 928 -30.52 43.21 -7.57
N ILE E 929 -31.25 44.10 -6.91
CA ILE E 929 -31.77 43.79 -5.58
C ILE E 929 -33.27 44.03 -5.52
N ARG E 930 -33.98 43.12 -4.86
CA ARG E 930 -35.41 43.22 -4.65
C ARG E 930 -35.75 42.75 -3.25
N LEU E 931 -36.90 43.20 -2.76
CA LEU E 931 -37.50 42.71 -1.53
C LEU E 931 -38.68 41.81 -1.84
N GLN E 932 -38.70 40.64 -1.23
CA GLN E 932 -39.81 39.71 -1.41
C GLN E 932 -40.57 39.52 -0.10
N GLU E 933 -41.87 39.23 -0.24
CA GLU E 933 -42.78 38.81 0.82
C GLU E 933 -42.90 39.79 1.98
N GLY E 934 -42.46 41.03 1.83
CA GLY E 934 -42.72 42.01 2.87
C GLY E 934 -44.05 42.69 2.69
N PRO E 935 -44.57 43.32 3.76
CA PRO E 935 -45.87 43.98 3.65
C PRO E 935 -45.85 45.22 2.78
N THR E 936 -44.68 45.78 2.52
CA THR E 936 -44.52 46.97 1.69
C THR E 936 -43.36 46.74 0.73
N SER E 937 -43.28 47.61 -0.28
CA SER E 937 -42.18 47.58 -1.22
C SER E 937 -40.84 47.95 -0.58
N CYS E 938 -40.82 48.44 0.65
CA CYS E 938 -39.57 48.78 1.32
C CYS E 938 -39.30 47.91 2.54
N SER E 939 -39.98 46.77 2.65
CA SER E 939 -39.65 45.76 3.65
C SER E 939 -39.73 44.39 3.00
N GLY E 940 -38.88 43.48 3.46
CA GLY E 940 -38.90 42.13 2.91
C GLY E 940 -37.55 41.47 2.96
N ARG E 941 -37.55 40.20 2.53
CA ARG E 941 -36.31 39.47 2.32
C ARG E 941 -35.52 40.06 1.16
N VAL E 942 -34.21 40.17 1.36
CA VAL E 942 -33.30 40.72 0.37
C VAL E 942 -32.88 39.63 -0.62
N GLU E 943 -33.22 39.80 -1.90
CA GLU E 943 -32.77 38.91 -2.95
C GLU E 943 -31.95 39.69 -3.98
N ILE E 944 -30.87 39.07 -4.43
CA ILE E 944 -29.93 39.66 -5.39
C ILE E 944 -29.80 38.73 -6.59
N TRP E 945 -29.68 39.34 -7.77
CA TRP E 945 -29.53 38.62 -9.05
C TRP E 945 -28.07 38.45 -9.42
N HIS E 946 -27.59 37.21 -9.42
CA HIS E 946 -26.22 36.92 -9.82
C HIS E 946 -26.19 35.57 -10.52
N GLY E 947 -25.22 35.43 -11.42
CA GLY E 947 -25.05 34.19 -12.14
C GLY E 947 -26.26 33.74 -12.92
N GLY E 948 -27.17 34.66 -13.25
CA GLY E 948 -28.37 34.29 -13.95
C GLY E 948 -29.49 33.75 -13.08
N SER E 949 -29.36 33.83 -11.76
CA SER E 949 -30.44 33.42 -10.86
C SER E 949 -30.56 34.40 -9.70
N TRP E 950 -31.75 34.42 -9.10
CA TRP E 950 -31.94 35.08 -7.82
C TRP E 950 -31.34 34.24 -6.69
N GLY E 951 -30.78 34.92 -5.69
CA GLY E 951 -30.30 34.26 -4.50
C GLY E 951 -30.34 35.19 -3.31
N THR E 952 -30.10 34.61 -2.13
CA THR E 952 -30.29 35.32 -0.87
C THR E 952 -28.95 35.79 -0.29
N VAL E 953 -29.05 36.52 0.83
CA VAL E 953 -27.91 37.00 1.59
C VAL E 953 -27.98 36.41 2.99
N CYS E 954 -26.87 35.84 3.45
CA CYS E 954 -26.79 35.30 4.80
C CYS E 954 -26.76 36.42 5.85
N ASP E 955 -27.41 36.18 6.99
CA ASP E 955 -27.46 37.12 8.09
C ASP E 955 -26.18 37.16 8.92
N ASP E 956 -25.21 36.33 8.58
CA ASP E 956 -23.86 36.41 9.15
C ASP E 956 -23.24 37.79 8.95
N SER E 957 -22.89 38.46 10.06
CA SER E 957 -22.46 39.85 10.10
C SER E 957 -23.50 40.88 9.65
N TRP E 958 -24.69 40.43 9.29
CA TRP E 958 -25.70 41.34 8.79
C TRP E 958 -26.06 42.37 9.86
N ASP E 959 -25.89 43.65 9.53
CA ASP E 959 -26.14 44.73 10.48
C ASP E 959 -26.96 45.86 9.89
N LEU E 960 -27.13 46.94 10.67
CA LEU E 960 -27.98 48.05 10.22
C LEU E 960 -27.34 48.86 9.09
N ASP E 961 -26.01 48.87 9.00
CA ASP E 961 -25.36 49.57 7.90
C ASP E 961 -25.53 48.82 6.59
N ASP E 962 -25.49 47.49 6.64
CA ASP E 962 -25.85 46.69 5.46
C ASP E 962 -27.28 46.96 5.02
N ALA E 963 -28.21 46.93 5.97
CA ALA E 963 -29.60 47.26 5.65
C ALA E 963 -29.74 48.68 5.11
N GLN E 964 -28.96 49.61 5.64
CA GLN E 964 -29.01 50.99 5.14
C GLN E 964 -28.57 51.06 3.69
N VAL E 965 -27.53 50.30 3.33
CA VAL E 965 -27.10 50.21 1.93
C VAL E 965 -28.20 49.61 1.07
N VAL E 966 -28.81 48.53 1.55
CA VAL E 966 -29.91 47.90 0.81
C VAL E 966 -31.06 48.88 0.60
N CYS E 967 -31.48 49.57 1.66
CA CYS E 967 -32.57 50.54 1.58
C CYS E 967 -32.25 51.65 0.58
N GLN E 968 -31.03 52.19 0.65
CA GLN E 968 -30.63 53.23 -0.29
C GLN E 968 -30.62 52.74 -1.72
N GLN E 969 -30.15 51.52 -1.96
CA GLN E 969 -30.14 50.97 -3.32
C GLN E 969 -31.54 50.85 -3.88
N LEU E 970 -32.52 50.50 -3.05
CA LEU E 970 -33.91 50.46 -3.49
C LEU E 970 -34.55 51.85 -3.54
N GLY E 971 -33.82 52.90 -3.15
CA GLY E 971 -34.42 54.22 -3.04
C GLY E 971 -35.43 54.34 -1.94
N CYS E 972 -35.47 53.38 -1.03
CA CYS E 972 -36.15 53.51 0.24
C CYS E 972 -35.37 54.45 1.15
N GLY E 973 -36.08 55.08 2.08
CA GLY E 973 -35.46 55.96 3.04
C GLY E 973 -34.61 55.20 4.03
N PRO E 974 -34.27 55.83 5.15
CA PRO E 974 -33.36 55.18 6.12
C PRO E 974 -33.86 53.81 6.55
N ALA E 975 -32.90 52.93 6.81
CA ALA E 975 -33.19 51.61 7.36
C ALA E 975 -33.76 51.73 8.77
N LEU E 976 -34.89 51.05 9.01
CA LEU E 976 -35.43 51.01 10.35
C LEU E 976 -34.99 49.77 11.13
N LYS E 977 -34.98 48.61 10.48
CA LYS E 977 -34.58 47.38 11.15
C LYS E 977 -33.89 46.46 10.16
N ALA E 978 -32.86 45.74 10.64
CA ALA E 978 -32.30 44.59 9.96
C ALA E 978 -32.75 43.30 10.65
N PHE E 979 -33.58 42.52 9.96
CA PHE E 979 -34.06 41.26 10.51
C PHE E 979 -33.20 40.09 10.07
N LYS E 980 -33.17 39.08 10.94
CA LYS E 980 -32.39 37.85 10.78
C LYS E 980 -33.34 36.64 10.85
N GLU E 981 -32.75 35.46 10.67
CA GLU E 981 -33.38 34.16 10.90
C GLU E 981 -34.66 33.98 10.07
N ALA E 982 -34.64 34.50 8.85
CA ALA E 982 -35.74 34.35 7.90
C ALA E 982 -37.08 34.82 8.46
N GLU E 983 -37.08 35.97 9.14
CA GLU E 983 -38.29 36.51 9.74
C GLU E 983 -39.47 36.51 8.78
N PHE E 984 -39.21 36.80 7.50
CA PHE E 984 -40.23 36.80 6.46
C PHE E 984 -40.25 35.49 5.67
N GLY E 985 -39.89 34.38 6.30
CA GLY E 985 -39.75 33.12 5.61
C GLY E 985 -38.38 32.93 4.98
N GLN E 986 -38.05 31.65 4.76
CA GLN E 986 -36.82 31.28 4.08
C GLN E 986 -36.89 31.60 2.59
N GLY E 987 -35.74 32.00 2.04
CA GLY E 987 -35.61 32.22 0.61
C GLY E 987 -35.21 30.96 -0.12
N THR E 988 -34.67 31.14 -1.33
CA THR E 988 -34.46 30.03 -2.24
C THR E 988 -33.18 30.22 -3.03
N GLY E 989 -32.63 29.10 -3.49
CA GLY E 989 -31.46 29.09 -4.34
C GLY E 989 -30.17 29.40 -3.60
N PRO E 990 -29.18 29.91 -4.34
CA PRO E 990 -27.86 30.13 -3.73
C PRO E 990 -27.90 31.26 -2.73
N ILE E 991 -27.14 31.13 -1.65
CA ILE E 991 -26.83 32.25 -0.78
C ILE E 991 -25.61 32.97 -1.36
N TRP E 992 -25.87 34.06 -2.09
CA TRP E 992 -24.80 34.68 -2.87
C TRP E 992 -23.80 35.40 -1.98
N LEU E 993 -24.27 36.03 -0.90
CA LEU E 993 -23.39 36.82 -0.04
C LEU E 993 -23.52 36.39 1.40
N ASN E 994 -22.37 36.29 2.06
CA ASN E 994 -22.26 36.01 3.48
C ASN E 994 -21.17 36.89 4.10
N GLU E 995 -21.35 37.22 5.37
CA GLU E 995 -20.48 38.13 6.11
C GLU E 995 -20.34 39.49 5.42
N VAL E 996 -21.47 40.04 5.01
CA VAL E 996 -21.49 41.39 4.46
C VAL E 996 -21.12 42.37 5.57
N LYS E 997 -20.18 43.28 5.29
CA LYS E 997 -19.66 44.21 6.28
C LYS E 997 -19.55 45.60 5.63
N CYS E 998 -20.70 46.15 5.26
CA CYS E 998 -20.75 47.49 4.72
C CYS E 998 -20.39 48.52 5.79
N LYS E 999 -19.99 49.70 5.33
CA LYS E 999 -19.86 50.87 6.18
C LYS E 999 -21.11 51.76 6.17
N GLY E 1000 -22.08 51.44 5.31
CA GLY E 1000 -23.28 52.22 5.15
C GLY E 1000 -23.15 53.40 4.21
N ASN E 1001 -21.99 53.59 3.60
CA ASN E 1001 -21.76 54.67 2.66
C ASN E 1001 -21.37 54.18 1.27
N GLU E 1002 -21.30 52.88 1.06
CA GLU E 1002 -21.09 52.33 -0.27
C GLU E 1002 -22.24 52.65 -1.21
N SER E 1003 -21.90 52.80 -2.48
CA SER E 1003 -22.88 53.03 -3.54
C SER E 1003 -23.65 51.79 -3.92
N SER E 1004 -23.11 50.60 -3.63
CA SER E 1004 -23.62 49.36 -4.20
C SER E 1004 -23.20 48.20 -3.31
N LEU E 1005 -24.06 47.18 -3.24
CA LEU E 1005 -23.77 46.00 -2.45
C LEU E 1005 -22.49 45.31 -2.92
N TRP E 1006 -22.16 45.45 -4.20
CA TRP E 1006 -20.89 44.95 -4.72
C TRP E 1006 -19.69 45.65 -4.12
N ASP E 1007 -19.87 46.84 -3.54
CA ASP E 1007 -18.73 47.56 -2.98
C ASP E 1007 -18.44 47.15 -1.54
N CYS E 1008 -19.30 46.38 -0.90
CA CYS E 1008 -18.97 46.04 0.47
C CYS E 1008 -18.01 44.85 0.47
N PRO E 1009 -17.03 44.83 1.37
CA PRO E 1009 -16.24 43.62 1.61
C PRO E 1009 -17.10 42.42 1.98
N ALA E 1010 -16.88 41.29 1.30
CA ALA E 1010 -17.57 40.06 1.63
C ALA E 1010 -16.67 38.87 1.26
N ARG E 1011 -17.07 37.69 1.71
CA ARG E 1011 -16.51 36.45 1.18
C ARG E 1011 -16.80 36.30 -0.31
N ARG E 1012 -16.15 35.31 -0.92
CA ARG E 1012 -16.35 35.01 -2.33
C ARG E 1012 -17.81 34.67 -2.62
N TRP E 1013 -18.29 35.16 -3.77
CA TRP E 1013 -19.65 34.91 -4.23
C TRP E 1013 -19.97 33.43 -4.32
N GLY E 1014 -21.14 33.05 -3.80
CA GLY E 1014 -21.60 31.68 -3.82
C GLY E 1014 -20.93 30.73 -2.85
N HIS E 1015 -20.00 31.21 -2.03
CA HIS E 1015 -19.42 30.39 -0.97
C HIS E 1015 -20.10 30.80 0.34
N SER E 1016 -21.09 30.03 0.75
CA SER E 1016 -21.76 30.26 2.03
C SER E 1016 -21.83 28.96 2.82
N GLU E 1017 -21.58 29.07 4.12
CA GLU E 1017 -21.88 28.01 5.07
C GLU E 1017 -23.30 28.07 5.60
N CYS E 1018 -24.05 29.11 5.26
CA CYS E 1018 -25.37 29.32 5.83
C CYS E 1018 -26.43 28.47 5.14
N GLY E 1019 -27.50 28.18 5.86
CA GLY E 1019 -28.74 27.72 5.28
C GLY E 1019 -29.73 28.87 5.08
N HIS E 1020 -30.82 28.56 4.38
CA HIS E 1020 -31.89 29.53 4.18
C HIS E 1020 -32.57 29.95 5.46
N LYS E 1021 -32.36 29.20 6.55
CA LYS E 1021 -32.81 29.68 7.86
C LYS E 1021 -32.18 31.02 8.23
N GLU E 1022 -30.99 31.31 7.70
CA GLU E 1022 -30.26 32.53 7.98
C GLU E 1022 -30.45 33.61 6.92
N ASP E 1023 -31.55 33.55 6.16
CA ASP E 1023 -31.78 34.56 5.14
C ASP E 1023 -32.05 35.93 5.75
N ALA E 1024 -31.26 36.91 5.32
CA ALA E 1024 -31.34 38.29 5.79
C ALA E 1024 -32.57 39.02 5.27
N ALA E 1025 -33.11 39.92 6.10
CA ALA E 1025 -34.31 40.68 5.76
C ALA E 1025 -34.11 42.12 6.21
N VAL E 1026 -34.88 43.04 5.61
CA VAL E 1026 -34.82 44.44 5.99
C VAL E 1026 -36.23 44.99 6.17
N ASN E 1027 -36.32 46.06 6.98
CA ASN E 1027 -37.50 46.91 7.02
C ASN E 1027 -37.03 48.36 6.95
N CYS E 1028 -37.36 49.04 5.86
CA CYS E 1028 -37.03 50.43 5.60
C CYS E 1028 -38.25 51.32 5.83
N THR E 1029 -38.00 52.63 5.91
CA THR E 1029 -39.08 53.60 5.87
C THR E 1029 -39.74 53.60 4.49
N ALA F 262 10.45 -50.53 -44.42
CA ALA F 262 9.74 -49.46 -43.74
C ALA F 262 9.66 -48.21 -44.63
N ASP F 263 10.54 -48.16 -45.63
CA ASP F 263 10.58 -47.07 -46.61
C ASP F 263 10.80 -45.72 -45.93
N LEU F 264 12.07 -45.32 -45.79
CA LEU F 264 12.42 -44.08 -45.11
C LEU F 264 13.06 -43.13 -46.10
N SER F 265 12.68 -41.85 -46.02
CA SER F 265 13.38 -40.81 -46.77
C SER F 265 13.32 -39.49 -46.02
N LEU F 266 14.36 -38.68 -46.17
CA LEU F 266 14.40 -37.35 -45.57
C LEU F 266 14.44 -36.27 -46.65
N ARG F 267 13.65 -35.22 -46.46
CA ARG F 267 13.68 -34.05 -47.32
C ARG F 267 13.45 -32.79 -46.48
N LEU F 268 13.86 -31.66 -47.03
CA LEU F 268 13.48 -30.34 -46.52
C LEU F 268 12.39 -29.69 -47.35
N VAL F 269 11.48 -28.99 -46.67
CA VAL F 269 10.37 -28.30 -47.32
C VAL F 269 10.36 -26.84 -46.86
N ASP F 270 10.03 -25.95 -47.80
CA ASP F 270 9.92 -24.51 -47.58
C ASP F 270 11.23 -23.92 -47.05
N GLY F 271 12.33 -24.55 -47.43
CA GLY F 271 13.65 -24.03 -47.09
C GLY F 271 14.05 -22.80 -47.90
N VAL F 272 15.06 -22.11 -47.37
CA VAL F 272 15.77 -21.13 -48.17
C VAL F 272 16.64 -21.84 -49.19
N THR F 273 17.15 -23.03 -48.85
CA THR F 273 17.91 -23.88 -49.76
C THR F 273 17.35 -25.31 -49.64
N GLU F 274 17.81 -26.20 -50.53
CA GLU F 274 17.46 -27.61 -50.37
C GLU F 274 18.01 -28.25 -49.10
N CYS F 275 18.93 -27.60 -48.39
CA CYS F 275 19.47 -28.15 -47.15
C CYS F 275 19.13 -27.31 -45.94
N SER F 276 18.11 -26.46 -46.05
CA SER F 276 17.48 -25.84 -44.90
C SER F 276 15.98 -25.96 -45.11
N GLY F 277 15.24 -25.86 -44.01
CA GLY F 277 13.81 -25.85 -44.12
C GLY F 277 13.22 -26.71 -43.02
N ARG F 278 11.91 -26.90 -43.10
CA ARG F 278 11.24 -27.83 -42.20
C ARG F 278 11.64 -29.24 -42.61
N LEU F 279 11.91 -30.08 -41.61
CA LEU F 279 12.37 -31.45 -41.84
C LEU F 279 11.15 -32.32 -42.05
N GLU F 280 11.12 -33.02 -43.18
CA GLU F 280 10.06 -33.94 -43.49
C GLU F 280 10.61 -35.35 -43.73
N VAL F 281 9.96 -36.36 -43.15
CA VAL F 281 10.31 -37.76 -43.37
C VAL F 281 9.19 -38.44 -44.15
N ARG F 282 9.55 -39.11 -45.25
CA ARG F 282 8.64 -40.02 -45.92
C ARG F 282 8.73 -41.38 -45.23
N PHE F 283 7.58 -41.91 -44.79
CA PHE F 283 7.48 -43.23 -44.19
C PHE F 283 6.32 -44.00 -44.82
N GLN F 284 6.63 -45.17 -45.36
CA GLN F 284 5.68 -46.09 -46.01
C GLN F 284 4.81 -45.39 -47.06
N GLY F 285 5.37 -44.39 -47.72
CA GLY F 285 4.69 -43.69 -48.79
C GLY F 285 4.03 -42.39 -48.38
N GLU F 286 3.81 -42.17 -47.08
CA GLU F 286 3.15 -40.95 -46.63
C GLU F 286 4.20 -40.06 -45.98
N TRP F 287 4.09 -38.75 -46.20
CA TRP F 287 4.98 -37.80 -45.55
C TRP F 287 4.51 -37.24 -44.21
N GLY F 288 5.44 -37.09 -43.24
CA GLY F 288 5.14 -36.38 -42.01
C GLY F 288 6.37 -35.70 -41.43
N THR F 289 6.15 -34.86 -40.42
CA THR F 289 7.19 -34.02 -39.83
C THR F 289 7.79 -34.62 -38.54
N ILE F 290 8.77 -33.90 -37.96
CA ILE F 290 9.39 -34.25 -36.69
C ILE F 290 9.16 -33.15 -35.66
N CYS F 291 8.86 -33.55 -34.42
CA CYS F 291 8.72 -32.61 -33.31
C CYS F 291 10.08 -32.16 -32.79
N ASP F 292 10.12 -30.92 -32.28
CA ASP F 292 11.34 -30.29 -31.76
C ASP F 292 11.72 -30.70 -30.34
N ASP F 293 10.91 -31.50 -29.66
CA ASP F 293 11.17 -31.87 -28.26
C ASP F 293 12.47 -32.64 -28.08
N GLY F 294 13.41 -32.03 -27.36
CA GLY F 294 14.74 -32.56 -27.10
C GLY F 294 15.65 -32.52 -28.30
N TRP F 295 15.17 -31.94 -29.39
CA TRP F 295 15.86 -31.89 -30.67
C TRP F 295 17.08 -30.98 -30.54
N ASP F 296 18.28 -31.50 -30.80
CA ASP F 296 19.48 -30.71 -30.54
C ASP F 296 20.34 -30.64 -31.80
N SER F 297 21.53 -30.02 -31.67
CA SER F 297 22.46 -29.79 -32.76
C SER F 297 23.10 -31.06 -33.33
N TYR F 298 23.16 -32.15 -32.57
CA TYR F 298 23.66 -33.39 -33.16
C TYR F 298 22.66 -33.97 -34.15
N ASP F 299 21.37 -33.88 -33.85
CA ASP F 299 20.35 -34.34 -34.80
C ASP F 299 20.39 -33.51 -36.08
N ALA F 300 20.43 -32.18 -35.92
CA ALA F 300 20.56 -31.27 -37.05
C ALA F 300 21.84 -31.54 -37.84
N ALA F 301 22.93 -31.82 -37.13
CA ALA F 301 24.21 -32.13 -37.78
C ALA F 301 24.13 -33.40 -38.60
N VAL F 302 23.47 -34.45 -38.08
CA VAL F 302 23.27 -35.66 -38.86
C VAL F 302 22.46 -35.37 -40.11
N ALA F 303 21.38 -34.59 -39.97
CA ALA F 303 20.58 -34.22 -41.14
C ALA F 303 21.40 -33.45 -42.17
N CYS F 304 22.14 -32.44 -41.72
CA CYS F 304 22.99 -31.64 -42.60
C CYS F 304 24.02 -32.51 -43.30
N LYS F 305 24.67 -33.42 -42.58
CA LYS F 305 25.63 -34.35 -43.17
C LYS F 305 24.96 -35.22 -44.23
N GLN F 306 23.77 -35.73 -43.95
CA GLN F 306 23.08 -36.57 -44.91
C GLN F 306 22.73 -35.79 -46.17
N LEU F 307 22.41 -34.51 -46.04
CA LEU F 307 22.15 -33.72 -47.24
C LEU F 307 23.43 -33.32 -47.99
N GLY F 308 24.60 -33.59 -47.41
CA GLY F 308 25.89 -33.17 -47.94
C GLY F 308 26.24 -31.70 -47.89
N CYS F 309 25.56 -30.91 -47.06
CA CYS F 309 25.85 -29.50 -46.86
C CYS F 309 26.87 -29.27 -45.76
N PRO F 310 27.52 -28.11 -45.75
CA PRO F 310 28.46 -27.78 -44.67
C PRO F 310 27.76 -27.78 -43.32
N THR F 311 28.46 -28.32 -42.33
CA THR F 311 27.99 -28.50 -40.97
C THR F 311 28.75 -27.64 -39.96
N ALA F 312 29.50 -26.64 -40.42
CA ALA F 312 30.24 -25.80 -39.50
C ALA F 312 29.29 -25.02 -38.58
N VAL F 313 28.16 -24.56 -39.11
CA VAL F 313 27.17 -23.88 -38.27
C VAL F 313 25.80 -24.45 -38.65
N THR F 314 25.08 -24.91 -37.64
CA THR F 314 23.80 -25.58 -37.80
C THR F 314 22.81 -24.93 -36.84
N ALA F 315 21.78 -24.31 -37.39
CA ALA F 315 20.73 -23.72 -36.59
C ALA F 315 19.51 -24.63 -36.51
N ILE F 316 18.86 -24.55 -35.35
CA ILE F 316 17.53 -25.07 -35.11
C ILE F 316 16.48 -24.05 -35.52
N GLY F 317 15.26 -24.53 -35.70
CA GLY F 317 14.12 -23.67 -35.91
C GLY F 317 13.65 -23.69 -37.36
N ARG F 318 12.50 -23.07 -37.55
CA ARG F 318 11.76 -23.06 -38.82
C ARG F 318 11.91 -21.66 -39.38
N VAL F 319 12.79 -21.52 -40.38
CA VAL F 319 12.96 -20.26 -41.07
C VAL F 319 12.10 -20.25 -42.34
N ASN F 320 11.15 -19.31 -42.38
CA ASN F 320 10.16 -19.20 -43.45
C ASN F 320 9.37 -20.50 -43.66
N ALA F 321 9.63 -21.52 -42.86
CA ALA F 321 8.91 -22.78 -42.99
C ALA F 321 7.55 -22.73 -42.33
N SER F 322 6.53 -23.16 -43.08
CA SER F 322 5.17 -23.23 -42.57
C SER F 322 5.08 -24.29 -41.47
N LYS F 323 3.93 -24.35 -40.82
CA LYS F 323 3.63 -25.49 -39.98
C LYS F 323 3.28 -26.69 -40.86
N GLY F 324 3.80 -27.85 -40.49
CA GLY F 324 3.48 -29.09 -41.18
C GLY F 324 2.03 -29.51 -41.02
N PHE F 325 1.71 -30.64 -41.66
CA PHE F 325 0.39 -31.24 -41.52
C PHE F 325 0.52 -32.76 -41.48
N GLY F 326 -0.46 -33.40 -40.87
CA GLY F 326 -0.53 -34.85 -40.83
C GLY F 326 0.26 -35.41 -39.67
N HIS F 327 1.08 -36.41 -39.97
CA HIS F 327 1.82 -37.15 -38.95
C HIS F 327 3.07 -36.39 -38.54
N ILE F 328 3.40 -36.46 -37.26
CA ILE F 328 4.76 -36.15 -36.81
C ILE F 328 5.41 -37.50 -36.46
N TRP F 329 6.41 -37.89 -37.24
CA TRP F 329 6.95 -39.24 -37.17
C TRP F 329 8.01 -39.42 -36.10
N LEU F 330 8.87 -38.43 -35.86
CA LEU F 330 9.92 -38.62 -34.86
C LEU F 330 9.80 -37.57 -33.77
N ASP F 331 10.05 -38.01 -32.54
CA ASP F 331 10.04 -37.16 -31.35
C ASP F 331 11.19 -37.56 -30.42
N SER F 332 11.73 -36.56 -29.72
CA SER F 332 12.85 -36.74 -28.80
C SER F 332 14.02 -37.50 -29.42
N VAL F 333 14.38 -37.07 -30.64
CA VAL F 333 15.56 -37.60 -31.31
C VAL F 333 16.81 -37.23 -30.49
N SER F 334 17.66 -38.22 -30.22
CA SER F 334 18.90 -37.97 -29.48
C SER F 334 20.02 -38.78 -30.10
N CYS F 335 20.82 -38.10 -30.91
CA CYS F 335 21.98 -38.61 -31.64
C CYS F 335 23.27 -38.35 -30.85
N GLN F 336 24.29 -39.18 -31.12
CA GLN F 336 25.64 -38.90 -30.64
C GLN F 336 26.50 -38.14 -31.66
N GLY F 337 26.00 -37.95 -32.88
CA GLY F 337 26.66 -37.21 -33.93
C GLY F 337 27.53 -37.99 -34.90
N HIS F 338 27.76 -39.29 -34.65
CA HIS F 338 28.60 -40.08 -35.55
C HIS F 338 27.75 -40.97 -36.44
N GLU F 339 26.50 -41.11 -36.04
CA GLU F 339 25.50 -41.93 -36.69
C GLU F 339 25.27 -41.51 -38.15
N PRO F 340 25.08 -42.47 -39.05
CA PRO F 340 24.86 -42.12 -40.47
C PRO F 340 23.46 -41.65 -40.82
N ALA F 341 22.44 -41.89 -39.99
CA ALA F 341 21.11 -41.40 -40.36
C ALA F 341 20.27 -41.12 -39.12
N ILE F 342 19.36 -40.16 -39.27
CA ILE F 342 18.56 -39.63 -38.17
C ILE F 342 17.64 -40.67 -37.53
N TRP F 343 17.07 -41.58 -38.33
CA TRP F 343 16.19 -42.64 -37.84
C TRP F 343 16.85 -43.83 -37.15
N GLN F 344 18.16 -43.84 -36.93
CA GLN F 344 18.75 -44.87 -36.07
C GLN F 344 19.08 -44.37 -34.67
N CYS F 345 18.90 -43.06 -34.42
CA CYS F 345 18.99 -42.50 -33.07
C CYS F 345 17.79 -42.91 -32.22
N LYS F 346 17.93 -42.68 -30.92
CA LYS F 346 16.84 -42.87 -29.97
C LYS F 346 15.70 -41.89 -30.21
N HIS F 347 14.48 -42.42 -30.14
CA HIS F 347 13.24 -41.68 -30.32
C HIS F 347 12.11 -42.44 -29.64
N HIS F 348 11.00 -41.75 -29.38
CA HIS F 348 9.79 -42.42 -28.95
C HIS F 348 9.21 -43.25 -30.10
N GLU F 349 8.20 -44.07 -29.81
CA GLU F 349 7.51 -44.83 -30.84
C GLU F 349 7.01 -43.92 -31.96
N TRP F 350 7.15 -44.42 -33.19
CA TRP F 350 6.74 -43.67 -34.38
C TRP F 350 5.25 -43.36 -34.38
N GLY F 351 4.91 -42.09 -34.59
CA GLY F 351 3.52 -41.65 -34.59
C GLY F 351 2.86 -41.48 -33.24
N LYS F 352 3.55 -41.78 -32.14
CA LYS F 352 3.02 -41.59 -30.80
C LYS F 352 3.59 -40.29 -30.25
N HIS F 353 2.76 -39.27 -30.10
CA HIS F 353 3.23 -37.98 -29.65
C HIS F 353 2.16 -37.18 -28.94
N TYR F 354 2.60 -36.17 -28.18
CA TYR F 354 1.74 -35.12 -27.66
C TYR F 354 1.94 -33.77 -28.36
N CYS F 355 2.84 -33.67 -29.34
CA CYS F 355 3.18 -32.40 -29.95
C CYS F 355 2.09 -31.94 -30.92
N ASN F 356 2.07 -30.63 -31.15
CA ASN F 356 1.30 -30.04 -32.23
C ASN F 356 2.25 -29.49 -33.29
N HIS F 357 1.71 -29.20 -34.47
CA HIS F 357 2.51 -28.71 -35.58
C HIS F 357 3.11 -27.32 -35.38
N ASN F 358 2.88 -26.66 -34.24
CA ASN F 358 3.67 -25.48 -33.91
C ASN F 358 5.06 -25.82 -33.40
N GLU F 359 5.27 -27.04 -32.92
CA GLU F 359 6.53 -27.52 -32.37
C GLU F 359 7.32 -28.35 -33.39
N ASP F 360 7.03 -28.21 -34.68
CA ASP F 360 7.79 -28.88 -35.72
C ASP F 360 9.22 -28.38 -35.86
N ALA F 361 10.16 -29.31 -35.79
CA ALA F 361 11.59 -29.06 -35.97
C ALA F 361 11.94 -28.61 -37.39
N GLY F 362 12.93 -27.73 -37.47
CA GLY F 362 13.46 -27.27 -38.74
C GLY F 362 14.97 -27.07 -38.61
N VAL F 363 15.66 -26.96 -39.75
CA VAL F 363 17.11 -26.75 -39.72
C VAL F 363 17.52 -25.68 -40.70
N THR F 364 18.64 -25.05 -40.38
CA THR F 364 19.40 -24.24 -41.32
C THR F 364 20.87 -24.65 -41.29
N CYS F 365 21.39 -25.14 -42.41
CA CYS F 365 22.78 -25.60 -42.44
C CYS F 365 23.53 -24.50 -43.16
N SER F 366 24.58 -23.99 -42.52
CA SER F 366 25.31 -22.84 -43.02
C SER F 366 26.81 -22.98 -42.76
N ASP F 367 27.57 -22.31 -43.63
CA ASP F 367 29.00 -22.13 -43.47
C ASP F 367 29.32 -20.88 -42.65
N GLY F 368 28.28 -20.16 -42.19
CA GLY F 368 28.42 -18.93 -41.45
C GLY F 368 28.48 -17.64 -42.25
N SER F 369 28.58 -17.73 -43.57
CA SER F 369 28.74 -16.53 -44.40
C SER F 369 27.45 -15.74 -44.66
N ASP F 370 26.27 -16.31 -44.40
CA ASP F 370 25.03 -15.61 -44.73
C ASP F 370 24.26 -15.09 -43.52
N LEU F 371 24.90 -15.02 -42.35
CA LEU F 371 24.26 -14.52 -41.14
C LEU F 371 24.82 -13.14 -40.81
N GLU F 372 23.98 -12.09 -40.84
CA GLU F 372 24.49 -10.80 -40.35
C GLU F 372 23.67 -10.36 -39.14
N LEU F 373 24.33 -9.67 -38.22
CA LEU F 373 23.69 -9.11 -37.03
C LEU F 373 24.12 -7.65 -36.92
N ARG F 374 23.16 -6.77 -36.66
CA ARG F 374 23.44 -5.35 -36.47
C ARG F 374 22.42 -4.76 -35.52
N LEU F 375 22.80 -3.66 -34.88
CA LEU F 375 21.87 -2.84 -34.12
C LEU F 375 21.44 -1.68 -35.01
N ARG F 376 20.14 -1.43 -35.03
CA ARG F 376 19.54 -0.32 -35.77
C ARG F 376 18.72 0.56 -34.85
N GLY F 377 18.73 1.85 -35.16
CA GLY F 377 17.81 2.76 -34.54
C GLY F 377 18.24 3.35 -33.21
N GLY F 378 19.49 3.13 -32.78
CA GLY F 378 19.98 3.74 -31.55
C GLY F 378 20.89 4.92 -31.85
N GLY F 379 20.79 5.49 -33.05
CA GLY F 379 21.58 6.64 -33.41
C GLY F 379 23.00 6.33 -33.85
N SER F 380 23.52 5.15 -33.54
CA SER F 380 24.79 4.68 -34.05
C SER F 380 24.69 3.19 -34.36
N ARG F 381 25.73 2.68 -35.01
CA ARG F 381 25.84 1.25 -35.27
C ARG F 381 26.02 0.40 -34.02
N CYS F 382 26.24 1.01 -32.86
CA CYS F 382 26.51 0.27 -31.64
C CYS F 382 25.41 0.45 -30.60
N ALA F 383 24.27 1.03 -30.96
CA ALA F 383 23.12 1.04 -30.08
C ALA F 383 21.83 0.94 -30.88
N GLY F 384 20.86 0.27 -30.29
CA GLY F 384 19.56 0.19 -30.92
C GLY F 384 18.94 -1.15 -30.67
N THR F 385 17.85 -1.38 -31.39
CA THR F 385 17.25 -2.70 -31.42
C THR F 385 18.18 -3.64 -32.17
N VAL F 386 18.36 -4.84 -31.62
CA VAL F 386 19.17 -5.86 -32.28
C VAL F 386 18.35 -6.45 -33.41
N GLU F 387 18.73 -6.14 -34.65
CA GLU F 387 18.14 -6.72 -35.83
C GLU F 387 19.12 -7.75 -36.39
N VAL F 388 18.58 -8.87 -36.84
CA VAL F 388 19.36 -9.93 -37.45
C VAL F 388 18.79 -10.18 -38.83
N GLU F 389 19.66 -10.56 -39.76
CA GLU F 389 19.19 -10.99 -41.07
C GLU F 389 19.80 -12.37 -41.26
N ILE F 390 18.95 -13.38 -41.36
CA ILE F 390 19.39 -14.76 -41.46
C ILE F 390 18.70 -15.36 -42.68
N GLN F 391 19.48 -15.86 -43.63
CA GLN F 391 18.95 -16.38 -44.88
C GLN F 391 18.02 -15.37 -45.57
N ARG F 392 18.39 -14.09 -45.52
CA ARG F 392 17.60 -12.97 -46.04
C ARG F 392 16.26 -12.79 -45.30
N LEU F 393 16.08 -13.40 -44.13
CA LEU F 393 14.91 -13.13 -43.30
C LEU F 393 15.29 -12.17 -42.18
N LEU F 394 14.64 -11.01 -42.14
CA LEU F 394 14.83 -10.04 -41.07
C LEU F 394 14.08 -10.43 -39.80
N GLY F 395 14.73 -10.26 -38.64
CA GLY F 395 14.02 -10.38 -37.39
C GLY F 395 14.68 -9.61 -36.25
N LYS F 396 14.07 -9.75 -35.06
CA LYS F 396 14.50 -9.05 -33.85
C LYS F 396 14.72 -10.06 -32.73
N VAL F 397 15.59 -9.70 -31.79
CA VAL F 397 15.82 -10.50 -30.60
C VAL F 397 14.73 -10.20 -29.55
N CYS F 398 14.11 -11.26 -29.04
CA CYS F 398 13.16 -11.12 -27.94
C CYS F 398 13.88 -10.88 -26.61
N ASP F 399 13.29 -10.04 -25.76
CA ASP F 399 13.90 -9.72 -24.48
C ASP F 399 13.75 -10.80 -23.42
N ARG F 400 12.93 -11.82 -23.66
CA ARG F 400 12.83 -12.97 -22.77
C ARG F 400 14.14 -13.75 -22.71
N GLY F 401 14.80 -13.76 -21.56
CA GLY F 401 16.11 -14.37 -21.46
C GLY F 401 17.25 -13.47 -21.87
N TRP F 402 16.97 -12.21 -22.20
CA TRP F 402 17.98 -11.26 -22.64
C TRP F 402 18.64 -10.62 -21.43
N GLY F 403 19.92 -10.90 -21.23
CA GLY F 403 20.66 -10.30 -20.14
C GLY F 403 21.89 -9.54 -20.59
N LEU F 404 22.69 -9.10 -19.62
CA LEU F 404 23.96 -8.44 -19.93
C LEU F 404 24.95 -9.37 -20.61
N LYS F 405 24.87 -10.68 -20.37
CA LYS F 405 25.80 -11.61 -21.02
C LYS F 405 25.58 -11.67 -22.53
N GLU F 406 24.32 -11.83 -22.95
CA GLU F 406 24.01 -11.83 -24.38
C GLU F 406 24.34 -10.48 -25.02
N ALA F 407 23.99 -9.38 -24.36
CA ALA F 407 24.32 -8.07 -24.90
C ALA F 407 25.83 -7.86 -25.01
N ASP F 408 26.60 -8.34 -24.03
CA ASP F 408 28.05 -8.16 -24.11
C ASP F 408 28.63 -9.00 -25.24
N VAL F 409 28.10 -10.20 -25.46
CA VAL F 409 28.49 -11.00 -26.62
C VAL F 409 28.20 -10.26 -27.92
N VAL F 410 27.01 -9.66 -28.02
CA VAL F 410 26.68 -8.90 -29.22
C VAL F 410 27.62 -7.70 -29.41
N CYS F 411 27.84 -6.93 -28.34
CA CYS F 411 28.75 -5.80 -28.43
C CYS F 411 30.16 -6.21 -28.83
N ARG F 412 30.67 -7.31 -28.26
CA ARG F 412 32.02 -7.78 -28.60
C ARG F 412 32.12 -8.29 -30.03
N GLN F 413 31.17 -9.11 -30.48
CA GLN F 413 31.22 -9.62 -31.86
C GLN F 413 31.21 -8.48 -32.87
N LEU F 414 30.46 -7.42 -32.60
CA LEU F 414 30.41 -6.27 -33.50
C LEU F 414 31.56 -5.29 -33.28
N GLY F 415 32.48 -5.59 -32.36
CA GLY F 415 33.53 -4.63 -32.05
C GLY F 415 33.04 -3.31 -31.49
N CYS F 416 31.99 -3.36 -30.68
CA CYS F 416 31.39 -2.17 -30.09
C CYS F 416 31.75 -2.03 -28.62
N GLY F 417 32.72 -2.82 -28.15
CA GLY F 417 33.15 -2.84 -26.78
C GLY F 417 32.24 -3.65 -25.89
N SER F 418 31.92 -3.15 -24.71
CA SER F 418 31.09 -3.87 -23.77
C SER F 418 29.68 -3.30 -23.73
N ALA F 419 28.72 -4.15 -23.33
CA ALA F 419 27.37 -3.70 -23.09
C ALA F 419 27.36 -2.88 -21.81
N LEU F 420 26.86 -1.66 -21.88
CA LEU F 420 26.82 -0.85 -20.66
C LEU F 420 25.46 -0.86 -19.95
N LYS F 421 24.39 -1.32 -20.62
CA LYS F 421 23.00 -0.97 -20.34
C LYS F 421 22.02 -1.23 -21.49
N THR F 422 20.86 -1.77 -21.15
CA THR F 422 19.86 -2.22 -22.09
C THR F 422 18.68 -1.28 -21.87
N SER F 423 18.51 -0.27 -22.72
CA SER F 423 17.72 0.87 -22.27
C SER F 423 16.75 1.32 -23.37
N TYR F 424 16.08 2.44 -23.10
CA TYR F 424 15.29 3.18 -24.07
C TYR F 424 16.06 4.34 -24.70
N GLN F 425 15.94 4.47 -26.00
CA GLN F 425 16.49 5.62 -26.74
C GLN F 425 15.61 5.77 -27.97
N VAL F 426 14.84 6.87 -28.04
CA VAL F 426 13.46 6.69 -28.46
C VAL F 426 13.29 6.17 -29.88
N TYR F 427 13.06 7.04 -30.89
CA TYR F 427 13.84 7.26 -32.10
C TYR F 427 12.89 7.17 -33.28
N SER F 428 13.39 7.29 -34.51
CA SER F 428 12.64 6.77 -35.66
C SER F 428 13.26 5.42 -36.01
N LYS F 429 12.69 4.37 -35.43
CA LYS F 429 13.10 2.98 -35.65
C LYS F 429 12.40 2.39 -36.87
N ILE F 430 12.99 1.33 -37.41
CA ILE F 430 12.56 0.71 -38.66
C ILE F 430 11.62 -0.45 -38.34
N GLN F 431 10.45 -0.47 -38.98
CA GLN F 431 9.36 -1.35 -38.60
C GLN F 431 8.78 -1.97 -39.86
N ALA F 432 8.29 -3.22 -39.76
CA ALA F 432 8.31 -4.05 -38.55
C ALA F 432 8.75 -5.44 -38.97
N THR F 433 8.73 -6.41 -38.05
CA THR F 433 8.98 -7.79 -38.44
C THR F 433 7.85 -8.69 -37.96
N ASN F 434 7.86 -9.90 -38.51
CA ASN F 434 7.16 -11.08 -37.99
C ASN F 434 8.10 -12.12 -37.41
N THR F 435 9.41 -11.93 -37.50
CA THR F 435 10.39 -12.93 -37.11
C THR F 435 11.19 -12.48 -35.89
N TRP F 436 11.25 -13.36 -34.89
CA TRP F 436 11.86 -13.12 -33.59
C TRP F 436 12.94 -14.18 -33.32
N LEU F 437 14.03 -13.75 -32.71
CA LEU F 437 15.06 -14.64 -32.17
C LEU F 437 14.93 -14.84 -30.67
N PHE F 438 14.82 -16.10 -30.24
CA PHE F 438 14.83 -16.47 -28.84
C PHE F 438 16.14 -17.14 -28.44
N LEU F 439 16.74 -16.66 -27.35
CA LEU F 439 17.95 -17.23 -26.76
C LEU F 439 17.57 -17.93 -25.47
N SER F 440 17.93 -19.21 -25.31
CA SER F 440 17.52 -19.79 -24.03
C SER F 440 18.52 -19.40 -22.94
N SER F 441 19.82 -19.45 -23.25
CA SER F 441 20.89 -18.85 -22.47
C SER F 441 22.25 -19.17 -23.09
N CYS F 442 23.15 -18.20 -23.10
CA CYS F 442 24.58 -18.38 -23.32
C CYS F 442 25.34 -18.10 -22.03
N ASN F 443 26.53 -18.69 -21.92
CA ASN F 443 27.42 -18.35 -20.81
C ASN F 443 28.01 -16.95 -20.91
N GLY F 444 28.15 -16.38 -22.10
CA GLY F 444 28.74 -15.06 -22.21
C GLY F 444 30.20 -15.01 -22.62
N ASN F 445 30.90 -16.15 -22.67
CA ASN F 445 32.29 -16.15 -23.08
C ASN F 445 32.42 -16.51 -24.55
N GLU F 446 31.29 -16.72 -25.22
CA GLU F 446 31.23 -17.05 -26.63
C GLU F 446 31.77 -15.90 -27.46
N THR F 447 32.33 -16.24 -28.62
CA THR F 447 32.85 -15.24 -29.55
C THR F 447 31.75 -14.64 -30.42
N SER F 448 30.66 -15.38 -30.65
CA SER F 448 29.57 -14.92 -31.49
C SER F 448 28.24 -15.27 -30.85
N LEU F 449 27.23 -14.44 -31.10
CA LEU F 449 25.88 -14.78 -30.68
C LEU F 449 25.46 -16.13 -31.24
N TRP F 450 25.98 -16.49 -32.41
CA TRP F 450 25.63 -17.78 -32.99
C TRP F 450 26.27 -18.90 -32.18
N ASP F 451 27.30 -18.57 -31.39
CA ASP F 451 27.94 -19.54 -30.52
C ASP F 451 27.18 -19.73 -29.21
N CYS F 452 26.21 -18.86 -28.91
CA CYS F 452 25.37 -19.11 -27.74
C CYS F 452 24.53 -20.34 -28.03
N LYS F 453 24.32 -21.18 -27.02
CA LYS F 453 23.62 -22.44 -27.25
C LYS F 453 22.10 -22.28 -27.31
N ASN F 454 21.49 -23.15 -28.11
CA ASN F 454 20.05 -23.39 -28.09
C ASN F 454 19.24 -22.13 -28.40
N TRP F 455 19.78 -21.22 -29.20
CA TRP F 455 18.99 -20.09 -29.64
C TRP F 455 17.92 -20.52 -30.63
N GLN F 456 16.73 -19.94 -30.48
CA GLN F 456 15.58 -20.27 -31.33
C GLN F 456 15.30 -19.11 -32.27
N TRP F 457 15.19 -19.42 -33.56
CA TRP F 457 14.84 -18.46 -34.60
C TRP F 457 13.41 -18.72 -35.05
N GLY F 458 12.51 -17.80 -34.73
CA GLY F 458 11.10 -17.95 -35.06
C GLY F 458 10.37 -19.10 -34.41
N GLY F 459 9.08 -19.22 -34.73
CA GLY F 459 8.28 -20.39 -34.43
C GLY F 459 7.66 -20.48 -33.05
N LEU F 460 7.80 -19.47 -32.19
CA LEU F 460 7.12 -19.47 -30.89
C LEU F 460 6.67 -18.05 -30.57
N THR F 461 5.46 -17.70 -31.05
CA THR F 461 4.44 -16.93 -30.34
C THR F 461 4.99 -15.95 -29.30
N CYS F 462 5.83 -15.01 -29.75
CA CYS F 462 6.41 -14.04 -28.82
C CYS F 462 5.32 -13.22 -28.15
N ASP F 463 5.54 -12.88 -26.88
CA ASP F 463 4.58 -12.11 -26.10
C ASP F 463 4.70 -10.62 -26.43
N HIS F 464 4.10 -9.78 -25.57
CA HIS F 464 3.92 -8.36 -25.78
C HIS F 464 5.07 -7.53 -25.20
N TYR F 465 6.25 -8.12 -24.99
CA TYR F 465 7.39 -7.42 -24.42
C TYR F 465 8.54 -7.32 -25.42
N GLU F 466 8.22 -7.03 -26.67
CA GLU F 466 9.16 -7.05 -27.78
C GLU F 466 10.22 -5.95 -27.63
N GLU F 467 11.16 -5.96 -28.58
CA GLU F 467 12.11 -4.87 -28.81
C GLU F 467 13.13 -4.65 -27.69
N ALA F 468 14.01 -5.63 -27.49
CA ALA F 468 15.19 -5.44 -26.66
C ALA F 468 16.22 -4.60 -27.42
N LYS F 469 16.92 -3.72 -26.70
CA LYS F 469 17.80 -2.76 -27.35
C LYS F 469 19.03 -2.52 -26.48
N ILE F 470 20.19 -2.57 -27.11
CA ILE F 470 21.48 -2.45 -26.41
C ILE F 470 22.02 -1.04 -26.57
N THR F 471 22.70 -0.55 -25.54
CA THR F 471 23.65 0.55 -25.66
C THR F 471 25.02 0.01 -25.26
N CYS F 472 25.95 -0.01 -26.20
CA CYS F 472 27.30 -0.44 -25.88
C CYS F 472 28.13 0.76 -25.44
N SER F 473 29.26 0.46 -24.80
CA SER F 473 30.14 1.50 -24.28
C SER F 473 30.70 2.39 -25.39
N ALA F 474 30.90 1.85 -26.58
CA ALA F 474 31.34 2.64 -27.72
C ALA F 474 30.22 3.44 -28.41
N HIS F 475 29.05 3.65 -27.81
CA HIS F 475 28.08 4.49 -28.53
C HIS F 475 28.51 5.94 -28.57
N ARG F 476 28.86 6.51 -27.43
CA ARG F 476 29.46 7.84 -27.39
C ARG F 476 30.62 7.80 -26.41
N GLU F 477 31.82 8.09 -26.90
CA GLU F 477 33.00 8.06 -26.05
C GLU F 477 33.57 9.46 -25.91
N PRO F 478 33.62 10.05 -24.72
CA PRO F 478 34.27 11.35 -24.58
C PRO F 478 35.78 11.17 -24.46
N ARG F 479 36.50 12.25 -24.76
CA ARG F 479 37.88 12.39 -24.36
C ARG F 479 38.23 13.86 -24.22
N LEU F 480 39.30 14.10 -23.47
CA LEU F 480 39.92 15.43 -23.36
C LEU F 480 41.24 15.41 -24.11
N VAL F 481 41.44 16.39 -24.98
CA VAL F 481 42.62 16.47 -25.83
C VAL F 481 43.30 17.82 -25.62
N GLY F 482 44.63 17.80 -25.55
CA GLY F 482 45.42 19.01 -25.56
C GLY F 482 45.59 19.72 -24.24
N GLY F 483 45.12 19.14 -23.14
CA GLY F 483 45.44 19.67 -21.83
C GLY F 483 46.74 19.12 -21.25
N ASP F 484 47.22 19.82 -20.22
CA ASP F 484 48.47 19.45 -19.56
C ASP F 484 48.31 18.21 -18.69
N ILE F 485 47.08 17.85 -18.33
CA ILE F 485 46.81 16.63 -17.58
C ILE F 485 45.69 15.89 -18.29
N PRO F 486 45.60 14.56 -18.19
CA PRO F 486 44.55 13.84 -18.93
C PRO F 486 43.13 14.25 -18.56
N CYS F 487 42.90 14.75 -17.36
CA CYS F 487 41.57 15.19 -16.96
C CYS F 487 41.33 16.66 -17.25
N SER F 488 42.07 17.25 -18.18
CA SER F 488 41.87 18.63 -18.60
C SER F 488 42.11 18.69 -20.10
N GLY F 489 41.26 19.41 -20.81
CA GLY F 489 41.45 19.58 -22.24
C GLY F 489 40.18 19.95 -22.95
N ARG F 490 40.31 20.12 -24.27
CA ARG F 490 39.16 20.23 -25.15
C ARG F 490 38.38 18.92 -25.19
N VAL F 491 37.06 19.04 -25.13
CA VAL F 491 36.16 17.89 -25.23
C VAL F 491 35.97 17.48 -26.69
N GLU F 492 36.30 16.22 -27.00
CA GLU F 492 35.93 15.60 -28.26
C GLU F 492 35.11 14.35 -27.93
N VAL F 493 34.00 14.16 -28.65
CA VAL F 493 33.18 12.97 -28.46
C VAL F 493 33.11 12.14 -29.74
N LYS F 494 33.35 10.84 -29.58
CA LYS F 494 33.15 9.86 -30.64
C LYS F 494 31.68 9.44 -30.65
N HIS F 495 31.00 9.73 -31.76
CA HIS F 495 29.65 9.24 -31.98
C HIS F 495 29.65 8.41 -33.25
N GLY F 496 29.33 7.13 -33.13
CA GLY F 496 29.63 6.23 -34.22
C GLY F 496 31.13 5.99 -34.31
N ASP F 497 31.67 6.20 -35.51
CA ASP F 497 33.10 6.06 -35.75
C ASP F 497 33.79 7.40 -35.96
N THR F 498 33.09 8.52 -35.78
CA THR F 498 33.61 9.85 -36.02
C THR F 498 33.78 10.63 -34.73
N TRP F 499 34.95 11.26 -34.55
CA TRP F 499 35.14 12.23 -33.48
C TRP F 499 34.58 13.57 -33.93
N GLY F 500 33.92 14.26 -33.01
CA GLY F 500 33.51 15.64 -33.27
C GLY F 500 33.70 16.50 -32.05
N SER F 501 33.95 17.78 -32.29
CA SER F 501 33.98 18.79 -31.26
C SER F 501 32.56 19.13 -30.81
N ILE F 502 32.46 19.71 -29.62
CA ILE F 502 31.20 20.25 -29.12
C ILE F 502 31.35 21.76 -29.01
N CYS F 503 30.30 22.47 -29.39
CA CYS F 503 30.28 23.92 -29.24
C CYS F 503 30.15 24.29 -27.78
N ASP F 504 30.75 25.43 -27.42
CA ASP F 504 30.67 25.93 -26.06
C ASP F 504 29.24 26.24 -25.65
N SER F 505 28.36 26.52 -26.61
CA SER F 505 26.94 26.69 -26.32
C SER F 505 26.20 25.39 -26.05
N ASP F 506 26.74 24.25 -26.45
CA ASP F 506 25.98 23.00 -26.42
C ASP F 506 26.40 22.07 -25.29
N PHE F 507 27.17 22.55 -24.31
CA PHE F 507 27.74 21.67 -23.29
C PHE F 507 27.60 22.35 -21.93
N SER F 508 26.64 21.88 -21.13
CA SER F 508 26.30 22.49 -19.86
C SER F 508 27.24 22.04 -18.75
N LEU F 509 27.06 22.65 -17.59
CA LEU F 509 27.76 22.22 -16.37
C LEU F 509 27.37 20.80 -15.97
N GLU F 510 26.10 20.44 -16.15
CA GLU F 510 25.67 19.07 -15.85
C GLU F 510 26.37 18.07 -16.77
N ALA F 511 26.47 18.41 -18.05
CA ALA F 511 27.20 17.57 -18.99
C ALA F 511 28.68 17.47 -18.63
N ALA F 512 29.30 18.58 -18.20
CA ALA F 512 30.68 18.49 -17.73
C ALA F 512 30.82 17.62 -16.47
N SER F 513 29.83 17.66 -15.58
CA SER F 513 29.83 16.78 -14.42
C SER F 513 29.78 15.31 -14.84
N VAL F 514 28.88 15.02 -15.78
CA VAL F 514 28.79 13.69 -16.36
C VAL F 514 30.12 13.28 -17.00
N LEU F 515 30.72 14.18 -17.76
CA LEU F 515 32.00 13.90 -18.39
C LEU F 515 33.09 13.57 -17.37
N CYS F 516 33.24 14.38 -16.33
CA CYS F 516 34.27 14.09 -15.33
C CYS F 516 33.99 12.78 -14.59
N ARG F 517 32.71 12.44 -14.39
CA ARG F 517 32.41 11.14 -13.77
C ARG F 517 32.68 9.98 -14.70
N GLU F 518 32.23 10.07 -15.95
CA GLU F 518 32.45 9.01 -16.93
C GLU F 518 33.94 8.78 -17.17
N LEU F 519 34.71 9.86 -17.31
CA LEU F 519 36.15 9.73 -17.45
C LEU F 519 36.84 9.35 -16.15
N GLN F 520 36.10 9.15 -15.07
CA GLN F 520 36.65 8.86 -13.75
C GLN F 520 37.66 9.91 -13.32
N CYS F 521 37.37 11.17 -13.64
CA CYS F 521 38.21 12.31 -13.31
C CYS F 521 37.73 13.11 -12.12
N GLY F 522 36.72 12.63 -11.40
CA GLY F 522 36.28 13.31 -10.18
C GLY F 522 35.24 14.35 -10.47
N THR F 523 35.40 15.53 -9.89
CA THR F 523 34.42 16.61 -10.07
C THR F 523 34.90 17.60 -11.13
N VAL F 524 33.92 18.25 -11.76
CA VAL F 524 34.21 19.32 -12.71
C VAL F 524 34.83 20.50 -11.98
N VAL F 525 35.97 20.95 -12.49
CA VAL F 525 36.63 22.13 -11.96
C VAL F 525 36.31 23.37 -12.78
N SER F 526 36.35 23.26 -14.12
CA SER F 526 36.01 24.44 -14.89
C SER F 526 35.56 24.05 -16.29
N ILE F 527 34.65 24.86 -16.83
CA ILE F 527 34.31 24.84 -18.25
C ILE F 527 34.88 26.10 -18.90
N LEU F 528 35.51 25.92 -20.06
CA LEU F 528 36.23 26.99 -20.73
C LEU F 528 35.78 27.05 -22.19
N GLY F 529 35.13 28.15 -22.56
CA GLY F 529 34.76 28.38 -23.94
C GLY F 529 35.91 28.99 -24.74
N GLY F 530 35.58 29.35 -25.97
CA GLY F 530 36.49 30.14 -26.79
C GLY F 530 37.75 29.44 -27.22
N ALA F 531 37.69 28.13 -27.45
CA ALA F 531 38.85 27.34 -27.89
C ALA F 531 40.03 27.49 -26.95
N HIS F 532 39.75 27.54 -25.64
CA HIS F 532 40.78 27.79 -24.65
C HIS F 532 41.95 26.83 -24.78
N PHE F 533 41.68 25.59 -25.22
CA PHE F 533 42.71 24.59 -25.47
C PHE F 533 43.11 24.51 -26.94
N GLY F 534 42.86 25.56 -27.72
CA GLY F 534 43.06 25.52 -29.15
C GLY F 534 41.82 25.05 -29.91
N GLU F 535 41.77 25.45 -31.18
CA GLU F 535 40.70 25.03 -32.09
C GLU F 535 40.78 23.54 -32.39
N GLY F 536 39.62 22.89 -32.42
CA GLY F 536 39.52 21.54 -32.93
C GLY F 536 39.69 21.47 -34.44
N ASN F 537 39.58 20.24 -34.95
CA ASN F 537 39.65 19.99 -36.38
C ASN F 537 38.55 19.03 -36.82
N GLY F 538 37.94 19.36 -37.96
CA GLY F 538 36.95 18.50 -38.58
C GLY F 538 35.53 18.91 -38.23
N GLN F 539 34.74 17.95 -37.75
CA GLN F 539 33.31 18.15 -37.58
C GLN F 539 33.03 18.76 -36.19
N ILE F 540 32.08 19.67 -36.15
CA ILE F 540 31.50 20.14 -34.89
C ILE F 540 30.08 19.62 -34.77
N TRP F 541 29.78 18.97 -33.65
CA TRP F 541 28.43 18.48 -33.41
C TRP F 541 27.47 19.65 -33.22
N ALA F 542 26.36 19.62 -33.97
CA ALA F 542 25.29 20.62 -33.87
C ALA F 542 24.19 20.16 -32.93
N GLU F 543 24.56 19.53 -31.81
CA GLU F 543 23.59 18.96 -30.88
C GLU F 543 23.95 19.38 -29.46
N GLU F 544 22.94 19.81 -28.70
CA GLU F 544 23.09 20.12 -27.30
C GLU F 544 22.75 18.92 -26.42
N PHE F 545 23.63 18.61 -25.48
CA PHE F 545 23.41 17.57 -24.49
C PHE F 545 22.62 18.14 -23.34
N GLN F 546 21.35 17.77 -23.23
CA GLN F 546 20.46 18.26 -22.17
C GLN F 546 20.44 17.29 -20.98
N CYS F 547 21.63 17.06 -20.44
CA CYS F 547 21.77 16.17 -19.29
C CYS F 547 21.16 16.81 -18.04
N GLU F 548 20.59 15.97 -17.18
CA GLU F 548 20.22 16.38 -15.82
C GLU F 548 21.42 16.37 -14.87
N GLY F 549 22.49 15.65 -15.21
CA GLY F 549 23.71 15.65 -14.44
C GLY F 549 23.95 14.47 -13.52
N HIS F 550 23.00 13.54 -13.41
CA HIS F 550 23.21 12.33 -12.62
C HIS F 550 23.52 11.12 -13.51
N GLU F 551 23.39 11.27 -14.82
CA GLU F 551 23.59 10.14 -15.73
C GLU F 551 25.02 9.64 -15.66
N SER F 552 25.19 8.32 -15.74
CA SER F 552 26.52 7.74 -15.70
C SER F 552 27.28 8.01 -16.99
N HIS F 553 26.58 8.19 -18.10
CA HIS F 553 27.23 8.39 -19.38
C HIS F 553 26.41 9.36 -20.22
N LEU F 554 27.12 10.11 -21.08
CA LEU F 554 26.48 11.01 -22.04
C LEU F 554 25.53 10.28 -22.98
N SER F 555 25.75 8.98 -23.20
CA SER F 555 24.82 8.18 -23.99
C SER F 555 23.41 8.16 -23.42
N LEU F 556 23.24 8.47 -22.13
CA LEU F 556 21.94 8.49 -21.49
C LEU F 556 21.29 9.87 -21.49
N CYS F 557 22.05 10.91 -21.82
CA CYS F 557 21.49 12.26 -21.86
C CYS F 557 20.59 12.46 -23.07
N PRO F 558 19.42 13.06 -22.90
CA PRO F 558 18.66 13.58 -24.04
C PRO F 558 19.50 14.52 -24.87
N VAL F 559 19.32 14.47 -26.19
CA VAL F 559 19.98 15.39 -27.11
C VAL F 559 18.93 16.24 -27.81
N ALA F 560 19.19 17.56 -27.91
CA ALA F 560 18.38 18.49 -28.67
C ALA F 560 19.13 19.00 -29.90
N PRO F 561 18.46 19.16 -31.03
CA PRO F 561 19.10 19.81 -32.19
C PRO F 561 19.44 21.26 -31.90
N ARG F 562 20.64 21.67 -32.32
CA ARG F 562 21.04 23.06 -32.20
C ARG F 562 20.06 23.97 -32.93
N PRO F 563 19.53 25.01 -32.28
CA PRO F 563 18.84 26.07 -33.02
C PRO F 563 19.77 26.74 -34.02
N GLU F 564 19.20 27.17 -35.15
CA GLU F 564 19.93 27.73 -36.28
C GLU F 564 21.13 28.57 -35.87
N GLY F 565 22.33 28.11 -36.21
CA GLY F 565 23.55 28.81 -35.88
C GLY F 565 24.79 28.04 -36.31
N THR F 566 25.75 28.72 -36.94
CA THR F 566 27.02 28.09 -37.30
C THR F 566 28.00 28.27 -36.14
N CYS F 567 28.42 27.15 -35.55
CA CYS F 567 29.54 27.11 -34.62
C CYS F 567 30.84 26.89 -35.37
N SER F 568 31.91 27.50 -34.88
CA SER F 568 33.26 27.28 -35.38
C SER F 568 34.13 26.69 -34.27
N HIS F 569 35.24 26.05 -34.68
CA HIS F 569 36.13 25.42 -33.71
C HIS F 569 36.70 26.42 -32.72
N SER F 570 36.68 27.71 -33.05
CA SER F 570 36.99 28.76 -32.09
C SER F 570 36.03 28.78 -30.90
N ARG F 571 34.92 28.05 -30.97
CA ARG F 571 33.95 27.97 -29.88
C ARG F 571 33.84 26.56 -29.31
N ASP F 572 34.85 25.72 -29.55
CA ASP F 572 34.89 24.38 -28.99
C ASP F 572 34.94 24.44 -27.46
N VAL F 573 34.11 23.60 -26.82
CA VAL F 573 34.07 23.57 -25.36
C VAL F 573 35.27 22.82 -24.79
N GLY F 574 35.79 23.33 -23.68
CA GLY F 574 36.83 22.65 -22.94
C GLY F 574 36.40 22.42 -21.49
N VAL F 575 36.92 21.33 -20.91
CA VAL F 575 36.64 21.02 -19.51
C VAL F 575 37.97 20.76 -18.81
N VAL F 576 38.07 21.20 -17.56
CA VAL F 576 39.14 20.83 -16.64
C VAL F 576 38.54 20.09 -15.45
N CYS F 577 39.05 18.89 -15.19
CA CYS F 577 38.70 18.10 -14.01
C CYS F 577 39.85 18.16 -12.99
N SER F 578 39.57 17.67 -11.79
CA SER F 578 40.42 17.87 -10.60
C SER F 578 41.68 17.06 -10.26
N ARG F 579 42.65 16.80 -11.15
CA ARG F 579 43.69 15.86 -10.70
C ARG F 579 45.10 16.22 -11.18
N TYR F 580 46.06 15.99 -10.28
CA TYR F 580 47.50 15.88 -10.57
C TYR F 580 47.93 14.42 -10.69
N THR F 581 48.46 14.04 -11.86
CA THR F 581 48.76 12.64 -12.16
C THR F 581 50.24 12.28 -12.32
N GLU F 582 51.14 13.27 -12.43
CA GLU F 582 52.55 13.03 -12.75
C GLU F 582 53.43 12.80 -11.51
N ILE F 583 53.42 11.55 -11.03
CA ILE F 583 54.31 11.11 -9.96
C ILE F 583 55.07 9.87 -10.42
N ARG F 584 56.35 9.76 -10.03
CA ARG F 584 57.15 8.60 -10.40
C ARG F 584 58.12 8.22 -9.28
N LEU F 585 58.58 6.97 -9.34
CA LEU F 585 59.68 6.47 -8.53
C LEU F 585 60.98 6.48 -9.31
N VAL F 586 62.04 7.00 -8.70
CA VAL F 586 63.36 7.11 -9.33
C VAL F 586 64.41 6.44 -8.46
N ASN F 587 65.40 5.83 -9.12
CA ASN F 587 66.56 5.16 -8.53
C ASN F 587 66.19 3.97 -7.65
N GLY F 588 65.04 3.35 -7.89
CA GLY F 588 64.77 2.05 -7.33
C GLY F 588 65.54 0.96 -8.04
N LYS F 589 65.74 -0.16 -7.35
CA LYS F 589 66.19 -1.36 -8.05
C LYS F 589 65.06 -1.99 -8.86
N THR F 590 63.83 -1.75 -8.46
CA THR F 590 62.61 -2.15 -9.16
C THR F 590 61.78 -0.90 -9.42
N PRO F 591 60.85 -0.94 -10.38
CA PRO F 591 59.94 0.20 -10.55
C PRO F 591 59.01 0.46 -9.36
N CYS F 592 58.99 -0.43 -8.36
CA CYS F 592 58.10 -0.29 -7.22
C CYS F 592 58.82 0.15 -5.94
N GLU F 593 60.07 0.59 -6.04
CA GLU F 593 60.71 1.27 -4.92
C GLU F 593 61.48 2.45 -5.47
N GLY F 594 61.68 3.45 -4.63
CA GLY F 594 62.55 4.56 -5.02
C GLY F 594 62.20 5.84 -4.31
N ARG F 595 62.93 6.88 -4.71
CA ARG F 595 62.61 8.26 -4.36
C ARG F 595 61.39 8.73 -5.15
N VAL F 596 60.49 9.44 -4.46
CA VAL F 596 59.30 10.03 -5.08
C VAL F 596 59.64 11.35 -5.76
N GLU F 597 59.41 11.44 -7.08
CA GLU F 597 59.48 12.69 -7.82
C GLU F 597 58.11 13.10 -8.38
N LEU F 598 57.79 14.38 -8.22
CA LEU F 598 56.58 15.01 -8.72
C LEU F 598 56.92 16.03 -9.80
N LYS F 599 56.06 16.12 -10.83
CA LYS F 599 56.18 17.18 -11.82
C LYS F 599 55.28 18.36 -11.50
N THR F 600 55.89 19.51 -11.27
CA THR F 600 55.17 20.76 -11.11
C THR F 600 55.88 21.79 -11.98
N LEU F 601 55.09 22.71 -12.54
CA LEU F 601 55.60 23.73 -13.46
C LEU F 601 56.42 23.11 -14.60
N GLY F 602 56.03 21.90 -15.02
CA GLY F 602 56.76 21.21 -16.08
C GLY F 602 58.06 20.55 -15.68
N ALA F 603 58.49 20.68 -14.42
CA ALA F 603 59.77 20.15 -13.97
C ALA F 603 59.56 19.07 -12.92
N TRP F 604 60.34 17.99 -13.04
CA TRP F 604 60.40 16.96 -12.01
C TRP F 604 61.24 17.45 -10.83
N GLY F 605 60.75 17.17 -9.62
CA GLY F 605 61.51 17.50 -8.42
C GLY F 605 61.18 16.53 -7.31
N SER F 606 62.14 16.40 -6.39
CA SER F 606 61.95 15.52 -5.24
C SER F 606 60.95 16.09 -4.24
N LEU F 607 60.06 15.24 -3.75
CA LEU F 607 59.14 15.59 -2.69
C LEU F 607 59.86 15.56 -1.33
N CYS F 608 59.55 16.51 -0.46
CA CYS F 608 60.10 16.49 0.89
C CYS F 608 59.48 15.39 1.75
N ASN F 609 60.31 14.79 2.60
CA ASN F 609 59.87 13.75 3.53
C ASN F 609 59.40 14.29 4.87
N SER F 610 59.32 15.61 5.04
CA SER F 610 59.01 16.20 6.33
C SER F 610 57.64 15.79 6.84
N HIS F 611 56.72 15.47 5.93
CA HIS F 611 55.38 15.02 6.25
C HIS F 611 55.05 13.72 5.50
N TRP F 612 56.06 13.08 4.91
CA TRP F 612 55.86 11.89 4.11
C TRP F 612 55.67 10.68 5.01
N ASP F 613 54.43 10.24 5.12
CA ASP F 613 54.02 9.12 5.94
C ASP F 613 53.74 7.87 5.09
N ILE F 614 53.29 6.81 5.77
CA ILE F 614 53.08 5.52 5.12
C ILE F 614 51.77 5.50 4.33
N GLU F 615 50.79 6.31 4.72
CA GLU F 615 49.54 6.42 3.97
C GLU F 615 49.74 7.04 2.59
N ASP F 616 50.49 8.14 2.54
CA ASP F 616 50.89 8.73 1.27
C ASP F 616 51.63 7.70 0.39
N ALA F 617 52.58 6.99 0.97
CA ALA F 617 53.30 5.98 0.18
C ALA F 617 52.38 4.87 -0.27
N HIS F 618 51.39 4.51 0.54
CA HIS F 618 50.43 3.49 0.14
C HIS F 618 49.62 3.94 -1.07
N VAL F 619 49.09 5.16 -1.01
CA VAL F 619 48.36 5.71 -2.15
C VAL F 619 49.21 5.71 -3.42
N LEU F 620 50.47 6.12 -3.33
CA LEU F 620 51.32 6.06 -4.53
C LEU F 620 51.51 4.63 -5.01
N CYS F 621 51.78 3.71 -4.09
CA CYS F 621 51.99 2.31 -4.46
C CYS F 621 50.76 1.72 -5.13
N GLN F 622 49.57 2.06 -4.63
CA GLN F 622 48.34 1.60 -5.28
C GLN F 622 48.19 2.23 -6.66
N GLN F 623 48.38 3.55 -6.75
CA GLN F 623 48.30 4.24 -8.04
C GLN F 623 49.29 3.66 -9.04
N LEU F 624 50.51 3.36 -8.59
CA LEU F 624 51.54 2.76 -9.44
C LEU F 624 51.36 1.26 -9.65
N LYS F 625 50.27 0.67 -9.16
CA LYS F 625 50.04 -0.77 -9.26
C LYS F 625 51.19 -1.57 -8.64
N CYS F 626 51.71 -1.07 -7.52
CA CYS F 626 52.82 -1.70 -6.82
C CYS F 626 52.39 -2.37 -5.52
N GLY F 627 51.09 -2.55 -5.34
CA GLY F 627 50.56 -3.14 -4.11
C GLY F 627 50.63 -2.20 -2.93
N VAL F 628 51.00 -2.75 -1.77
CA VAL F 628 51.03 -1.98 -0.53
C VAL F 628 52.41 -1.38 -0.31
N ALA F 629 52.44 -0.25 0.39
CA ALA F 629 53.68 0.33 0.87
C ALA F 629 54.25 -0.52 2.01
N LEU F 630 55.53 -0.88 1.91
CA LEU F 630 56.19 -1.65 2.96
C LEU F 630 56.99 -0.78 3.92
N SER F 631 57.61 0.30 3.44
CA SER F 631 58.36 1.18 4.32
C SER F 631 58.57 2.51 3.61
N THR F 632 58.80 3.54 4.43
CA THR F 632 59.23 4.85 3.97
C THR F 632 60.64 5.13 4.48
N PRO F 633 61.68 4.60 3.83
CA PRO F 633 63.05 4.79 4.33
C PRO F 633 63.40 6.26 4.46
N GLY F 634 63.84 6.64 5.66
CA GLY F 634 64.38 7.98 5.86
C GLY F 634 65.73 8.16 5.21
N GLY F 635 66.02 9.41 4.84
CA GLY F 635 67.29 9.76 4.25
C GLY F 635 67.35 9.50 2.76
N ALA F 636 68.38 10.08 2.14
CA ALA F 636 68.60 9.98 0.70
C ALA F 636 69.13 8.60 0.29
N ARG F 637 68.48 7.54 0.79
CA ARG F 637 68.91 6.18 0.48
C ARG F 637 68.97 5.94 -1.02
N PHE F 638 68.07 6.56 -1.78
CA PHE F 638 68.08 6.49 -3.24
C PHE F 638 68.74 7.70 -3.88
N GLY F 639 69.51 8.46 -3.09
CA GLY F 639 70.05 9.72 -3.52
C GLY F 639 69.07 10.88 -3.38
N LYS F 640 69.64 12.08 -3.28
CA LYS F 640 68.87 13.30 -3.09
C LYS F 640 68.23 13.80 -4.39
N GLY F 641 68.72 13.38 -5.54
CA GLY F 641 68.39 14.01 -6.79
C GLY F 641 69.15 15.30 -7.01
N ASN F 642 69.25 15.69 -8.28
CA ASN F 642 69.95 16.91 -8.66
C ASN F 642 69.03 18.09 -8.88
N GLY F 643 67.73 17.96 -8.58
CA GLY F 643 66.77 18.99 -8.88
C GLY F 643 66.32 19.75 -7.63
N GLN F 644 65.37 20.65 -7.86
CA GLN F 644 64.72 21.33 -6.75
C GLN F 644 63.95 20.31 -5.93
N ILE F 645 63.90 20.53 -4.62
CA ILE F 645 63.09 19.72 -3.72
C ILE F 645 61.74 20.39 -3.54
N TRP F 646 60.68 19.69 -3.94
CA TRP F 646 59.32 20.16 -3.72
C TRP F 646 58.93 19.93 -2.28
N ARG F 647 58.42 21.00 -1.66
CA ARG F 647 58.03 21.05 -0.26
C ARG F 647 56.53 20.87 -0.05
N HIS F 648 55.88 20.16 -0.96
CA HIS F 648 54.46 19.84 -0.83
C HIS F 648 54.24 18.85 0.30
N MET F 649 53.29 19.18 1.18
CA MET F 649 52.86 18.30 2.28
C MET F 649 51.51 17.73 1.84
N PHE F 650 51.55 16.43 1.52
CA PHE F 650 50.43 15.56 1.23
C PHE F 650 49.72 15.09 2.50
N HIS F 651 48.40 14.84 2.39
CA HIS F 651 47.63 14.37 3.56
C HIS F 651 46.69 13.22 3.19
N CYS F 652 47.22 12.12 2.66
CA CYS F 652 46.35 11.00 2.31
C CYS F 652 45.82 10.30 3.55
N THR F 653 44.67 9.65 3.41
CA THR F 653 44.18 8.70 4.40
C THR F 653 44.68 7.29 4.16
N GLY F 654 45.27 7.03 3.00
CA GLY F 654 45.70 5.71 2.61
C GLY F 654 44.66 4.91 1.87
N THR F 655 43.45 5.44 1.71
CA THR F 655 42.37 4.75 1.01
C THR F 655 42.12 5.31 -0.38
N GLU F 656 42.74 6.44 -0.70
CA GLU F 656 42.62 7.06 -2.01
C GLU F 656 43.25 6.21 -3.11
N GLN F 657 42.65 6.29 -4.31
CA GLN F 657 43.17 5.57 -5.45
C GLN F 657 44.28 6.32 -6.16
N HIS F 658 44.30 7.65 -6.01
CA HIS F 658 45.30 8.49 -6.67
C HIS F 658 45.74 9.60 -5.72
N MET F 659 47.01 9.96 -5.84
CA MET F 659 47.57 11.05 -5.05
C MET F 659 46.85 12.37 -5.26
N GLY F 660 46.29 12.58 -6.45
CA GLY F 660 45.56 13.81 -6.66
C GLY F 660 44.25 13.92 -5.92
N ASP F 661 43.76 12.83 -5.34
CA ASP F 661 42.57 12.94 -4.50
C ASP F 661 42.91 13.34 -3.06
N CYS F 662 44.18 13.25 -2.65
CA CYS F 662 44.53 13.67 -1.30
C CYS F 662 44.66 15.18 -1.20
N PRO F 663 44.23 15.78 -0.09
CA PRO F 663 44.54 17.18 0.19
C PRO F 663 46.04 17.46 0.21
N VAL F 664 46.44 18.57 -0.40
CA VAL F 664 47.84 18.97 -0.47
C VAL F 664 47.95 20.41 0.04
N THR F 665 48.92 20.67 0.92
CA THR F 665 49.28 22.01 1.35
C THR F 665 50.76 22.20 1.05
N ALA F 666 51.10 23.26 0.31
CA ALA F 666 52.49 23.64 0.12
C ALA F 666 52.84 25.05 0.57
N LEU F 667 51.88 25.94 0.75
CA LEU F 667 52.19 27.29 1.19
C LEU F 667 52.83 27.32 2.58
N GLY F 668 53.94 28.05 2.68
CA GLY F 668 54.66 28.27 3.92
C GLY F 668 55.40 27.07 4.48
N ALA F 669 55.43 25.97 3.75
CA ALA F 669 56.05 24.74 4.24
C ALA F 669 57.54 24.99 4.55
N SER F 670 58.00 24.43 5.66
CA SER F 670 59.37 24.63 6.09
C SER F 670 60.37 24.14 5.05
N LEU F 671 61.57 24.70 5.12
CA LEU F 671 62.67 24.31 4.24
C LEU F 671 63.09 22.87 4.49
N CYS F 672 63.13 22.10 3.41
CA CYS F 672 63.52 20.69 3.46
C CYS F 672 65.02 20.56 3.28
N PRO F 673 65.74 20.01 4.26
CA PRO F 673 67.17 19.71 4.04
C PRO F 673 67.38 18.78 2.86
N SER F 674 68.50 18.99 2.17
CA SER F 674 68.78 18.29 0.91
C SER F 674 68.82 16.77 1.07
N GLU F 675 68.99 16.26 2.30
CA GLU F 675 69.07 14.83 2.54
C GLU F 675 67.76 14.24 3.01
N GLN F 676 66.76 15.08 3.25
CA GLN F 676 65.46 14.66 3.80
C GLN F 676 64.45 14.51 2.68
N VAL F 677 64.75 13.59 1.76
CA VAL F 677 63.89 13.30 0.61
C VAL F 677 63.04 12.07 0.86
N ALA F 678 61.79 12.13 0.38
CA ALA F 678 60.84 11.04 0.50
C ALA F 678 61.28 9.83 -0.32
N SER F 679 61.08 8.64 0.25
CA SER F 679 61.37 7.40 -0.44
C SER F 679 60.36 6.36 0.00
N VAL F 680 60.18 5.34 -0.83
CA VAL F 680 59.19 4.29 -0.57
C VAL F 680 59.69 2.93 -1.04
N ILE F 681 59.30 1.89 -0.30
CA ILE F 681 59.39 0.50 -0.71
C ILE F 681 57.99 -0.09 -0.72
N CYS F 682 57.50 -0.45 -1.91
CA CYS F 682 56.21 -1.10 -2.04
C CYS F 682 56.36 -2.62 -2.02
N SER F 683 55.23 -3.30 -1.77
CA SER F 683 55.22 -4.76 -1.80
C SER F 683 55.60 -5.31 -3.17
N GLY F 684 55.32 -4.55 -4.24
CA GLY F 684 55.56 -5.02 -5.58
C GLY F 684 54.59 -6.06 -6.10
N ASN F 685 53.56 -6.42 -5.34
CA ASN F 685 52.56 -7.39 -5.76
C ASN F 685 51.19 -6.72 -5.78
N GLN F 686 50.59 -6.63 -6.98
CA GLN F 686 49.28 -6.01 -7.14
C GLN F 686 48.19 -6.74 -6.38
N SER F 687 48.39 -8.01 -6.03
CA SER F 687 47.38 -8.80 -5.34
C SER F 687 47.26 -8.47 -3.86
N GLN F 688 48.13 -7.62 -3.30
CA GLN F 688 48.02 -7.24 -1.90
C GLN F 688 47.21 -5.95 -1.77
N THR F 689 46.07 -6.05 -1.09
CA THR F 689 45.19 -4.93 -0.77
C THR F 689 45.12 -4.75 0.73
N LEU F 690 44.89 -3.51 1.18
CA LEU F 690 44.57 -3.26 2.57
C LEU F 690 43.36 -4.07 3.01
N SER F 691 43.52 -4.79 4.12
CA SER F 691 42.43 -5.48 4.79
C SER F 691 42.04 -4.72 6.04
N SER F 692 40.75 -4.75 6.37
CA SER F 692 40.29 -4.15 7.62
C SER F 692 40.82 -4.94 8.81
N CYS F 693 41.41 -4.24 9.77
CA CYS F 693 41.84 -4.88 11.01
C CYS F 693 40.65 -5.28 11.87
N CYS F 713 47.69 -1.80 11.88
CA CYS F 713 46.25 -1.73 12.06
C CYS F 713 45.75 -0.31 12.28
N ILE F 714 44.54 -0.04 11.82
CA ILE F 714 43.89 1.25 12.03
C ILE F 714 43.46 1.31 13.49
N GLU F 715 44.05 2.23 14.25
CA GLU F 715 43.67 2.43 15.64
C GLU F 715 42.18 2.72 15.75
N SER F 716 41.57 2.21 16.82
CA SER F 716 40.12 2.26 17.00
C SER F 716 39.57 3.65 17.31
N GLY F 717 40.12 4.68 16.68
CA GLY F 717 39.55 6.01 16.81
C GLY F 717 39.99 6.96 15.71
N GLN F 718 39.02 7.50 14.99
CA GLN F 718 39.26 8.53 13.99
C GLN F 718 38.70 9.87 14.45
N LEU F 719 39.38 10.94 14.04
CA LEU F 719 38.98 12.31 14.32
C LEU F 719 38.80 13.07 13.03
N ARG F 720 37.70 13.82 12.92
CA ARG F 720 37.55 14.67 11.74
C ARG F 720 36.93 16.01 12.11
N LEU F 721 37.19 16.98 11.24
CA LEU F 721 36.54 18.29 11.28
C LEU F 721 35.59 18.42 10.10
N VAL F 722 34.36 18.83 10.39
CA VAL F 722 33.30 18.91 9.40
C VAL F 722 32.85 20.36 9.25
N ASN F 723 32.52 20.75 8.02
CA ASN F 723 31.92 22.04 7.69
C ASN F 723 32.81 23.25 7.99
N GLY F 724 34.13 23.11 8.16
CA GLY F 724 34.85 24.34 8.37
C GLY F 724 35.46 24.97 7.14
N GLY F 725 35.16 24.48 5.95
CA GLY F 725 35.73 25.09 4.76
C GLY F 725 37.17 24.69 4.54
N GLY F 726 37.69 23.77 5.34
CA GLY F 726 39.02 23.24 5.15
C GLY F 726 39.24 22.13 6.17
N ARG F 727 40.37 21.43 6.00
CA ARG F 727 40.68 20.29 6.85
C ARG F 727 40.92 20.67 8.32
N CYS F 728 41.26 21.92 8.64
CA CYS F 728 41.65 22.30 10.00
C CYS F 728 40.62 23.18 10.71
N ALA F 729 39.38 23.25 10.23
CA ALA F 729 38.35 23.89 11.03
C ALA F 729 37.02 23.18 10.86
N GLY F 730 36.25 23.15 11.93
CA GLY F 730 34.92 22.58 11.83
C GLY F 730 34.47 21.97 13.13
N ARG F 731 33.27 21.41 13.07
CA ARG F 731 32.73 20.58 14.15
C ARG F 731 33.55 19.30 14.28
N VAL F 732 33.84 18.97 15.54
CA VAL F 732 34.63 17.81 15.94
C VAL F 732 33.77 16.55 15.92
N GLU F 733 34.21 15.54 15.16
CA GLU F 733 33.53 14.25 15.12
C GLU F 733 34.51 13.13 15.46
N ILE F 734 34.05 12.20 16.30
CA ILE F 734 34.82 11.05 16.76
C ILE F 734 34.19 9.77 16.23
N TYR F 735 35.02 8.88 15.71
CA TYR F 735 34.66 7.52 15.35
C TYR F 735 34.82 6.56 16.53
N HIS F 736 33.72 6.01 17.04
CA HIS F 736 33.84 5.02 18.11
C HIS F 736 32.79 3.93 17.88
N GLU F 737 33.17 2.69 18.20
CA GLU F 737 32.35 1.47 18.04
C GLU F 737 31.64 1.46 16.69
N GLY F 738 32.34 1.91 15.65
CA GLY F 738 31.71 1.85 14.35
C GLY F 738 30.76 2.98 13.99
N SER F 739 30.62 4.01 14.82
CA SER F 739 29.73 5.13 14.49
C SER F 739 30.39 6.45 14.84
N TRP F 740 30.03 7.48 14.07
CA TRP F 740 30.38 8.87 14.33
C TRP F 740 29.53 9.53 15.42
N GLY F 741 30.18 10.30 16.29
CA GLY F 741 29.47 11.07 17.29
C GLY F 741 30.18 12.37 17.63
N THR F 742 29.46 13.26 18.33
CA THR F 742 29.94 14.62 18.54
C THR F 742 30.52 14.82 19.94
N ILE F 743 31.10 16.00 20.16
CA ILE F 743 31.57 16.44 21.47
C ILE F 743 30.78 17.67 21.93
N CYS F 744 30.43 17.71 23.22
CA CYS F 744 29.79 18.88 23.79
C CYS F 744 30.76 20.05 23.98
N ASP F 745 30.23 21.27 23.87
CA ASP F 745 31.00 22.50 24.08
C ASP F 745 31.13 22.89 25.56
N ASP F 746 30.53 22.14 26.46
CA ASP F 746 30.69 22.33 27.89
C ASP F 746 32.15 22.10 28.32
N SER F 747 32.75 23.11 28.96
CA SER F 747 34.16 23.19 29.30
C SER F 747 35.09 23.18 28.09
N TRP F 748 34.56 23.29 26.88
CA TRP F 748 35.40 23.27 25.69
C TRP F 748 36.29 24.50 25.70
N ASP F 749 37.59 24.31 25.87
CA ASP F 749 38.53 25.42 25.97
C ASP F 749 39.62 25.28 24.90
N LEU F 750 40.54 26.24 24.92
CA LEU F 750 41.64 26.24 23.97
C LEU F 750 42.60 25.07 24.17
N SER F 751 42.71 24.53 25.38
CA SER F 751 43.59 23.38 25.58
C SER F 751 43.00 22.10 24.97
N ASP F 752 41.69 21.93 25.08
CA ASP F 752 41.03 20.80 24.42
C ASP F 752 41.12 20.94 22.91
N ALA F 753 40.82 22.12 22.40
CA ALA F 753 40.96 22.35 20.97
C ALA F 753 42.41 22.14 20.52
N HIS F 754 43.37 22.51 21.36
CA HIS F 754 44.77 22.31 21.02
C HIS F 754 45.11 20.83 20.93
N VAL F 755 44.52 20.01 21.81
CA VAL F 755 44.70 18.56 21.71
C VAL F 755 44.10 18.02 20.43
N VAL F 756 42.90 18.49 20.08
CA VAL F 756 42.25 18.08 18.83
C VAL F 756 43.10 18.47 17.62
N CYS F 757 43.54 19.72 17.59
CA CYS F 757 44.34 20.24 16.50
C CYS F 757 45.66 19.49 16.36
N ARG F 758 46.32 19.16 17.47
CA ARG F 758 47.55 18.37 17.40
C ARG F 758 47.28 16.95 16.89
N GLN F 759 46.19 16.31 17.34
CA GLN F 759 45.89 14.97 16.87
C GLN F 759 45.68 14.90 15.37
N LEU F 760 45.16 15.97 14.78
CA LEU F 760 44.97 16.00 13.34
C LEU F 760 46.19 16.53 12.61
N GLY F 761 47.26 16.83 13.35
CA GLY F 761 48.42 17.46 12.77
C GLY F 761 48.19 18.86 12.29
N CYS F 762 47.19 19.55 12.84
CA CYS F 762 46.82 20.86 12.36
C CYS F 762 47.53 21.99 13.10
N GLY F 763 48.59 21.69 13.85
CA GLY F 763 49.28 22.72 14.59
C GLY F 763 48.62 23.24 15.84
N GLU F 764 48.74 24.54 16.08
CA GLU F 764 48.21 25.15 17.29
C GLU F 764 46.76 25.52 17.07
N ALA F 765 45.99 25.45 18.15
CA ALA F 765 44.62 25.97 18.14
C ALA F 765 44.63 27.50 18.17
N ILE F 766 43.91 28.12 17.25
CA ILE F 766 43.78 29.57 17.27
C ILE F 766 42.46 30.00 17.90
N ASN F 767 41.38 29.26 17.67
CA ASN F 767 40.10 29.67 18.23
C ASN F 767 39.31 28.40 18.55
N ALA F 768 38.72 28.34 19.75
CA ALA F 768 37.78 27.30 20.16
C ALA F 768 36.33 27.78 20.09
N THR F 769 35.62 27.38 19.04
CA THR F 769 34.26 27.87 18.82
C THR F 769 33.26 26.92 19.46
N GLY F 770 32.34 27.47 20.25
CA GLY F 770 31.20 26.74 20.75
C GLY F 770 29.90 27.03 20.01
N SER F 771 28.81 26.62 20.63
CA SER F 771 27.44 26.96 20.22
C SER F 771 27.12 26.57 18.78
N ALA F 772 27.62 25.41 18.36
CA ALA F 772 27.39 24.89 17.01
C ALA F 772 27.73 25.90 15.92
N HIS F 773 28.85 26.61 16.10
CA HIS F 773 29.28 27.62 15.15
C HIS F 773 29.30 27.10 13.71
N PHE F 774 29.63 25.82 13.53
CA PHE F 774 29.66 25.18 12.23
C PHE F 774 28.40 24.39 11.89
N GLY F 775 27.28 24.67 12.55
CA GLY F 775 26.07 23.90 12.43
C GLY F 775 25.96 22.71 13.37
N GLU F 776 24.71 22.31 13.57
CA GLU F 776 24.35 21.14 14.38
C GLU F 776 24.82 19.84 13.75
N GLY F 777 25.38 18.95 14.58
CA GLY F 777 25.73 17.59 14.21
C GLY F 777 24.58 16.58 14.25
N THR F 778 24.94 15.32 14.01
CA THR F 778 23.99 14.22 14.05
C THR F 778 24.59 13.06 14.83
N GLY F 779 23.74 12.35 15.57
CA GLY F 779 24.16 11.16 16.27
C GLY F 779 24.44 11.38 17.74
N PRO F 780 25.30 10.54 18.30
CA PRO F 780 25.67 10.68 19.71
C PRO F 780 26.53 11.92 19.96
N ILE F 781 26.41 12.47 21.16
CA ILE F 781 27.43 13.36 21.68
C ILE F 781 28.36 12.49 22.50
N TRP F 782 29.60 12.35 22.04
CA TRP F 782 30.44 11.34 22.64
C TRP F 782 31.12 11.82 23.93
N LEU F 783 31.59 13.05 23.97
CA LEU F 783 32.39 13.52 25.10
C LEU F 783 31.88 14.86 25.61
N ASP F 784 32.03 15.06 26.91
CA ASP F 784 31.54 16.26 27.59
C ASP F 784 32.46 16.54 28.78
N GLU F 785 32.48 17.81 29.20
CA GLU F 785 33.31 18.28 30.30
C GLU F 785 34.78 17.92 30.10
N MET F 786 35.30 18.26 28.92
CA MET F 786 36.67 17.96 28.55
C MET F 786 37.64 18.72 29.45
N LYS F 787 38.61 17.98 30.01
CA LYS F 787 39.60 18.54 30.91
C LYS F 787 40.99 18.03 30.52
N CYS F 788 41.39 18.35 29.31
CA CYS F 788 42.72 18.03 28.82
C CYS F 788 43.77 18.86 29.57
N ASN F 789 44.92 18.23 29.84
CA ASN F 789 46.07 18.98 30.31
C ASN F 789 46.84 19.65 29.17
N GLY F 790 46.46 19.36 27.93
CA GLY F 790 47.11 19.86 26.74
C GLY F 790 48.33 19.08 26.32
N LYS F 791 48.65 17.98 26.98
CA LYS F 791 49.79 17.16 26.63
C LYS F 791 49.38 15.81 26.07
N GLU F 792 48.09 15.49 26.10
CA GLU F 792 47.58 14.23 25.59
C GLU F 792 47.75 14.15 24.08
N SER F 793 48.19 12.99 23.61
CA SER F 793 48.35 12.83 22.16
C SER F 793 47.02 12.59 21.46
N ARG F 794 46.00 12.13 22.18
CA ARG F 794 44.68 11.85 21.62
C ARG F 794 43.60 12.36 22.54
N ILE F 795 42.52 12.87 21.93
CA ILE F 795 41.43 13.49 22.69
C ILE F 795 40.80 12.51 23.67
N TRP F 796 40.73 11.23 23.30
CA TRP F 796 40.18 10.24 24.22
C TRP F 796 41.13 9.84 25.34
N GLN F 797 42.35 10.37 25.35
CA GLN F 797 43.21 10.21 26.52
C GLN F 797 43.00 11.27 27.59
N CYS F 798 42.31 12.36 27.27
CA CYS F 798 42.00 13.38 28.25
C CYS F 798 41.01 12.88 29.31
N HIS F 799 41.09 13.47 30.49
CA HIS F 799 40.09 13.22 31.53
C HIS F 799 38.72 13.73 31.11
N SER F 800 37.73 12.86 31.18
CA SER F 800 36.36 13.19 30.83
C SER F 800 35.43 12.44 31.77
N HIS F 801 34.14 12.77 31.69
CA HIS F 801 33.13 12.00 32.40
C HIS F 801 33.04 10.57 31.91
N GLY F 802 33.66 10.25 30.78
CA GLY F 802 33.59 8.93 30.22
C GLY F 802 32.70 8.87 28.99
N TRP F 803 32.90 7.81 28.20
CA TRP F 803 32.21 7.64 26.94
C TRP F 803 30.68 7.61 27.11
N GLY F 804 29.98 8.46 26.36
CA GLY F 804 28.53 8.57 26.37
C GLY F 804 27.85 9.16 27.59
N GLN F 805 28.58 9.58 28.63
CA GLN F 805 27.96 10.18 29.80
C GLN F 805 27.94 11.69 29.62
N GLN F 806 26.81 12.23 29.18
CA GLN F 806 26.69 13.64 28.83
C GLN F 806 25.27 14.13 29.06
N ASN F 807 25.15 15.42 29.32
CA ASN F 807 23.85 16.06 29.49
C ASN F 807 23.55 17.09 28.42
N CYS F 808 24.34 17.14 27.36
CA CYS F 808 24.24 18.18 26.35
C CYS F 808 23.31 17.78 25.20
N ARG F 809 23.03 18.74 24.33
CA ARG F 809 22.39 18.45 23.05
C ARG F 809 23.26 19.00 21.93
N HIS F 810 22.96 18.56 20.70
CA HIS F 810 23.75 18.93 19.53
C HIS F 810 23.79 20.42 19.26
N LYS F 811 22.88 21.22 19.82
CA LYS F 811 23.06 22.67 19.76
C LYS F 811 24.33 23.12 20.48
N GLU F 812 24.91 22.26 21.31
CA GLU F 812 26.14 22.53 22.06
C GLU F 812 27.38 21.84 21.49
N ASP F 813 27.34 21.38 20.24
CA ASP F 813 28.51 20.74 19.65
C ASP F 813 29.69 21.71 19.48
N ALA F 814 30.84 21.29 19.97
CA ALA F 814 32.10 22.03 19.92
C ALA F 814 32.79 21.96 18.55
N GLY F 815 33.50 23.04 18.21
CA GLY F 815 34.27 23.09 16.98
C GLY F 815 35.60 23.80 17.20
N VAL F 816 36.48 23.69 16.20
CA VAL F 816 37.79 24.33 16.29
C VAL F 816 38.15 25.06 15.01
N ILE F 817 39.00 26.08 15.16
CA ILE F 817 39.77 26.73 14.10
C ILE F 817 41.25 26.80 14.48
N CYS F 818 42.12 26.21 13.68
CA CYS F 818 43.55 26.26 13.98
C CYS F 818 44.26 27.34 13.16
N SER F 819 45.52 27.59 13.52
CA SER F 819 46.27 28.69 12.92
C SER F 819 46.60 28.48 11.43
N GLU F 820 46.79 27.25 10.95
CA GLU F 820 46.97 27.24 9.49
C GLU F 820 45.65 27.24 8.74
N PHE F 821 44.50 27.39 9.41
CA PHE F 821 43.31 27.58 8.62
C PHE F 821 43.51 28.91 7.93
N MET F 822 43.48 28.86 6.61
CA MET F 822 43.70 29.98 5.72
C MET F 822 42.46 30.33 4.92
N SER F 823 42.21 31.62 4.79
CA SER F 823 41.11 32.07 3.95
C SER F 823 41.56 33.30 3.19
N LEU F 824 40.98 33.50 2.02
CA LEU F 824 41.35 34.61 1.16
C LEU F 824 40.16 35.52 0.96
N ARG F 825 40.43 36.82 0.84
CA ARG F 825 39.39 37.76 0.46
C ARG F 825 40.00 38.95 -0.26
N LEU F 826 39.13 39.68 -0.96
CA LEU F 826 39.45 41.02 -1.44
C LEU F 826 38.72 42.01 -0.55
N THR F 827 39.47 42.97 -0.01
CA THR F 827 38.93 44.06 0.79
C THR F 827 39.00 45.36 0.00
N SER F 828 37.85 46.03 -0.13
CA SER F 828 37.79 47.36 -0.72
C SER F 828 37.19 48.34 0.27
N GLU F 829 37.79 49.53 0.33
CA GLU F 829 37.25 50.64 1.11
C GLU F 829 36.27 51.51 0.34
N ALA F 830 36.33 51.48 -0.99
CA ALA F 830 35.66 52.48 -1.81
C ALA F 830 34.49 51.91 -2.62
N SER F 831 34.37 50.60 -2.73
CA SER F 831 33.38 49.96 -3.58
C SER F 831 32.62 48.92 -2.77
N ARG F 832 31.33 48.77 -3.07
CA ARG F 832 30.58 47.58 -2.69
C ARG F 832 30.91 46.38 -3.57
N GLU F 833 31.94 46.50 -4.41
CA GLU F 833 32.30 45.44 -5.34
C GLU F 833 33.12 44.39 -4.61
N ALA F 834 32.48 43.25 -4.32
CA ALA F 834 33.13 42.15 -3.61
C ALA F 834 34.29 41.53 -4.36
N CYS F 835 34.44 41.82 -5.67
CA CYS F 835 35.41 41.14 -6.50
C CYS F 835 36.53 42.05 -6.99
N ALA F 836 36.69 43.22 -6.38
CA ALA F 836 37.83 44.09 -6.66
C ALA F 836 38.32 44.67 -5.35
N GLY F 837 39.62 44.62 -5.13
CA GLY F 837 40.16 45.14 -3.88
C GLY F 837 41.58 44.68 -3.65
N ARG F 838 42.05 44.95 -2.44
CA ARG F 838 43.33 44.45 -1.96
C ARG F 838 43.19 43.00 -1.55
N LEU F 839 44.13 42.16 -2.02
CA LEU F 839 44.15 40.74 -1.72
C LEU F 839 44.71 40.49 -0.33
N GLU F 840 43.89 39.98 0.60
CA GLU F 840 44.35 39.66 1.94
C GLU F 840 44.07 38.19 2.24
N VAL F 841 45.02 37.55 2.90
CA VAL F 841 44.86 36.18 3.39
C VAL F 841 44.85 36.16 4.91
N PHE F 842 43.91 35.42 5.47
CA PHE F 842 43.90 35.02 6.87
C PHE F 842 44.76 33.78 7.06
N TYR F 843 45.73 33.90 7.96
CA TYR F 843 46.62 32.83 8.39
C TYR F 843 47.10 33.13 9.80
N ASN F 844 47.24 32.08 10.61
CA ASN F 844 47.69 32.20 11.99
C ASN F 844 46.96 33.32 12.72
N GLY F 845 45.65 33.41 12.49
CA GLY F 845 44.86 34.33 13.25
C GLY F 845 44.86 35.76 12.75
N ALA F 846 45.56 36.06 11.66
CA ALA F 846 45.56 37.44 11.18
C ALA F 846 45.49 37.54 9.66
N TRP F 847 44.91 38.65 9.22
CA TRP F 847 44.88 39.08 7.83
C TRP F 847 46.20 39.74 7.43
N GLY F 848 46.67 39.44 6.23
CA GLY F 848 47.83 40.12 5.69
C GLY F 848 47.79 40.23 4.17
N THR F 849 48.55 41.19 3.65
CA THR F 849 48.61 41.42 2.21
C THR F 849 49.42 40.33 1.51
N VAL F 850 49.17 40.18 0.21
CA VAL F 850 49.99 39.38 -0.70
C VAL F 850 50.95 40.25 -1.50
N GLY F 851 52.19 39.79 -1.64
CA GLY F 851 53.22 40.52 -2.37
C GLY F 851 53.02 40.43 -3.89
N LYS F 852 53.26 41.55 -4.57
CA LYS F 852 53.05 41.59 -6.02
C LYS F 852 54.08 40.79 -6.79
N SER F 853 55.24 40.53 -6.20
CA SER F 853 56.33 39.84 -6.86
C SER F 853 55.90 38.50 -7.45
N SER F 854 56.29 38.28 -8.72
CA SER F 854 56.01 37.07 -9.50
C SER F 854 54.53 36.72 -9.66
N MET F 855 53.61 37.59 -9.25
CA MET F 855 52.20 37.27 -9.46
C MET F 855 51.82 37.43 -10.93
N SER F 856 51.23 36.37 -11.49
CA SER F 856 50.77 36.34 -12.87
C SER F 856 49.26 36.58 -12.95
N GLU F 857 48.81 36.93 -14.16
CA GLU F 857 47.38 36.99 -14.44
C GLU F 857 46.71 35.63 -14.27
N THR F 858 47.46 34.54 -14.47
CA THR F 858 46.96 33.21 -14.16
C THR F 858 46.64 33.07 -12.68
N THR F 859 47.54 33.53 -11.82
CA THR F 859 47.28 33.53 -10.38
C THR F 859 46.05 34.36 -10.01
N VAL F 860 45.89 35.53 -10.63
CA VAL F 860 44.69 36.33 -10.38
C VAL F 860 43.45 35.59 -10.84
N GLY F 861 43.52 34.92 -11.99
CA GLY F 861 42.42 34.07 -12.41
C GLY F 861 42.06 32.99 -11.41
N VAL F 862 43.09 32.36 -10.85
CA VAL F 862 42.89 31.38 -9.78
C VAL F 862 42.16 32.01 -8.61
N VAL F 863 42.60 33.20 -8.19
CA VAL F 863 41.96 33.90 -7.09
C VAL F 863 40.51 34.21 -7.41
N CYS F 864 40.24 34.73 -8.61
CA CYS F 864 38.88 35.07 -8.98
C CYS F 864 37.95 33.86 -9.07
N ARG F 865 38.47 32.72 -9.54
CA ARG F 865 37.67 31.49 -9.53
C ARG F 865 37.42 30.99 -8.12
N GLN F 866 38.47 30.92 -7.31
CA GLN F 866 38.33 30.45 -5.94
C GLN F 866 37.35 31.30 -5.14
N LEU F 867 37.34 32.60 -5.39
CA LEU F 867 36.37 33.48 -4.76
C LEU F 867 35.01 33.44 -5.44
N GLY F 868 34.88 32.66 -6.51
CA GLY F 868 33.66 32.65 -7.29
C GLY F 868 33.36 33.96 -7.96
N CYS F 869 34.39 34.72 -8.30
CA CYS F 869 34.22 36.05 -8.89
C CYS F 869 34.18 36.00 -10.42
N ALA F 870 35.19 35.43 -11.05
CA ALA F 870 35.23 35.29 -12.51
C ALA F 870 36.36 34.33 -12.86
N ASP F 871 36.50 34.05 -14.15
CA ASP F 871 37.61 33.23 -14.60
C ASP F 871 38.93 33.98 -14.62
N LYS F 872 38.88 35.29 -14.85
CA LYS F 872 40.08 36.09 -15.07
C LYS F 872 39.97 37.40 -14.31
N GLY F 873 41.10 38.11 -14.25
CA GLY F 873 41.14 39.45 -13.68
C GLY F 873 42.48 40.09 -13.94
N LYS F 874 42.57 41.37 -13.57
CA LYS F 874 43.76 42.16 -13.80
C LYS F 874 44.35 42.68 -12.49
N ILE F 875 45.67 42.81 -12.46
CA ILE F 875 46.34 43.46 -11.33
C ILE F 875 46.31 44.96 -11.56
N ASN F 876 45.64 45.68 -10.67
CA ASN F 876 45.64 47.12 -10.76
C ASN F 876 46.93 47.71 -10.20
N PRO F 877 47.34 48.88 -10.69
CA PRO F 877 48.37 49.65 -9.96
C PRO F 877 47.85 50.11 -8.61
N ALA F 878 48.70 50.00 -7.60
CA ALA F 878 48.35 50.49 -6.27
C ALA F 878 48.21 52.00 -6.23
N SER F 879 47.27 52.46 -5.41
CA SER F 879 47.07 53.88 -5.16
C SER F 879 48.23 54.42 -4.32
N LEU F 880 49.01 55.33 -4.90
CA LEU F 880 50.14 55.93 -4.18
C LEU F 880 49.71 56.76 -2.97
N ASP F 881 48.42 57.10 -2.87
CA ASP F 881 47.93 58.03 -1.86
C ASP F 881 47.71 57.39 -0.48
N LYS F 882 48.06 56.13 -0.25
CA LYS F 882 47.82 55.49 1.03
C LYS F 882 49.16 55.34 1.77
N ALA F 883 49.23 55.93 2.96
CA ALA F 883 50.41 55.92 3.82
C ALA F 883 50.44 54.79 4.84
N MET F 884 49.43 53.92 4.92
CA MET F 884 49.37 52.92 5.97
C MET F 884 50.00 51.60 5.50
N SER F 885 51.04 51.18 6.23
CA SER F 885 51.72 49.90 6.07
C SER F 885 50.94 48.72 6.66
N ILE F 886 50.75 47.69 5.84
CA ILE F 886 50.00 46.49 6.24
C ILE F 886 50.95 45.30 6.42
N PRO F 887 50.68 44.39 7.37
CA PRO F 887 51.43 43.14 7.44
C PRO F 887 51.28 42.32 6.16
N MET F 888 52.41 41.88 5.61
CA MET F 888 52.45 40.89 4.55
C MET F 888 52.91 39.53 5.05
N TRP F 889 52.25 38.49 4.51
CA TRP F 889 52.46 37.09 4.81
C TRP F 889 53.28 36.33 3.77
N VAL F 890 53.11 36.64 2.48
CA VAL F 890 53.70 35.83 1.41
C VAL F 890 53.89 36.69 0.16
N ASP F 891 54.93 36.33 -0.61
CA ASP F 891 55.18 36.91 -1.93
C ASP F 891 55.60 35.80 -2.89
N ASN F 892 55.85 36.18 -4.14
CA ASN F 892 56.30 35.25 -5.18
C ASN F 892 55.35 34.09 -5.42
N VAL F 893 54.05 34.34 -5.33
CA VAL F 893 53.06 33.27 -5.50
C VAL F 893 52.92 32.95 -6.99
N GLN F 894 53.25 31.71 -7.36
CA GLN F 894 53.21 31.26 -8.74
C GLN F 894 52.30 30.04 -8.85
N CYS F 895 51.16 30.19 -9.52
CA CYS F 895 50.25 29.07 -9.79
C CYS F 895 50.44 28.51 -11.19
N PRO F 896 50.55 27.20 -11.35
CA PRO F 896 50.33 26.58 -12.67
C PRO F 896 48.89 26.78 -13.12
N LYS F 897 48.64 26.44 -14.38
CA LYS F 897 47.27 26.18 -14.81
C LYS F 897 46.79 24.85 -14.24
N GLY F 898 45.59 24.85 -13.66
CA GLY F 898 45.07 23.64 -13.03
C GLY F 898 44.54 23.82 -11.63
N PRO F 899 45.39 24.29 -10.71
CA PRO F 899 44.97 24.43 -9.32
C PRO F 899 43.75 25.33 -9.15
N ASP F 900 42.87 24.94 -8.22
CA ASP F 900 41.69 25.74 -7.91
C ASP F 900 41.90 26.69 -6.74
N THR F 901 42.87 26.44 -5.87
CA THR F 901 43.14 27.28 -4.71
C THR F 901 44.59 27.71 -4.72
N LEU F 902 44.82 28.94 -4.27
CA LEU F 902 46.18 29.47 -4.18
C LEU F 902 47.09 28.64 -3.26
N TRP F 903 46.52 27.92 -2.29
CA TRP F 903 47.38 27.16 -1.38
C TRP F 903 48.24 26.11 -2.06
N GLN F 904 47.82 25.58 -3.20
CA GLN F 904 48.64 24.57 -3.86
C GLN F 904 49.77 25.18 -4.67
N CYS F 905 49.83 26.50 -4.73
CA CYS F 905 50.76 27.22 -5.58
C CYS F 905 52.04 27.46 -4.78
N PRO F 906 53.20 27.06 -5.29
CA PRO F 906 54.47 27.40 -4.62
C PRO F 906 54.63 28.90 -4.43
N SER F 907 55.18 29.26 -3.26
CA SER F 907 55.46 30.64 -2.93
C SER F 907 56.68 30.67 -2.01
N SER F 908 57.03 31.88 -1.56
CA SER F 908 57.90 32.05 -0.41
C SER F 908 57.30 31.48 0.89
N PRO F 909 58.16 31.15 1.85
CA PRO F 909 57.72 30.79 3.20
C PRO F 909 56.93 31.92 3.88
N TRP F 910 56.15 31.53 4.90
CA TRP F 910 55.51 32.51 5.77
C TRP F 910 56.55 33.43 6.41
N GLU F 911 56.44 34.72 6.13
CA GLU F 911 57.28 35.74 6.75
C GLU F 911 56.45 36.99 7.00
N LYS F 912 56.29 37.35 8.27
CA LYS F 912 55.62 38.58 8.70
C LYS F 912 56.52 39.78 8.43
N ARG F 913 56.24 40.52 7.35
CA ARG F 913 56.99 41.75 7.13
C ARG F 913 56.05 42.92 6.90
N LEU F 914 56.58 44.13 7.08
CA LEU F 914 55.84 45.34 6.76
C LEU F 914 55.86 45.52 5.24
N ALA F 915 54.69 45.58 4.61
CA ALA F 915 54.61 45.93 3.20
C ALA F 915 54.79 47.43 2.96
N SER F 916 55.52 47.76 1.90
CA SER F 916 55.35 49.07 1.28
C SER F 916 54.02 49.10 0.53
N PRO F 917 53.40 50.27 0.42
CA PRO F 917 52.16 50.36 -0.37
C PRO F 917 52.28 49.90 -1.81
N SER F 918 53.46 50.05 -2.43
CA SER F 918 53.67 49.59 -3.81
C SER F 918 53.74 48.08 -3.97
N GLU F 919 54.08 47.33 -2.93
CA GLU F 919 54.13 45.88 -3.04
C GLU F 919 52.78 45.21 -2.78
N GLU F 920 51.81 45.93 -2.22
CA GLU F 920 50.49 45.37 -1.97
C GLU F 920 49.86 44.99 -3.31
N THR F 921 49.26 43.80 -3.36
CA THR F 921 48.51 43.38 -4.54
C THR F 921 47.05 43.82 -4.46
N TRP F 922 46.69 44.74 -5.34
CA TRP F 922 45.30 45.08 -5.60
C TRP F 922 44.92 44.46 -6.93
N ILE F 923 43.81 43.74 -6.95
CA ILE F 923 43.34 43.15 -8.20
C ILE F 923 41.90 43.57 -8.39
N THR F 924 41.50 43.64 -9.66
CA THR F 924 40.11 43.70 -10.04
C THR F 924 39.78 42.51 -10.94
N CYS F 925 38.86 41.67 -10.49
CA CYS F 925 38.26 40.67 -11.36
C CYS F 925 37.42 41.44 -12.37
N ASP F 926 37.35 40.91 -13.60
CA ASP F 926 36.47 41.57 -14.55
C ASP F 926 35.04 41.58 -14.05
N ASN F 927 34.21 42.38 -14.72
CA ASN F 927 32.81 42.44 -14.34
C ASN F 927 32.10 41.12 -14.56
N LYS F 928 31.15 40.85 -13.66
CA LYS F 928 30.18 39.77 -13.81
C LYS F 928 29.24 39.98 -14.98
N ILE F 929 29.30 41.12 -15.66
CA ILE F 929 28.43 41.42 -16.77
C ILE F 929 29.25 41.85 -17.98
N ARG F 930 28.86 41.34 -19.15
CA ARG F 930 29.50 41.71 -20.40
C ARG F 930 28.45 41.82 -21.49
N LEU F 931 28.78 42.57 -22.54
CA LEU F 931 28.01 42.62 -23.77
C LEU F 931 28.75 41.86 -24.87
N GLN F 932 28.06 40.95 -25.54
CA GLN F 932 28.66 40.21 -26.64
C GLN F 932 28.01 40.54 -27.98
N GLU F 933 28.82 40.43 -29.04
CA GLU F 933 28.40 40.48 -30.44
C GLU F 933 27.65 41.76 -30.83
N GLY F 934 27.71 42.80 -30.02
CA GLY F 934 27.15 44.06 -30.45
C GLY F 934 28.13 44.89 -31.24
N PRO F 935 27.62 45.88 -31.98
CA PRO F 935 28.52 46.71 -32.80
C PRO F 935 29.44 47.60 -32.00
N THR F 936 29.13 47.85 -30.73
CA THR F 936 29.94 48.68 -29.86
C THR F 936 30.09 48.00 -28.51
N SER F 937 31.04 48.50 -27.73
CA SER F 937 31.24 47.99 -26.37
C SER F 937 30.06 48.30 -25.45
N CYS F 938 29.12 49.14 -25.89
CA CYS F 938 27.93 49.47 -25.09
C CYS F 938 26.65 48.97 -25.73
N SER F 939 26.75 48.05 -26.68
CA SER F 939 25.60 47.35 -27.23
C SER F 939 25.93 45.87 -27.37
N GLY F 940 24.93 45.03 -27.18
CA GLY F 940 25.16 43.60 -27.32
C GLY F 940 24.23 42.79 -26.43
N ARG F 941 24.36 41.47 -26.59
CA ARG F 941 23.71 40.53 -25.68
C ARG F 941 24.30 40.62 -24.28
N VAL F 942 23.41 40.58 -23.29
CA VAL F 942 23.77 40.65 -21.89
C VAL F 942 24.16 39.26 -21.39
N GLU F 943 25.41 39.11 -20.95
CA GLU F 943 25.89 37.88 -20.33
C GLU F 943 26.36 38.16 -18.91
N ILE F 944 26.04 37.23 -18.00
CA ILE F 944 26.37 37.36 -16.59
C ILE F 944 27.19 36.13 -16.17
N TRP F 945 28.16 36.38 -15.30
CA TRP F 945 29.03 35.32 -14.77
C TRP F 945 28.49 34.83 -13.43
N HIS F 946 28.03 33.58 -13.40
CA HIS F 946 27.57 32.99 -12.15
C HIS F 946 27.89 31.51 -12.15
N GLY F 947 28.08 30.97 -10.95
CA GLY F 947 28.36 29.56 -10.79
C GLY F 947 29.57 29.07 -11.54
N GLY F 948 30.49 29.97 -11.88
CA GLY F 948 31.65 29.58 -12.65
C GLY F 948 31.44 29.49 -14.14
N SER F 949 30.29 29.95 -14.65
CA SER F 949 30.08 29.98 -16.08
C SER F 949 29.37 31.27 -16.49
N TRP F 950 29.56 31.63 -17.77
CA TRP F 950 28.75 32.66 -18.38
C TRP F 950 27.36 32.14 -18.70
N GLY F 951 26.36 33.01 -18.56
CA GLY F 951 25.01 32.66 -18.97
C GLY F 951 24.22 33.90 -19.36
N THR F 952 23.04 33.66 -19.94
CA THR F 952 22.25 34.72 -20.53
C THR F 952 21.09 35.14 -19.63
N VAL F 953 20.37 36.16 -20.08
CA VAL F 953 19.18 36.67 -19.40
C VAL F 953 17.99 36.51 -20.33
N CYS F 954 16.91 35.93 -19.83
CA CYS F 954 15.68 35.79 -20.60
C CYS F 954 14.98 37.14 -20.78
N ASP F 955 14.39 37.34 -21.96
CA ASP F 955 13.65 38.56 -22.29
C ASP F 955 12.26 38.68 -21.69
N ASP F 956 11.78 37.68 -20.95
CA ASP F 956 10.56 37.81 -20.15
C ASP F 956 10.62 38.97 -19.17
N SER F 957 9.67 39.90 -19.30
CA SER F 957 9.63 41.18 -18.60
C SER F 957 10.77 42.14 -18.92
N TRP F 958 11.68 41.75 -19.79
CA TRP F 958 12.82 42.62 -20.09
C TRP F 958 12.30 43.93 -20.64
N ASP F 959 12.64 45.02 -19.96
CA ASP F 959 12.17 46.35 -20.31
C ASP F 959 13.28 47.40 -20.34
N LEU F 960 12.90 48.67 -20.52
CA LEU F 960 13.88 49.73 -20.64
C LEU F 960 14.57 50.04 -19.32
N ASP F 961 13.91 49.76 -18.19
CA ASP F 961 14.54 49.98 -16.90
C ASP F 961 15.61 48.92 -16.62
N ASP F 962 15.35 47.68 -17.04
CA ASP F 962 16.38 46.65 -16.99
C ASP F 962 17.60 47.02 -17.83
N ALA F 963 17.37 47.44 -19.08
CA ALA F 963 18.48 47.87 -19.92
C ALA F 963 19.21 49.08 -19.32
N GLN F 964 18.48 49.98 -18.66
CA GLN F 964 19.11 51.13 -18.01
C GLN F 964 20.04 50.69 -16.89
N VAL F 965 19.59 49.69 -16.12
CA VAL F 965 20.44 49.11 -15.09
C VAL F 965 21.67 48.46 -15.68
N VAL F 966 21.48 47.67 -16.73
CA VAL F 966 22.59 46.99 -17.42
C VAL F 966 23.62 48.00 -17.90
N CYS F 967 23.14 49.06 -18.55
CA CYS F 967 24.01 50.10 -19.06
C CYS F 967 24.81 50.73 -17.93
N GLN F 968 24.15 51.02 -16.80
CA GLN F 968 24.84 51.62 -15.67
C GLN F 968 25.95 50.75 -15.07
N GLN F 969 25.77 49.43 -14.91
CA GLN F 969 26.90 48.66 -14.35
C GLN F 969 28.11 48.69 -15.26
N LEU F 970 27.90 48.70 -16.57
CA LEU F 970 29.03 48.80 -17.48
C LEU F 970 29.58 50.21 -17.60
N GLY F 971 28.98 51.20 -16.92
CA GLY F 971 29.39 52.57 -17.11
C GLY F 971 29.07 53.13 -18.48
N CYS F 972 28.22 52.45 -19.22
CA CYS F 972 27.59 53.05 -20.40
C CYS F 972 26.55 54.06 -19.93
N GLY F 973 26.27 55.04 -20.79
CA GLY F 973 25.28 56.04 -20.48
C GLY F 973 23.87 55.47 -20.51
N PRO F 974 22.87 56.34 -20.59
CA PRO F 974 21.48 55.88 -20.52
C PRO F 974 21.18 54.81 -21.56
N ALA F 975 20.28 53.91 -21.19
CA ALA F 975 19.78 52.90 -22.13
C ALA F 975 18.99 53.57 -23.24
N LEU F 976 19.33 53.22 -24.48
CA LEU F 976 18.56 53.70 -25.62
C LEU F 976 17.49 52.72 -26.04
N LYS F 977 17.82 51.43 -26.04
CA LYS F 977 16.87 50.40 -26.44
C LYS F 977 17.15 49.13 -25.65
N ALA F 978 16.07 48.43 -25.30
CA ALA F 978 16.13 47.05 -24.85
C ALA F 978 15.66 46.15 -25.98
N PHE F 979 16.56 45.37 -26.54
CA PHE F 979 16.23 44.46 -27.62
C PHE F 979 15.91 43.05 -27.11
N LYS F 980 15.05 42.37 -27.86
CA LYS F 980 14.58 41.01 -27.55
C LYS F 980 14.88 40.03 -28.70
N GLU F 981 14.50 38.77 -28.45
CA GLU F 981 14.48 37.64 -29.40
C GLU F 981 15.86 37.36 -30.01
N ALA F 982 16.90 37.52 -29.21
CA ALA F 982 18.28 37.22 -29.62
C ALA F 982 18.68 37.92 -30.91
N GLU F 983 18.30 39.19 -31.04
CA GLU F 983 18.60 39.97 -32.24
C GLU F 983 20.07 39.87 -32.65
N PHE F 984 20.97 39.84 -31.67
CA PHE F 984 22.40 39.73 -31.90
C PHE F 984 22.91 38.30 -31.82
N GLY F 985 22.07 37.34 -32.16
CA GLY F 985 22.40 35.93 -31.99
C GLY F 985 22.09 35.38 -30.61
N GLN F 986 21.92 34.06 -30.58
CA GLN F 986 21.72 33.31 -29.36
C GLN F 986 22.99 33.26 -28.52
N GLY F 987 22.82 33.28 -27.21
CA GLY F 987 23.91 33.11 -26.28
C GLY F 987 24.17 31.66 -25.96
N THR F 988 24.85 31.43 -24.84
CA THR F 988 25.38 30.11 -24.53
C THR F 988 25.28 29.80 -23.05
N GLY F 989 25.24 28.51 -22.75
CA GLY F 989 25.22 28.03 -21.38
C GLY F 989 23.89 28.24 -20.69
N PRO F 990 23.93 28.33 -19.37
CA PRO F 990 22.68 28.43 -18.60
C PRO F 990 22.03 29.78 -18.83
N ILE F 991 20.70 29.80 -18.86
CA ILE F 991 19.98 31.06 -18.76
C ILE F 991 19.82 31.36 -17.27
N TRP F 992 20.70 32.23 -16.75
CA TRP F 992 20.79 32.42 -15.30
C TRP F 992 19.59 33.19 -14.75
N LEU F 993 19.08 34.17 -15.49
CA LEU F 993 18.00 35.01 -14.99
C LEU F 993 16.82 35.07 -15.94
N ASN F 994 15.62 35.00 -15.35
CA ASN F 994 14.35 35.13 -16.03
C ASN F 994 13.42 36.00 -15.19
N GLU F 995 12.53 36.72 -15.88
CA GLU F 995 11.61 37.68 -15.27
C GLU F 995 12.33 38.74 -14.43
N VAL F 996 13.40 39.30 -15.01
CA VAL F 996 14.09 40.42 -14.37
C VAL F 996 13.16 41.62 -14.34
N LYS F 997 13.03 42.25 -13.16
CA LYS F 997 12.11 43.37 -12.96
C LYS F 997 12.81 44.46 -12.15
N CYS F 998 13.84 45.04 -12.74
CA CYS F 998 14.53 46.16 -12.11
C CYS F 998 13.60 47.38 -12.03
N LYS F 999 13.94 48.29 -11.12
CA LYS F 999 13.33 49.62 -11.08
C LYS F 999 14.13 50.68 -11.82
N GLY F 1000 15.33 50.34 -12.30
CA GLY F 1000 16.22 51.25 -12.97
C GLY F 1000 17.10 52.09 -12.08
N ASN F 1001 17.02 51.92 -10.75
CA ASN F 1001 17.85 52.65 -9.80
C ASN F 1001 18.72 51.75 -8.95
N GLU F 1002 18.68 50.44 -9.17
CA GLU F 1002 19.57 49.48 -8.53
C GLU F 1002 21.02 49.70 -8.94
N SER F 1003 21.93 49.37 -8.02
CA SER F 1003 23.36 49.44 -8.29
C SER F 1003 23.83 48.29 -9.17
N SER F 1004 23.08 47.20 -9.24
CA SER F 1004 23.58 45.97 -9.85
C SER F 1004 22.38 45.13 -10.26
N LEU F 1005 22.53 44.43 -11.38
CA LEU F 1005 21.47 43.56 -11.86
C LEU F 1005 21.15 42.45 -10.87
N TRP F 1006 22.15 42.05 -10.07
CA TRP F 1006 21.95 41.09 -8.99
C TRP F 1006 21.02 41.61 -7.90
N ASP F 1007 20.81 42.92 -7.83
CA ASP F 1007 19.94 43.51 -6.83
C ASP F 1007 18.48 43.56 -7.25
N CYS F 1008 18.17 43.25 -8.50
CA CYS F 1008 16.79 43.30 -8.97
C CYS F 1008 16.04 42.02 -8.57
N PRO F 1009 14.76 42.15 -8.20
CA PRO F 1009 13.91 40.96 -8.07
C PRO F 1009 13.86 40.14 -9.34
N ALA F 1010 14.07 38.84 -9.18
CA ALA F 1010 13.97 37.88 -10.28
C ALA F 1010 13.54 36.53 -9.72
N ARG F 1011 13.22 35.62 -10.64
CA ARG F 1011 13.09 34.22 -10.26
C ARG F 1011 14.42 33.68 -9.73
N ARG F 1012 14.36 32.48 -9.16
CA ARG F 1012 15.56 31.84 -8.65
C ARG F 1012 16.61 31.67 -9.74
N TRP F 1013 17.87 31.91 -9.36
CA TRP F 1013 19.01 31.81 -10.26
C TRP F 1013 19.09 30.46 -10.95
N GLY F 1014 19.29 30.50 -12.27
CA GLY F 1014 19.41 29.29 -13.06
C GLY F 1014 18.13 28.51 -13.32
N HIS F 1015 16.98 28.96 -12.85
CA HIS F 1015 15.71 28.33 -13.19
C HIS F 1015 15.02 29.17 -14.27
N SER F 1016 15.15 28.75 -15.53
CA SER F 1016 14.47 29.39 -16.63
C SER F 1016 13.73 28.37 -17.47
N GLU F 1017 12.52 28.74 -17.90
CA GLU F 1017 11.79 28.02 -18.94
C GLU F 1017 12.13 28.50 -20.34
N CYS F 1018 12.95 29.54 -20.47
CA CYS F 1018 13.25 30.16 -21.74
C CYS F 1018 14.30 29.37 -22.51
N GLY F 1019 14.28 29.51 -23.84
CA GLY F 1019 15.40 29.14 -24.66
C GLY F 1019 16.29 30.34 -24.99
N HIS F 1020 17.45 30.02 -25.60
CA HIS F 1020 18.38 31.04 -26.06
C HIS F 1020 17.81 31.91 -27.16
N LYS F 1021 16.70 31.50 -27.79
CA LYS F 1021 15.98 32.38 -28.70
C LYS F 1021 15.50 33.66 -28.01
N GLU F 1022 15.29 33.61 -26.70
CA GLU F 1022 14.81 34.75 -25.92
C GLU F 1022 15.94 35.50 -25.23
N ASP F 1023 17.17 35.39 -25.75
CA ASP F 1023 18.29 36.08 -25.13
C ASP F 1023 18.16 37.60 -25.29
N ALA F 1024 18.23 38.29 -24.16
CA ALA F 1024 18.11 39.74 -24.04
C ALA F 1024 19.33 40.49 -24.55
N ALA F 1025 19.08 41.67 -25.13
CA ALA F 1025 20.14 42.50 -25.70
C ALA F 1025 19.87 43.95 -25.30
N VAL F 1026 20.93 44.77 -25.36
CA VAL F 1026 20.81 46.19 -25.03
C VAL F 1026 21.51 47.03 -26.09
N ASN F 1027 21.07 48.29 -26.20
CA ASN F 1027 21.78 49.35 -26.92
C ASN F 1027 21.81 50.58 -26.02
N CYS F 1028 23.00 50.95 -25.57
CA CYS F 1028 23.26 52.11 -24.72
C CYS F 1028 23.86 53.24 -25.55
N THR F 1029 23.87 54.44 -24.96
CA THR F 1029 24.65 55.54 -25.53
C THR F 1029 26.14 55.25 -25.43
N ALA G 262 28.64 -56.83 32.32
CA ALA G 262 28.69 -55.73 31.37
C ALA G 262 29.69 -54.66 31.83
N ASP G 263 30.03 -54.71 33.12
CA ASP G 263 30.98 -53.79 33.74
C ASP G 263 30.54 -52.35 33.58
N LEU G 264 29.79 -51.84 34.56
CA LEU G 264 29.25 -50.49 34.52
C LEU G 264 29.88 -49.68 35.64
N SER G 265 30.24 -48.44 35.33
CA SER G 265 30.64 -47.50 36.37
C SER G 265 30.27 -46.09 35.97
N LEU G 266 29.96 -45.26 36.97
CA LEU G 266 29.66 -43.85 36.73
C LEU G 266 30.70 -42.96 37.41
N ARG G 267 31.13 -41.92 36.71
CA ARG G 267 32.00 -40.92 37.31
C ARG G 267 31.64 -39.55 36.75
N LEU G 268 32.01 -38.52 37.50
CA LEU G 268 32.03 -37.15 37.02
C LEU G 268 33.43 -36.71 36.65
N VAL G 269 33.54 -35.94 35.58
CA VAL G 269 34.83 -35.44 35.10
C VAL G 269 34.74 -33.93 34.93
N ASP G 270 35.84 -33.25 35.26
CA ASP G 270 36.00 -31.80 35.15
C ASP G 270 34.93 -31.06 35.95
N GLY G 271 34.49 -31.69 37.04
CA GLY G 271 33.56 -31.06 37.94
C GLY G 271 34.20 -29.99 38.81
N VAL G 272 33.33 -29.16 39.39
CA VAL G 272 33.75 -28.30 40.49
C VAL G 272 33.98 -29.14 41.74
N THR G 273 33.23 -30.23 41.89
CA THR G 273 33.41 -31.18 42.97
C THR G 273 33.40 -32.59 42.38
N GLU G 274 33.74 -33.59 43.21
CA GLU G 274 33.60 -34.97 42.78
C GLU G 274 32.16 -35.39 42.49
N CYS G 275 31.17 -34.59 42.87
CA CYS G 275 29.77 -34.90 42.60
C CYS G 275 29.11 -33.90 41.66
N SER G 276 29.92 -33.17 40.91
CA SER G 276 29.44 -32.42 39.77
C SER G 276 30.41 -32.69 38.64
N GLY G 277 29.95 -32.49 37.41
CA GLY G 277 30.80 -32.61 36.27
C GLY G 277 30.07 -33.32 35.16
N ARG G 278 30.79 -33.61 34.09
CA ARG G 278 30.26 -34.43 33.01
C ARG G 278 30.16 -35.87 33.44
N LEU G 279 29.06 -36.51 33.07
CA LEU G 279 28.79 -37.89 33.44
C LEU G 279 29.47 -38.79 32.42
N GLU G 280 30.32 -39.69 32.90
CA GLU G 280 30.98 -40.69 32.08
C GLU G 280 30.64 -42.07 32.63
N VAL G 281 30.35 -42.99 31.73
CA VAL G 281 30.10 -44.38 32.06
C VAL G 281 31.26 -45.22 31.56
N ARG G 282 31.80 -46.03 32.46
CA ARG G 282 32.71 -47.09 32.08
C ARG G 282 31.86 -48.29 31.68
N PHE G 283 32.09 -48.79 30.47
CA PHE G 283 31.45 -49.98 29.94
C PHE G 283 32.52 -50.86 29.34
N GLN G 284 32.60 -52.11 29.83
CA GLN G 284 33.58 -53.10 29.38
C GLN G 284 35.00 -52.56 29.37
N GLY G 285 35.31 -51.67 30.32
CA GLY G 285 36.64 -51.13 30.47
C GLY G 285 36.87 -49.77 29.83
N GLU G 286 36.02 -49.31 28.92
CA GLU G 286 36.23 -48.04 28.24
C GLU G 286 35.25 -47.01 28.78
N TRP G 287 35.72 -45.77 28.92
CA TRP G 287 34.88 -44.65 29.35
C TRP G 287 34.23 -43.94 28.16
N GLY G 288 32.97 -43.52 28.35
CA GLY G 288 32.31 -42.69 27.36
C GLY G 288 31.31 -41.76 28.02
N THR G 289 30.79 -40.84 27.22
CA THR G 289 29.91 -39.80 27.73
C THR G 289 28.43 -40.16 27.54
N ILE G 290 27.57 -39.28 28.03
CA ILE G 290 26.11 -39.37 27.86
C ILE G 290 25.64 -38.13 27.12
N CYS G 291 24.69 -38.33 26.20
CA CYS G 291 24.08 -37.23 25.46
C CYS G 291 23.06 -36.50 26.32
N ASP G 292 22.90 -35.20 26.03
CA ASP G 292 22.00 -34.33 26.79
C ASP G 292 20.54 -34.48 26.40
N ASP G 293 20.25 -35.29 25.38
CA ASP G 293 18.88 -35.47 24.89
C ASP G 293 17.99 -36.06 25.97
N GLY G 294 17.00 -35.28 26.39
CA GLY G 294 16.06 -35.65 27.45
C GLY G 294 16.63 -35.63 28.85
N TRP G 295 17.88 -35.21 29.02
CA TRP G 295 18.54 -35.24 30.32
C TRP G 295 17.84 -34.24 31.23
N ASP G 296 17.29 -34.70 32.35
CA ASP G 296 16.50 -33.80 33.18
C ASP G 296 17.00 -33.84 34.62
N SER G 297 16.30 -33.11 35.50
CA SER G 297 16.64 -33.00 36.92
C SER G 297 16.43 -34.29 37.69
N TYR G 298 15.57 -35.18 37.23
CA TYR G 298 15.43 -36.47 37.89
C TYR G 298 16.67 -37.34 37.64
N ASP G 299 17.21 -37.29 36.42
CA ASP G 299 18.43 -38.02 36.14
C ASP G 299 19.60 -37.50 36.96
N ALA G 300 19.77 -36.17 36.97
CA ALA G 300 20.81 -35.58 37.79
C ALA G 300 20.66 -35.89 39.28
N ALA G 301 19.43 -35.83 39.79
CA ALA G 301 19.20 -36.14 41.20
C ALA G 301 19.50 -37.58 41.55
N VAL G 302 19.07 -38.52 40.71
CA VAL G 302 19.41 -39.92 40.94
C VAL G 302 20.92 -40.17 40.86
N ALA G 303 21.60 -39.60 39.85
CA ALA G 303 23.06 -39.81 39.79
C ALA G 303 23.78 -39.27 41.02
N CYS G 304 23.53 -38.01 41.39
CA CYS G 304 24.15 -37.46 42.61
C CYS G 304 23.78 -38.26 43.85
N LYS G 305 22.51 -38.67 43.97
CA LYS G 305 22.11 -39.48 45.11
C LYS G 305 22.95 -40.75 45.14
N GLN G 306 23.17 -41.37 43.98
CA GLN G 306 24.01 -42.56 43.97
C GLN G 306 25.42 -42.20 44.42
N LEU G 307 25.89 -40.99 44.05
CA LEU G 307 27.18 -40.50 44.51
C LEU G 307 27.15 -40.03 45.96
N GLY G 308 25.97 -39.98 46.58
CA GLY G 308 25.71 -39.47 47.92
C GLY G 308 25.75 -37.98 48.21
N CYS G 309 25.66 -37.11 47.20
CA CYS G 309 25.61 -35.67 47.43
C CYS G 309 24.18 -35.16 47.59
N PRO G 310 24.00 -33.99 48.20
CA PRO G 310 22.65 -33.42 48.32
C PRO G 310 22.01 -33.18 46.96
N THR G 311 20.72 -33.50 46.90
CA THR G 311 19.89 -33.43 45.70
C THR G 311 18.79 -32.39 45.77
N ALA G 312 18.86 -31.45 46.71
CA ALA G 312 17.80 -30.44 46.80
C ALA G 312 17.73 -29.55 45.56
N VAL G 313 18.87 -29.20 44.98
CA VAL G 313 18.86 -28.42 43.73
C VAL G 313 19.87 -29.03 42.77
N THR G 314 19.43 -29.34 41.57
CA THR G 314 20.26 -30.02 40.58
C THR G 314 20.17 -29.28 39.25
N ALA G 315 21.30 -28.74 38.80
CA ALA G 315 21.39 -28.10 37.50
C ALA G 315 22.07 -29.03 36.49
N ILE G 316 21.65 -28.90 35.25
CA ILE G 316 22.33 -29.46 34.08
C ILE G 316 23.39 -28.51 33.53
N GLY G 317 24.27 -29.06 32.70
CA GLY G 317 25.25 -28.32 31.91
C GLY G 317 26.68 -28.50 32.42
N ARG G 318 27.60 -27.97 31.58
CA ARG G 318 29.06 -28.10 31.68
C ARG G 318 29.85 -26.85 32.09
N VAL G 319 30.28 -26.82 33.34
CA VAL G 319 31.15 -25.78 33.89
C VAL G 319 32.63 -26.20 33.85
N ASN G 320 33.46 -25.44 33.13
CA ASN G 320 34.88 -25.80 32.91
C ASN G 320 35.15 -27.16 32.30
N ALA G 321 34.12 -27.92 31.97
CA ALA G 321 34.31 -29.23 31.40
C ALA G 321 34.64 -29.19 29.92
N SER G 322 35.69 -29.91 29.54
CA SER G 322 36.11 -30.03 28.16
C SER G 322 35.04 -30.75 27.35
N LYS G 323 35.23 -30.79 26.04
CA LYS G 323 34.42 -31.71 25.23
C LYS G 323 34.90 -33.14 25.45
N GLY G 324 33.96 -34.06 25.60
CA GLY G 324 34.32 -35.46 25.69
C GLY G 324 34.89 -35.97 24.38
N PHE G 325 35.29 -37.24 24.41
CA PHE G 325 35.77 -37.97 23.24
C PHE G 325 35.29 -39.41 23.31
N GLY G 326 35.20 -40.04 22.15
CA GLY G 326 34.85 -41.45 22.06
C GLY G 326 33.36 -41.71 22.03
N HIS G 327 32.93 -42.64 22.88
CA HIS G 327 31.56 -43.13 22.88
C HIS G 327 30.62 -42.22 23.64
N ILE G 328 29.39 -42.10 23.13
CA ILE G 328 28.25 -41.63 23.91
C ILE G 328 27.40 -42.86 24.20
N TRP G 329 27.37 -43.27 25.47
CA TRP G 329 26.78 -44.56 25.82
C TRP G 329 25.27 -44.51 26.03
N LEU G 330 24.74 -43.45 26.63
CA LEU G 330 23.31 -43.35 26.90
C LEU G 330 22.71 -42.13 26.24
N ASP G 331 21.50 -42.29 25.71
CA ASP G 331 20.74 -41.22 25.08
C ASP G 331 19.27 -41.33 25.46
N SER G 332 18.62 -40.17 25.58
CA SER G 332 17.21 -40.05 25.95
C SER G 332 16.87 -40.82 27.22
N VAL G 333 17.70 -40.63 28.24
CA VAL G 333 17.42 -41.19 29.56
C VAL G 333 16.16 -40.55 30.13
N SER G 334 15.23 -41.38 30.60
CA SER G 334 13.99 -40.86 31.18
C SER G 334 13.65 -41.69 32.42
N CYS G 335 14.01 -41.15 33.57
CA CYS G 335 13.82 -41.70 34.90
C CYS G 335 12.53 -41.17 35.55
N GLN G 336 12.01 -41.94 36.50
CA GLN G 336 10.93 -41.44 37.37
C GLN G 336 11.43 -40.87 38.69
N GLY G 337 12.73 -40.99 38.97
CA GLY G 337 13.37 -40.45 40.16
C GLY G 337 13.50 -41.37 41.37
N HIS G 338 12.90 -42.56 41.35
CA HIS G 338 12.98 -43.45 42.50
C HIS G 338 13.98 -44.57 42.24
N GLU G 339 14.35 -44.73 40.98
CA GLU G 339 15.26 -45.76 40.51
C GLU G 339 16.63 -45.66 41.18
N PRO G 340 17.25 -46.80 41.52
CA PRO G 340 18.56 -46.77 42.18
C PRO G 340 19.76 -46.55 41.28
N ALA G 341 19.65 -46.72 39.95
CA ALA G 341 20.81 -46.50 39.10
C ALA G 341 20.38 -46.06 37.71
N ILE G 342 21.26 -45.28 37.06
CA ILE G 342 20.98 -44.65 35.78
C ILE G 342 20.71 -45.65 34.67
N TRP G 343 21.40 -46.78 34.68
CA TRP G 343 21.22 -47.82 33.67
C TRP G 343 19.98 -48.69 33.79
N GLN G 344 19.06 -48.43 34.72
CA GLN G 344 17.78 -49.12 34.67
C GLN G 344 16.64 -48.29 34.10
N CYS G 345 16.85 -46.99 33.83
CA CYS G 345 15.85 -46.23 33.09
C CYS G 345 15.84 -46.65 31.62
N LYS G 346 14.77 -46.26 30.93
CA LYS G 346 14.68 -46.45 29.49
C LYS G 346 15.71 -45.61 28.74
N HIS G 347 16.30 -46.23 27.72
CA HIS G 347 17.29 -45.61 26.87
C HIS G 347 17.32 -46.35 25.54
N HIS G 348 17.89 -45.71 24.52
CA HIS G 348 18.16 -46.39 23.26
C HIS G 348 19.28 -47.43 23.44
N GLU G 349 19.49 -48.23 22.41
CA GLU G 349 20.58 -49.20 22.36
C GLU G 349 21.93 -48.55 22.65
N TRP G 350 22.76 -49.26 23.41
CA TRP G 350 24.07 -48.77 23.81
C TRP G 350 24.98 -48.48 22.63
N GLY G 351 25.55 -47.28 22.61
CA GLY G 351 26.43 -46.83 21.55
C GLY G 351 25.78 -46.41 20.26
N LYS G 352 24.45 -46.51 20.15
CA LYS G 352 23.74 -46.07 18.97
C LYS G 352 23.13 -44.70 19.27
N HIS G 353 23.67 -43.67 18.63
CA HIS G 353 23.21 -42.30 18.88
C HIS G 353 23.47 -41.47 17.64
N TYR G 354 22.80 -40.32 17.56
CA TYR G 354 23.14 -39.31 16.58
C TYR G 354 23.83 -38.09 17.18
N CYS G 355 24.07 -38.07 18.49
CA CYS G 355 24.62 -36.90 19.16
C CYS G 355 26.11 -36.74 18.87
N ASN G 356 26.58 -35.51 19.00
CA ASN G 356 28.02 -35.22 19.03
C ASN G 356 28.39 -34.78 20.44
N HIS G 357 29.70 -34.77 20.72
CA HIS G 357 30.21 -34.43 22.04
C HIS G 357 29.99 -32.98 22.46
N ASN G 358 29.35 -32.11 21.67
CA ASN G 358 28.90 -30.84 22.23
C ASN G 358 27.64 -30.98 23.07
N GLU G 359 26.88 -32.06 22.87
CA GLU G 359 25.64 -32.34 23.59
C GLU G 359 25.83 -33.31 24.74
N ASP G 360 27.03 -33.49 25.24
CA ASP G 360 27.21 -34.34 26.41
C ASP G 360 26.58 -33.70 27.66
N ALA G 361 25.69 -34.46 28.31
CA ALA G 361 25.05 -34.06 29.54
C ALA G 361 26.03 -33.93 30.70
N GLY G 362 25.77 -32.96 31.59
CA GLY G 362 26.54 -32.81 32.81
C GLY G 362 25.62 -32.36 33.92
N VAL G 363 26.09 -32.49 35.16
CA VAL G 363 25.26 -32.06 36.28
C VAL G 363 26.06 -31.33 37.34
N THR G 364 25.39 -30.43 38.07
CA THR G 364 25.86 -29.90 39.35
C THR G 364 24.78 -29.98 40.43
N CYS G 365 25.02 -30.76 41.48
CA CYS G 365 24.05 -30.96 42.56
C CYS G 365 24.53 -30.18 43.79
N SER G 366 23.61 -29.39 44.35
CA SER G 366 23.86 -28.45 45.43
C SER G 366 22.70 -28.47 46.41
N ASP G 367 23.02 -28.11 47.64
CA ASP G 367 22.09 -27.90 48.74
C ASP G 367 21.50 -26.49 48.79
N GLY G 368 21.86 -25.63 47.83
CA GLY G 368 21.40 -24.26 47.81
C GLY G 368 22.26 -23.24 48.52
N SER G 369 23.26 -23.67 49.29
CA SER G 369 24.04 -22.70 50.05
C SER G 369 25.07 -21.97 49.19
N ASP G 370 25.38 -22.47 48.00
CA ASP G 370 26.41 -21.89 47.15
C ASP G 370 25.82 -21.18 45.92
N LEU G 371 24.54 -20.86 45.94
CA LEU G 371 23.86 -20.17 44.83
C LEU G 371 23.59 -18.74 45.24
N GLU G 372 24.20 -17.80 44.53
CA GLU G 372 23.90 -16.37 44.69
C GLU G 372 23.34 -15.78 43.41
N LEU G 373 22.44 -14.82 43.58
CA LEU G 373 21.84 -14.08 42.47
C LEU G 373 21.95 -12.59 42.77
N ARG G 374 22.39 -11.81 41.77
CA ARG G 374 22.46 -10.37 41.92
C ARG G 374 22.30 -9.71 40.56
N LEU G 375 21.85 -8.46 40.57
CA LEU G 375 21.87 -7.60 39.41
C LEU G 375 23.08 -6.68 39.54
N ARG G 376 23.84 -6.56 38.46
CA ARG G 376 25.00 -5.69 38.40
C ARG G 376 24.89 -4.72 37.25
N GLY G 377 25.39 -3.52 37.47
CA GLY G 377 25.59 -2.58 36.38
C GLY G 377 24.39 -1.74 36.02
N GLY G 378 23.30 -1.75 36.78
CA GLY G 378 22.19 -0.87 36.47
C GLY G 378 22.15 0.31 37.42
N GLY G 379 23.28 0.60 38.07
CA GLY G 379 23.35 1.74 38.96
C GLY G 379 22.79 1.49 40.35
N SER G 380 21.98 0.44 40.53
CA SER G 380 21.52 0.03 41.84
C SER G 380 21.48 -1.49 41.91
N ARG G 381 21.26 -2.00 43.12
CA ARG G 381 21.07 -3.42 43.34
C ARG G 381 19.81 -3.98 42.70
N CYS G 382 18.92 -3.13 42.21
CA CYS G 382 17.65 -3.59 41.67
C CYS G 382 17.51 -3.35 40.18
N ALA G 383 18.59 -2.99 39.49
CA ALA G 383 18.56 -2.95 38.04
C ALA G 383 19.91 -3.35 37.45
N GLY G 384 19.86 -4.02 36.32
CA GLY G 384 21.10 -4.35 35.65
C GLY G 384 21.03 -5.70 34.98
N THR G 385 22.22 -6.12 34.54
CA THR G 385 22.43 -7.47 34.06
C THR G 385 22.34 -8.46 35.22
N VAL G 386 21.67 -9.58 34.97
CA VAL G 386 21.55 -10.65 35.95
C VAL G 386 22.85 -11.45 36.00
N GLU G 387 23.57 -11.32 37.10
CA GLU G 387 24.75 -12.13 37.35
C GLU G 387 24.34 -13.18 38.37
N VAL G 388 24.81 -14.39 38.14
CA VAL G 388 24.57 -15.51 39.03
C VAL G 388 25.93 -16.05 39.43
N GLU G 389 26.02 -16.57 40.64
CA GLU G 389 27.24 -17.26 41.06
C GLU G 389 26.85 -18.65 41.52
N ILE G 390 27.32 -19.66 40.81
CA ILE G 390 27.01 -21.06 41.06
C ILE G 390 28.30 -21.84 41.18
N GLN G 391 28.50 -22.52 42.31
CA GLN G 391 29.74 -23.24 42.58
C GLN G 391 30.97 -22.34 42.38
N ARG G 392 30.85 -21.08 42.81
CA ARG G 392 31.87 -20.05 42.64
C ARG G 392 32.16 -19.72 41.18
N LEU G 393 31.30 -20.13 40.25
CA LEU G 393 31.39 -19.72 38.85
C LEU G 393 30.37 -18.63 38.55
N LEU G 394 30.86 -17.46 38.11
CA LEU G 394 30.01 -16.36 37.69
C LEU G 394 29.45 -16.62 36.29
N GLY G 395 28.16 -16.30 36.09
CA GLY G 395 27.61 -16.28 34.75
C GLY G 395 26.43 -15.34 34.61
N LYS G 396 25.84 -15.33 33.41
CA LYS G 396 24.74 -14.43 33.08
C LYS G 396 23.56 -15.21 32.51
N VAL G 397 22.36 -14.64 32.69
CA VAL G 397 21.15 -15.20 32.10
C VAL G 397 21.01 -14.74 30.65
N CYS G 398 20.78 -15.68 29.74
CA CYS G 398 20.50 -15.35 28.36
C CYS G 398 19.06 -14.84 28.22
N ASP G 399 18.86 -13.88 27.33
CA ASP G 399 17.53 -13.30 27.12
C ASP G 399 16.60 -14.18 26.30
N ARG G 400 17.10 -15.26 25.69
CA ARG G 400 16.25 -16.22 25.00
C ARG G 400 15.29 -16.86 25.99
N GLY G 401 14.00 -16.59 25.85
CA GLY G 401 13.01 -17.05 26.79
C GLY G 401 12.84 -16.16 28.00
N TRP G 402 13.54 -15.03 28.06
CA TRP G 402 13.48 -14.12 29.19
C TRP G 402 12.30 -13.19 29.00
N GLY G 403 11.30 -13.32 29.87
CA GLY G 403 10.15 -12.45 29.82
C GLY G 403 9.91 -11.69 31.11
N LEU G 404 8.77 -11.00 31.19
CA LEU G 404 8.41 -10.31 32.42
C LEU G 404 8.16 -11.28 33.58
N LYS G 405 7.75 -12.52 33.30
CA LYS G 405 7.52 -13.47 34.37
C LYS G 405 8.83 -13.86 35.06
N GLU G 406 9.85 -14.19 34.28
CA GLU G 406 11.13 -14.49 34.89
C GLU G 406 11.71 -13.28 35.61
N ALA G 407 11.64 -12.10 34.99
CA ALA G 407 12.15 -10.90 35.66
C ALA G 407 11.41 -10.55 36.94
N ASP G 408 10.07 -10.69 36.97
CA ASP G 408 9.39 -10.33 38.22
C ASP G 408 9.73 -11.33 39.32
N VAL G 409 9.88 -12.61 38.96
CA VAL G 409 10.36 -13.60 39.91
C VAL G 409 11.73 -13.22 40.46
N VAL G 410 12.64 -12.80 39.57
CA VAL G 410 13.96 -12.37 40.03
C VAL G 410 13.86 -11.17 40.95
N CYS G 411 13.08 -10.16 40.55
CA CYS G 411 12.89 -8.97 41.37
C CYS G 411 12.30 -9.29 42.74
N ARG G 412 11.32 -10.20 42.79
CA ARG G 412 10.71 -10.59 44.06
C ARG G 412 11.68 -11.36 44.94
N GLN G 413 12.41 -12.31 44.36
CA GLN G 413 13.38 -13.08 45.13
C GLN G 413 14.43 -12.17 45.76
N LEU G 414 14.84 -11.13 45.05
CA LEU G 414 15.81 -10.19 45.60
C LEU G 414 15.13 -9.13 46.46
N GLY G 415 13.82 -9.21 46.64
CA GLY G 415 13.06 -8.20 47.36
C GLY G 415 13.06 -6.80 46.77
N CYS G 416 13.04 -6.70 45.43
CA CYS G 416 13.06 -5.43 44.72
C CYS G 416 11.68 -5.09 44.18
N GLY G 417 10.65 -5.80 44.62
CA GLY G 417 9.30 -5.60 44.15
C GLY G 417 9.07 -6.28 42.82
N SER G 418 8.39 -5.61 41.90
CA SER G 418 8.11 -6.23 40.61
C SER G 418 9.01 -5.68 39.51
N ALA G 419 9.19 -6.51 38.49
CA ALA G 419 9.89 -6.11 37.28
C ALA G 419 8.98 -5.18 36.49
N LEU G 420 9.46 -3.98 36.15
CA LEU G 420 8.57 -3.15 35.37
C LEU G 420 8.82 -3.20 33.87
N LYS G 421 9.97 -3.73 33.44
CA LYS G 421 10.49 -3.35 32.12
C LYS G 421 11.99 -3.66 32.04
N THR G 422 12.40 -4.22 30.91
CA THR G 422 13.75 -4.75 30.68
C THR G 422 14.49 -3.93 29.63
N SER G 423 15.42 -3.07 30.05
CA SER G 423 15.80 -1.97 29.16
C SER G 423 17.31 -1.80 29.13
N TYR G 424 17.73 -0.73 28.46
CA TYR G 424 19.10 -0.23 28.45
C TYR G 424 19.31 0.91 29.45
N GLN G 425 20.42 0.82 30.18
CA GLN G 425 20.87 1.88 31.08
C GLN G 425 22.39 1.69 31.14
N VAL G 426 23.13 2.67 30.59
CA VAL G 426 24.24 2.24 29.73
C VAL G 426 25.34 1.44 30.44
N TYR G 427 26.45 2.07 30.87
CA TYR G 427 26.99 2.10 32.23
C TYR G 427 28.47 1.70 32.11
N SER G 428 29.19 1.60 33.22
CA SER G 428 30.41 0.80 33.21
C SER G 428 30.08 -0.55 33.83
N LYS G 429 29.71 -1.50 32.96
CA LYS G 429 29.38 -2.86 33.34
C LYS G 429 30.63 -3.75 33.40
N ILE G 430 30.51 -4.85 34.15
CA ILE G 430 31.62 -5.75 34.44
C ILE G 430 31.61 -6.91 33.45
N GLN G 431 32.76 -7.16 32.82
CA GLN G 431 32.84 -8.07 31.69
C GLN G 431 34.05 -8.97 31.88
N ALA G 432 33.98 -10.21 31.38
CA ALA G 432 32.83 -10.82 30.73
C ALA G 432 32.68 -12.23 31.31
N THR G 433 31.76 -13.04 30.78
CA THR G 433 31.69 -14.44 31.18
C THR G 433 31.73 -15.32 29.92
N ASN G 434 31.98 -16.62 30.10
CA ASN G 434 31.68 -17.66 29.11
C ASN G 434 30.52 -18.59 29.46
N THR G 435 29.95 -18.46 30.66
CA THR G 435 28.92 -19.37 31.16
C THR G 435 27.59 -18.66 31.29
N TRP G 436 26.55 -19.25 30.71
CA TRP G 436 25.21 -18.67 30.64
C TRP G 436 24.19 -19.63 31.23
N LEU G 437 23.19 -19.06 31.91
CA LEU G 437 22.02 -19.79 32.37
C LEU G 437 20.82 -19.56 31.45
N PHE G 438 20.23 -20.66 30.97
CA PHE G 438 19.00 -20.65 30.18
C PHE G 438 17.80 -21.15 30.98
N LEU G 439 16.71 -20.39 30.94
CA LEU G 439 15.44 -20.75 31.57
C LEU G 439 14.48 -21.12 30.44
N SER G 440 13.87 -22.31 30.50
CA SER G 440 12.96 -22.59 29.39
C SER G 440 11.61 -21.92 29.61
N SER G 441 11.10 -21.95 30.85
CA SER G 441 9.99 -21.14 31.31
C SER G 441 9.63 -21.49 32.75
N CYS G 442 9.31 -20.47 33.54
CA CYS G 442 8.61 -20.56 34.82
C CYS G 442 7.22 -19.95 34.69
N ASN G 443 6.31 -20.39 35.55
CA ASN G 443 4.99 -19.77 35.63
C ASN G 443 5.02 -18.36 36.19
N GLY G 444 6.00 -18.00 37.01
CA GLY G 444 5.99 -16.67 37.59
C GLY G 444 5.50 -16.55 39.02
N ASN G 445 4.92 -17.60 39.57
CA ASN G 445 4.45 -17.55 40.94
C ASN G 445 5.48 -18.15 41.90
N GLU G 446 6.62 -18.57 41.35
CA GLU G 446 7.71 -19.14 42.13
C GLU G 446 8.29 -18.11 43.09
N THR G 447 8.80 -18.61 44.22
CA THR G 447 9.45 -17.76 45.21
C THR G 447 10.90 -17.47 44.86
N SER G 448 11.55 -18.34 44.10
CA SER G 448 12.96 -18.19 43.75
C SER G 448 13.17 -18.55 42.28
N LEU G 449 14.15 -17.89 41.66
CA LEU G 449 14.56 -18.28 40.32
C LEU G 449 14.93 -19.75 40.27
N TRP G 450 15.44 -20.29 41.38
CA TRP G 450 15.79 -21.70 41.39
C TRP G 450 14.54 -22.56 41.38
N ASP G 451 13.39 -21.97 41.73
CA ASP G 451 12.14 -22.71 41.66
C ASP G 451 11.56 -22.71 40.25
N CYS G 452 12.07 -21.88 39.35
CA CYS G 452 11.64 -21.97 37.96
C CYS G 452 12.18 -23.30 37.41
N LYS G 453 11.38 -23.98 36.60
CA LYS G 453 11.72 -25.31 36.10
C LYS G 453 12.70 -25.32 34.94
N ASN G 454 13.49 -26.41 34.85
CA ASN G 454 14.25 -26.72 33.64
C ASN G 454 15.28 -25.66 33.27
N TRP G 455 15.86 -25.00 34.25
CA TRP G 455 16.94 -24.05 33.97
C TRP G 455 18.19 -24.78 33.51
N GLN G 456 18.87 -24.19 32.52
CA GLN G 456 20.07 -24.73 31.94
C GLN G 456 21.22 -23.86 32.41
N TRP G 457 22.25 -24.48 32.99
CA TRP G 457 23.44 -23.77 33.43
C TRP G 457 24.59 -24.10 32.49
N GLY G 458 25.03 -23.11 31.70
CA GLY G 458 26.10 -23.38 30.75
C GLY G 458 25.79 -24.39 29.65
N GLY G 459 26.78 -24.62 28.79
CA GLY G 459 26.76 -25.74 27.86
C GLY G 459 26.03 -25.55 26.55
N LEU G 460 25.52 -24.36 26.21
CA LEU G 460 24.94 -24.19 24.88
C LEU G 460 25.24 -22.80 24.32
N THR G 461 26.39 -22.68 23.65
CA THR G 461 26.58 -21.96 22.39
C THR G 461 25.60 -20.79 22.24
N CYS G 462 25.63 -19.85 23.18
CA CYS G 462 24.71 -18.73 23.09
C CYS G 462 24.90 -17.93 21.81
N ASP G 463 23.79 -17.44 21.28
CA ASP G 463 23.79 -16.67 20.04
C ASP G 463 24.20 -15.22 20.35
N HIS G 464 23.95 -14.33 19.39
CA HIS G 464 24.43 -12.96 19.40
C HIS G 464 23.44 -11.99 20.06
N TYR G 465 22.53 -12.47 20.90
CA TYR G 465 21.55 -11.61 21.53
C TYR G 465 21.69 -11.53 23.06
N GLU G 466 22.93 -11.44 23.54
CA GLU G 466 23.26 -11.51 24.95
C GLU G 466 22.72 -10.29 25.71
N GLU G 467 22.94 -10.32 27.04
CA GLU G 467 22.78 -9.23 28.00
C GLU G 467 21.36 -8.72 28.21
N ALA G 468 20.51 -9.56 28.78
CA ALA G 468 19.21 -9.13 29.29
C ALA G 468 19.37 -8.37 30.60
N LYS G 469 18.58 -7.31 30.78
CA LYS G 469 18.75 -6.43 31.93
C LYS G 469 17.40 -5.93 32.39
N ILE G 470 17.18 -6.04 33.70
CA ILE G 470 15.92 -5.72 34.36
C ILE G 470 16.01 -4.36 35.05
N THR G 471 14.88 -3.64 35.06
CA THR G 471 14.65 -2.57 36.01
C THR G 471 13.45 -2.98 36.86
N CYS G 472 13.67 -3.17 38.16
CA CYS G 472 12.59 -3.50 39.07
C CYS G 472 11.95 -2.25 39.64
N SER G 473 10.75 -2.42 40.19
CA SER G 473 10.02 -1.30 40.74
C SER G 473 10.74 -0.64 41.91
N ALA G 474 11.50 -1.41 42.69
CA ALA G 474 12.29 -0.82 43.75
C ALA G 474 13.61 -0.21 43.27
N HIS G 475 13.85 -0.11 41.97
CA HIS G 475 15.08 0.56 41.53
C HIS G 475 15.12 1.98 42.05
N ARG G 476 14.04 2.73 41.83
CA ARG G 476 13.89 4.04 42.45
C ARG G 476 12.46 4.16 42.95
N GLU G 477 12.28 4.36 44.25
CA GLU G 477 10.94 4.48 44.82
C GLU G 477 10.73 5.87 45.38
N PRO G 478 9.79 6.65 44.87
CA PRO G 478 9.50 7.95 45.48
C PRO G 478 8.60 7.80 46.69
N ARG G 479 8.66 8.81 47.56
CA ARG G 479 7.66 9.07 48.58
C ARG G 479 7.65 10.56 48.88
N LEU G 480 6.55 11.01 49.46
CA LEU G 480 6.45 12.36 49.99
C LEU G 480 6.45 12.32 51.51
N VAL G 481 7.32 13.12 52.12
CA VAL G 481 7.48 13.13 53.56
C VAL G 481 7.28 14.54 54.08
N GLY G 482 6.56 14.66 55.21
CA GLY G 482 6.47 15.89 55.94
C GLY G 482 5.44 16.89 55.43
N GLY G 483 4.64 16.53 54.43
CA GLY G 483 3.52 17.34 54.05
C GLY G 483 2.25 17.04 54.83
N ASP G 484 1.32 17.99 54.74
CA ASP G 484 0.05 17.86 55.45
C ASP G 484 -0.86 16.83 54.79
N ILE G 485 -0.62 16.49 53.53
CA ILE G 485 -1.41 15.46 52.89
C ILE G 485 -0.45 14.47 52.22
N PRO G 486 -0.82 13.19 52.04
CA PRO G 486 0.13 12.24 51.44
C PRO G 486 0.59 12.62 50.04
N CYS G 487 -0.21 13.38 49.29
CA CYS G 487 0.21 13.78 47.95
C CYS G 487 0.94 15.11 47.94
N SER G 488 1.49 15.51 49.08
CA SER G 488 2.29 16.71 49.21
C SER G 488 3.43 16.42 50.17
N GLY G 489 4.63 16.88 49.84
CA GLY G 489 5.75 16.73 50.74
C GLY G 489 7.07 16.83 50.04
N ARG G 490 8.13 16.71 50.84
CA ARG G 490 9.47 16.54 50.28
C ARG G 490 9.57 15.19 49.59
N VAL G 491 10.17 15.20 48.41
CA VAL G 491 10.40 13.96 47.67
C VAL G 491 11.64 13.27 48.23
N GLU G 492 11.46 12.03 48.67
CA GLU G 492 12.60 11.17 48.96
C GLU G 492 12.45 9.95 48.08
N VAL G 493 13.55 9.55 47.45
CA VAL G 493 13.59 8.37 46.63
C VAL G 493 14.56 7.37 47.21
N LYS G 494 14.11 6.13 47.35
CA LYS G 494 14.97 5.04 47.72
C LYS G 494 15.63 4.59 46.43
N HIS G 495 16.95 4.69 46.38
CA HIS G 495 17.73 4.17 45.28
C HIS G 495 18.68 3.15 45.88
N GLY G 496 18.53 1.90 45.46
CA GLY G 496 19.11 0.79 46.19
C GLY G 496 18.33 0.58 47.48
N ASP G 497 19.05 0.53 48.60
CA ASP G 497 18.44 0.37 49.92
C ASP G 497 18.50 1.66 50.73
N THR G 498 18.97 2.75 50.14
CA THR G 498 19.16 4.03 50.82
C THR G 498 18.15 5.05 50.31
N TRP G 499 17.51 5.76 51.24
CA TRP G 499 16.71 6.91 50.87
C TRP G 499 17.60 8.13 50.68
N GLY G 500 17.29 8.91 49.64
CA GLY G 500 17.92 10.19 49.46
C GLY G 500 16.94 11.23 48.96
N SER G 501 17.21 12.46 49.33
CA SER G 501 16.50 13.62 48.82
C SER G 501 16.93 13.93 47.39
N ILE G 502 16.10 14.70 46.69
CA ILE G 502 16.46 15.21 45.39
C ILE G 502 16.63 16.71 45.55
N CYS G 503 17.68 17.24 44.91
CA CYS G 503 17.95 18.67 44.91
C CYS G 503 16.91 19.41 44.05
N ASP G 504 16.58 20.65 44.46
CA ASP G 504 15.63 21.47 43.71
C ASP G 504 16.11 21.83 42.30
N SER G 505 17.41 21.82 42.07
CA SER G 505 17.92 22.00 40.73
C SER G 505 17.78 20.77 39.85
N ASP G 506 17.59 19.60 40.44
CA ASP G 506 17.64 18.34 39.68
C ASP G 506 16.27 17.71 39.44
N PHE G 507 15.17 18.43 39.61
CA PHE G 507 13.85 17.81 39.54
C PHE G 507 12.90 18.71 38.76
N SER G 508 12.62 18.33 37.52
CA SER G 508 11.82 19.13 36.59
C SER G 508 10.32 18.94 36.82
N LEU G 509 9.55 19.74 36.08
CA LEU G 509 8.10 19.59 36.05
C LEU G 509 7.68 18.25 35.47
N GLU G 510 8.39 17.78 34.44
CA GLU G 510 8.10 16.48 33.86
C GLU G 510 8.35 15.35 34.85
N ALA G 511 9.45 15.44 35.58
CA ALA G 511 9.73 14.47 36.63
C ALA G 511 8.69 14.51 37.74
N ALA G 512 8.25 15.71 38.13
CA ALA G 512 7.17 15.79 39.10
C ALA G 512 5.86 15.20 38.58
N SER G 513 5.57 15.36 37.29
CA SER G 513 4.40 14.72 36.69
C SER G 513 4.51 13.20 36.77
N VAL G 514 5.67 12.68 36.40
CA VAL G 514 5.91 11.24 36.52
C VAL G 514 5.75 10.77 37.97
N LEU G 515 6.34 11.51 38.90
CA LEU G 515 6.22 11.18 40.31
C LEU G 515 4.77 11.16 40.78
N CYS G 516 4.01 12.21 40.45
CA CYS G 516 2.62 12.29 40.86
C CYS G 516 1.78 11.19 40.25
N ARG G 517 2.08 10.76 39.03
CA ARG G 517 1.35 9.64 38.44
C ARG G 517 1.72 8.32 39.10
N GLU G 518 3.02 8.08 39.28
CA GLU G 518 3.49 6.85 39.90
C GLU G 518 2.94 6.71 41.32
N LEU G 519 2.97 7.79 42.10
CA LEU G 519 2.38 7.74 43.43
C LEU G 519 0.86 7.74 43.40
N GLN G 520 0.26 7.75 42.21
CA GLN G 520 -1.19 7.83 42.06
C GLN G 520 -1.78 9.04 42.78
N CYS G 521 -1.06 10.15 42.72
CA CYS G 521 -1.45 11.40 43.35
C CYS G 521 -2.06 12.39 42.37
N GLY G 522 -2.30 11.98 41.13
CA GLY G 522 -2.97 12.82 40.15
C GLY G 522 -2.01 13.68 39.36
N THR G 523 -2.33 14.95 39.20
CA THR G 523 -1.50 15.86 38.44
C THR G 523 -0.64 16.70 39.36
N VAL G 524 0.52 17.12 38.85
CA VAL G 524 1.38 18.03 39.59
C VAL G 524 0.71 19.38 39.73
N VAL G 525 0.62 19.87 40.96
CA VAL G 525 0.10 21.19 41.24
C VAL G 525 1.21 22.21 41.44
N SER G 526 2.26 21.85 42.18
CA SER G 526 3.34 22.80 42.35
C SER G 526 4.65 22.12 42.69
N ILE G 527 5.74 22.76 42.26
CA ILE G 527 7.09 22.44 42.70
C ILE G 527 7.57 23.57 43.60
N LEU G 528 8.18 23.20 44.72
CA LEU G 528 8.55 24.17 45.76
C LEU G 528 10.00 23.94 46.15
N GLY G 529 10.86 24.91 45.88
CA GLY G 529 12.22 24.84 46.33
C GLY G 529 12.41 25.32 47.76
N GLY G 530 13.67 25.38 48.16
CA GLY G 530 14.09 26.01 49.40
C GLY G 530 13.66 25.32 50.68
N ALA G 531 13.55 23.98 50.66
CA ALA G 531 13.17 23.20 51.84
C ALA G 531 11.84 23.66 52.43
N HIS G 532 10.89 24.02 51.55
CA HIS G 532 9.64 24.60 52.02
C HIS G 532 8.96 23.67 53.03
N PHE G 533 9.14 22.37 52.87
CA PHE G 533 8.63 21.35 53.77
C PHE G 533 9.66 20.85 54.79
N GLY G 534 10.71 21.63 55.05
CA GLY G 534 11.82 21.19 55.88
C GLY G 534 12.93 20.49 55.13
N GLU G 535 14.12 20.55 55.74
CA GLU G 535 15.32 19.88 55.25
C GLU G 535 15.23 18.36 55.36
N GLY G 536 15.72 17.67 54.33
CA GLY G 536 15.94 16.25 54.42
C GLY G 536 17.12 15.92 55.31
N ASN G 537 17.40 14.62 55.44
CA ASN G 537 18.55 14.17 56.21
C ASN G 537 19.35 13.09 55.49
N GLY G 538 20.67 13.22 55.54
CA GLY G 538 21.58 12.22 55.01
C GLY G 538 22.04 12.57 53.60
N GLN G 539 21.90 11.63 52.68
CA GLN G 539 22.47 11.78 51.35
C GLN G 539 21.46 12.52 50.48
N ILE G 540 21.95 13.42 49.64
CA ILE G 540 21.13 14.00 48.57
C ILE G 540 21.63 13.48 47.23
N TRP G 541 20.73 12.92 46.43
CA TRP G 541 21.12 12.47 45.10
C TRP G 541 21.47 13.65 44.21
N ALA G 542 22.65 13.56 43.62
CA ALA G 542 23.27 14.47 42.65
C ALA G 542 23.00 14.06 41.22
N GLU G 543 21.80 13.61 40.88
CA GLU G 543 21.54 13.09 39.55
C GLU G 543 20.27 13.76 39.03
N GLU G 544 20.30 14.22 37.78
CA GLU G 544 19.14 14.82 37.11
C GLU G 544 18.31 13.84 36.29
N PHE G 545 16.98 13.89 36.49
CA PHE G 545 15.97 13.13 35.78
C PHE G 545 15.56 13.80 34.47
N GLN G 546 15.97 13.25 33.32
CA GLN G 546 15.62 13.82 32.01
C GLN G 546 14.38 13.12 31.44
N CYS G 547 13.31 13.18 32.20
CA CYS G 547 12.06 12.56 31.77
C CYS G 547 11.41 13.31 30.60
N GLU G 548 10.76 12.54 29.73
CA GLU G 548 9.86 13.09 28.73
C GLU G 548 8.48 13.41 29.30
N GLY G 549 8.12 12.79 30.42
CA GLY G 549 6.88 13.06 31.11
C GLY G 549 5.77 12.06 30.87
N HIS G 550 5.99 11.08 30.00
CA HIS G 550 5.02 10.01 29.75
C HIS G 550 5.39 8.71 30.44
N GLU G 551 6.59 8.64 31.03
CA GLU G 551 7.09 7.42 31.65
C GLU G 551 6.22 7.00 32.83
N SER G 552 6.01 5.69 32.97
CA SER G 552 5.20 5.21 34.09
C SER G 552 5.94 5.33 35.41
N HIS G 553 7.27 5.27 35.41
CA HIS G 553 8.06 5.31 36.63
C HIS G 553 9.36 6.06 36.37
N LEU G 554 9.86 6.72 37.41
CA LEU G 554 11.16 7.38 37.33
C LEU G 554 12.31 6.41 37.06
N SER G 555 12.15 5.13 37.42
CA SER G 555 13.16 4.12 37.08
C SER G 555 13.40 3.98 35.58
N LEU G 556 12.46 4.39 34.75
CA LEU G 556 12.60 4.30 33.30
C LEU G 556 13.15 5.59 32.71
N CYS G 557 13.19 6.65 33.51
CA CYS G 557 13.69 7.95 33.08
C CYS G 557 15.22 7.91 32.92
N PRO G 558 15.74 8.49 31.84
CA PRO G 558 17.19 8.75 31.76
C PRO G 558 17.68 9.59 32.94
N VAL G 559 18.88 9.26 33.41
CA VAL G 559 19.58 10.01 34.44
C VAL G 559 20.89 10.58 33.89
N ALA G 560 21.16 11.89 34.20
CA ALA G 560 22.43 12.59 33.91
C ALA G 560 23.20 12.93 35.19
N PRO G 561 24.53 12.79 35.18
CA PRO G 561 25.34 13.26 36.32
C PRO G 561 25.24 14.77 36.51
N ARG G 562 25.14 15.17 37.78
CA ARG G 562 25.10 16.58 38.16
C ARG G 562 26.32 17.35 37.68
N PRO G 563 26.13 18.49 37.02
CA PRO G 563 27.25 19.41 36.81
C PRO G 563 27.81 19.86 38.15
N GLU G 564 29.14 20.07 38.17
CA GLU G 564 29.91 20.42 39.38
C GLU G 564 29.14 21.31 40.34
N GLY G 565 28.80 20.78 41.51
CA GLY G 565 28.09 21.57 42.50
C GLY G 565 27.69 20.82 43.74
N THR G 566 27.90 21.41 44.92
CA THR G 566 27.42 20.79 46.15
C THR G 566 26.02 21.34 46.37
N CYS G 567 25.04 20.44 46.34
CA CYS G 567 23.72 20.82 46.80
C CYS G 567 23.62 20.54 48.30
N SER G 568 22.89 21.41 48.99
CA SER G 568 22.59 21.23 50.40
C SER G 568 21.10 21.07 50.65
N HIS G 569 20.79 20.48 51.81
CA HIS G 569 19.40 20.21 52.18
C HIS G 569 18.55 21.46 52.28
N SER G 570 19.16 22.64 52.43
CA SER G 570 18.39 23.88 52.34
C SER G 570 17.72 24.09 51.01
N ARG G 571 18.08 23.36 49.97
CA ARG G 571 17.42 23.50 48.67
C ARG G 571 16.71 22.21 48.24
N ASP G 572 16.39 21.32 49.18
CA ASP G 572 15.66 20.11 48.81
C ASP G 572 14.29 20.46 48.23
N VAL G 573 13.98 19.79 47.11
CA VAL G 573 12.73 20.01 46.37
C VAL G 573 11.54 19.33 47.05
N GLY G 574 10.41 20.03 46.99
CA GLY G 574 9.13 19.50 47.43
C GLY G 574 8.11 19.53 46.31
N VAL G 575 7.16 18.59 46.35
CA VAL G 575 6.10 18.52 45.35
C VAL G 575 4.73 18.48 46.02
N VAL G 576 3.77 19.17 45.40
CA VAL G 576 2.35 19.04 45.70
C VAL G 576 1.64 18.53 44.44
N CYS G 577 0.91 17.42 44.58
CA CYS G 577 0.07 16.89 43.52
C CYS G 577 -1.41 17.19 43.77
N SER G 578 -2.22 16.92 42.74
CA SER G 578 -3.61 17.38 42.67
C SER G 578 -4.72 16.63 43.41
N ARG G 579 -4.56 16.27 44.68
CA ARG G 579 -5.59 15.40 45.26
C ARG G 579 -5.75 15.59 46.76
N TYR G 580 -7.02 15.49 47.17
CA TYR G 580 -7.45 15.24 48.54
C TYR G 580 -7.72 13.76 48.76
N THR G 581 -6.98 13.18 49.69
CA THR G 581 -7.00 11.75 49.94
C THR G 581 -7.58 11.42 51.30
N GLU G 582 -7.76 12.41 52.16
CA GLU G 582 -8.17 12.17 53.55
C GLU G 582 -9.70 12.15 53.64
N ILE G 583 -10.26 11.01 53.24
CA ILE G 583 -11.68 10.75 53.42
C ILE G 583 -11.78 9.40 54.11
N ARG G 584 -12.73 9.26 55.02
CA ARG G 584 -12.85 7.97 55.67
C ARG G 584 -14.32 7.68 55.95
N LEU G 585 -14.61 6.40 56.11
CA LEU G 585 -15.88 5.91 56.60
C LEU G 585 -15.75 5.60 58.08
N VAL G 586 -16.73 6.05 58.86
CA VAL G 586 -16.74 5.89 60.30
C VAL G 586 -18.03 5.21 60.76
N ASN G 587 -17.91 4.41 61.81
CA ASN G 587 -19.02 3.70 62.47
C ASN G 587 -19.73 2.69 61.58
N GLY G 588 -19.06 2.17 60.55
CA GLY G 588 -19.59 1.01 59.88
C GLY G 588 -19.41 -0.27 60.69
N LYS G 589 -20.25 -1.25 60.38
CA LYS G 589 -20.02 -2.61 60.85
C LYS G 589 -18.90 -3.29 60.08
N THR G 590 -18.63 -2.87 58.85
CA THR G 590 -17.54 -3.33 58.03
C THR G 590 -16.68 -2.15 57.61
N PRO G 591 -15.42 -2.39 57.22
CA PRO G 591 -14.61 -1.30 56.67
C PRO G 591 -15.14 -0.73 55.36
N CYS G 592 -16.16 -1.34 54.76
CA CYS G 592 -16.71 -0.87 53.49
C CYS G 592 -18.09 -0.22 53.63
N GLU G 593 -18.54 0.10 54.84
CA GLU G 593 -19.71 0.95 55.03
C GLU G 593 -19.47 1.93 56.17
N GLY G 594 -20.19 3.04 56.14
CA GLY G 594 -20.19 3.98 57.24
C GLY G 594 -20.54 5.39 56.78
N ARG G 595 -20.50 6.31 57.75
CA ARG G 595 -20.58 7.74 57.49
C ARG G 595 -19.31 8.28 56.87
N VAL G 596 -19.45 9.13 55.85
CA VAL G 596 -18.30 9.78 55.22
C VAL G 596 -17.90 10.99 56.05
N GLU G 597 -16.68 10.97 56.57
CA GLU G 597 -16.05 12.12 57.21
C GLU G 597 -14.79 12.54 56.45
N LEU G 598 -14.62 13.85 56.25
CA LEU G 598 -13.47 14.45 55.59
C LEU G 598 -12.66 15.29 56.58
N LYS G 599 -11.33 15.26 56.43
CA LYS G 599 -10.44 16.13 57.19
C LYS G 599 -10.06 17.38 56.39
N THR G 600 -10.46 18.53 56.92
CA THR G 600 -10.07 19.83 56.38
C THR G 600 -9.64 20.73 57.53
N LEU G 601 -8.68 21.62 57.26
CA LEU G 601 -8.14 22.52 58.28
C LEU G 601 -7.67 21.79 59.53
N GLY G 602 -7.16 20.58 59.37
CA GLY G 602 -6.74 19.82 60.53
C GLY G 602 -7.83 19.17 61.34
N ALA G 603 -9.10 19.36 60.98
CA ALA G 603 -10.19 18.80 61.75
C ALA G 603 -10.94 17.78 60.90
N TRP G 604 -11.24 16.63 61.50
CA TRP G 604 -12.13 15.65 60.88
C TRP G 604 -13.56 16.14 61.04
N GLY G 605 -14.38 16.05 60.00
CA GLY G 605 -15.77 16.43 60.12
C GLY G 605 -16.69 15.67 59.18
N SER G 606 -17.96 15.57 59.58
CA SER G 606 -18.96 14.90 58.76
C SER G 606 -19.32 15.71 57.51
N LEU G 607 -19.39 15.02 56.37
CA LEU G 607 -19.87 15.61 55.12
C LEU G 607 -21.39 15.71 55.08
N CYS G 608 -21.90 16.82 54.55
CA CYS G 608 -23.34 16.95 54.36
C CYS G 608 -23.83 16.04 53.23
N ASN G 609 -25.02 15.46 53.42
CA ASN G 609 -25.64 14.59 52.42
C ASN G 609 -26.56 15.33 51.44
N SER G 610 -26.62 16.66 51.50
CA SER G 610 -27.59 17.40 50.70
C SER G 610 -27.40 17.20 49.20
N HIS G 611 -26.17 16.91 48.79
CA HIS G 611 -25.86 16.65 47.38
C HIS G 611 -25.07 15.36 47.20
N TRP G 612 -24.99 14.52 48.24
CA TRP G 612 -24.22 13.29 48.22
C TRP G 612 -25.04 12.29 47.42
N ASP G 613 -24.63 12.04 46.18
CA ASP G 613 -25.34 11.12 45.31
C ASP G 613 -24.58 9.81 45.16
N ILE G 614 -25.11 8.93 44.32
CA ILE G 614 -24.53 7.59 44.17
C ILE G 614 -23.28 7.61 43.29
N GLU G 615 -23.16 8.57 42.37
CA GLU G 615 -21.93 8.67 41.59
C GLU G 615 -20.74 9.04 42.49
N ASP G 616 -20.95 10.05 43.33
CA ASP G 616 -19.99 10.41 44.36
C ASP G 616 -19.68 9.23 45.28
N ALA G 617 -20.72 8.53 45.73
CA ALA G 617 -20.47 7.39 46.60
C ALA G 617 -19.72 6.28 45.88
N HIS G 618 -19.95 6.10 44.58
CA HIS G 618 -19.20 5.08 43.83
C HIS G 618 -17.73 5.43 43.78
N VAL G 619 -17.42 6.68 43.45
CA VAL G 619 -16.03 7.13 43.44
C VAL G 619 -15.39 6.90 44.81
N LEU G 620 -16.11 7.22 45.87
CA LEU G 620 -15.58 6.97 47.22
C LEU G 620 -15.33 5.49 47.47
N CYS G 621 -16.29 4.64 47.10
CA CYS G 621 -16.14 3.21 47.28
C CYS G 621 -14.97 2.66 46.49
N GLN G 622 -14.76 3.15 45.27
CA GLN G 622 -13.61 2.72 44.47
C GLN G 622 -12.31 3.16 45.11
N GLN G 623 -12.20 4.42 45.52
CA GLN G 623 -10.99 4.88 46.18
C GLN G 623 -10.67 4.05 47.40
N LEU G 624 -11.69 3.68 48.18
CA LEU G 624 -11.48 2.84 49.35
C LEU G 624 -11.31 1.35 49.00
N LYS G 625 -11.28 1.02 47.71
CA LYS G 625 -11.17 -0.36 47.24
C LYS G 625 -12.27 -1.27 47.78
N CYS G 626 -13.49 -0.74 47.89
CA CYS G 626 -14.63 -1.48 48.40
C CYS G 626 -15.64 -1.85 47.32
N GLY G 627 -15.24 -1.75 46.05
CA GLY G 627 -16.12 -2.04 44.92
C GLY G 627 -17.16 -0.96 44.67
N VAL G 628 -18.40 -1.39 44.33
CA VAL G 628 -19.44 -0.43 43.98
C VAL G 628 -20.30 -0.02 45.17
N ALA G 629 -20.80 1.21 45.07
CA ALA G 629 -21.83 1.73 45.96
C ALA G 629 -23.18 1.10 45.66
N LEU G 630 -23.87 0.60 46.70
CA LEU G 630 -25.19 0.02 46.50
C LEU G 630 -26.33 0.98 46.83
N SER G 631 -26.16 1.85 47.82
CA SER G 631 -27.18 2.82 48.17
C SER G 631 -26.57 3.93 48.98
N THR G 632 -27.25 5.07 48.99
CA THR G 632 -26.92 6.18 49.88
C THR G 632 -28.04 6.38 50.89
N PRO G 633 -28.05 5.59 51.97
CA PRO G 633 -29.13 5.66 52.96
C PRO G 633 -29.27 7.05 53.56
N GLY G 634 -30.49 7.57 53.49
CA GLY G 634 -30.81 8.81 54.17
C GLY G 634 -30.87 8.66 55.69
N GLY G 635 -30.57 9.76 56.37
CA GLY G 635 -30.63 9.83 57.81
C GLY G 635 -29.39 9.31 58.52
N ALA G 636 -29.32 9.67 59.80
CA ALA G 636 -28.22 9.33 60.71
C ALA G 636 -28.19 7.88 61.19
N ARG G 637 -28.33 6.93 60.26
CA ARG G 637 -28.34 5.52 60.63
C ARG G 637 -27.08 5.12 61.40
N PHE G 638 -25.94 5.73 61.09
CA PHE G 638 -24.67 5.52 61.79
C PHE G 638 -24.34 6.58 62.83
N GLY G 639 -25.31 7.36 63.28
CA GLY G 639 -25.04 8.50 64.14
C GLY G 639 -24.61 9.75 63.41
N LYS G 640 -24.81 10.89 64.08
CA LYS G 640 -24.52 12.20 63.52
C LYS G 640 -23.04 12.57 63.56
N GLY G 641 -22.25 11.93 64.40
CA GLY G 641 -20.91 12.41 64.71
C GLY G 641 -20.94 13.59 65.67
N ASN G 642 -19.81 13.80 66.35
CA ASN G 642 -19.68 14.89 67.31
C ASN G 642 -18.99 16.11 66.74
N GLY G 643 -18.71 16.15 65.44
CA GLY G 643 -17.93 17.21 64.85
C GLY G 643 -18.74 18.19 64.03
N GLN G 644 -18.00 19.13 63.43
CA GLN G 644 -18.57 20.05 62.46
C GLN G 644 -19.04 19.28 61.23
N ILE G 645 -20.12 19.77 60.63
CA ILE G 645 -20.59 19.21 59.37
C ILE G 645 -19.99 20.04 58.24
N TRP G 646 -19.18 19.39 57.40
CA TRP G 646 -18.64 20.03 56.22
C TRP G 646 -19.68 20.09 55.11
N ARG G 647 -19.84 21.28 54.55
CA ARG G 647 -20.83 21.58 53.53
C ARG G 647 -20.22 21.56 52.12
N HIS G 648 -19.19 20.75 51.90
CA HIS G 648 -18.62 20.62 50.57
C HIS G 648 -19.57 19.88 49.65
N MET G 649 -19.83 20.46 48.48
CA MET G 649 -20.63 19.85 47.44
C MET G 649 -19.66 19.38 46.36
N PHE G 650 -19.49 18.05 46.30
CA PHE G 650 -18.78 17.35 45.24
C PHE G 650 -19.63 17.13 44.00
N HIS G 651 -18.98 17.07 42.84
CA HIS G 651 -19.69 16.88 41.57
C HIS G 651 -19.01 15.82 40.70
N CYS G 652 -18.87 14.61 41.21
CA CYS G 652 -18.22 13.55 40.45
C CYS G 652 -19.10 13.13 39.28
N THR G 653 -18.46 12.60 38.24
CA THR G 653 -19.16 11.90 37.17
C THR G 653 -19.33 10.41 37.45
N GLY G 654 -18.63 9.89 38.46
CA GLY G 654 -18.62 8.47 38.76
C GLY G 654 -17.56 7.66 38.03
N THR G 655 -16.77 8.29 37.18
CA THR G 655 -15.70 7.62 36.44
C THR G 655 -14.32 7.93 37.00
N GLU G 656 -14.24 8.88 37.91
CA GLU G 656 -12.99 9.26 38.56
C GLU G 656 -12.45 8.13 39.43
N GLN G 657 -11.13 8.06 39.52
CA GLN G 657 -10.48 7.05 40.35
C GLN G 657 -10.40 7.52 41.80
N HIS G 658 -10.43 8.82 42.04
CA HIS G 658 -10.32 9.36 43.38
C HIS G 658 -11.29 10.53 43.54
N MET G 659 -11.79 10.63 44.76
CA MET G 659 -12.71 11.68 45.16
C MET G 659 -12.12 13.08 44.95
N GLY G 660 -10.80 13.21 45.07
CA GLY G 660 -10.09 14.45 44.85
C GLY G 660 -10.00 14.91 43.40
N ASP G 661 -10.36 14.05 42.44
CA ASP G 661 -10.41 14.46 41.04
C ASP G 661 -11.72 15.15 40.68
N CYS G 662 -12.72 15.04 41.50
CA CYS G 662 -14.01 15.69 41.25
C CYS G 662 -13.98 17.18 41.56
N PRO G 663 -14.70 17.97 40.76
CA PRO G 663 -14.95 19.38 41.11
C PRO G 663 -15.62 19.52 42.47
N VAL G 664 -15.16 20.52 43.22
CA VAL G 664 -15.63 20.80 44.57
C VAL G 664 -16.09 22.25 44.66
N THR G 665 -17.27 22.47 45.25
CA THR G 665 -17.77 23.80 45.58
C THR G 665 -18.05 23.83 47.07
N ALA G 666 -17.47 24.80 47.77
CA ALA G 666 -17.78 25.06 49.17
C ALA G 666 -18.31 26.46 49.48
N LEU G 667 -18.10 27.44 48.61
CA LEU G 667 -18.58 28.78 48.86
C LEU G 667 -20.09 28.87 48.95
N GLY G 668 -20.59 29.53 49.99
CA GLY G 668 -22.01 29.78 50.15
C GLY G 668 -22.91 28.61 50.44
N ALA G 669 -22.38 27.42 50.68
CA ALA G 669 -23.22 26.25 50.87
C ALA G 669 -24.18 26.43 52.04
N SER G 670 -25.44 26.02 51.81
CA SER G 670 -26.50 26.17 52.79
C SER G 670 -26.18 25.39 54.07
N LEU G 671 -26.80 25.84 55.16
CA LEU G 671 -26.65 25.15 56.44
C LEU G 671 -27.23 23.74 56.38
N CYS G 672 -26.42 22.76 56.77
CA CYS G 672 -26.82 21.37 56.79
C CYS G 672 -27.46 21.01 58.13
N PRO G 673 -28.71 20.58 58.17
CA PRO G 673 -29.28 20.08 59.43
C PRO G 673 -28.45 18.92 59.96
N SER G 674 -28.39 18.84 61.30
CA SER G 674 -27.50 17.89 61.96
C SER G 674 -27.80 16.42 61.62
N GLU G 675 -28.98 16.11 61.10
CA GLU G 675 -29.30 14.72 60.78
C GLU G 675 -29.11 14.37 59.32
N GLN G 676 -28.78 15.35 58.49
CA GLN G 676 -28.66 15.17 57.04
C GLN G 676 -27.18 14.98 56.69
N VAL G 677 -26.59 13.92 57.25
CA VAL G 677 -25.19 13.58 57.04
C VAL G 677 -25.03 12.46 56.02
N ALA G 678 -23.97 12.57 55.21
CA ALA G 678 -23.64 11.60 54.18
C ALA G 678 -23.22 10.24 54.75
N SER G 679 -23.70 9.17 54.10
CA SER G 679 -23.31 7.81 54.47
C SER G 679 -23.28 6.94 53.22
N VAL G 680 -22.53 5.84 53.28
CA VAL G 680 -22.38 4.92 52.14
C VAL G 680 -22.28 3.49 52.63
N ILE G 681 -22.82 2.57 51.82
CA ILE G 681 -22.57 1.14 51.95
C ILE G 681 -21.96 0.66 50.63
N CYS G 682 -20.70 0.23 50.67
CA CYS G 682 -20.08 -0.32 49.48
C CYS G 682 -20.23 -1.84 49.42
N SER G 683 -20.02 -2.38 48.22
CA SER G 683 -20.07 -3.83 48.02
C SER G 683 -19.02 -4.56 48.84
N GLY G 684 -17.89 -3.92 49.14
CA GLY G 684 -16.83 -4.60 49.84
C GLY G 684 -16.04 -5.60 49.02
N ASN G 685 -16.32 -5.72 47.73
CA ASN G 685 -15.59 -6.63 46.84
C ASN G 685 -14.92 -5.81 45.74
N GLN G 686 -13.58 -5.84 45.73
CA GLN G 686 -12.81 -5.10 44.74
C GLN G 686 -13.06 -5.61 43.33
N SER G 687 -13.56 -6.84 43.16
CA SER G 687 -13.80 -7.41 41.85
C SER G 687 -15.05 -6.88 41.17
N GLN G 688 -15.87 -6.08 41.84
CA GLN G 688 -17.06 -5.51 41.22
C GLN G 688 -16.74 -4.14 40.64
N THR G 689 -16.84 -4.02 39.32
CA THR G 689 -16.67 -2.77 38.60
C THR G 689 -17.95 -2.38 37.90
N LEU G 690 -18.17 -1.07 37.72
CA LEU G 690 -19.25 -0.61 36.86
C LEU G 690 -19.12 -1.20 35.46
N SER G 691 -20.20 -1.81 34.99
CA SER G 691 -20.28 -2.26 33.60
C SER G 691 -21.17 -1.30 32.81
N SER G 692 -20.83 -1.13 31.53
CA SER G 692 -21.65 -0.34 30.63
C SER G 692 -22.98 -1.04 30.36
N CYS G 693 -24.09 -0.31 30.49
CA CYS G 693 -25.39 -0.87 30.13
C CYS G 693 -25.46 -1.05 28.63
N CYS G 713 -24.89 0.92 37.27
CA CYS G 713 -24.50 1.08 35.89
C CYS G 713 -24.52 2.56 35.49
N ILE G 714 -23.63 2.92 34.57
CA ILE G 714 -23.56 4.27 34.02
C ILE G 714 -24.74 4.48 33.08
N GLU G 715 -25.64 5.40 33.44
CA GLU G 715 -26.78 5.73 32.58
C GLU G 715 -26.30 6.15 31.19
N SER G 716 -27.07 5.75 30.18
CA SER G 716 -26.71 5.92 28.79
C SER G 716 -26.76 7.38 28.31
N GLY G 717 -26.36 8.32 29.16
CA GLY G 717 -26.25 9.70 28.72
C GLY G 717 -25.38 10.54 29.62
N GLN G 718 -24.35 11.14 29.05
CA GLN G 718 -23.50 12.08 29.75
C GLN G 718 -23.70 13.50 29.22
N LEU G 719 -23.58 14.46 30.13
CA LEU G 719 -23.69 15.88 29.85
C LEU G 719 -22.40 16.56 30.26
N ARG G 720 -21.86 17.42 29.40
CA ARG G 720 -20.71 18.21 29.80
C ARG G 720 -20.81 19.61 29.23
N LEU G 721 -20.11 20.53 29.91
CA LEU G 721 -19.88 21.88 29.46
C LEU G 721 -18.43 22.04 29.09
N VAL G 722 -18.17 22.58 27.90
CA VAL G 722 -16.81 22.69 27.40
C VAL G 722 -16.46 24.16 27.23
N ASN G 723 -15.21 24.50 27.53
CA ASN G 723 -14.64 25.83 27.29
C ASN G 723 -15.31 26.96 28.09
N GLY G 724 -16.06 26.67 29.15
CA GLY G 724 -16.56 27.86 29.82
C GLY G 724 -15.72 28.33 30.97
N GLY G 725 -14.54 27.75 31.17
CA GLY G 725 -13.70 28.19 32.27
C GLY G 725 -14.17 27.68 33.61
N GLY G 726 -15.17 26.82 33.62
CA GLY G 726 -15.64 26.19 34.84
C GLY G 726 -16.71 25.17 34.49
N ARG G 727 -17.10 24.41 35.51
CA ARG G 727 -18.08 23.34 35.32
C ARG G 727 -19.46 23.85 34.90
N CYS G 728 -19.78 25.13 35.15
CA CYS G 728 -21.13 25.65 34.94
C CYS G 728 -21.23 26.61 33.75
N ALA G 729 -20.25 26.63 32.86
CA ALA G 729 -20.46 27.35 31.61
C ALA G 729 -19.76 26.66 30.46
N GLY G 730 -20.37 26.74 29.29
CA GLY G 730 -19.71 26.18 28.14
C GLY G 730 -20.68 25.68 27.09
N ARG G 731 -20.07 25.13 26.04
CA ARG G 731 -20.76 24.40 25.00
C ARG G 731 -21.35 23.12 25.57
N VAL G 732 -22.60 22.86 25.21
CA VAL G 732 -23.31 21.67 25.67
C VAL G 732 -22.89 20.50 24.80
N GLU G 733 -22.35 19.45 25.42
CA GLU G 733 -22.01 18.23 24.71
C GLU G 733 -22.68 17.03 25.39
N ILE G 734 -23.24 16.16 24.55
CA ILE G 734 -23.93 14.96 25.00
C ILE G 734 -23.12 13.76 24.51
N TYR G 735 -22.90 12.80 25.39
CA TYR G 735 -22.33 11.52 24.99
C TYR G 735 -23.49 10.62 24.57
N HIS G 736 -23.55 10.28 23.29
CA HIS G 736 -24.58 9.38 22.77
C HIS G 736 -23.97 8.49 21.71
N GLU G 737 -24.45 7.25 21.66
CA GLU G 737 -23.99 6.24 20.71
C GLU G 737 -22.46 6.19 20.62
N GLY G 738 -21.80 6.36 21.76
CA GLY G 738 -20.36 6.23 21.79
C GLY G 738 -19.58 7.46 21.36
N SER G 739 -20.24 8.58 21.06
CA SER G 739 -19.53 9.79 20.65
C SER G 739 -20.14 11.01 21.29
N TRP G 740 -19.30 12.02 21.52
CA TRP G 740 -19.75 13.34 21.93
C TRP G 740 -20.32 14.12 20.76
N GLY G 741 -21.44 14.81 20.99
CA GLY G 741 -22.02 15.67 19.97
C GLY G 741 -22.73 16.87 20.57
N THR G 742 -23.04 17.84 19.70
CA THR G 742 -23.53 19.12 20.15
C THR G 742 -25.05 19.25 19.98
N ILE G 743 -25.58 20.37 20.46
CA ILE G 743 -26.98 20.75 20.29
C ILE G 743 -27.06 22.02 19.44
N CYS G 744 -28.03 22.06 18.53
CA CYS G 744 -28.28 23.26 17.75
C CYS G 744 -28.94 24.36 18.58
N ASP G 745 -28.64 25.61 18.23
CA ASP G 745 -29.21 26.79 18.87
C ASP G 745 -30.60 27.16 18.35
N ASP G 746 -31.12 26.42 17.38
CA ASP G 746 -32.49 26.62 16.92
C ASP G 746 -33.50 26.33 18.03
N SER G 747 -34.34 27.32 18.33
CA SER G 747 -35.26 27.35 19.46
C SER G 747 -34.57 27.27 20.82
N TRP G 748 -33.25 27.37 20.88
CA TRP G 748 -32.54 27.27 22.15
C TRP G 748 -32.95 28.47 23.01
N ASP G 749 -33.66 28.19 24.10
CA ASP G 749 -34.17 29.23 24.98
C ASP G 749 -33.70 29.03 26.42
N LEU G 750 -34.16 29.95 27.29
CA LEU G 750 -33.81 29.91 28.71
C LEU G 750 -34.35 28.69 29.43
N SER G 751 -35.46 28.10 28.96
CA SER G 751 -35.98 26.91 29.62
C SER G 751 -35.09 25.70 29.36
N ASP G 752 -34.56 25.62 28.15
CA ASP G 752 -33.60 24.57 27.84
C ASP G 752 -32.35 24.72 28.68
N ALA G 753 -31.82 25.93 28.75
CA ALA G 753 -30.66 26.15 29.60
C ALA G 753 -30.95 25.83 31.07
N HIS G 754 -32.17 26.13 31.55
CA HIS G 754 -32.48 25.76 32.93
C HIS G 754 -32.49 24.26 33.12
N VAL G 755 -32.95 23.51 32.13
CA VAL G 755 -32.89 22.06 32.19
C VAL G 755 -31.43 21.57 32.23
N VAL G 756 -30.59 22.15 31.39
CA VAL G 756 -29.17 21.80 31.40
C VAL G 756 -28.55 22.10 32.75
N CYS G 757 -28.76 23.32 33.25
CA CYS G 757 -28.18 23.75 34.52
C CYS G 757 -28.65 22.90 35.69
N ARG G 758 -29.94 22.54 35.74
CA ARG G 758 -30.42 21.66 36.79
C ARG G 758 -29.82 20.27 36.68
N GLN G 759 -29.73 19.72 35.46
CA GLN G 759 -29.16 18.39 35.33
C GLN G 759 -27.72 18.36 35.81
N LEU G 760 -26.99 19.45 35.67
CA LEU G 760 -25.62 19.52 36.15
C LEU G 760 -25.52 20.02 37.59
N GLY G 761 -26.64 20.29 38.24
CA GLY G 761 -26.61 20.87 39.56
C GLY G 761 -26.06 22.28 39.64
N CYS G 762 -26.11 23.03 38.55
CA CYS G 762 -25.50 24.35 38.49
C CYS G 762 -26.50 25.44 38.86
N GLY G 763 -27.61 25.08 39.49
CA GLY G 763 -28.61 26.06 39.84
C GLY G 763 -29.43 26.54 38.67
N GLU G 764 -29.77 27.82 38.68
CA GLU G 764 -30.62 28.39 37.64
C GLU G 764 -29.78 28.81 36.45
N ALA G 765 -30.37 28.73 35.27
CA ALA G 765 -29.75 29.26 34.07
C ALA G 765 -29.79 30.79 34.09
N ILE G 766 -28.64 31.41 33.88
CA ILE G 766 -28.57 32.86 33.78
C ILE G 766 -28.52 33.32 32.33
N ASN G 767 -27.84 32.59 31.45
CA ASN G 767 -27.74 33.06 30.08
C ASN G 767 -27.72 31.87 29.14
N ALA G 768 -28.53 31.92 28.08
CA ALA G 768 -28.50 30.96 26.97
C ALA G 768 -27.79 31.55 25.75
N THR G 769 -26.54 31.16 25.54
CA THR G 769 -25.74 31.74 24.45
C THR G 769 -25.87 30.89 23.20
N GLY G 770 -26.15 31.53 22.07
CA GLY G 770 -26.08 30.89 20.78
C GLY G 770 -24.85 31.27 19.97
N SER G 771 -24.91 30.91 18.68
CA SER G 771 -23.97 31.34 17.64
C SER G 771 -22.52 30.98 17.95
N ALA G 772 -22.30 29.80 18.54
CA ALA G 772 -20.97 29.31 18.89
C ALA G 772 -20.15 30.32 19.68
N HIS G 773 -20.81 31.00 20.62
CA HIS G 773 -20.17 32.02 21.44
C HIS G 773 -18.88 31.51 22.07
N PHE G 774 -18.83 30.22 22.40
CA PHE G 774 -17.70 29.53 23.00
C PHE G 774 -16.79 28.79 22.02
N GLY G 775 -16.80 29.13 20.74
CA GLY G 775 -16.07 28.35 19.77
C GLY G 775 -16.80 27.19 19.14
N GLU G 776 -16.28 26.79 17.97
CA GLU G 776 -16.78 25.67 17.19
C GLU G 776 -16.58 24.33 17.89
N GLY G 777 -17.63 23.49 17.83
CA GLY G 777 -17.59 22.10 18.26
C GLY G 777 -17.05 21.13 17.23
N THR G 778 -17.10 19.84 17.62
CA THR G 778 -16.69 18.74 16.76
C THR G 778 -17.71 17.62 16.84
N GLY G 779 -17.95 16.94 15.72
CA GLY G 779 -18.79 15.76 15.72
C GLY G 779 -20.22 15.92 15.27
N PRO G 780 -21.07 15.01 15.75
CA PRO G 780 -22.49 15.05 15.43
C PRO G 780 -23.19 16.23 16.11
N ILE G 781 -24.23 16.72 15.46
CA ILE G 781 -25.23 17.54 16.14
C ILE G 781 -26.37 16.64 16.59
N TRP G 782 -26.53 16.49 17.90
CA TRP G 782 -27.46 15.48 18.41
C TRP G 782 -28.90 15.98 18.42
N LEU G 783 -29.13 17.24 18.81
CA LEU G 783 -30.48 17.74 19.03
C LEU G 783 -30.66 19.08 18.34
N ASP G 784 -31.89 19.31 17.89
CA ASP G 784 -32.27 20.51 17.15
C ASP G 784 -33.73 20.79 17.46
N GLU G 785 -34.11 22.07 17.32
CA GLU G 785 -35.47 22.51 17.62
C GLU G 785 -35.82 22.10 19.04
N MET G 786 -34.91 22.45 19.96
CA MET G 786 -35.05 22.08 21.35
C MET G 786 -36.28 22.79 21.93
N LYS G 787 -37.19 22.02 22.55
CA LYS G 787 -38.41 22.59 23.12
C LYS G 787 -38.75 22.06 24.52
N CYS G 788 -37.87 22.30 25.49
CA CYS G 788 -38.18 21.91 26.87
C CYS G 788 -39.32 22.75 27.45
N ASN G 789 -40.14 22.08 28.26
CA ASN G 789 -41.12 22.74 29.12
C ASN G 789 -40.51 23.26 30.41
N GLY G 790 -39.25 22.94 30.67
CA GLY G 790 -38.53 23.30 31.87
C GLY G 790 -38.72 22.41 33.07
N LYS G 791 -39.44 21.30 32.95
CA LYS G 791 -39.64 20.41 34.07
C LYS G 791 -38.94 19.07 33.87
N GLU G 792 -38.39 18.83 32.69
CA GLU G 792 -37.69 17.59 32.39
C GLU G 792 -36.42 17.49 33.21
N SER G 793 -36.15 16.31 33.77
CA SER G 793 -34.92 16.17 34.54
C SER G 793 -33.69 16.02 33.66
N ARG G 794 -33.86 15.60 32.41
CA ARG G 794 -32.77 15.41 31.46
C ARG G 794 -33.18 15.94 30.10
N ILE G 795 -32.20 16.54 29.41
CA ILE G 795 -32.44 17.20 28.12
C ILE G 795 -33.00 16.25 27.07
N TRP G 796 -32.60 14.99 27.09
CA TRP G 796 -33.16 14.07 26.11
C TRP G 796 -34.59 13.62 26.40
N GLN G 797 -35.20 14.04 27.51
CA GLN G 797 -36.64 13.83 27.69
C GLN G 797 -37.51 14.93 27.11
N CYS G 798 -36.92 16.07 26.75
CA CYS G 798 -37.68 17.14 26.11
C CYS G 798 -38.09 16.74 24.70
N HIS G 799 -39.19 17.33 24.24
CA HIS G 799 -39.60 17.17 22.85
C HIS G 799 -38.58 17.77 21.90
N SER G 800 -38.14 16.96 20.93
CA SER G 800 -37.17 17.38 19.93
C SER G 800 -37.52 16.72 18.60
N HIS G 801 -36.82 17.13 17.54
CA HIS G 801 -36.93 16.45 16.26
C HIS G 801 -36.46 15.01 16.29
N GLY G 802 -35.76 14.58 17.32
CA GLY G 802 -35.24 13.23 17.40
C GLY G 802 -33.74 13.17 17.18
N TRP G 803 -33.15 12.06 17.62
CA TRP G 803 -31.71 11.89 17.58
C TRP G 803 -31.16 11.97 16.17
N GLY G 804 -30.17 12.84 15.98
CA GLY G 804 -29.55 13.02 14.69
C GLY G 804 -30.40 13.68 13.63
N GLN G 805 -31.64 14.06 13.95
CA GLN G 805 -32.51 14.72 12.98
C GLN G 805 -32.35 16.23 13.14
N GLN G 806 -31.51 16.83 12.31
CA GLN G 806 -31.17 18.24 12.43
C GLN G 806 -30.83 18.81 11.06
N ASN G 807 -31.06 20.11 10.90
CA ASN G 807 -30.68 20.80 9.67
C ASN G 807 -29.60 21.84 9.92
N CYS G 808 -29.00 21.86 11.10
CA CYS G 808 -28.07 22.87 11.53
C CYS G 808 -26.63 22.50 11.18
N ARG G 809 -25.73 23.44 11.39
CA ARG G 809 -24.30 23.17 11.38
C ARG G 809 -23.71 23.63 12.71
N HIS G 810 -22.48 23.17 12.98
CA HIS G 810 -21.81 23.48 14.24
C HIS G 810 -21.60 24.97 14.50
N LYS G 811 -21.67 25.82 13.48
CA LYS G 811 -21.71 27.25 13.74
C LYS G 811 -22.92 27.67 14.57
N GLU G 812 -23.94 26.81 14.67
CA GLU G 812 -25.15 27.06 15.44
C GLU G 812 -25.20 26.29 16.76
N ASP G 813 -24.06 25.79 17.23
CA ASP G 813 -24.04 25.06 18.50
C ASP G 813 -24.40 25.96 19.69
N ALA G 814 -25.34 25.47 20.49
CA ALA G 814 -25.83 26.13 21.70
C ALA G 814 -24.89 25.97 22.89
N GLY G 815 -24.90 26.98 23.77
CA GLY G 815 -24.13 26.93 25.00
C GLY G 815 -24.91 27.56 26.13
N VAL G 816 -24.41 27.35 27.36
CA VAL G 816 -25.06 27.91 28.54
C VAL G 816 -24.08 28.54 29.51
N ILE G 817 -24.60 29.49 30.29
CA ILE G 817 -23.99 29.99 31.51
C ILE G 817 -25.05 29.92 32.61
N CYS G 818 -24.75 29.16 33.67
CA CYS G 818 -25.64 28.95 34.80
C CYS G 818 -25.28 29.84 35.99
N SER G 819 -26.17 29.85 36.97
CA SER G 819 -26.02 30.72 38.14
C SER G 819 -24.83 30.31 38.99
N GLU G 820 -24.47 29.03 38.97
CA GLU G 820 -23.28 28.55 39.65
C GLU G 820 -22.00 28.75 38.84
N PHE G 821 -22.07 29.45 37.71
CA PHE G 821 -20.85 29.86 37.02
C PHE G 821 -20.15 30.86 37.92
N MET G 822 -18.92 30.56 38.28
CA MET G 822 -18.12 31.39 39.16
C MET G 822 -16.94 32.00 38.44
N SER G 823 -16.68 33.27 38.69
CA SER G 823 -15.47 33.85 38.10
C SER G 823 -14.77 34.77 39.08
N LEU G 824 -13.45 34.88 38.94
CA LEU G 824 -12.64 35.71 39.80
C LEU G 824 -11.94 36.79 38.97
N ARG G 825 -11.79 37.99 39.52
CA ARG G 825 -10.95 39.00 38.88
C ARG G 825 -10.41 39.97 39.92
N LEU G 826 -9.35 40.67 39.53
CA LEU G 826 -8.88 41.88 40.22
C LEU G 826 -9.22 43.09 39.36
N THR G 827 -9.90 44.07 39.96
CA THR G 827 -10.20 45.33 39.29
C THR G 827 -9.35 46.45 39.87
N SER G 828 -8.59 47.13 39.01
CA SER G 828 -7.87 48.34 39.37
C SER G 828 -8.32 49.49 38.49
N GLU G 829 -8.51 50.66 39.10
CA GLU G 829 -8.79 51.88 38.34
C GLU G 829 -7.54 52.64 37.94
N ALA G 830 -6.43 52.44 38.66
CA ALA G 830 -5.27 53.32 38.57
C ALA G 830 -4.05 52.67 37.93
N SER G 831 -4.03 51.35 37.77
CA SER G 831 -2.85 50.64 37.29
C SER G 831 -3.22 49.72 36.15
N ARG G 832 -2.31 49.57 35.19
CA ARG G 832 -2.31 48.46 34.25
C ARG G 832 -1.85 47.15 34.88
N GLU G 833 -1.67 47.11 36.20
CA GLU G 833 -1.16 45.93 36.89
C GLU G 833 -2.31 44.94 37.08
N ALA G 834 -2.30 43.87 36.28
CA ALA G 834 -3.34 42.86 36.34
C ALA G 834 -3.38 42.12 37.68
N CYS G 835 -2.33 42.24 38.50
CA CYS G 835 -2.21 41.43 39.70
C CYS G 835 -2.30 42.25 40.98
N ALA G 836 -2.78 43.49 40.91
CA ALA G 836 -3.06 44.27 42.10
C ALA G 836 -4.38 45.02 41.90
N GLY G 837 -5.25 44.95 42.89
CA GLY G 837 -6.53 45.62 42.78
C GLY G 837 -7.50 45.12 43.83
N ARG G 838 -8.74 45.54 43.67
CA ARG G 838 -9.84 45.03 44.49
C ARG G 838 -10.28 43.67 43.97
N LEU G 839 -10.42 42.71 44.88
CA LEU G 839 -10.83 41.34 44.57
C LEU G 839 -12.34 41.25 44.35
N GLU G 840 -12.76 40.90 43.13
CA GLU G 840 -14.18 40.75 42.80
C GLU G 840 -14.46 39.33 42.32
N VAL G 841 -15.60 38.78 42.75
CA VAL G 841 -16.10 37.51 42.26
C VAL G 841 -17.38 37.74 41.48
N PHE G 842 -17.48 37.11 40.32
CA PHE G 842 -18.74 37.01 39.58
C PHE G 842 -19.54 35.82 40.13
N TYR G 843 -20.78 36.12 40.53
CA TYR G 843 -21.79 35.19 41.01
C TYR G 843 -23.19 35.72 40.74
N ASN G 844 -24.09 34.80 40.40
CA ASN G 844 -25.49 35.11 40.12
C ASN G 844 -25.61 36.30 39.19
N GLY G 845 -24.74 36.35 38.19
CA GLY G 845 -24.85 37.34 37.15
C GLY G 845 -24.22 38.68 37.47
N ALA G 846 -23.63 38.85 38.66
CA ALA G 846 -23.03 40.14 39.00
C ALA G 846 -21.72 39.93 39.76
N TRP G 847 -20.82 40.91 39.59
CA TRP G 847 -19.60 40.99 40.37
C TRP G 847 -19.86 41.59 41.74
N GLY G 848 -19.20 41.03 42.76
CA GLY G 848 -19.22 41.62 44.09
C GLY G 848 -17.92 41.35 44.82
N THR G 849 -17.67 42.18 45.83
CA THR G 849 -16.45 42.07 46.62
C THR G 849 -16.48 40.87 47.56
N VAL G 850 -15.28 40.43 47.96
CA VAL G 850 -15.07 39.50 49.06
C VAL G 850 -14.69 40.27 50.33
N GLY G 851 -15.26 39.86 51.46
CA GLY G 851 -14.98 40.54 52.72
C GLY G 851 -13.60 40.18 53.26
N LYS G 852 -12.93 41.19 53.81
CA LYS G 852 -11.58 41.03 54.33
C LYS G 852 -11.53 40.21 55.63
N SER G 853 -12.65 40.13 56.35
CA SER G 853 -12.70 39.46 57.64
C SER G 853 -12.18 38.02 57.57
N SER G 854 -11.31 37.69 58.53
CA SER G 854 -10.67 36.39 58.69
C SER G 854 -9.87 35.92 57.48
N MET G 855 -9.67 36.78 56.48
CA MET G 855 -8.87 36.39 55.33
C MET G 855 -7.39 36.37 55.71
N SER G 856 -6.72 35.24 55.44
CA SER G 856 -5.31 35.09 55.74
C SER G 856 -4.45 35.29 54.50
N GLU G 857 -3.16 35.51 54.75
CA GLU G 857 -2.18 35.54 53.67
C GLU G 857 -2.10 34.22 52.92
N THR G 858 -2.42 33.10 53.57
CA THR G 858 -2.54 31.83 52.85
C THR G 858 -3.65 31.91 51.80
N THR G 859 -4.80 32.45 52.20
CA THR G 859 -5.89 32.69 51.26
C THR G 859 -5.48 33.63 50.15
N VAL G 860 -4.73 34.68 50.47
CA VAL G 860 -4.22 35.59 49.45
C VAL G 860 -3.30 34.85 48.48
N GLY G 861 -2.45 33.98 49.00
CA GLY G 861 -1.63 33.14 48.13
C GLY G 861 -2.48 32.30 47.19
N VAL G 862 -3.56 31.74 47.72
CA VAL G 862 -4.52 31.01 46.89
C VAL G 862 -5.07 31.89 45.79
N VAL G 863 -5.49 33.11 46.14
CA VAL G 863 -6.03 34.04 45.14
C VAL G 863 -4.99 34.35 44.07
N CYS G 864 -3.76 34.65 44.48
CA CYS G 864 -2.72 35.00 43.52
C CYS G 864 -2.35 33.82 42.62
N ARG G 865 -2.38 32.61 43.14
CA ARG G 865 -2.16 31.43 42.29
C ARG G 865 -3.30 31.22 41.32
N GLN G 866 -4.55 31.30 41.81
CA GLN G 866 -5.69 31.11 40.93
C GLN G 866 -5.69 32.11 39.79
N LEU G 867 -5.27 33.33 40.06
CA LEU G 867 -5.14 34.32 39.01
C LEU G 867 -3.87 34.16 38.20
N GLY G 868 -3.02 33.20 38.56
CA GLY G 868 -1.73 33.05 37.90
C GLY G 868 -0.82 34.23 38.13
N CYS G 869 -0.96 34.90 39.27
CA CYS G 869 -0.19 36.11 39.55
C CYS G 869 1.11 35.81 40.30
N ALA G 870 1.03 35.14 41.45
CA ALA G 870 2.24 34.79 42.20
C ALA G 870 1.86 33.77 43.27
N ASP G 871 2.87 33.32 44.01
CA ASP G 871 2.65 32.42 45.13
C ASP G 871 2.09 33.13 46.35
N LYS G 872 2.43 34.41 46.53
CA LYS G 872 2.11 35.12 47.75
C LYS G 872 1.62 36.53 47.39
N GLY G 873 1.08 37.21 48.40
CA GLY G 873 0.68 38.59 48.24
C GLY G 873 0.31 39.19 49.57
N LYS G 874 0.04 40.50 49.54
CA LYS G 874 -0.26 41.29 50.72
C LYS G 874 -1.64 41.93 50.61
N ILE G 875 -2.28 42.07 51.77
CA ILE G 875 -3.53 42.82 51.88
C ILE G 875 -3.19 44.31 52.01
N ASN G 876 -3.62 45.09 51.03
CA ASN G 876 -3.45 46.53 51.06
C ASN G 876 -4.51 47.18 51.94
N PRO G 877 -4.20 48.34 52.53
CA PRO G 877 -5.26 49.17 53.10
C PRO G 877 -6.20 49.66 52.01
N ALA G 878 -7.50 49.63 52.30
CA ALA G 878 -8.49 50.16 51.38
C ALA G 878 -8.34 51.67 51.23
N SER G 879 -8.60 52.16 50.02
CA SER G 879 -8.60 53.60 49.79
C SER G 879 -9.80 54.24 50.47
N LEU G 880 -9.54 55.09 51.47
CA LEU G 880 -10.59 55.79 52.20
C LEU G 880 -11.35 56.77 51.31
N ASP G 881 -10.80 57.11 50.15
CA ASP G 881 -11.36 58.18 49.31
C ASP G 881 -12.55 57.75 48.45
N LYS G 882 -13.05 56.54 48.58
CA LYS G 882 -14.16 56.07 47.76
C LYS G 882 -15.44 56.01 48.60
N ALA G 883 -16.45 56.76 48.17
CA ALA G 883 -17.75 56.86 48.82
C ALA G 883 -18.79 55.87 48.31
N MET G 884 -18.48 55.04 47.32
CA MET G 884 -19.50 54.18 46.71
C MET G 884 -19.54 52.80 47.37
N SER G 885 -20.71 52.47 47.93
CA SER G 885 -20.96 51.13 48.46
C SER G 885 -21.19 50.15 47.33
N ILE G 886 -20.43 49.05 47.33
CA ILE G 886 -20.54 48.02 46.30
C ILE G 886 -21.19 46.76 46.87
N PRO G 887 -21.98 46.03 46.08
CA PRO G 887 -22.47 44.73 46.52
C PRO G 887 -21.33 43.76 46.83
N MET G 888 -21.39 43.17 48.02
CA MET G 888 -20.57 42.05 48.43
C MET G 888 -21.37 40.75 48.42
N TRP G 889 -20.71 39.67 47.98
CA TRP G 889 -21.33 38.36 47.89
C TRP G 889 -20.94 37.45 49.04
N VAL G 890 -19.70 37.52 49.53
CA VAL G 890 -19.21 36.56 50.51
C VAL G 890 -18.09 37.20 51.33
N ASP G 891 -17.99 36.78 52.59
CA ASP G 891 -16.89 37.16 53.47
C ASP G 891 -16.45 35.97 54.30
N ASN G 892 -15.44 36.18 55.15
CA ASN G 892 -14.93 35.16 56.07
C ASN G 892 -14.45 33.88 55.39
N VAL G 893 -13.83 33.99 54.22
CA VAL G 893 -13.38 32.80 53.51
C VAL G 893 -12.12 32.23 54.15
N GLN G 894 -12.18 31.01 54.72
CA GLN G 894 -10.95 30.48 55.31
C GLN G 894 -10.69 29.11 54.69
N CYS G 895 -9.68 29.02 53.88
CA CYS G 895 -9.10 27.82 53.26
C CYS G 895 -7.80 27.37 53.90
N PRO G 896 -7.66 26.07 54.15
CA PRO G 896 -6.34 25.50 54.44
C PRO G 896 -5.35 25.67 53.31
N LYS G 897 -4.11 25.31 53.66
CA LYS G 897 -3.06 25.03 52.70
C LYS G 897 -3.34 23.71 51.98
N GLY G 898 -3.19 23.74 50.66
CA GLY G 898 -3.48 22.60 49.83
C GLY G 898 -4.35 22.97 48.64
N PRO G 899 -5.52 23.55 48.88
CA PRO G 899 -6.40 23.88 47.75
C PRO G 899 -5.77 24.79 46.71
N ASP G 900 -6.10 24.51 45.45
CA ASP G 900 -5.67 25.28 44.31
C ASP G 900 -6.69 26.33 43.90
N THR G 901 -7.96 26.17 44.31
CA THR G 901 -9.01 27.09 43.93
C THR G 901 -9.71 27.65 45.15
N LEU G 902 -10.08 28.94 45.06
CA LEU G 902 -10.83 29.58 46.12
C LEU G 902 -12.17 28.92 46.39
N TRP G 903 -12.75 28.26 45.39
CA TRP G 903 -14.05 27.63 45.58
C TRP G 903 -14.00 26.57 46.65
N GLN G 904 -12.84 25.96 46.84
CA GLN G 904 -12.65 24.92 47.83
C GLN G 904 -12.45 25.50 49.22
N CYS G 905 -12.42 26.86 49.33
CA CYS G 905 -12.10 27.46 50.61
C CYS G 905 -13.42 27.66 51.37
N PRO G 906 -13.54 27.12 52.59
CA PRO G 906 -14.72 27.39 53.43
C PRO G 906 -14.99 28.86 53.68
N SER G 907 -16.28 29.23 53.70
CA SER G 907 -16.66 30.60 53.98
C SER G 907 -18.02 30.66 54.68
N SER G 908 -18.45 31.91 54.94
CA SER G 908 -19.84 32.23 55.21
C SER G 908 -20.73 31.91 54.01
N PRO G 909 -22.03 31.72 54.23
CA PRO G 909 -22.96 31.60 53.10
C PRO G 909 -22.95 32.83 52.21
N TRP G 910 -23.41 32.63 50.96
CA TRP G 910 -23.66 33.73 50.03
C TRP G 910 -24.67 34.73 50.59
N GLU G 911 -24.24 35.99 50.75
CA GLU G 911 -25.16 37.05 51.14
C GLU G 911 -24.79 38.32 50.41
N LYS G 912 -25.72 38.79 49.56
CA LYS G 912 -25.59 40.07 48.86
C LYS G 912 -25.88 41.20 49.85
N ARG G 913 -24.83 41.85 50.35
CA ARG G 913 -25.03 43.02 51.19
C ARG G 913 -24.19 44.19 50.67
N LEU G 914 -24.57 45.40 51.07
CA LEU G 914 -23.76 46.57 50.74
C LEU G 914 -22.53 46.61 51.64
N ALA G 915 -21.35 46.63 51.03
CA ALA G 915 -20.11 46.82 51.77
C ALA G 915 -19.92 48.28 52.20
N SER G 916 -19.41 48.44 53.43
CA SER G 916 -18.73 49.66 53.81
C SER G 916 -17.37 49.75 53.10
N PRO G 917 -16.89 50.97 52.86
CA PRO G 917 -15.57 51.14 52.25
C PRO G 917 -14.45 50.41 52.97
N SER G 918 -14.57 50.22 54.28
CA SER G 918 -13.58 49.48 55.03
C SER G 918 -13.59 47.97 54.76
N GLU G 919 -14.69 47.41 54.26
CA GLU G 919 -14.73 45.97 53.99
C GLU G 919 -14.21 45.50 52.63
N GLU G 920 -14.00 46.35 51.63
CA GLU G 920 -13.46 45.80 50.37
C GLU G 920 -12.06 45.25 50.59
N THR G 921 -11.83 44.06 50.04
CA THR G 921 -10.51 43.44 50.03
C THR G 921 -9.74 43.91 48.81
N TRP G 922 -8.69 44.68 49.06
CA TRP G 922 -7.68 45.04 48.07
C TRP G 922 -6.43 44.20 48.32
N ILE G 923 -5.92 43.58 47.26
CA ILE G 923 -4.71 42.79 47.38
C ILE G 923 -3.69 43.25 46.35
N THR G 924 -2.41 43.09 46.70
CA THR G 924 -1.33 43.13 45.74
C THR G 924 -0.59 41.80 45.81
N CYS G 925 -0.60 41.07 44.71
CA CYS G 925 0.28 39.93 44.54
C CYS G 925 1.72 40.39 44.46
N ASP G 926 2.62 39.56 44.98
CA ASP G 926 4.03 39.86 44.86
C ASP G 926 4.41 39.92 43.38
N ASN G 927 5.61 40.43 43.12
CA ASN G 927 6.09 40.53 41.75
C ASN G 927 6.31 39.16 41.10
N LYS G 928 6.06 39.15 39.78
CA LYS G 928 6.39 38.07 38.86
C LYS G 928 7.88 37.84 38.67
N ILE G 929 8.72 38.68 39.25
CA ILE G 929 10.17 38.58 39.10
C ILE G 929 10.92 38.60 40.42
N ARG G 930 11.92 37.72 40.53
CA ARG G 930 12.78 37.76 41.69
C ARG G 930 14.18 37.49 41.18
N LEU G 931 15.16 37.97 41.94
CA LEU G 931 16.57 37.65 41.76
C LEU G 931 17.06 36.75 42.88
N GLN G 932 17.72 35.66 42.54
CA GLN G 932 18.26 34.80 43.59
C GLN G 932 19.79 34.79 43.58
N GLU G 933 20.32 34.60 44.79
CA GLU G 933 21.74 34.33 45.09
C GLU G 933 22.68 35.41 44.58
N GLY G 934 22.16 36.57 44.21
CA GLY G 934 23.01 37.70 43.87
C GLY G 934 23.39 38.52 45.08
N PRO G 935 24.43 39.34 44.94
CA PRO G 935 24.87 40.16 46.08
C PRO G 935 23.88 41.26 46.45
N THR G 936 22.97 41.62 45.56
CA THR G 936 21.97 42.66 45.81
C THR G 936 20.62 42.14 45.33
N SER G 937 19.55 42.82 45.77
CA SER G 937 18.22 42.43 45.29
C SER G 937 17.98 42.70 43.81
N CYS G 938 18.85 43.43 43.11
CA CYS G 938 18.64 43.64 41.68
C CYS G 938 19.75 43.04 40.82
N SER G 939 20.51 42.10 41.37
CA SER G 939 21.44 41.31 40.58
C SER G 939 21.23 39.89 41.05
N GLY G 940 21.35 38.94 40.13
CA GLY G 940 21.14 37.56 40.52
C GLY G 940 20.58 36.76 39.36
N ARG G 941 20.39 35.47 39.62
CA ARG G 941 19.67 34.64 38.67
C ARG G 941 18.21 35.09 38.60
N VAL G 942 17.70 35.15 37.38
CA VAL G 942 16.33 35.59 37.05
C VAL G 942 15.32 34.46 37.23
N GLU G 943 14.35 34.66 38.14
CA GLU G 943 13.23 33.73 38.32
C GLU G 943 11.89 34.42 38.07
N ILE G 944 11.00 33.69 37.39
CA ILE G 944 9.66 34.13 36.99
C ILE G 944 8.64 33.15 37.53
N TRP G 945 7.49 33.66 37.96
CA TRP G 945 6.41 32.85 38.49
C TRP G 945 5.40 32.54 37.39
N HIS G 946 5.31 31.27 37.00
CA HIS G 946 4.33 30.86 36.00
C HIS G 946 3.83 29.46 36.32
N GLY G 947 2.59 29.19 35.90
CA GLY G 947 2.01 27.88 36.10
C GLY G 947 1.96 27.42 37.53
N GLY G 948 2.01 28.35 38.48
CA GLY G 948 2.02 27.95 39.87
C GLY G 948 3.37 27.55 40.42
N SER G 949 4.45 27.77 39.67
CA SER G 949 5.79 27.50 40.18
C SER G 949 6.76 28.58 39.74
N TRP G 950 7.84 28.71 40.50
CA TRP G 950 8.98 29.50 40.06
C TRP G 950 9.76 28.75 38.98
N GLY G 951 10.27 29.49 38.01
CA GLY G 951 11.15 28.92 37.00
C GLY G 951 12.13 29.93 36.44
N THR G 952 13.08 29.42 35.65
CA THR G 952 14.19 30.24 35.18
C THR G 952 14.00 30.67 33.72
N VAL G 953 14.95 31.47 33.25
CA VAL G 953 15.01 31.96 31.87
C VAL G 953 16.31 31.48 31.24
N CYS G 954 16.22 30.90 30.05
CA CYS G 954 17.41 30.46 29.32
C CYS G 954 18.20 31.66 28.79
N ASP G 955 19.54 31.52 28.83
CA ASP G 955 20.45 32.56 28.33
C ASP G 955 20.59 32.61 26.81
N ASP G 956 19.92 31.71 26.10
CA ASP G 956 19.80 31.78 24.65
C ASP G 956 19.18 33.10 24.19
N SER G 957 19.93 33.84 23.36
CA SER G 957 19.60 35.21 22.94
C SER G 957 19.57 36.25 24.07
N TRP G 958 19.86 35.82 25.29
CA TRP G 958 19.80 36.72 26.44
C TRP G 958 20.79 37.88 26.26
N ASP G 959 20.27 39.11 26.31
CA ASP G 959 21.12 40.27 26.08
C ASP G 959 20.92 41.36 27.13
N LEU G 960 21.56 42.51 26.93
CA LEU G 960 21.52 43.59 27.91
C LEU G 960 20.17 44.29 27.97
N ASP G 961 19.41 44.26 26.89
CA ASP G 961 18.08 44.86 26.87
C ASP G 961 17.07 44.03 27.67
N ASP G 962 17.18 42.71 27.61
CA ASP G 962 16.37 41.88 28.49
C ASP G 962 16.66 42.18 29.94
N ALA G 963 17.94 42.23 30.31
CA ALA G 963 18.30 42.59 31.68
C ALA G 963 17.83 43.98 32.08
N GLN G 964 17.89 44.95 31.17
CA GLN G 964 17.39 46.28 31.52
C GLN G 964 15.91 46.25 31.80
N VAL G 965 15.15 45.48 31.02
CA VAL G 965 13.72 45.33 31.30
C VAL G 965 13.46 44.67 32.66
N VAL G 966 14.16 43.57 32.96
CA VAL G 966 13.92 42.94 34.26
C VAL G 966 14.24 43.89 35.43
N CYS G 967 15.43 44.50 35.42
CA CYS G 967 15.79 45.44 36.49
C CYS G 967 14.83 46.62 36.57
N GLN G 968 14.45 47.17 35.41
CA GLN G 968 13.50 48.27 35.40
C GLN G 968 12.21 47.83 36.07
N GLN G 969 11.78 46.58 35.85
CA GLN G 969 10.58 46.11 36.52
C GLN G 969 10.81 46.12 38.04
N LEU G 970 12.02 45.83 38.49
CA LEU G 970 12.35 45.93 39.92
C LEU G 970 12.64 47.37 40.36
N GLY G 971 12.62 48.33 39.43
CA GLY G 971 12.97 49.73 39.59
C GLY G 971 14.42 50.08 39.86
N CYS G 972 15.37 49.16 39.68
CA CYS G 972 16.77 49.54 39.57
C CYS G 972 17.02 50.18 38.21
N GLY G 973 18.07 50.99 38.13
CA GLY G 973 18.43 51.65 36.90
C GLY G 973 18.95 50.74 35.81
N PRO G 974 19.63 51.32 34.83
CA PRO G 974 20.07 50.53 33.66
C PRO G 974 20.89 49.30 34.00
N ALA G 975 20.71 48.29 33.16
CA ALA G 975 21.48 47.04 33.18
C ALA G 975 22.94 47.29 32.82
N LEU G 976 23.83 46.76 33.65
CA LEU G 976 25.26 46.85 33.34
C LEU G 976 25.75 45.61 32.62
N LYS G 977 25.32 44.42 33.03
CA LYS G 977 25.78 43.21 32.39
C LYS G 977 24.65 42.18 32.42
N ALA G 978 24.56 41.39 31.36
CA ALA G 978 23.79 40.15 31.33
C ALA G 978 24.71 38.95 31.44
N PHE G 979 24.61 38.21 32.54
CA PHE G 979 25.44 37.03 32.73
C PHE G 979 24.72 35.79 32.22
N LYS G 980 25.52 34.83 31.77
CA LYS G 980 25.12 33.55 31.20
C LYS G 980 25.75 32.41 32.00
N GLU G 981 25.42 31.19 31.58
CA GLU G 981 26.08 29.97 32.06
C GLU G 981 25.96 29.86 33.59
N ALA G 982 24.82 30.30 34.11
CA ALA G 982 24.52 30.19 35.54
C ALA G 982 25.63 30.79 36.39
N GLU G 983 26.12 31.96 36.00
CA GLU G 983 27.21 32.61 36.72
C GLU G 983 26.91 32.64 38.21
N PHE G 984 25.63 32.85 38.58
CA PHE G 984 25.22 32.85 39.97
C PHE G 984 24.67 31.49 40.40
N GLY G 985 25.13 30.41 39.78
CA GLY G 985 24.53 29.13 40.06
C GLY G 985 23.31 28.83 39.20
N GLN G 986 23.02 27.54 39.08
CA GLN G 986 21.83 27.06 38.39
C GLN G 986 20.57 27.37 39.19
N GLY G 987 19.49 27.65 38.48
CA GLY G 987 18.19 27.83 39.09
C GLY G 987 17.42 26.54 39.24
N THR G 988 16.10 26.66 39.39
CA THR G 988 15.28 25.53 39.78
C THR G 988 13.92 25.58 39.10
N GLY G 989 13.32 24.39 38.98
CA GLY G 989 12.00 24.21 38.44
C GLY G 989 11.97 24.34 36.93
N PRO G 990 10.82 24.68 36.37
CA PRO G 990 10.72 24.73 34.91
C PRO G 990 11.54 25.89 34.38
N ILE G 991 12.17 25.69 33.23
CA ILE G 991 12.72 26.81 32.47
C ILE G 991 11.64 27.38 31.57
N TRP G 992 11.02 28.47 32.03
CA TRP G 992 9.81 29.01 31.41
C TRP G 992 10.07 29.70 30.08
N LEU G 993 11.20 30.40 29.92
CA LEU G 993 11.44 31.18 28.71
C LEU G 993 12.76 30.87 28.04
N ASN G 994 12.75 30.78 26.70
CA ASN G 994 13.97 30.60 25.93
C ASN G 994 13.94 31.51 24.70
N GLU G 995 15.13 31.96 24.30
CA GLU G 995 15.36 32.91 23.19
C GLU G 995 14.52 34.18 23.34
N VAL G 996 14.52 34.75 24.54
CA VAL G 996 13.85 36.03 24.74
C VAL G 996 14.54 37.09 23.90
N LYS G 997 13.76 37.85 23.12
CA LYS G 997 14.26 38.84 22.17
C LYS G 997 13.42 40.11 22.30
N CYS G 998 13.52 40.73 23.47
CA CYS G 998 12.89 42.00 23.77
C CYS G 998 13.48 43.12 22.93
N LYS G 999 12.74 44.23 22.82
CA LYS G 999 13.32 45.44 22.28
C LYS G 999 13.86 46.37 23.37
N GLY G 1000 13.65 46.03 24.63
CA GLY G 1000 14.06 46.85 25.75
C GLY G 1000 13.12 47.97 26.13
N ASN G 1001 11.98 48.09 25.45
CA ASN G 1001 10.99 49.12 25.73
C ASN G 1001 9.64 48.54 26.12
N GLU G 1002 9.54 47.21 26.20
CA GLU G 1002 8.35 46.54 26.69
C GLU G 1002 8.10 46.88 28.16
N SER G 1003 6.81 46.90 28.53
CA SER G 1003 6.43 47.13 29.92
C SER G 1003 6.65 45.93 30.82
N SER G 1004 6.71 44.71 30.26
CA SER G 1004 6.65 43.50 31.06
C SER G 1004 7.26 42.35 30.27
N LEU G 1005 7.90 41.43 31.00
CA LEU G 1005 8.49 40.28 30.33
C LEU G 1005 7.42 39.44 29.62
N TRP G 1006 6.19 39.45 30.13
CA TRP G 1006 5.10 38.78 29.40
C TRP G 1006 4.81 39.42 28.06
N ASP G 1007 5.20 40.67 27.88
CA ASP G 1007 4.99 41.39 26.64
C ASP G 1007 6.11 41.16 25.65
N CYS G 1008 7.17 40.52 26.08
CA CYS G 1008 8.28 40.31 25.16
C CYS G 1008 7.98 39.09 24.29
N PRO G 1009 8.34 39.14 23.01
CA PRO G 1009 8.32 37.94 22.17
C PRO G 1009 9.17 36.79 22.68
N ALA G 1010 8.56 35.60 22.72
CA ALA G 1010 9.30 34.39 23.09
C ALA G 1010 8.67 33.21 22.38
N ARG G 1011 9.35 32.06 22.41
CA ARG G 1011 8.77 30.77 22.06
C ARG G 1011 7.64 30.44 23.04
N ARG G 1012 6.88 29.38 22.74
CA ARG G 1012 5.78 28.98 23.61
C ARG G 1012 6.24 28.70 25.04
N TRP G 1013 5.41 29.14 25.99
CA TRP G 1013 5.64 28.98 27.41
C TRP G 1013 5.86 27.53 27.81
N GLY G 1014 6.91 27.29 28.60
CA GLY G 1014 7.26 25.99 29.12
C GLY G 1014 7.83 25.01 28.12
N HIS G 1015 7.98 25.39 26.86
CA HIS G 1015 8.66 24.57 25.89
C HIS G 1015 10.06 25.16 25.71
N SER G 1016 11.05 24.57 26.39
CA SER G 1016 12.44 24.96 26.26
C SER G 1016 13.31 23.75 26.00
N GLU G 1017 14.30 23.92 25.13
CA GLU G 1017 15.38 22.97 24.93
C GLU G 1017 16.58 23.14 25.86
N CYS G 1018 16.62 24.17 26.69
CA CYS G 1018 17.80 24.47 27.51
C CYS G 1018 17.87 23.60 28.76
N GLY G 1019 19.08 23.45 29.28
CA GLY G 1019 19.27 23.00 30.63
C GLY G 1019 19.47 24.18 31.58
N HIS G 1020 19.47 23.89 32.87
CA HIS G 1020 19.71 24.91 33.88
C HIS G 1020 21.11 25.49 33.81
N LYS G 1021 22.02 24.86 33.08
CA LYS G 1021 23.31 25.46 32.78
C LYS G 1021 23.16 26.78 32.02
N GLU G 1022 22.08 26.95 31.28
CA GLU G 1022 21.82 28.15 30.50
C GLU G 1022 20.91 29.14 31.21
N ASP G 1023 20.81 29.08 32.53
CA ASP G 1023 19.94 30.01 33.25
C ASP G 1023 20.49 31.43 33.16
N ALA G 1024 19.65 32.34 32.68
CA ALA G 1024 20.04 33.74 32.52
C ALA G 1024 20.13 34.47 33.85
N ALA G 1025 21.08 35.40 33.96
CA ALA G 1025 21.29 36.16 35.18
C ALA G 1025 21.53 37.61 34.79
N VAL G 1026 21.32 38.54 35.72
CA VAL G 1026 21.58 39.94 35.39
C VAL G 1026 22.38 40.61 36.50
N ASN G 1027 23.12 41.66 36.13
CA ASN G 1027 23.65 42.61 37.10
C ASN G 1027 23.43 44.05 36.62
N CYS G 1028 22.55 44.78 37.28
CA CYS G 1028 22.23 46.19 37.01
C CYS G 1028 22.81 47.11 38.07
N THR G 1029 22.81 48.41 37.75
CA THR G 1029 23.07 49.43 38.76
C THR G 1029 21.94 49.44 39.79
#